data_4I3W
#
_entry.id   4I3W
#
_cell.length_a   94.450
_cell.length_b   172.706
_cell.length_c   139.776
_cell.angle_alpha   90.000
_cell.angle_beta   106.900
_cell.angle_gamma   90.000
#
_symmetry.space_group_name_H-M   'P 1 21 1'
#
loop_
_entity.id
_entity.type
_entity.pdbx_description
1 polymer 'Aldehyde dehydrogenase (NAD+)'
2 non-polymer GLYCERALDEHYDE-3-PHOSPHATE
3 non-polymer NICOTINAMIDE-ADENINE-DINUCLEOTIDE
4 water water
#
_entity_poly.entity_id   1
_entity_poly.type   'polypeptide(L)'
_entity_poly.pdbx_seq_one_letter_code
;GSHMTNAEVTIAVRHEPMRIAGRLVDTDDRVEVRYPWNDTVVGTVPAGRAEHAREAFAIAAAYQPKLTRYERQKILLATA
EALAARKEEISDVITLELGISKADSLYEVGRAFDVFTLAGQMCIRDDGEIFSCDLTPHGKARKIFTMREPLTAISAITPF
NHPLNMVAHKVAPAIATNNCVVVKPTELTPMTALLLADILYEAGLPPEMLSVVTGWPADIGMEMITNPHVDLVTFTGSVP
VGKLIAANAHYKRQVLELGGNDPLIILNDLSDDDLARAADLAVAGATKNSGQRCTAVKRILCQESVADRFVPLVLERAKR
LRFGDPMDRSTDLGTVIHEKAAALFEERVMRAAEEGADILYHPGRSGALLPPIVVDRVPHQSDLVLEETFGPIIPIVRVP
DDDDATITLSNSTAFGLSSGVCTNDYRRMQKYIAGLKVGTVNIWEVPGYRIEMSPFGGIKDSGNGYKEGVIEAMKSFTNV
KTFSLPWP
;
_entity_poly.pdbx_strand_id   A,B,C,D,E,F,G,H
#
# COMPACT_ATOMS: atom_id res chain seq x y z
N HIS A 15 -2.19 41.51 31.01
CA HIS A 15 -2.22 40.14 31.57
C HIS A 15 -3.59 39.79 32.12
N GLU A 16 -4.26 38.85 31.45
CA GLU A 16 -5.63 38.49 31.79
C GLU A 16 -5.73 36.99 32.04
N PRO A 17 -6.34 36.59 33.16
CA PRO A 17 -6.66 35.18 33.43
C PRO A 17 -7.86 34.71 32.61
N MET A 18 -8.03 33.39 32.48
CA MET A 18 -9.28 32.84 31.97
C MET A 18 -10.44 33.21 32.90
N ARG A 19 -11.65 33.22 32.35
CA ARG A 19 -12.87 33.35 33.13
C ARG A 19 -13.59 32.01 33.09
N ILE A 20 -13.50 31.26 34.19
CA ILE A 20 -14.19 29.97 34.30
C ILE A 20 -15.35 30.09 35.26
N ALA A 21 -16.56 30.14 34.70
CA ALA A 21 -17.77 30.38 35.50
C ALA A 21 -17.57 31.54 36.50
N GLY A 22 -17.01 32.66 36.01
CA GLY A 22 -16.88 33.86 36.82
C GLY A 22 -15.61 33.91 37.68
N ARG A 23 -14.89 32.80 37.78
CA ARG A 23 -13.64 32.77 38.55
C ARG A 23 -12.47 33.09 37.64
N LEU A 24 -11.52 33.89 38.11
CA LEU A 24 -10.27 34.12 37.38
C LEU A 24 -9.29 32.96 37.53
N VAL A 25 -8.90 32.35 36.41
CA VAL A 25 -8.08 31.16 36.50
C VAL A 25 -6.82 31.31 35.67
N ASP A 26 -5.69 31.18 36.33
CA ASP A 26 -4.39 31.41 35.71
C ASP A 26 -3.56 30.13 35.54
N THR A 27 -2.56 30.20 34.65
CA THR A 27 -1.56 29.16 34.55
C THR A 27 -0.20 29.84 34.59
N ASP A 28 0.85 29.06 34.80
CA ASP A 28 2.21 29.58 34.78
C ASP A 28 2.60 30.03 33.37
N ASP A 29 2.44 29.11 32.42
CA ASP A 29 2.76 29.41 31.03
C ASP A 29 1.79 30.41 30.44
N ARG A 30 2.29 31.19 29.49
CA ARG A 30 1.51 32.33 28.97
C ARG A 30 1.41 32.26 27.45
N VAL A 31 0.32 32.76 26.90
CA VAL A 31 0.26 33.04 25.47
C VAL A 31 0.35 34.54 25.27
N GLU A 32 1.31 34.98 24.47
CA GLU A 32 1.56 36.40 24.29
C GLU A 32 0.66 36.90 23.16
N VAL A 33 0.02 38.04 23.36
CA VAL A 33 -0.80 38.64 22.32
C VAL A 33 -0.07 39.87 21.76
N ARG A 34 0.22 39.84 20.46
CA ARG A 34 0.92 40.96 19.82
C ARG A 34 0.04 41.90 18.95
N TYR A 35 0.37 43.18 19.03
CA TYR A 35 -0.23 44.21 18.25
C TYR A 35 0.36 44.12 16.82
N PRO A 36 -0.47 43.80 15.82
CA PRO A 36 0.09 43.60 14.47
C PRO A 36 0.70 44.89 13.82
N TRP A 37 0.31 46.06 14.31
CA TRP A 37 0.90 47.30 13.84
C TRP A 37 2.44 47.37 14.07
N ASN A 38 2.88 47.02 15.27
CA ASN A 38 4.31 47.15 15.54
C ASN A 38 4.91 45.88 16.14
N ASP A 39 4.11 44.82 16.15
CA ASP A 39 4.54 43.54 16.70
C ASP A 39 4.96 43.55 18.18
N THR A 40 4.48 44.53 18.95
CA THR A 40 4.79 44.54 20.40
C THR A 40 3.77 43.72 21.16
N VAL A 41 4.17 43.20 22.32
CA VAL A 41 3.26 42.45 23.16
C VAL A 41 2.33 43.45 23.82
N VAL A 42 1.02 43.28 23.64
CA VAL A 42 0.07 44.17 24.31
C VAL A 42 -0.66 43.47 25.43
N GLY A 43 -0.55 42.16 25.47
CA GLY A 43 -1.24 41.40 26.48
C GLY A 43 -0.82 39.94 26.57
N THR A 44 -1.30 39.28 27.61
CA THR A 44 -0.98 37.89 27.81
C THR A 44 -2.20 37.19 28.38
N VAL A 45 -2.39 35.94 27.97
CA VAL A 45 -3.44 35.10 28.57
C VAL A 45 -2.87 33.72 28.91
N PRO A 46 -3.56 32.97 29.80
CA PRO A 46 -3.04 31.65 30.18
C PRO A 46 -2.94 30.67 29.00
N ALA A 47 -1.86 29.88 29.01
CA ALA A 47 -1.78 28.69 28.17
C ALA A 47 -2.63 27.59 28.82
N GLY A 48 -3.97 27.71 28.73
CA GLY A 48 -4.91 26.74 29.30
C GLY A 48 -4.73 25.33 28.74
N ARG A 49 -5.20 24.33 29.48
CA ARG A 49 -5.02 22.95 29.06
C ARG A 49 -6.38 22.28 29.07
N ALA A 50 -6.41 21.03 28.63
CA ALA A 50 -7.64 20.24 28.53
C ALA A 50 -8.42 20.29 29.84
N GLU A 51 -7.71 20.11 30.96
CA GLU A 51 -8.37 20.09 32.26
C GLU A 51 -9.16 21.36 32.55
N HIS A 52 -8.67 22.53 32.07
CA HIS A 52 -9.43 23.78 32.25
C HIS A 52 -10.76 23.77 31.49
N ALA A 53 -10.69 23.35 30.22
CA ALA A 53 -11.90 23.20 29.41
C ALA A 53 -12.80 22.16 30.08
N ARG A 54 -12.20 21.07 30.49
CA ARG A 54 -12.95 20.01 31.18
C ARG A 54 -13.75 20.55 32.34
N GLU A 55 -13.11 21.37 33.18
CA GLU A 55 -13.78 21.92 34.35
C GLU A 55 -14.89 22.87 33.95
N ALA A 56 -14.64 23.69 32.94
CA ALA A 56 -15.69 24.60 32.47
C ALA A 56 -16.92 23.83 31.98
N PHE A 57 -16.67 22.76 31.24
CA PHE A 57 -17.77 21.95 30.73
C PHE A 57 -18.52 21.24 31.86
N ALA A 58 -17.82 20.79 32.90
CA ALA A 58 -18.52 20.10 34.00
C ALA A 58 -19.45 21.09 34.70
N ILE A 59 -18.96 22.30 34.89
CA ILE A 59 -19.77 23.34 35.54
C ILE A 59 -20.96 23.68 34.67
N ALA A 60 -20.71 23.87 33.38
CA ALA A 60 -21.81 24.12 32.43
C ALA A 60 -22.86 23.00 32.51
N ALA A 61 -22.43 21.74 32.49
CA ALA A 61 -23.41 20.64 32.44
C ALA A 61 -24.23 20.59 33.71
N ALA A 62 -23.58 20.81 34.85
CA ALA A 62 -24.26 20.67 36.12
C ALA A 62 -25.25 21.79 36.41
N TYR A 63 -24.97 22.99 35.90
CA TYR A 63 -25.89 24.10 36.12
C TYR A 63 -27.14 24.05 35.21
N GLN A 64 -28.32 24.20 35.81
CA GLN A 64 -29.59 24.24 35.04
C GLN A 64 -30.21 25.64 35.11
N PRO A 65 -30.03 26.44 34.05
CA PRO A 65 -30.55 27.81 34.13
C PRO A 65 -32.05 27.89 34.36
N LYS A 66 -32.48 28.83 35.18
CA LYS A 66 -33.91 28.98 35.46
C LYS A 66 -34.41 30.39 35.14
N LEU A 67 -33.59 31.17 34.43
CA LEU A 67 -33.96 32.54 34.08
C LEU A 67 -35.25 32.57 33.33
N THR A 68 -36.14 33.48 33.72
CA THR A 68 -37.34 33.72 32.93
C THR A 68 -36.94 34.40 31.61
N ARG A 69 -37.88 34.51 30.67
CA ARG A 69 -37.55 35.20 29.41
C ARG A 69 -37.28 36.66 29.74
N TYR A 70 -38.06 37.19 30.68
CA TYR A 70 -37.83 38.56 31.14
C TYR A 70 -36.40 38.77 31.67
N GLU A 71 -35.92 37.84 32.49
CA GLU A 71 -34.58 37.96 33.07
C GLU A 71 -33.50 37.86 32.02
N ARG A 72 -33.72 36.97 31.06
CA ARG A 72 -32.75 36.85 29.95
C ARG A 72 -32.73 38.13 29.15
N GLN A 73 -33.91 38.66 28.82
CA GLN A 73 -33.97 39.91 28.07
C GLN A 73 -33.19 41.00 28.81
N LYS A 74 -33.44 41.12 30.12
CA LYS A 74 -32.84 42.17 30.92
C LYS A 74 -31.31 42.09 30.90
N ILE A 75 -30.79 40.88 31.03
CA ILE A 75 -29.34 40.68 30.94
C ILE A 75 -28.77 41.05 29.56
N LEU A 76 -29.42 40.55 28.53
CA LEU A 76 -28.96 40.83 27.17
C LEU A 76 -29.01 42.33 26.85
N LEU A 77 -30.10 43.00 27.24
CA LEU A 77 -30.24 44.45 26.94
C LEU A 77 -29.28 45.26 27.80
N ALA A 78 -29.03 44.83 29.04
CA ALA A 78 -28.01 45.48 29.87
C ALA A 78 -26.61 45.28 29.28
N THR A 79 -26.37 44.14 28.65
CA THR A 79 -25.09 43.91 28.00
C THR A 79 -24.93 44.85 26.81
N ALA A 80 -26.00 45.05 26.04
CA ALA A 80 -25.96 45.99 24.91
C ALA A 80 -25.60 47.40 25.44
N GLU A 81 -26.27 47.85 26.50
CA GLU A 81 -26.03 49.19 27.04
C GLU A 81 -24.57 49.34 27.47
N ALA A 82 -24.02 48.27 28.04
CA ALA A 82 -22.62 48.32 28.47
C ALA A 82 -21.69 48.40 27.26
N LEU A 83 -22.01 47.65 26.21
CA LEU A 83 -21.19 47.71 24.98
C LEU A 83 -21.15 49.13 24.42
N ALA A 84 -22.31 49.78 24.35
CA ALA A 84 -22.43 51.16 23.89
C ALA A 84 -21.64 52.12 24.79
N ALA A 85 -21.85 52.00 26.10
CA ALA A 85 -21.16 52.89 27.05
C ALA A 85 -19.64 52.72 27.02
N ARG A 86 -19.18 51.52 26.77
CA ARG A 86 -17.74 51.28 26.82
C ARG A 86 -17.12 51.07 25.44
N LYS A 87 -17.77 51.61 24.41
CA LYS A 87 -17.38 51.23 23.06
C LYS A 87 -15.94 51.64 22.78
N GLU A 88 -15.50 52.75 23.36
CA GLU A 88 -14.13 53.22 23.07
C GLU A 88 -13.11 52.28 23.66
N GLU A 89 -13.34 51.91 24.91
CA GLU A 89 -12.50 50.96 25.61
C GLU A 89 -12.47 49.60 24.90
N ILE A 90 -13.64 49.10 24.52
CA ILE A 90 -13.72 47.80 23.87
C ILE A 90 -13.04 47.81 22.50
N SER A 91 -13.30 48.84 21.69
CA SER A 91 -12.65 48.92 20.38
C SER A 91 -11.13 49.10 20.47
N ASP A 92 -10.67 49.82 21.49
CA ASP A 92 -9.22 49.87 21.72
C ASP A 92 -8.68 48.45 21.86
N VAL A 93 -9.38 47.62 22.64
CA VAL A 93 -8.87 46.27 22.89
C VAL A 93 -8.87 45.49 21.58
N ILE A 94 -9.94 45.63 20.81
CA ILE A 94 -10.00 44.96 19.51
C ILE A 94 -8.85 45.41 18.63
N THR A 95 -8.69 46.73 18.46
CA THR A 95 -7.67 47.25 17.56
C THR A 95 -6.26 46.80 17.96
N LEU A 96 -5.96 46.86 19.26
CA LEU A 96 -4.64 46.46 19.78
C LEU A 96 -4.33 44.97 19.55
N GLU A 97 -5.38 44.16 19.43
CA GLU A 97 -5.26 42.72 19.30
C GLU A 97 -5.25 42.29 17.82
N LEU A 98 -6.16 42.87 17.04
CA LEU A 98 -6.37 42.46 15.65
C LEU A 98 -5.61 43.37 14.66
N GLY A 99 -5.61 44.68 14.90
CA GLY A 99 -4.86 45.59 14.04
C GLY A 99 -5.75 46.35 13.07
N ILE A 100 -7.05 46.03 13.08
CA ILE A 100 -7.99 46.79 12.28
C ILE A 100 -8.12 48.22 12.84
N SER A 101 -8.48 49.14 11.95
CA SER A 101 -8.61 50.55 12.33
C SER A 101 -9.65 50.73 13.42
N LYS A 102 -9.48 51.79 14.21
CA LYS A 102 -10.53 52.16 15.17
C LYS A 102 -11.89 52.30 14.51
N ALA A 103 -11.92 52.86 13.29
CA ALA A 103 -13.19 52.95 12.56
C ALA A 103 -13.85 51.55 12.40
N ASP A 104 -13.08 50.56 11.98
CA ASP A 104 -13.63 49.21 11.86
C ASP A 104 -13.96 48.60 13.25
N SER A 105 -13.13 48.86 14.25
CA SER A 105 -13.37 48.24 15.56
C SER A 105 -14.54 48.88 16.27
N LEU A 106 -14.70 50.19 16.09
CA LEU A 106 -15.90 50.82 16.61
C LEU A 106 -17.14 50.25 15.92
N TYR A 107 -17.04 50.02 14.61
CA TYR A 107 -18.17 49.50 13.87
C TYR A 107 -18.50 48.11 14.42
N GLU A 108 -17.45 47.31 14.66
CA GLU A 108 -17.66 45.97 15.24
C GLU A 108 -18.43 46.03 16.58
N VAL A 109 -18.09 47.02 17.42
CA VAL A 109 -18.87 47.18 18.64
C VAL A 109 -20.36 47.44 18.34
N GLY A 110 -20.64 48.28 17.33
CA GLY A 110 -22.02 48.55 16.97
C GLY A 110 -22.75 47.27 16.56
N ARG A 111 -22.06 46.38 15.85
CA ARG A 111 -22.70 45.12 15.46
C ARG A 111 -23.00 44.25 16.70
N ALA A 112 -22.06 44.20 17.64
CA ALA A 112 -22.25 43.38 18.82
C ALA A 112 -23.40 43.93 19.61
N PHE A 113 -23.52 45.26 19.57
CA PHE A 113 -24.62 45.96 20.22
C PHE A 113 -25.96 45.52 19.60
N ASP A 114 -25.99 45.38 18.28
CA ASP A 114 -27.21 44.90 17.59
C ASP A 114 -27.50 43.45 17.94
N VAL A 115 -26.45 42.61 17.99
CA VAL A 115 -26.63 41.19 18.28
C VAL A 115 -27.29 41.03 19.64
N PHE A 116 -26.75 41.71 20.65
CA PHE A 116 -27.33 41.57 22.00
C PHE A 116 -28.71 42.18 22.10
N THR A 117 -28.90 43.30 21.38
CA THR A 117 -30.19 43.95 21.38
C THR A 117 -31.23 43.03 20.75
N LEU A 118 -30.94 42.55 19.54
CA LEU A 118 -31.90 41.70 18.84
C LEU A 118 -32.15 40.37 19.64
N ALA A 119 -31.10 39.77 20.20
CA ALA A 119 -31.28 38.53 20.97
C ALA A 119 -32.18 38.82 22.17
N GLY A 120 -31.95 39.97 22.79
CA GLY A 120 -32.75 40.34 23.93
C GLY A 120 -34.20 40.44 23.55
N GLN A 121 -34.48 41.09 22.42
CA GLN A 121 -35.87 41.27 21.97
C GLN A 121 -36.55 39.97 21.49
N MET A 122 -35.74 39.02 21.02
CA MET A 122 -36.29 37.76 20.54
C MET A 122 -36.73 36.86 21.71
N CYS A 123 -36.36 37.23 22.94
CA CYS A 123 -36.70 36.42 24.13
C CYS A 123 -38.18 36.34 24.41
N ILE A 124 -38.93 37.32 23.91
CA ILE A 124 -40.35 37.35 24.16
C ILE A 124 -41.06 36.42 23.16
N ARG A 125 -40.35 35.94 22.16
CA ARG A 125 -40.99 35.21 21.07
C ARG A 125 -41.01 33.69 21.33
N ASP A 126 -42.20 33.09 21.25
CA ASP A 126 -42.37 31.64 21.40
C ASP A 126 -42.84 31.08 20.05
N ASP A 127 -42.00 30.28 19.42
CA ASP A 127 -42.35 29.78 18.09
C ASP A 127 -43.00 28.37 18.14
N GLY A 128 -43.57 28.02 19.29
CA GLY A 128 -44.28 26.74 19.36
C GLY A 128 -45.43 26.58 18.37
N GLU A 129 -45.73 25.34 18.03
CA GLU A 129 -46.78 25.07 17.07
C GLU A 129 -47.77 24.10 17.67
N ILE A 130 -48.93 24.02 17.01
CA ILE A 130 -50.00 23.14 17.41
C ILE A 130 -50.44 22.34 16.18
N PHE A 131 -50.63 21.03 16.37
CA PHE A 131 -51.12 20.19 15.29
C PHE A 131 -52.41 19.54 15.75
N SER A 132 -53.39 19.49 14.85
CA SER A 132 -54.59 18.70 15.11
C SER A 132 -54.38 17.33 14.51
N CYS A 133 -54.87 16.29 15.22
CA CYS A 133 -54.51 14.93 14.85
C CYS A 133 -55.57 14.16 14.07
N ASP A 134 -56.71 14.80 13.80
CA ASP A 134 -57.86 14.12 13.20
C ASP A 134 -57.78 14.32 11.68
N LEU A 135 -56.63 13.95 11.14
CA LEU A 135 -56.24 14.37 9.78
C LEU A 135 -56.40 13.30 8.72
N THR A 136 -56.36 12.05 9.13
CA THR A 136 -56.34 10.92 8.20
C THR A 136 -57.30 9.87 8.76
N PRO A 137 -57.44 8.73 8.05
CA PRO A 137 -58.18 7.58 8.60
C PRO A 137 -57.57 7.05 9.90
N HIS A 138 -56.27 7.27 10.09
CA HIS A 138 -55.59 6.92 11.35
C HIS A 138 -55.73 8.02 12.41
N GLY A 139 -56.61 9.00 12.16
CA GLY A 139 -56.75 10.19 13.01
C GLY A 139 -57.30 9.99 14.41
N LYS A 140 -56.93 10.90 15.32
CA LYS A 140 -57.40 10.86 16.72
C LYS A 140 -57.83 12.25 17.14
N ALA A 141 -58.82 12.33 18.04
CA ALA A 141 -59.24 13.61 18.63
C ALA A 141 -58.21 14.01 19.66
N ARG A 142 -57.18 14.72 19.18
CA ARG A 142 -55.99 14.97 19.99
C ARG A 142 -55.23 16.16 19.45
N LYS A 143 -54.47 16.84 20.31
CA LYS A 143 -53.64 17.92 19.82
C LYS A 143 -52.20 17.66 20.17
N ILE A 144 -51.28 18.05 19.27
CA ILE A 144 -49.86 17.98 19.56
C ILE A 144 -49.34 19.42 19.67
N PHE A 145 -48.52 19.68 20.67
CA PHE A 145 -47.97 20.97 20.92
C PHE A 145 -46.45 20.82 21.00
N THR A 146 -45.74 21.89 20.65
CA THR A 146 -44.27 21.83 20.67
C THR A 146 -43.72 22.89 21.60
N MET A 147 -42.55 22.62 22.18
CA MET A 147 -41.84 23.62 22.99
C MET A 147 -40.35 23.36 22.87
N ARG A 148 -39.52 24.28 23.34
CA ARG A 148 -38.08 24.11 23.19
C ARG A 148 -37.40 24.03 24.55
N GLU A 149 -36.30 23.30 24.63
CA GLU A 149 -35.57 23.18 25.87
C GLU A 149 -34.09 23.33 25.51
N PRO A 150 -33.27 23.76 26.49
CA PRO A 150 -31.84 24.00 26.23
C PRO A 150 -31.06 22.66 26.20
N LEU A 151 -29.81 22.75 25.78
CA LEU A 151 -28.92 21.61 25.72
C LEU A 151 -28.15 21.50 27.05
N THR A 152 -27.30 20.48 27.15
CA THR A 152 -26.48 20.31 28.34
C THR A 152 -25.36 21.38 28.37
N ALA A 153 -24.61 21.46 27.28
CA ALA A 153 -23.54 22.45 27.19
C ALA A 153 -23.22 22.75 25.72
N ILE A 154 -22.86 24.00 25.45
CA ILE A 154 -22.44 24.38 24.12
C ILE A 154 -20.97 24.76 24.09
N SER A 155 -20.28 24.29 23.05
CA SER A 155 -18.89 24.61 22.85
C SER A 155 -18.80 25.62 21.71
N ALA A 156 -18.18 26.76 21.97
CA ALA A 156 -18.02 27.82 20.95
C ALA A 156 -16.56 28.09 20.64
N ILE A 157 -16.18 28.02 19.36
CA ILE A 157 -14.78 28.25 18.96
C ILE A 157 -14.78 29.38 17.93
N THR A 158 -14.03 30.44 18.19
CA THR A 158 -14.16 31.67 17.42
C THR A 158 -12.85 32.10 16.75
N PRO A 159 -12.96 32.84 15.64
CA PRO A 159 -11.80 33.20 14.85
C PRO A 159 -11.31 34.60 15.17
N PHE A 160 -10.23 35.01 14.52
CA PHE A 160 -9.63 36.31 14.88
C PHE A 160 -10.30 37.52 14.25
N ASN A 161 -11.08 37.33 13.17
CA ASN A 161 -11.50 38.50 12.38
C ASN A 161 -12.59 39.36 12.99
N HIS A 162 -13.39 38.78 13.89
CA HIS A 162 -14.32 39.62 14.70
C HIS A 162 -14.23 39.21 16.16
N PRO A 163 -13.21 39.71 16.88
CA PRO A 163 -12.88 39.21 18.22
C PRO A 163 -14.04 39.44 19.18
N LEU A 164 -14.87 40.43 18.88
CA LEU A 164 -16.05 40.68 19.71
C LEU A 164 -17.34 40.09 19.12
N ASN A 165 -17.63 40.45 17.87
CA ASN A 165 -18.90 40.06 17.27
C ASN A 165 -19.10 38.55 17.06
N MET A 166 -18.03 37.82 16.78
CA MET A 166 -18.16 36.37 16.64
C MET A 166 -18.46 35.70 17.98
N VAL A 167 -17.96 36.28 19.07
CA VAL A 167 -18.28 35.72 20.38
C VAL A 167 -19.71 36.11 20.72
N ALA A 168 -20.08 37.36 20.45
CA ALA A 168 -21.47 37.79 20.62
C ALA A 168 -22.48 36.86 19.94
N HIS A 169 -22.27 36.59 18.66
CA HIS A 169 -23.18 35.71 17.89
C HIS A 169 -23.30 34.28 18.45
N LYS A 170 -22.28 33.80 19.18
CA LYS A 170 -22.42 32.45 19.74
C LYS A 170 -22.93 32.50 21.19
N VAL A 171 -22.62 33.58 21.90
CA VAL A 171 -23.02 33.64 23.31
C VAL A 171 -24.43 34.22 23.51
N ALA A 172 -24.75 35.29 22.79
CA ALA A 172 -26.05 35.94 22.98
C ALA A 172 -27.25 34.95 22.82
N PRO A 173 -27.25 34.13 21.74
CA PRO A 173 -28.35 33.17 21.53
C PRO A 173 -28.34 32.07 22.58
N ALA A 174 -27.17 31.71 23.09
CA ALA A 174 -27.10 30.73 24.18
C ALA A 174 -27.80 31.28 25.44
N ILE A 175 -27.50 32.53 25.77
CA ILE A 175 -28.05 33.12 26.96
C ILE A 175 -29.56 33.22 26.79
N ALA A 176 -29.97 33.63 25.59
CA ALA A 176 -31.38 33.81 25.30
C ALA A 176 -32.18 32.52 25.42
N THR A 177 -31.49 31.38 25.33
CA THR A 177 -32.19 30.10 25.38
C THR A 177 -31.86 29.27 26.63
N ASN A 178 -31.27 29.90 27.64
CA ASN A 178 -30.93 29.19 28.88
C ASN A 178 -29.92 28.05 28.72
N ASN A 179 -28.97 28.27 27.81
CA ASN A 179 -27.88 27.32 27.65
C ASN A 179 -26.68 27.76 28.47
N CYS A 180 -25.69 26.87 28.59
CA CYS A 180 -24.42 27.23 29.23
C CYS A 180 -23.39 27.00 28.17
N VAL A 181 -22.52 27.99 28.00
CA VAL A 181 -21.58 27.96 26.90
C VAL A 181 -20.13 28.15 27.36
N VAL A 182 -19.23 27.42 26.72
CA VAL A 182 -17.83 27.62 26.97
C VAL A 182 -17.20 28.06 25.69
N VAL A 183 -16.48 29.19 25.72
CA VAL A 183 -15.88 29.76 24.55
C VAL A 183 -14.37 29.63 24.60
N LYS A 184 -13.77 29.17 23.51
CA LYS A 184 -12.33 29.25 23.33
C LYS A 184 -12.04 30.17 22.14
N PRO A 185 -11.72 31.43 22.43
CA PRO A 185 -11.34 32.32 21.32
C PRO A 185 -10.00 31.91 20.77
N THR A 186 -9.68 32.40 19.58
CA THR A 186 -8.35 32.19 19.00
C THR A 186 -7.30 32.82 19.89
N GLU A 187 -6.15 32.14 19.97
CA GLU A 187 -5.01 32.65 20.70
C GLU A 187 -4.50 33.98 20.15
N LEU A 188 -4.83 34.29 18.90
CA LEU A 188 -4.40 35.56 18.31
C LEU A 188 -5.15 36.78 18.81
N THR A 189 -6.42 36.61 19.18
CA THR A 189 -7.23 37.74 19.71
C THR A 189 -8.19 37.34 20.85
N PRO A 190 -7.65 36.79 21.97
CA PRO A 190 -8.47 36.28 23.10
C PRO A 190 -8.99 37.34 24.09
N MET A 191 -8.36 38.51 24.10
CA MET A 191 -8.61 39.46 25.18
C MET A 191 -10.00 40.08 25.08
N THR A 192 -10.44 40.33 23.86
CA THR A 192 -11.76 40.90 23.66
C THR A 192 -12.81 39.97 24.27
N ALA A 193 -12.65 38.66 24.06
CA ALA A 193 -13.60 37.68 24.59
C ALA A 193 -13.65 37.72 26.13
N LEU A 194 -12.47 37.79 26.75
CA LEU A 194 -12.35 37.84 28.21
C LEU A 194 -13.05 39.07 28.74
N LEU A 195 -12.89 40.17 28.02
CA LEU A 195 -13.57 41.41 28.40
C LEU A 195 -15.08 41.29 28.26
N LEU A 196 -15.55 40.61 27.21
CA LEU A 196 -17.00 40.47 27.03
C LEU A 196 -17.58 39.64 28.18
N ALA A 197 -16.85 38.61 28.61
CA ALA A 197 -17.28 37.80 29.77
C ALA A 197 -17.44 38.66 31.04
N ASP A 198 -16.51 39.56 31.32
CA ASP A 198 -16.69 40.44 32.49
C ASP A 198 -17.93 41.28 32.35
N ILE A 199 -18.17 41.81 31.15
CA ILE A 199 -19.34 42.64 30.95
C ILE A 199 -20.62 41.82 31.22
N LEU A 200 -20.64 40.60 30.71
CA LEU A 200 -21.81 39.74 30.90
C LEU A 200 -22.03 39.44 32.39
N TYR A 201 -20.95 39.15 33.14
CA TYR A 201 -21.12 38.84 34.57
C TYR A 201 -21.68 40.05 35.26
N GLU A 202 -21.11 41.20 34.94
CA GLU A 202 -21.54 42.48 35.52
C GLU A 202 -22.98 42.78 35.19
N ALA A 203 -23.43 42.32 34.03
CA ALA A 203 -24.80 42.59 33.56
C ALA A 203 -25.80 41.65 34.24
N GLY A 204 -25.30 40.72 35.05
CA GLY A 204 -26.20 39.84 35.78
C GLY A 204 -26.30 38.40 35.31
N LEU A 205 -25.47 38.00 34.35
CA LEU A 205 -25.50 36.62 33.91
C LEU A 205 -25.02 35.68 35.03
N PRO A 206 -25.83 34.64 35.39
CA PRO A 206 -25.30 33.60 36.30
C PRO A 206 -24.03 33.05 35.72
N PRO A 207 -22.95 33.14 36.48
CA PRO A 207 -21.60 32.91 35.96
C PRO A 207 -21.42 31.50 35.42
N GLU A 208 -22.16 30.53 35.94
CA GLU A 208 -22.08 29.16 35.39
C GLU A 208 -22.47 29.11 33.91
N MET A 209 -23.22 30.09 33.43
CA MET A 209 -23.68 30.06 32.05
C MET A 209 -22.60 30.43 31.05
N LEU A 210 -21.45 30.92 31.54
CA LEU A 210 -20.39 31.33 30.61
C LEU A 210 -18.95 31.14 31.10
N SER A 211 -18.16 30.43 30.34
CA SER A 211 -16.73 30.42 30.59
C SER A 211 -15.99 30.80 29.32
N VAL A 212 -14.85 31.46 29.49
CA VAL A 212 -13.97 31.74 28.37
C VAL A 212 -12.61 31.20 28.73
N VAL A 213 -12.16 30.16 28.00
CA VAL A 213 -10.85 29.56 28.24
C VAL A 213 -9.91 29.88 27.10
N THR A 214 -8.60 29.83 27.37
CA THR A 214 -7.62 30.23 26.37
C THR A 214 -6.47 29.24 26.35
N GLY A 215 -5.75 29.18 25.23
CA GLY A 215 -4.56 28.35 25.14
C GLY A 215 -4.23 27.96 23.72
N TRP A 216 -3.16 27.20 23.56
CA TRP A 216 -2.81 26.67 22.25
C TRP A 216 -3.79 25.60 21.83
N PRO A 217 -4.12 25.57 20.53
CA PRO A 217 -5.01 24.55 20.00
C PRO A 217 -4.50 23.14 20.34
N ALA A 218 -3.19 22.95 20.38
CA ALA A 218 -2.62 21.63 20.66
C ALA A 218 -2.97 21.12 22.04
N ASP A 219 -3.12 22.04 22.99
CA ASP A 219 -3.41 21.66 24.37
C ASP A 219 -4.89 21.57 24.72
N ILE A 220 -5.67 22.53 24.23
CA ILE A 220 -7.01 22.71 24.78
C ILE A 220 -8.09 22.53 23.68
N GLY A 221 -7.66 22.63 22.44
CA GLY A 221 -8.57 22.59 21.30
C GLY A 221 -9.35 21.29 21.21
N MET A 222 -8.67 20.17 21.42
CA MET A 222 -9.36 18.89 21.26
C MET A 222 -10.45 18.72 22.30
N GLU A 223 -10.20 19.22 23.51
CA GLU A 223 -11.18 19.08 24.61
C GLU A 223 -12.49 19.80 24.29
N MET A 224 -12.36 20.94 23.59
CA MET A 224 -13.52 21.74 23.17
C MET A 224 -14.36 20.95 22.15
N ILE A 225 -13.75 20.01 21.46
CA ILE A 225 -14.43 19.23 20.40
C ILE A 225 -15.00 17.91 20.93
N THR A 226 -14.34 17.30 21.91
CA THR A 226 -14.66 15.92 22.32
C THR A 226 -15.21 15.76 23.72
N ASN A 227 -15.25 16.84 24.50
CA ASN A 227 -15.80 16.73 25.84
C ASN A 227 -17.18 16.06 25.78
N PRO A 228 -17.41 15.09 26.67
CA PRO A 228 -18.66 14.30 26.64
C PRO A 228 -19.90 15.09 27.00
N HIS A 229 -19.76 16.24 27.68
CA HIS A 229 -20.95 17.02 28.04
C HIS A 229 -21.44 17.92 26.87
N VAL A 230 -20.62 18.04 25.83
CA VAL A 230 -20.93 18.98 24.75
C VAL A 230 -21.96 18.38 23.83
N ASP A 231 -23.12 19.03 23.79
CA ASP A 231 -24.19 18.64 22.88
C ASP A 231 -24.02 19.25 21.48
N LEU A 232 -23.35 20.41 21.42
CA LEU A 232 -23.23 21.12 20.15
C LEU A 232 -21.96 21.90 20.13
N VAL A 233 -21.26 21.84 18.99
CA VAL A 233 -20.08 22.62 18.73
C VAL A 233 -20.45 23.65 17.67
N THR A 234 -20.22 24.93 17.98
CA THR A 234 -20.38 25.99 16.99
C THR A 234 -19.05 26.65 16.71
N PHE A 235 -18.64 26.60 15.45
CA PHE A 235 -17.31 26.99 15.06
C PHE A 235 -17.37 27.94 13.87
N THR A 236 -16.49 28.93 13.87
CA THR A 236 -16.28 29.78 12.72
C THR A 236 -14.79 29.91 12.55
N GLY A 237 -14.30 29.71 11.33
CA GLY A 237 -12.87 29.72 11.06
C GLY A 237 -12.56 29.18 9.67
N SER A 238 -11.40 28.57 9.52
CA SER A 238 -10.91 28.12 8.20
C SER A 238 -11.43 26.73 7.82
N VAL A 239 -11.37 26.41 6.54
CA VAL A 239 -11.78 25.09 6.04
C VAL A 239 -11.00 23.94 6.70
N PRO A 240 -9.65 23.97 6.65
CA PRO A 240 -8.92 22.84 7.20
C PRO A 240 -9.28 22.58 8.69
N VAL A 241 -9.35 23.63 9.48
CA VAL A 241 -9.69 23.44 10.88
C VAL A 241 -11.13 22.97 11.01
N GLY A 242 -12.01 23.54 10.20
CA GLY A 242 -13.40 23.10 10.16
C GLY A 242 -13.55 21.61 9.85
N LYS A 243 -12.83 21.10 8.85
CA LYS A 243 -12.99 19.70 8.47
C LYS A 243 -12.49 18.81 9.61
N LEU A 244 -11.43 19.26 10.28
CA LEU A 244 -10.83 18.51 11.37
C LEU A 244 -11.84 18.39 12.52
N ILE A 245 -12.51 19.49 12.78
CA ILE A 245 -13.53 19.48 13.82
C ILE A 245 -14.69 18.56 13.46
N ALA A 246 -15.15 18.61 12.22
CA ALA A 246 -16.23 17.70 11.78
C ALA A 246 -15.86 16.23 11.96
N ALA A 247 -14.61 15.90 11.71
CA ALA A 247 -14.12 14.51 11.79
C ALA A 247 -13.99 14.02 13.22
N ASN A 248 -13.77 14.95 14.15
CA ASN A 248 -13.43 14.60 15.54
C ASN A 248 -14.62 14.75 16.49
N ALA A 249 -15.63 15.52 16.09
CA ALA A 249 -16.75 15.78 16.97
C ALA A 249 -17.90 14.82 16.71
N HIS A 250 -17.64 13.52 16.61
CA HIS A 250 -18.71 12.63 16.13
C HIS A 250 -19.87 12.50 17.10
N TYR A 251 -21.06 12.49 16.51
CA TYR A 251 -22.32 12.40 17.23
C TYR A 251 -22.57 13.61 18.15
N LYS A 252 -22.05 14.75 17.74
CA LYS A 252 -22.42 16.02 18.35
C LYS A 252 -23.03 16.86 17.23
N ARG A 253 -24.02 17.67 17.53
CA ARG A 253 -24.42 18.64 16.51
C ARG A 253 -23.27 19.61 16.27
N GLN A 254 -23.15 20.06 15.03
CA GLN A 254 -22.03 20.91 14.62
C GLN A 254 -22.62 22.00 13.75
N VAL A 255 -22.26 23.24 14.06
CA VAL A 255 -22.59 24.35 13.18
C VAL A 255 -21.27 24.95 12.79
N LEU A 256 -20.82 24.64 11.57
CA LEU A 256 -19.51 25.09 11.09
C LEU A 256 -19.64 26.12 9.96
N GLU A 257 -19.06 27.30 10.18
CA GLU A 257 -19.00 28.31 9.15
C GLU A 257 -17.53 28.48 8.84
N LEU A 258 -17.24 28.23 7.58
CA LEU A 258 -15.89 28.23 7.12
C LEU A 258 -15.78 29.47 6.25
N GLY A 259 -14.78 29.54 5.41
CA GLY A 259 -14.67 30.77 4.62
C GLY A 259 -15.70 31.07 3.52
N GLY A 260 -15.46 32.18 2.85
CA GLY A 260 -16.15 32.46 1.60
C GLY A 260 -15.12 32.88 0.60
N ASN A 261 -15.59 33.14 -0.62
CA ASN A 261 -14.76 33.71 -1.66
C ASN A 261 -15.70 34.46 -2.56
N ASP A 262 -16.28 35.53 -2.02
CA ASP A 262 -17.55 36.02 -2.58
C ASP A 262 -17.41 37.10 -3.64
N PRO A 263 -18.26 37.03 -4.66
CA PRO A 263 -18.22 37.97 -5.77
C PRO A 263 -19.10 39.18 -5.56
N LEU A 264 -18.64 40.30 -6.11
CA LEU A 264 -19.52 41.42 -6.45
C LEU A 264 -19.55 41.41 -7.98
N ILE A 265 -20.74 41.28 -8.53
CA ILE A 265 -20.87 41.10 -9.98
C ILE A 265 -21.46 42.37 -10.64
N ILE A 266 -20.75 42.93 -11.62
CA ILE A 266 -21.17 44.18 -12.28
C ILE A 266 -21.71 43.83 -13.67
N LEU A 267 -23.01 44.01 -13.89
CA LEU A 267 -23.60 43.63 -15.17
C LEU A 267 -23.53 44.77 -16.20
N ASN A 268 -23.60 44.42 -17.47
CA ASN A 268 -23.38 45.44 -18.47
C ASN A 268 -24.58 46.32 -18.81
N ASP A 269 -25.68 46.26 -18.03
CA ASP A 269 -26.78 47.20 -18.26
C ASP A 269 -26.62 48.53 -17.54
N LEU A 270 -25.61 48.63 -16.67
CA LEU A 270 -25.48 49.80 -15.78
C LEU A 270 -25.03 51.06 -16.51
N SER A 271 -25.63 52.20 -16.15
CA SER A 271 -25.17 53.53 -16.59
C SER A 271 -23.84 53.87 -15.91
N ASP A 272 -23.18 54.96 -16.34
CA ASP A 272 -21.97 55.43 -15.70
C ASP A 272 -22.21 55.89 -14.26
N ASP A 273 -23.33 56.55 -14.00
CA ASP A 273 -23.70 56.90 -12.63
C ASP A 273 -23.82 55.63 -11.76
N ASP A 274 -24.39 54.57 -12.33
CA ASP A 274 -24.51 53.33 -11.58
C ASP A 274 -23.18 52.63 -11.35
N LEU A 275 -22.29 52.75 -12.33
CA LEU A 275 -20.98 52.13 -12.21
C LEU A 275 -20.25 52.76 -11.05
N ALA A 276 -20.46 54.07 -10.87
CA ALA A 276 -19.82 54.76 -9.74
C ALA A 276 -20.35 54.22 -8.42
N ARG A 277 -21.67 54.01 -8.33
CA ARG A 277 -22.22 53.48 -7.10
C ARG A 277 -21.70 52.07 -6.86
N ALA A 278 -21.64 51.30 -7.92
CA ALA A 278 -21.08 49.95 -7.83
C ALA A 278 -19.61 49.98 -7.43
N ALA A 279 -18.89 51.00 -7.91
CA ALA A 279 -17.47 51.14 -7.54
C ALA A 279 -17.37 51.35 -6.04
N ASP A 280 -18.28 52.14 -5.49
CA ASP A 280 -18.27 52.41 -4.05
C ASP A 280 -18.45 51.10 -3.28
N LEU A 281 -19.36 50.27 -3.74
CA LEU A 281 -19.61 48.99 -3.11
C LEU A 281 -18.39 48.12 -3.24
N ALA A 282 -17.79 48.09 -4.43
CA ALA A 282 -16.60 47.24 -4.66
C ALA A 282 -15.50 47.60 -3.67
N VAL A 283 -15.20 48.89 -3.55
CA VAL A 283 -14.09 49.30 -2.67
C VAL A 283 -14.39 49.05 -1.18
N ALA A 284 -15.57 49.49 -0.72
CA ALA A 284 -15.98 49.19 0.65
C ALA A 284 -15.96 47.68 0.94
N GLY A 285 -16.64 46.91 0.09
CA GLY A 285 -16.74 45.46 0.28
C GLY A 285 -15.39 44.77 0.28
N ALA A 286 -14.43 45.27 -0.50
CA ALA A 286 -13.13 44.60 -0.54
C ALA A 286 -12.22 44.96 0.62
N THR A 287 -12.43 46.12 1.24
CA THR A 287 -11.46 46.62 2.21
C THR A 287 -11.95 46.79 3.64
N LYS A 288 -13.25 46.83 3.85
CA LYS A 288 -13.76 46.93 5.23
C LYS A 288 -13.20 45.80 6.09
N ASN A 289 -12.85 46.12 7.35
CA ASN A 289 -12.23 45.16 8.22
C ASN A 289 -10.93 44.60 7.63
N SER A 290 -10.23 45.47 6.91
CA SER A 290 -9.01 45.07 6.20
C SER A 290 -9.27 43.86 5.29
N GLY A 291 -10.51 43.75 4.78
CA GLY A 291 -10.88 42.62 3.93
C GLY A 291 -10.99 41.30 4.69
N GLN A 292 -11.00 41.36 6.02
CA GLN A 292 -11.03 40.12 6.81
C GLN A 292 -12.44 39.76 7.21
N ARG A 293 -13.22 39.40 6.21
CA ARG A 293 -14.59 38.92 6.38
C ARG A 293 -14.80 37.69 5.51
N CYS A 294 -15.52 36.70 6.02
CA CYS A 294 -15.82 35.52 5.24
C CYS A 294 -16.58 35.96 4.00
N THR A 295 -17.34 37.06 4.12
CA THR A 295 -18.18 37.59 3.03
C THR A 295 -17.59 38.87 2.39
N ALA A 296 -16.32 39.14 2.63
CA ALA A 296 -15.64 40.24 1.93
C ALA A 296 -15.79 40.08 0.42
N VAL A 297 -15.80 41.19 -0.29
CA VAL A 297 -15.65 41.10 -1.73
C VAL A 297 -14.22 40.62 -2.05
N LYS A 298 -14.10 39.42 -2.61
CA LYS A 298 -12.78 38.86 -2.95
C LYS A 298 -12.58 38.71 -4.46
N ARG A 299 -13.66 38.93 -5.20
CA ARG A 299 -13.62 38.78 -6.67
C ARG A 299 -14.63 39.78 -7.18
N ILE A 300 -14.17 40.76 -7.94
CA ILE A 300 -15.10 41.69 -8.54
C ILE A 300 -15.25 41.20 -9.98
N LEU A 301 -16.39 40.62 -10.32
CA LEU A 301 -16.60 40.10 -11.66
C LEU A 301 -17.30 41.13 -12.52
N CYS A 302 -16.54 41.81 -13.37
CA CYS A 302 -17.09 42.92 -14.13
C CYS A 302 -17.24 42.47 -15.56
N GLN A 303 -18.45 42.57 -16.10
CA GLN A 303 -18.66 42.22 -17.51
C GLN A 303 -17.83 43.13 -18.43
N GLU A 304 -17.28 42.52 -19.47
CA GLU A 304 -16.21 43.14 -20.27
C GLU A 304 -16.59 44.50 -20.82
N SER A 305 -17.77 44.61 -21.39
CA SER A 305 -18.17 45.85 -22.05
C SER A 305 -18.30 47.08 -21.14
N VAL A 306 -18.31 46.92 -19.81
CA VAL A 306 -18.35 48.10 -18.94
C VAL A 306 -17.06 48.24 -18.13
N ALA A 307 -16.15 47.27 -18.27
CA ALA A 307 -14.94 47.28 -17.46
C ALA A 307 -14.05 48.54 -17.65
N ASP A 308 -13.90 48.98 -18.90
CA ASP A 308 -13.13 50.21 -19.14
C ASP A 308 -13.70 51.43 -18.44
N ARG A 309 -15.02 51.49 -18.25
CA ARG A 309 -15.58 52.64 -17.51
C ARG A 309 -15.62 52.38 -15.99
N PHE A 310 -15.70 51.12 -15.59
CA PHE A 310 -15.84 50.75 -14.18
C PHE A 310 -14.52 50.86 -13.42
N VAL A 311 -13.50 50.23 -13.96
CA VAL A 311 -12.19 50.17 -13.33
C VAL A 311 -11.66 51.54 -12.86
N PRO A 312 -11.69 52.56 -13.74
CA PRO A 312 -11.15 53.85 -13.32
C PRO A 312 -11.87 54.40 -12.09
N LEU A 313 -13.18 54.16 -12.03
CA LEU A 313 -13.98 54.61 -10.91
C LEU A 313 -13.58 53.88 -9.61
N VAL A 314 -13.27 52.59 -9.72
CA VAL A 314 -12.72 51.82 -8.61
C VAL A 314 -11.35 52.39 -8.16
N LEU A 315 -10.43 52.56 -9.11
CA LEU A 315 -9.10 53.08 -8.81
C LEU A 315 -9.22 54.39 -8.03
N GLU A 316 -9.99 55.31 -8.58
CA GLU A 316 -10.15 56.61 -7.95
C GLU A 316 -10.61 56.54 -6.49
N ARG A 317 -11.54 55.63 -6.20
CA ARG A 317 -12.04 55.45 -4.85
C ARG A 317 -11.06 54.78 -3.91
N ALA A 318 -10.36 53.77 -4.43
CA ALA A 318 -9.30 53.09 -3.65
C ALA A 318 -8.27 54.11 -3.17
N LYS A 319 -7.87 55.02 -4.06
CA LYS A 319 -6.79 55.98 -3.78
C LYS A 319 -7.17 56.97 -2.65
N ARG A 320 -8.47 57.16 -2.43
CA ARG A 320 -8.92 57.99 -1.32
C ARG A 320 -8.77 57.36 0.07
N LEU A 321 -8.62 56.03 0.13
CA LEU A 321 -8.54 55.37 1.43
C LEU A 321 -7.22 55.70 2.17
N ARG A 322 -7.35 56.11 3.42
CA ARG A 322 -6.20 56.28 4.30
C ARG A 322 -5.90 55.00 5.08
N PHE A 323 -4.71 54.45 4.85
CA PHE A 323 -4.31 53.22 5.45
C PHE A 323 -3.05 53.57 6.25
N GLY A 324 -2.97 53.04 7.46
CA GLY A 324 -1.87 53.30 8.35
C GLY A 324 -2.23 52.95 9.79
N ASP A 325 -1.71 53.77 10.71
CA ASP A 325 -1.88 53.57 12.14
C ASP A 325 -3.33 53.34 12.55
N PRO A 326 -3.63 52.10 12.98
CA PRO A 326 -5.01 51.70 13.31
C PRO A 326 -5.62 52.53 14.45
N MET A 327 -4.80 53.00 15.39
CA MET A 327 -5.28 53.85 16.49
C MET A 327 -5.52 55.31 16.08
N ASP A 328 -5.04 55.70 14.89
CA ASP A 328 -5.37 57.01 14.37
C ASP A 328 -6.83 57.05 13.90
N ARG A 329 -7.65 57.89 14.51
CA ARG A 329 -9.09 57.92 14.22
C ARG A 329 -9.44 58.29 12.78
N SER A 330 -8.44 58.75 12.02
CA SER A 330 -8.70 59.13 10.61
C SER A 330 -8.22 58.05 9.65
N THR A 331 -7.59 57.00 10.19
CA THR A 331 -7.27 55.82 9.39
C THR A 331 -8.56 55.09 8.97
N ASP A 332 -8.65 54.76 7.68
CA ASP A 332 -9.73 53.93 7.16
C ASP A 332 -9.33 52.47 7.33
N LEU A 333 -8.17 52.12 6.78
CA LEU A 333 -7.76 50.76 6.68
C LEU A 333 -6.54 50.57 7.57
N GLY A 334 -6.67 49.68 8.55
CA GLY A 334 -5.57 49.25 9.41
C GLY A 334 -4.81 48.07 8.79
N THR A 335 -4.15 47.26 9.62
CA THR A 335 -3.35 46.15 9.15
C THR A 335 -4.21 44.91 8.97
N VAL A 336 -3.64 43.86 8.40
CA VAL A 336 -4.19 42.51 8.53
C VAL A 336 -3.59 41.81 9.77
N ILE A 337 -4.00 40.58 10.02
CA ILE A 337 -3.78 39.91 11.30
C ILE A 337 -2.30 39.82 11.63
N HIS A 338 -1.47 39.61 10.62
CA HIS A 338 -0.02 39.62 10.82
C HIS A 338 0.76 39.75 9.50
N GLU A 339 2.07 39.89 9.64
CA GLU A 339 2.98 40.16 8.54
C GLU A 339 3.01 39.00 7.56
N LYS A 340 3.03 37.77 8.08
CA LYS A 340 3.03 36.58 7.22
C LYS A 340 1.80 36.54 6.30
N ALA A 341 0.63 36.89 6.83
CA ALA A 341 -0.59 36.94 6.01
C ALA A 341 -0.45 38.04 4.96
N ALA A 342 0.01 39.20 5.38
CA ALA A 342 0.17 40.33 4.46
C ALA A 342 1.10 39.96 3.30
N ALA A 343 2.21 39.30 3.64
CA ALA A 343 3.20 38.89 2.64
C ALA A 343 2.60 37.88 1.67
N LEU A 344 1.84 36.91 2.21
CA LEU A 344 1.20 35.91 1.36
C LEU A 344 0.27 36.58 0.32
N PHE A 345 -0.52 37.54 0.78
CA PHE A 345 -1.47 38.21 -0.10
C PHE A 345 -0.76 39.01 -1.17
N GLU A 346 0.32 39.69 -0.77
CA GLU A 346 1.11 40.43 -1.75
C GLU A 346 1.74 39.52 -2.80
N GLU A 347 2.25 38.36 -2.37
CA GLU A 347 2.78 37.36 -3.29
C GLU A 347 1.73 37.00 -4.34
N ARG A 348 0.51 36.70 -3.89
CA ARG A 348 -0.56 36.27 -4.81
C ARG A 348 -0.85 37.37 -5.86
N VAL A 349 -0.77 38.62 -5.44
CA VAL A 349 -0.90 39.74 -6.37
C VAL A 349 0.23 39.71 -7.41
N MET A 350 1.48 39.57 -6.96
CA MET A 350 2.61 39.52 -7.88
C MET A 350 2.51 38.35 -8.85
N ARG A 351 2.18 37.18 -8.32
CA ARG A 351 2.01 35.98 -9.13
C ARG A 351 0.95 36.23 -10.21
N ALA A 352 -0.12 36.94 -9.84
CA ALA A 352 -1.23 37.18 -10.76
C ALA A 352 -0.80 38.16 -11.88
N ALA A 353 0.01 39.14 -11.52
CA ALA A 353 0.57 40.05 -12.50
C ALA A 353 1.51 39.35 -13.49
N GLU A 354 2.26 38.35 -13.02
CA GLU A 354 3.10 37.54 -13.91
C GLU A 354 2.26 36.72 -14.87
N GLU A 355 0.99 36.51 -14.52
CA GLU A 355 0.10 35.67 -15.31
C GLU A 355 -0.77 36.57 -16.20
N GLY A 356 -0.47 37.86 -16.20
CA GLY A 356 -1.19 38.82 -17.06
C GLY A 356 -1.96 39.95 -16.36
N ALA A 357 -2.05 39.89 -15.05
CA ALA A 357 -2.85 40.87 -14.32
C ALA A 357 -2.19 42.24 -14.41
N ASP A 358 -2.99 43.28 -14.23
CA ASP A 358 -2.50 44.63 -14.32
C ASP A 358 -2.66 45.40 -13.00
N ILE A 359 -1.55 45.53 -12.27
CA ILE A 359 -1.54 46.26 -11.01
C ILE A 359 -1.65 47.75 -11.26
N LEU A 360 -2.75 48.34 -10.81
CA LEU A 360 -3.02 49.76 -11.07
C LEU A 360 -2.67 50.67 -9.90
N TYR A 361 -2.52 50.10 -8.71
CA TYR A 361 -2.30 50.89 -7.51
C TYR A 361 -1.77 49.97 -6.42
N HIS A 362 -0.56 50.28 -5.95
CA HIS A 362 0.16 49.46 -4.97
C HIS A 362 1.23 50.37 -4.41
N PRO A 363 0.88 51.16 -3.41
CA PRO A 363 1.84 52.03 -2.73
C PRO A 363 2.88 51.27 -1.88
N GLY A 364 2.84 49.93 -1.86
CA GLY A 364 3.85 49.18 -1.16
C GLY A 364 3.40 48.76 0.24
N ARG A 365 3.69 47.51 0.56
CA ARG A 365 3.36 46.95 1.84
C ARG A 365 4.37 47.38 2.89
N SER A 366 3.93 47.47 4.14
CA SER A 366 4.83 47.74 5.27
C SER A 366 4.48 46.80 6.45
N GLY A 367 5.18 45.68 6.56
CA GLY A 367 4.92 44.71 7.61
C GLY A 367 3.53 44.14 7.43
N ALA A 368 2.67 44.26 8.44
CA ALA A 368 1.30 43.73 8.35
C ALA A 368 0.34 44.73 7.68
N LEU A 369 0.84 45.91 7.35
CA LEU A 369 0.03 46.95 6.75
C LEU A 369 0.01 46.81 5.24
N LEU A 370 -1.14 46.38 4.72
CA LEU A 370 -1.34 46.23 3.29
C LEU A 370 -2.19 47.41 2.81
N PRO A 371 -1.76 48.08 1.74
CA PRO A 371 -2.60 49.14 1.15
C PRO A 371 -3.72 48.46 0.36
N PRO A 372 -4.76 49.21 -0.01
CA PRO A 372 -5.85 48.65 -0.82
C PRO A 372 -5.46 48.47 -2.31
N ILE A 373 -4.54 47.55 -2.56
CA ILE A 373 -4.03 47.27 -3.90
C ILE A 373 -5.18 47.04 -4.90
N VAL A 374 -5.17 47.80 -6.01
CA VAL A 374 -6.07 47.56 -7.13
C VAL A 374 -5.39 46.79 -8.28
N VAL A 375 -5.97 45.66 -8.65
CA VAL A 375 -5.44 44.79 -9.71
C VAL A 375 -6.53 44.48 -10.69
N ASP A 376 -6.28 44.76 -11.97
CA ASP A 376 -7.27 44.57 -13.03
C ASP A 376 -6.84 43.38 -13.89
N ARG A 377 -7.76 42.88 -14.73
CA ARG A 377 -7.47 41.73 -15.60
C ARG A 377 -6.87 40.57 -14.83
N VAL A 378 -7.36 40.32 -13.62
CA VAL A 378 -6.98 39.11 -12.87
C VAL A 378 -7.51 37.83 -13.53
N PRO A 379 -6.63 36.88 -13.81
CA PRO A 379 -7.06 35.54 -14.29
C PRO A 379 -7.89 34.84 -13.22
N HIS A 380 -9.04 34.31 -13.60
CA HIS A 380 -9.95 33.71 -12.62
C HIS A 380 -9.37 32.47 -11.93
N GLN A 381 -8.37 31.85 -12.56
CA GLN A 381 -7.79 30.63 -11.98
C GLN A 381 -6.48 30.92 -11.25
N SER A 382 -6.06 32.18 -11.27
CA SER A 382 -4.95 32.58 -10.43
C SER A 382 -5.25 32.45 -8.92
N ASP A 383 -4.23 32.18 -8.13
CA ASP A 383 -4.38 31.94 -6.71
C ASP A 383 -5.05 33.09 -5.95
N LEU A 384 -4.73 34.32 -6.37
CA LEU A 384 -5.31 35.50 -5.77
C LEU A 384 -6.86 35.43 -5.62
N VAL A 385 -7.56 34.91 -6.61
CA VAL A 385 -9.03 34.88 -6.56
C VAL A 385 -9.61 33.47 -6.47
N LEU A 386 -8.79 32.45 -6.71
CA LEU A 386 -9.29 31.07 -6.73
C LEU A 386 -9.27 30.54 -5.32
N GLU A 387 -8.19 30.83 -4.63
CA GLU A 387 -8.13 30.61 -3.21
C GLU A 387 -8.77 31.81 -2.51
N GLU A 388 -9.10 31.67 -1.23
CA GLU A 388 -9.63 32.78 -0.43
C GLU A 388 -8.47 33.67 0.03
N THR A 389 -8.46 34.93 -0.42
CA THR A 389 -7.43 35.93 -0.02
C THR A 389 -8.00 36.94 0.98
N PHE A 390 -7.60 36.78 2.25
CA PHE A 390 -8.27 37.39 3.40
C PHE A 390 -7.66 38.76 3.74
N GLY A 391 -7.48 39.60 2.73
CA GLY A 391 -6.88 40.90 2.89
C GLY A 391 -7.56 41.90 1.95
N PRO A 392 -7.19 43.18 2.06
CA PRO A 392 -7.90 44.28 1.41
C PRO A 392 -7.51 44.49 -0.08
N ILE A 393 -7.29 43.39 -0.79
CA ILE A 393 -7.03 43.45 -2.21
C ILE A 393 -8.35 43.75 -2.95
N ILE A 394 -8.25 44.62 -3.95
CA ILE A 394 -9.38 44.95 -4.82
C ILE A 394 -9.12 44.40 -6.23
N PRO A 395 -9.53 43.14 -6.48
CA PRO A 395 -9.16 42.46 -7.73
C PRO A 395 -10.32 42.37 -8.73
N ILE A 396 -10.15 42.98 -9.88
CA ILE A 396 -11.19 42.92 -10.90
C ILE A 396 -10.93 41.80 -11.92
N VAL A 397 -11.86 40.86 -11.99
CA VAL A 397 -11.80 39.80 -12.99
C VAL A 397 -12.73 40.22 -14.11
N ARG A 398 -12.21 40.30 -15.33
CA ARG A 398 -13.07 40.67 -16.47
C ARG A 398 -13.79 39.40 -16.95
N VAL A 399 -15.12 39.44 -17.02
CA VAL A 399 -15.89 38.26 -17.42
C VAL A 399 -16.69 38.61 -18.67
N PRO A 400 -17.15 37.58 -19.39
CA PRO A 400 -17.93 37.80 -20.64
C PRO A 400 -19.24 38.57 -20.40
N ASP A 401 -19.65 39.30 -21.43
CA ASP A 401 -20.96 39.87 -21.52
C ASP A 401 -21.95 38.75 -21.81
N ASP A 402 -22.01 37.78 -20.91
CA ASP A 402 -22.90 36.63 -21.03
C ASP A 402 -23.16 36.07 -19.63
N ASP A 403 -24.43 36.08 -19.25
CA ASP A 403 -24.79 35.79 -17.87
C ASP A 403 -24.52 34.34 -17.52
N ASP A 404 -24.88 33.44 -18.43
CA ASP A 404 -24.58 32.03 -18.19
C ASP A 404 -23.10 31.80 -17.91
N ALA A 405 -22.22 32.37 -18.73
CA ALA A 405 -20.80 32.23 -18.52
C ALA A 405 -20.38 32.91 -17.19
N THR A 406 -20.96 34.08 -16.91
CA THR A 406 -20.63 34.79 -15.68
C THR A 406 -21.03 33.94 -14.46
N ILE A 407 -22.25 33.41 -14.45
CA ILE A 407 -22.71 32.55 -13.37
C ILE A 407 -21.85 31.29 -13.16
N THR A 408 -21.51 30.62 -14.26
CA THR A 408 -20.63 29.46 -14.20
C THR A 408 -19.28 29.80 -13.57
N LEU A 409 -18.73 30.93 -13.99
CA LEU A 409 -17.48 31.42 -13.46
C LEU A 409 -17.64 31.72 -11.95
N SER A 410 -18.71 32.42 -11.59
CA SER A 410 -18.91 32.79 -10.20
C SER A 410 -18.96 31.54 -9.32
N ASN A 411 -19.65 30.51 -9.80
CA ASN A 411 -19.83 29.24 -9.08
C ASN A 411 -18.62 28.28 -9.12
N SER A 412 -17.52 28.70 -9.76
CA SER A 412 -16.46 27.74 -10.06
C SER A 412 -15.49 27.50 -8.92
N THR A 413 -15.67 28.15 -7.79
CA THR A 413 -14.71 27.93 -6.69
C THR A 413 -15.28 26.91 -5.72
N ALA A 414 -14.48 26.51 -4.73
CA ALA A 414 -14.91 25.58 -3.69
C ALA A 414 -15.89 26.21 -2.71
N PHE A 415 -16.06 27.52 -2.77
CA PHE A 415 -16.90 28.23 -1.81
C PHE A 415 -18.31 28.54 -2.31
N GLY A 416 -19.19 28.89 -1.38
CA GLY A 416 -20.53 29.33 -1.71
C GLY A 416 -21.18 29.92 -0.46
N LEU A 417 -20.91 31.19 -0.20
CA LEU A 417 -21.40 31.81 0.99
C LEU A 417 -22.36 32.93 0.59
N SER A 418 -21.81 34.08 0.23
CA SER A 418 -22.67 35.19 -0.15
C SER A 418 -22.24 35.77 -1.49
N SER A 419 -22.95 36.79 -1.95
CA SER A 419 -22.65 37.41 -3.24
C SER A 419 -23.39 38.71 -3.33
N GLY A 420 -22.91 39.60 -4.20
CA GLY A 420 -23.60 40.86 -4.50
C GLY A 420 -23.73 40.97 -6.02
N VAL A 421 -24.85 41.49 -6.51
CA VAL A 421 -25.05 41.71 -7.94
C VAL A 421 -25.56 43.11 -8.18
N CYS A 422 -24.90 43.85 -9.06
CA CYS A 422 -25.34 45.20 -9.41
C CYS A 422 -25.91 45.22 -10.84
N THR A 423 -27.23 45.43 -10.93
CA THR A 423 -27.95 45.51 -12.21
C THR A 423 -29.31 46.14 -11.95
N ASN A 424 -29.97 46.64 -12.99
CA ASN A 424 -31.32 47.17 -12.85
C ASN A 424 -32.33 46.36 -13.64
N ASP A 425 -31.85 45.34 -14.33
CA ASP A 425 -32.68 44.50 -15.15
C ASP A 425 -33.27 43.38 -14.27
N TYR A 426 -34.56 43.45 -13.95
CA TYR A 426 -35.16 42.45 -13.06
C TYR A 426 -34.93 41.02 -13.57
N ARG A 427 -35.10 40.83 -14.87
CA ARG A 427 -34.99 39.49 -15.42
C ARG A 427 -33.61 38.88 -15.05
N ARG A 428 -32.58 39.70 -15.16
CA ARG A 428 -31.22 39.26 -14.87
C ARG A 428 -31.02 39.08 -13.36
N MET A 429 -31.55 40.00 -12.57
CA MET A 429 -31.56 39.86 -11.12
C MET A 429 -32.04 38.47 -10.73
N GLN A 430 -33.22 38.08 -11.22
CA GLN A 430 -33.79 36.85 -10.74
C GLN A 430 -33.02 35.67 -11.28
N LYS A 431 -32.45 35.83 -12.47
CA LYS A 431 -31.61 34.74 -13.00
C LYS A 431 -30.37 34.50 -12.08
N TYR A 432 -29.69 35.57 -11.66
CA TYR A 432 -28.58 35.43 -10.71
C TYR A 432 -29.02 34.88 -9.32
N ILE A 433 -30.11 35.43 -8.79
CA ILE A 433 -30.65 34.97 -7.53
C ILE A 433 -30.85 33.45 -7.58
N ALA A 434 -31.47 32.96 -8.66
CA ALA A 434 -31.70 31.54 -8.80
C ALA A 434 -30.44 30.75 -9.12
N GLY A 435 -29.49 31.34 -9.85
CA GLY A 435 -28.38 30.56 -10.37
C GLY A 435 -27.09 30.53 -9.54
N LEU A 436 -26.85 31.55 -8.73
CA LEU A 436 -25.61 31.56 -7.94
C LEU A 436 -25.74 30.49 -6.87
N LYS A 437 -24.70 29.68 -6.71
CA LYS A 437 -24.70 28.62 -5.70
C LYS A 437 -24.15 29.11 -4.36
N VAL A 438 -25.00 29.77 -3.59
CA VAL A 438 -24.53 30.50 -2.41
C VAL A 438 -25.66 30.50 -1.38
N GLY A 439 -25.36 30.88 -0.12
CA GLY A 439 -26.40 31.06 0.89
C GLY A 439 -27.21 32.37 0.75
N THR A 440 -26.61 33.41 0.14
CA THR A 440 -27.20 34.73 0.06
C THR A 440 -26.82 35.45 -1.23
N VAL A 441 -27.81 36.10 -1.84
CA VAL A 441 -27.55 36.97 -3.00
C VAL A 441 -28.09 38.35 -2.69
N ASN A 442 -27.20 39.33 -2.55
CA ASN A 442 -27.65 40.71 -2.34
C ASN A 442 -27.68 41.53 -3.61
N ILE A 443 -28.84 42.10 -3.93
CA ILE A 443 -28.91 42.92 -5.13
C ILE A 443 -28.51 44.32 -4.72
N TRP A 444 -27.53 44.87 -5.41
CA TRP A 444 -27.10 46.24 -5.14
C TRP A 444 -26.60 46.41 -3.70
N GLU A 445 -25.91 45.40 -3.18
CA GLU A 445 -25.22 45.54 -1.90
C GLU A 445 -23.98 44.64 -1.92
N VAL A 446 -23.06 44.85 -1.01
CA VAL A 446 -21.95 43.92 -0.87
C VAL A 446 -22.43 42.55 -0.37
N PRO A 447 -21.65 41.51 -0.69
CA PRO A 447 -22.01 40.17 -0.21
C PRO A 447 -22.09 40.15 1.31
N GLY A 448 -21.40 41.08 1.95
CA GLY A 448 -21.31 41.03 3.39
C GLY A 448 -22.55 41.58 4.07
N TYR A 449 -23.43 42.22 3.31
CA TYR A 449 -24.59 42.81 3.93
C TYR A 449 -25.58 41.74 4.47
N ARG A 450 -25.93 41.88 5.74
CA ARG A 450 -27.02 41.12 6.37
C ARG A 450 -27.47 41.88 7.60
N ILE A 451 -28.64 41.54 8.16
CA ILE A 451 -28.96 41.98 9.52
C ILE A 451 -28.54 40.87 10.49
N GLU A 452 -28.38 41.19 11.77
CA GLU A 452 -27.78 40.22 12.67
C GLU A 452 -28.74 39.07 12.99
N MET A 453 -29.98 39.20 12.57
CA MET A 453 -30.93 38.10 12.82
C MET A 453 -31.50 37.39 11.55
N SER A 454 -30.96 37.68 10.37
CA SER A 454 -31.45 36.96 9.16
C SER A 454 -30.69 35.63 9.03
N PRO A 455 -31.26 34.63 8.33
CA PRO A 455 -30.56 33.35 8.27
C PRO A 455 -29.25 33.55 7.53
N PHE A 456 -28.17 33.03 8.11
CA PHE A 456 -26.85 33.21 7.55
C PHE A 456 -26.13 31.91 7.53
N GLY A 457 -25.58 31.55 6.37
CA GLY A 457 -24.78 30.33 6.24
C GLY A 457 -24.52 29.97 4.78
N GLY A 458 -23.38 29.33 4.52
CA GLY A 458 -23.08 28.91 3.16
C GLY A 458 -23.26 27.42 2.89
N ILE A 459 -22.84 27.02 1.70
CA ILE A 459 -22.88 25.63 1.26
C ILE A 459 -21.48 25.32 0.75
N LYS A 460 -21.31 24.16 0.12
CA LYS A 460 -20.01 23.72 -0.40
C LYS A 460 -18.99 23.79 0.72
N ASP A 461 -17.80 24.33 0.47
CA ASP A 461 -16.80 24.42 1.52
C ASP A 461 -17.01 25.59 2.51
N SER A 462 -18.05 26.40 2.32
CA SER A 462 -18.27 27.60 3.14
C SER A 462 -18.98 27.26 4.45
N GLY A 463 -19.62 26.10 4.50
CA GLY A 463 -20.29 25.69 5.71
C GLY A 463 -20.88 24.30 5.59
N ASN A 464 -21.15 23.68 6.73
CA ASN A 464 -21.70 22.32 6.74
C ASN A 464 -23.20 22.27 6.54
N GLY A 465 -23.85 23.43 6.27
CA GLY A 465 -25.23 23.46 5.81
C GLY A 465 -26.30 23.85 6.83
N TYR A 466 -25.90 24.39 7.97
CA TYR A 466 -26.85 24.86 8.98
C TYR A 466 -26.80 26.39 9.09
N LYS A 467 -27.96 27.03 9.25
CA LYS A 467 -28.01 28.49 9.32
C LYS A 467 -27.66 29.03 10.70
N GLU A 468 -27.16 30.26 10.70
CA GLU A 468 -26.72 30.99 11.90
C GLU A 468 -27.46 32.34 11.84
N GLY A 469 -26.96 33.32 12.59
CA GLY A 469 -27.72 34.56 12.79
C GLY A 469 -28.51 34.28 14.06
N VAL A 470 -28.93 35.36 14.72
CA VAL A 470 -29.54 35.26 16.04
C VAL A 470 -30.76 34.33 16.09
N ILE A 471 -31.68 34.46 15.17
CA ILE A 471 -32.87 33.63 15.20
C ILE A 471 -32.55 32.15 14.95
N GLU A 472 -31.74 31.84 13.94
CA GLU A 472 -31.50 30.42 13.64
C GLU A 472 -30.60 29.78 14.69
N ALA A 473 -29.70 30.60 15.24
CA ALA A 473 -28.85 30.11 16.32
C ALA A 473 -29.70 29.71 17.51
N MET A 474 -30.63 30.58 17.91
CA MET A 474 -31.53 30.23 19.02
C MET A 474 -32.29 28.91 18.82
N LYS A 475 -32.80 28.67 17.61
CA LYS A 475 -33.46 27.38 17.34
C LYS A 475 -32.49 26.23 17.44
N SER A 476 -31.31 26.47 16.91
CA SER A 476 -30.24 25.48 16.85
C SER A 476 -29.74 25.03 18.22
N PHE A 477 -29.76 25.97 19.17
CA PHE A 477 -29.25 25.74 20.51
C PHE A 477 -30.32 25.11 21.42
N THR A 478 -31.42 24.63 20.84
CA THR A 478 -32.44 23.97 21.64
C THR A 478 -32.83 22.62 21.08
N ASN A 479 -33.55 21.85 21.90
CA ASN A 479 -34.23 20.65 21.41
C ASN A 479 -35.72 20.93 21.40
N VAL A 480 -36.38 20.49 20.36
CA VAL A 480 -37.83 20.59 20.32
C VAL A 480 -38.44 19.38 21.03
N LYS A 481 -39.28 19.62 22.02
CA LYS A 481 -40.03 18.53 22.62
C LYS A 481 -41.49 18.68 22.19
N THR A 482 -42.15 17.59 21.80
CA THR A 482 -43.59 17.63 21.54
C THR A 482 -44.36 16.95 22.66
N PHE A 483 -45.63 17.34 22.83
CA PHE A 483 -46.49 16.64 23.80
C PHE A 483 -47.86 16.65 23.22
N SER A 484 -48.60 15.57 23.43
CA SER A 484 -49.98 15.57 22.95
C SER A 484 -50.98 15.36 24.10
N LEU A 485 -52.15 15.97 23.94
CA LEU A 485 -53.22 15.88 24.93
C LEU A 485 -54.50 15.40 24.28
N PRO A 486 -55.26 14.56 24.98
CA PRO A 486 -56.60 14.19 24.49
C PRO A 486 -57.39 15.45 24.24
N TRP A 487 -58.12 15.51 23.15
CA TRP A 487 -58.92 16.70 22.85
C TRP A 487 -60.31 16.35 22.31
N HIS B 15 -6.89 7.24 21.35
CA HIS B 15 -7.76 6.70 20.29
C HIS B 15 -7.71 7.41 18.92
N GLU B 16 -7.15 6.74 17.93
CA GLU B 16 -6.92 7.35 16.60
C GLU B 16 -7.57 6.58 15.46
N PRO B 17 -8.48 7.24 14.74
CA PRO B 17 -9.10 6.59 13.57
C PRO B 17 -8.09 6.44 12.39
N MET B 18 -8.42 5.57 11.45
CA MET B 18 -7.71 5.55 10.18
C MET B 18 -7.83 6.90 9.46
N ARG B 19 -6.84 7.19 8.60
CA ARG B 19 -6.89 8.31 7.70
C ARG B 19 -7.05 7.77 6.28
N ILE B 20 -8.27 7.85 5.75
CA ILE B 20 -8.50 7.43 4.38
C ILE B 20 -8.74 8.69 3.52
N ALA B 21 -7.75 8.99 2.70
CA ALA B 21 -7.79 10.18 1.83
C ALA B 21 -8.28 11.42 2.60
N GLY B 22 -7.72 11.65 3.78
CA GLY B 22 -8.05 12.82 4.58
C GLY B 22 -9.27 12.71 5.48
N ARG B 23 -10.06 11.65 5.33
CA ARG B 23 -11.23 11.44 6.21
C ARG B 23 -10.84 10.54 7.38
N LEU B 24 -11.38 10.81 8.57
CA LEU B 24 -11.18 9.93 9.71
C LEU B 24 -12.16 8.78 9.57
N VAL B 25 -11.66 7.55 9.55
CA VAL B 25 -12.57 6.40 9.43
C VAL B 25 -12.38 5.40 10.58
N ASP B 26 -13.48 5.04 11.25
CA ASP B 26 -13.46 4.28 12.50
C ASP B 26 -14.14 2.93 12.34
N THR B 27 -13.83 1.99 13.21
CA THR B 27 -14.59 0.74 13.31
C THR B 27 -14.99 0.54 14.78
N ASP B 28 -15.86 -0.42 15.03
CA ASP B 28 -16.29 -0.71 16.39
C ASP B 28 -15.16 -1.39 17.17
N ASP B 29 -14.63 -2.46 16.60
CA ASP B 29 -13.49 -3.15 17.21
C ASP B 29 -12.22 -2.31 17.15
N ARG B 30 -11.35 -2.53 18.10
CA ARG B 30 -10.16 -1.72 18.25
C ARG B 30 -8.94 -2.62 18.35
N VAL B 31 -7.81 -2.11 17.92
CA VAL B 31 -6.51 -2.69 18.20
C VAL B 31 -5.84 -1.84 19.29
N GLU B 32 -5.39 -2.49 20.37
CA GLU B 32 -4.78 -1.76 21.49
C GLU B 32 -3.30 -1.65 21.22
N VAL B 33 -2.75 -0.47 21.42
CA VAL B 33 -1.30 -0.27 21.27
C VAL B 33 -0.71 -0.10 22.69
N ARG B 34 0.26 -0.95 23.03
CA ARG B 34 0.89 -0.94 24.34
C ARG B 34 2.32 -0.39 24.37
N TYR B 35 2.62 0.34 25.43
CA TYR B 35 3.95 0.86 25.72
C TYR B 35 4.82 -0.26 26.29
N PRO B 36 5.85 -0.66 25.55
CA PRO B 36 6.59 -1.86 25.95
C PRO B 36 7.31 -1.71 27.29
N TRP B 37 7.54 -0.46 27.72
CA TRP B 37 8.21 -0.22 29.00
C TRP B 37 7.44 -0.80 30.22
N ASN B 38 6.11 -0.61 30.22
CA ASN B 38 5.29 -1.02 31.36
C ASN B 38 4.01 -1.72 30.93
N ASP B 39 3.91 -2.03 29.64
CA ASP B 39 2.82 -2.83 29.07
C ASP B 39 1.44 -2.17 29.24
N THR B 40 1.43 -0.85 29.42
CA THR B 40 0.15 -0.16 29.50
C THR B 40 -0.37 0.26 28.13
N VAL B 41 -1.69 0.36 28.01
CA VAL B 41 -2.31 0.78 26.75
C VAL B 41 -2.10 2.28 26.60
N VAL B 42 -1.40 2.69 25.54
CA VAL B 42 -1.19 4.12 25.33
C VAL B 42 -2.07 4.65 24.20
N GLY B 43 -2.73 3.76 23.49
CA GLY B 43 -3.55 4.21 22.39
C GLY B 43 -4.35 3.07 21.78
N THR B 44 -5.26 3.43 20.88
CA THR B 44 -6.04 2.44 20.16
C THR B 44 -6.24 2.91 18.70
N VAL B 45 -6.32 1.96 17.78
CA VAL B 45 -6.64 2.28 16.38
C VAL B 45 -7.64 1.25 15.86
N PRO B 46 -8.32 1.55 14.75
CA PRO B 46 -9.39 0.66 14.31
C PRO B 46 -8.87 -0.71 13.89
N ALA B 47 -9.70 -1.73 14.09
CA ALA B 47 -9.47 -3.05 13.50
C ALA B 47 -10.00 -3.05 12.06
N GLY B 48 -9.31 -2.34 11.18
CA GLY B 48 -9.79 -2.16 9.81
C GLY B 48 -9.90 -3.49 9.07
N ARG B 49 -10.68 -3.52 8.00
CA ARG B 49 -10.92 -4.77 7.29
C ARG B 49 -10.59 -4.55 5.83
N ALA B 50 -10.71 -5.61 5.03
CA ALA B 50 -10.40 -5.53 3.59
C ALA B 50 -11.10 -4.33 2.89
N GLU B 51 -12.37 -4.13 3.23
CA GLU B 51 -13.20 -3.14 2.60
C GLU B 51 -12.54 -1.74 2.76
N HIS B 52 -11.84 -1.54 3.87
CA HIS B 52 -11.28 -0.22 4.16
C HIS B 52 -10.11 0.01 3.24
N ALA B 53 -9.29 -1.01 3.11
CA ALA B 53 -8.16 -0.98 2.18
C ALA B 53 -8.69 -0.80 0.77
N ARG B 54 -9.69 -1.59 0.45
CA ARG B 54 -10.35 -1.52 -0.86
C ARG B 54 -10.80 -0.10 -1.22
N GLU B 55 -11.43 0.59 -0.27
CA GLU B 55 -11.89 1.95 -0.49
C GLU B 55 -10.71 2.91 -0.69
N ALA B 56 -9.66 2.74 0.13
CA ALA B 56 -8.50 3.62 0.01
C ALA B 56 -7.86 3.43 -1.38
N PHE B 57 -7.83 2.18 -1.84
CA PHE B 57 -7.22 1.91 -3.15
C PHE B 57 -8.05 2.42 -4.31
N ALA B 58 -9.38 2.35 -4.19
CA ALA B 58 -10.23 2.89 -5.24
C ALA B 58 -10.01 4.42 -5.38
N ILE B 59 -9.95 5.09 -4.23
CA ILE B 59 -9.73 6.54 -4.21
C ILE B 59 -8.37 6.85 -4.82
N ALA B 60 -7.35 6.06 -4.45
CA ALA B 60 -5.99 6.27 -4.97
C ALA B 60 -5.96 6.12 -6.48
N ALA B 61 -6.62 5.08 -6.98
CA ALA B 61 -6.67 4.78 -8.41
C ALA B 61 -7.36 5.89 -9.19
N ALA B 62 -8.48 6.40 -8.66
CA ALA B 62 -9.29 7.34 -9.45
C ALA B 62 -8.64 8.72 -9.49
N TYR B 63 -7.86 9.05 -8.47
CA TYR B 63 -7.25 10.38 -8.41
C TYR B 63 -5.97 10.47 -9.27
N GLN B 64 -5.88 11.49 -10.11
CA GLN B 64 -4.69 11.70 -10.97
C GLN B 64 -3.96 12.96 -10.54
N PRO B 65 -2.89 12.82 -9.77
CA PRO B 65 -2.25 14.04 -9.25
C PRO B 65 -1.75 14.93 -10.38
N LYS B 66 -1.85 16.25 -10.18
CA LYS B 66 -1.41 17.21 -11.18
C LYS B 66 -0.39 18.19 -10.59
N LEU B 67 0.14 17.89 -9.40
CA LEU B 67 1.14 18.77 -8.76
C LEU B 67 2.35 19.01 -9.66
N THR B 68 2.76 20.27 -9.76
CA THR B 68 4.02 20.57 -10.45
C THR B 68 5.16 20.08 -9.60
N ARG B 69 6.35 19.98 -10.18
CA ARG B 69 7.51 19.61 -9.35
C ARG B 69 7.70 20.63 -8.22
N TYR B 70 7.49 21.91 -8.53
CA TYR B 70 7.55 22.93 -7.51
C TYR B 70 6.55 22.67 -6.35
N GLU B 71 5.30 22.38 -6.68
CA GLU B 71 4.31 22.10 -5.63
C GLU B 71 4.69 20.88 -4.79
N ARG B 72 5.17 19.83 -5.44
CA ARG B 72 5.63 18.66 -4.71
C ARG B 72 6.76 19.02 -3.78
N GLN B 73 7.71 19.85 -4.26
CA GLN B 73 8.86 20.20 -3.44
C GLN B 73 8.37 20.97 -2.21
N LYS B 74 7.46 21.91 -2.46
CA LYS B 74 6.91 22.75 -1.41
C LYS B 74 6.23 21.90 -0.31
N ILE B 75 5.40 20.95 -0.71
CA ILE B 75 4.78 20.03 0.25
C ILE B 75 5.83 19.24 1.06
N LEU B 76 6.79 18.65 0.35
CA LEU B 76 7.81 17.83 0.99
C LEU B 76 8.70 18.63 1.96
N LEU B 77 9.07 19.84 1.54
CA LEU B 77 9.93 20.67 2.39
C LEU B 77 9.11 21.20 3.58
N ALA B 78 7.83 21.53 3.35
CA ALA B 78 6.97 21.94 4.46
C ALA B 78 6.83 20.78 5.44
N THR B 79 6.76 19.57 4.90
CA THR B 79 6.66 18.38 5.79
C THR B 79 7.91 18.24 6.66
N ALA B 80 9.07 18.45 6.06
CA ALA B 80 10.32 18.45 6.83
C ALA B 80 10.31 19.51 7.98
N GLU B 81 9.91 20.75 7.66
CA GLU B 81 9.85 21.81 8.66
C GLU B 81 8.92 21.42 9.84
N ALA B 82 7.74 20.88 9.51
CA ALA B 82 6.83 20.41 10.53
C ALA B 82 7.46 19.29 11.40
N LEU B 83 8.20 18.36 10.79
CA LEU B 83 8.84 17.29 11.54
C LEU B 83 9.85 17.89 12.51
N ALA B 84 10.62 18.89 12.06
CA ALA B 84 11.59 19.53 12.93
C ALA B 84 10.90 20.27 14.06
N ALA B 85 9.85 21.02 13.72
CA ALA B 85 9.16 21.85 14.71
C ALA B 85 8.45 20.99 15.75
N ARG B 86 7.99 19.80 15.35
CA ARG B 86 7.23 18.95 16.26
C ARG B 86 8.00 17.72 16.75
N LYS B 87 9.32 17.80 16.67
CA LYS B 87 10.11 16.60 16.88
C LYS B 87 9.90 16.01 18.26
N GLU B 88 9.58 16.84 19.24
CA GLU B 88 9.45 16.33 20.63
C GLU B 88 8.18 15.55 20.76
N GLU B 89 7.11 16.14 20.24
CA GLU B 89 5.81 15.49 20.17
C GLU B 89 5.87 14.15 19.37
N ILE B 90 6.52 14.19 18.20
CA ILE B 90 6.58 13.02 17.34
C ILE B 90 7.40 11.92 18.02
N SER B 91 8.56 12.28 18.55
CA SER B 91 9.38 11.25 19.22
C SER B 91 8.71 10.66 20.46
N ASP B 92 7.88 11.46 21.15
CA ASP B 92 7.10 10.91 22.24
C ASP B 92 6.22 9.78 21.73
N VAL B 93 5.55 10.03 20.62
CA VAL B 93 4.62 9.02 20.10
C VAL B 93 5.39 7.76 19.73
N ILE B 94 6.55 7.94 19.07
CA ILE B 94 7.39 6.82 18.69
C ILE B 94 7.82 6.03 19.93
N THR B 95 8.36 6.74 20.92
CA THR B 95 8.86 6.08 22.14
C THR B 95 7.76 5.33 22.89
N LEU B 96 6.57 5.94 23.00
CA LEU B 96 5.46 5.33 23.72
C LEU B 96 4.94 4.07 23.04
N GLU B 97 5.19 3.97 21.72
CA GLU B 97 4.65 2.88 20.89
C GLU B 97 5.70 1.75 20.76
N LEU B 98 6.95 2.16 20.55
CA LEU B 98 8.02 1.21 20.22
C LEU B 98 8.86 0.87 21.42
N GLY B 99 9.16 1.88 22.25
CA GLY B 99 9.87 1.66 23.52
C GLY B 99 11.34 2.03 23.45
N ILE B 100 11.77 2.48 22.27
CA ILE B 100 13.14 2.96 22.12
C ILE B 100 13.30 4.25 22.91
N SER B 101 14.52 4.53 23.35
CA SER B 101 14.83 5.73 24.08
C SER B 101 14.49 6.97 23.29
N LYS B 102 14.19 8.04 24.01
CA LYS B 102 13.95 9.34 23.38
C LYS B 102 15.14 9.75 22.52
N ALA B 103 16.35 9.40 22.96
CA ALA B 103 17.53 9.70 22.15
C ALA B 103 17.45 9.02 20.75
N ASP B 104 17.07 7.75 20.73
CA ASP B 104 16.87 7.03 19.47
C ASP B 104 15.66 7.60 18.68
N SER B 105 14.53 7.91 19.34
CA SER B 105 13.35 8.36 18.62
C SER B 105 13.57 9.81 18.10
N LEU B 106 14.28 10.64 18.85
CA LEU B 106 14.61 11.95 18.32
C LEU B 106 15.49 11.80 17.09
N TYR B 107 16.42 10.85 17.17
CA TYR B 107 17.30 10.60 16.03
C TYR B 107 16.46 10.15 14.80
N GLU B 108 15.51 9.24 15.02
CA GLU B 108 14.61 8.83 13.94
C GLU B 108 13.89 10.01 13.31
N VAL B 109 13.46 10.98 14.11
CA VAL B 109 12.83 12.16 13.54
C VAL B 109 13.81 12.93 12.65
N GLY B 110 15.06 13.05 13.08
CA GLY B 110 16.08 13.67 12.24
C GLY B 110 16.31 12.92 10.91
N ARG B 111 16.21 11.60 10.94
CA ARG B 111 16.30 10.83 9.71
C ARG B 111 15.13 11.11 8.76
N ALA B 112 13.90 11.12 9.28
CA ALA B 112 12.70 11.42 8.47
C ALA B 112 12.75 12.85 7.91
N PHE B 113 13.34 13.75 8.71
CA PHE B 113 13.60 15.12 8.26
C PHE B 113 14.49 15.08 7.02
N ASP B 114 15.51 14.23 7.04
CA ASP B 114 16.39 14.10 5.88
C ASP B 114 15.65 13.49 4.67
N VAL B 115 14.86 12.45 4.92
CA VAL B 115 14.16 11.80 3.86
C VAL B 115 13.33 12.81 3.12
N PHE B 116 12.53 13.57 3.86
CA PHE B 116 11.61 14.53 3.21
C PHE B 116 12.41 15.67 2.57
N THR B 117 13.53 16.03 3.17
CA THR B 117 14.28 17.16 2.64
C THR B 117 14.91 16.71 1.34
N LEU B 118 15.54 15.55 1.37
CA LEU B 118 16.20 15.09 0.16
C LEU B 118 15.20 14.80 -0.96
N ALA B 119 14.04 14.19 -0.63
CA ALA B 119 12.99 13.93 -1.64
C ALA B 119 12.52 15.24 -2.26
N GLY B 120 12.34 16.25 -1.41
CA GLY B 120 11.88 17.54 -1.91
C GLY B 120 12.89 18.14 -2.88
N GLN B 121 14.17 18.04 -2.54
CA GLN B 121 15.23 18.57 -3.40
C GLN B 121 15.40 17.79 -4.69
N MET B 122 15.15 16.47 -4.67
CA MET B 122 15.21 15.67 -5.89
C MET B 122 14.10 15.91 -6.90
N CYS B 123 13.00 16.57 -6.48
CA CYS B 123 11.92 16.97 -7.40
C CYS B 123 12.34 17.83 -8.58
N ILE B 124 13.40 18.61 -8.43
CA ILE B 124 13.81 19.46 -9.53
C ILE B 124 14.59 18.67 -10.58
N ARG B 125 14.97 17.44 -10.25
CA ARG B 125 15.84 16.65 -11.14
C ARG B 125 15.06 15.78 -12.17
N ASP B 126 15.36 15.97 -13.46
CA ASP B 126 14.74 15.17 -14.52
C ASP B 126 15.84 14.27 -15.11
N ASP B 127 15.70 12.95 -14.93
CA ASP B 127 16.72 12.02 -15.42
C ASP B 127 16.43 11.46 -16.81
N GLY B 128 15.58 12.15 -17.56
CA GLY B 128 15.33 11.79 -18.94
C GLY B 128 16.59 11.67 -19.80
N GLU B 129 16.52 10.81 -20.82
CA GLU B 129 17.66 10.54 -21.69
C GLU B 129 17.26 10.81 -23.12
N ILE B 130 18.26 10.95 -23.99
CA ILE B 130 18.02 11.11 -25.43
C ILE B 130 18.91 10.13 -26.20
N PHE B 131 18.33 9.41 -27.16
CA PHE B 131 19.08 8.48 -27.98
C PHE B 131 19.04 8.98 -29.43
N SER B 132 20.17 8.92 -30.11
CA SER B 132 20.18 9.13 -31.55
C SER B 132 19.98 7.78 -32.22
N CYS B 133 19.20 7.76 -33.30
CA CYS B 133 18.89 6.46 -33.94
C CYS B 133 19.68 6.08 -35.18
N ASP B 134 20.60 6.96 -35.60
CA ASP B 134 21.39 6.69 -36.82
C ASP B 134 22.68 5.90 -36.53
N LEU B 135 22.52 4.74 -35.89
CA LEU B 135 23.60 4.08 -35.16
C LEU B 135 24.14 2.85 -35.86
N THR B 136 23.30 2.25 -36.71
CA THR B 136 23.59 0.96 -37.31
C THR B 136 23.14 1.02 -38.76
N PRO B 137 23.35 -0.07 -39.52
CA PRO B 137 22.80 -0.16 -40.88
C PRO B 137 21.27 -0.03 -40.88
N HIS B 138 20.63 -0.49 -39.80
CA HIS B 138 19.16 -0.31 -39.62
C HIS B 138 18.77 1.12 -39.13
N GLY B 139 19.75 2.05 -39.12
CA GLY B 139 19.55 3.35 -38.52
C GLY B 139 18.60 4.29 -39.24
N LYS B 140 18.04 5.27 -38.50
CA LYS B 140 17.09 6.28 -39.02
C LYS B 140 17.40 7.65 -38.43
N ALA B 141 17.03 8.69 -39.18
CA ALA B 141 17.24 10.09 -38.75
C ALA B 141 16.15 10.51 -37.76
N ARG B 142 16.39 10.25 -36.48
CA ARG B 142 15.32 10.28 -35.49
C ARG B 142 15.95 10.35 -34.07
N LYS B 143 15.20 10.88 -33.12
CA LYS B 143 15.66 10.87 -31.75
C LYS B 143 14.62 10.20 -30.87
N ILE B 144 15.09 9.48 -29.85
CA ILE B 144 14.21 8.86 -28.87
C ILE B 144 14.44 9.62 -27.59
N PHE B 145 13.34 9.91 -26.88
CA PHE B 145 13.40 10.66 -25.63
C PHE B 145 12.69 9.85 -24.53
N THR B 146 13.13 9.98 -23.29
CA THR B 146 12.45 9.24 -22.23
C THR B 146 11.82 10.21 -21.23
N MET B 147 10.75 9.76 -20.58
CA MET B 147 10.21 10.51 -19.45
C MET B 147 9.60 9.49 -18.46
N ARG B 148 9.16 9.97 -17.30
CA ARG B 148 8.59 9.08 -16.31
C ARG B 148 7.17 9.49 -15.94
N GLU B 149 6.33 8.50 -15.62
CA GLU B 149 4.95 8.74 -15.26
C GLU B 149 4.64 7.91 -14.02
N PRO B 150 3.72 8.39 -13.21
CA PRO B 150 3.36 7.66 -11.97
C PRO B 150 2.54 6.42 -12.25
N LEU B 151 2.42 5.58 -11.23
CA LEU B 151 1.59 4.36 -11.29
C LEU B 151 0.14 4.62 -10.90
N THR B 152 -0.71 3.60 -10.99
CA THR B 152 -2.08 3.73 -10.53
C THR B 152 -2.17 3.91 -9.00
N ALA B 153 -1.53 3.02 -8.27
CA ALA B 153 -1.61 3.08 -6.82
C ALA B 153 -0.47 2.27 -6.27
N ILE B 154 0.08 2.75 -5.16
CA ILE B 154 1.14 2.03 -4.46
C ILE B 154 0.67 1.55 -3.10
N SER B 155 1.08 0.32 -2.77
CA SER B 155 0.75 -0.32 -1.52
C SER B 155 2.02 -0.38 -0.66
N ALA B 156 1.99 0.19 0.54
CA ALA B 156 3.16 0.22 1.41
C ALA B 156 2.82 -0.47 2.73
N ILE B 157 3.68 -1.39 3.14
CA ILE B 157 3.51 -2.17 4.37
C ILE B 157 4.78 -2.03 5.17
N THR B 158 4.67 -1.49 6.39
CA THR B 158 5.85 -1.08 7.15
C THR B 158 5.95 -1.83 8.46
N PRO B 159 7.17 -1.94 8.98
CA PRO B 159 7.45 -2.73 10.17
C PRO B 159 7.55 -1.84 11.42
N PHE B 160 7.80 -2.44 12.58
CA PHE B 160 7.75 -1.69 13.83
C PHE B 160 9.02 -0.93 14.15
N ASN B 161 10.14 -1.30 13.55
CA ASN B 161 11.41 -0.77 14.11
C ASN B 161 11.71 0.67 13.79
N HIS B 162 11.10 1.22 12.73
CA HIS B 162 11.16 2.68 12.47
C HIS B 162 9.74 3.16 12.14
N PRO B 163 8.90 3.38 13.16
CA PRO B 163 7.48 3.69 12.95
C PRO B 163 7.29 4.96 12.11
N LEU B 164 8.28 5.85 12.12
CA LEU B 164 8.23 7.08 11.34
C LEU B 164 9.04 6.98 10.04
N ASN B 165 10.32 6.68 10.16
CA ASN B 165 11.21 6.70 9.02
C ASN B 165 10.88 5.67 7.94
N MET B 166 10.36 4.52 8.33
CA MET B 166 9.96 3.55 7.34
C MET B 166 8.77 4.01 6.51
N VAL B 167 7.86 4.74 7.14
CA VAL B 167 6.73 5.30 6.41
C VAL B 167 7.24 6.47 5.55
N ALA B 168 8.13 7.30 6.09
CA ALA B 168 8.74 8.39 5.31
C ALA B 168 9.37 7.89 4.01
N HIS B 169 10.11 6.79 4.10
CA HIS B 169 10.86 6.27 2.96
C HIS B 169 9.92 5.73 1.87
N LYS B 170 8.71 5.36 2.25
CA LYS B 170 7.79 4.86 1.23
C LYS B 170 6.84 5.95 0.69
N VAL B 171 6.52 6.93 1.52
CA VAL B 171 5.60 7.96 1.13
C VAL B 171 6.30 9.16 0.43
N ALA B 172 7.46 9.59 0.93
CA ALA B 172 8.08 10.79 0.39
C ALA B 172 8.37 10.62 -1.11
N PRO B 173 8.92 9.47 -1.51
CA PRO B 173 9.19 9.27 -2.94
C PRO B 173 7.91 9.15 -3.77
N ALA B 174 6.83 8.62 -3.16
CA ALA B 174 5.56 8.53 -3.89
C ALA B 174 5.04 9.92 -4.19
N ILE B 175 5.02 10.77 -3.15
CA ILE B 175 4.59 12.16 -3.30
C ILE B 175 5.44 12.87 -4.36
N ALA B 176 6.76 12.66 -4.30
CA ALA B 176 7.68 13.34 -5.19
C ALA B 176 7.44 12.94 -6.65
N THR B 177 6.77 11.82 -6.86
CA THR B 177 6.54 11.35 -8.21
C THR B 177 5.06 11.30 -8.61
N ASN B 178 4.21 11.98 -7.85
CA ASN B 178 2.78 12.09 -8.18
C ASN B 178 2.05 10.75 -8.16
N ASN B 179 2.48 9.89 -7.25
CA ASN B 179 1.77 8.64 -7.02
C ASN B 179 0.75 8.77 -5.90
N CYS B 180 -0.11 7.77 -5.76
CA CYS B 180 -1.04 7.77 -4.62
C CYS B 180 -0.72 6.54 -3.87
N VAL B 181 -0.51 6.69 -2.57
CA VAL B 181 -0.06 5.55 -1.76
C VAL B 181 -1.05 5.22 -0.62
N VAL B 182 -1.19 3.92 -0.34
CA VAL B 182 -1.94 3.49 0.82
C VAL B 182 -0.98 2.74 1.72
N VAL B 183 -0.84 3.16 2.98
CA VAL B 183 0.07 2.56 3.94
C VAL B 183 -0.68 1.75 4.97
N LYS B 184 -0.26 0.50 5.21
CA LYS B 184 -0.70 -0.25 6.39
C LYS B 184 0.48 -0.45 7.36
N PRO B 185 0.61 0.42 8.36
CA PRO B 185 1.68 0.19 9.35
C PRO B 185 1.37 -1.06 10.18
N THR B 186 2.39 -1.57 10.86
CA THR B 186 2.19 -2.69 11.76
C THR B 186 1.25 -2.30 12.89
N GLU B 187 0.42 -3.26 13.28
CA GLU B 187 -0.50 -3.05 14.40
C GLU B 187 0.24 -2.71 15.70
N LEU B 188 1.54 -2.98 15.75
CA LEU B 188 2.31 -2.75 16.97
C LEU B 188 2.69 -1.29 17.12
N THR B 189 2.85 -0.58 16.01
CA THR B 189 3.25 0.84 16.06
C THR B 189 2.60 1.71 15.00
N PRO B 190 1.26 1.76 14.98
CA PRO B 190 0.49 2.43 13.92
C PRO B 190 0.32 3.95 14.12
N MET B 191 0.46 4.41 15.36
CA MET B 191 0.09 5.79 15.67
C MET B 191 1.01 6.81 15.02
N THR B 192 2.30 6.48 14.96
CA THR B 192 3.24 7.38 14.33
C THR B 192 2.84 7.62 12.88
N ALA B 193 2.38 6.58 12.19
CA ALA B 193 1.99 6.68 10.79
C ALA B 193 0.79 7.58 10.60
N LEU B 194 -0.19 7.42 11.48
CA LEU B 194 -1.39 8.22 11.43
C LEU B 194 -1.04 9.67 11.67
N LEU B 195 -0.12 9.92 12.60
CA LEU B 195 0.30 11.29 12.85
C LEU B 195 1.05 11.88 11.63
N LEU B 196 1.81 11.06 10.93
CA LEU B 196 2.57 11.58 9.77
C LEU B 196 1.58 11.94 8.66
N ALA B 197 0.54 11.12 8.49
CA ALA B 197 -0.51 11.47 7.54
C ALA B 197 -1.10 12.87 7.83
N ASP B 198 -1.40 13.17 9.10
CA ASP B 198 -1.98 14.46 9.47
C ASP B 198 -1.03 15.58 9.08
N ILE B 199 0.25 15.40 9.40
CA ILE B 199 1.24 16.41 9.07
C ILE B 199 1.29 16.64 7.56
N LEU B 200 1.23 15.55 6.79
CA LEU B 200 1.24 15.68 5.34
C LEU B 200 0.02 16.45 4.82
N TYR B 201 -1.17 16.14 5.33
CA TYR B 201 -2.38 16.83 4.89
C TYR B 201 -2.21 18.30 5.20
N GLU B 202 -1.79 18.60 6.41
CA GLU B 202 -1.61 19.98 6.85
C GLU B 202 -0.59 20.72 5.97
N ALA B 203 0.42 19.98 5.48
CA ALA B 203 1.48 20.58 4.68
C ALA B 203 1.03 20.81 3.23
N GLY B 204 -0.19 20.39 2.88
CA GLY B 204 -0.76 20.67 1.57
C GLY B 204 -0.88 19.51 0.60
N LEU B 205 -0.63 18.30 1.08
CA LEU B 205 -0.80 17.16 0.19
C LEU B 205 -2.28 16.96 -0.15
N PRO B 206 -2.62 16.85 -1.45
CA PRO B 206 -3.98 16.44 -1.81
C PRO B 206 -4.29 15.12 -1.11
N PRO B 207 -5.35 15.10 -0.33
CA PRO B 207 -5.60 13.99 0.61
C PRO B 207 -5.71 12.66 -0.12
N GLU B 208 -6.20 12.68 -1.37
CA GLU B 208 -6.36 11.43 -2.14
C GLU B 208 -5.02 10.75 -2.35
N MET B 209 -3.91 11.49 -2.19
CA MET B 209 -2.61 10.90 -2.47
C MET B 209 -2.07 10.01 -1.33
N LEU B 210 -2.75 10.01 -0.19
CA LEU B 210 -2.28 9.25 0.98
C LEU B 210 -3.42 8.74 1.86
N SER B 211 -3.45 7.42 2.07
CA SER B 211 -4.27 6.85 3.12
C SER B 211 -3.41 6.02 4.07
N VAL B 212 -3.75 6.04 5.34
CA VAL B 212 -3.12 5.12 6.29
C VAL B 212 -4.24 4.30 6.92
N VAL B 213 -4.21 2.99 6.68
CA VAL B 213 -5.23 2.07 7.22
C VAL B 213 -4.57 1.19 8.27
N THR B 214 -5.38 0.62 9.17
CA THR B 214 -4.85 -0.18 10.27
C THR B 214 -5.73 -1.40 10.52
N GLY B 215 -5.17 -2.40 11.20
CA GLY B 215 -5.94 -3.59 11.47
C GLY B 215 -5.06 -4.82 11.63
N TRP B 216 -5.66 -5.96 11.95
CA TRP B 216 -4.93 -7.21 12.02
C TRP B 216 -4.56 -7.64 10.60
N PRO B 217 -3.37 -8.23 10.44
CA PRO B 217 -2.93 -8.80 9.15
C PRO B 217 -3.98 -9.78 8.60
N ALA B 218 -4.66 -10.51 9.48
CA ALA B 218 -5.64 -11.51 9.06
C ALA B 218 -6.81 -10.91 8.30
N ASP B 219 -7.21 -9.69 8.67
CA ASP B 219 -8.35 -9.03 8.04
C ASP B 219 -7.99 -8.16 6.82
N ILE B 220 -6.93 -7.36 6.92
CA ILE B 220 -6.69 -6.28 5.95
C ILE B 220 -5.37 -6.48 5.17
N GLY B 221 -4.51 -7.36 5.67
CA GLY B 221 -3.22 -7.56 5.07
C GLY B 221 -3.31 -8.09 3.65
N MET B 222 -4.21 -9.05 3.43
CA MET B 222 -4.29 -9.65 2.09
C MET B 222 -4.78 -8.65 1.04
N GLU B 223 -5.68 -7.76 1.42
CA GLU B 223 -6.18 -6.74 0.49
C GLU B 223 -5.04 -5.80 0.05
N MET B 224 -4.13 -5.51 0.98
CA MET B 224 -2.97 -4.67 0.66
C MET B 224 -2.12 -5.30 -0.43
N ILE B 225 -2.16 -6.64 -0.51
CA ILE B 225 -1.31 -7.42 -1.39
C ILE B 225 -1.96 -7.73 -2.75
N THR B 226 -3.29 -7.81 -2.80
CA THR B 226 -3.96 -8.38 -3.96
C THR B 226 -4.93 -7.43 -4.62
N ASN B 227 -5.17 -6.28 -4.00
CA ASN B 227 -6.07 -5.32 -4.60
C ASN B 227 -5.67 -5.09 -6.08
N PRO B 228 -6.65 -5.16 -6.98
CA PRO B 228 -6.40 -5.03 -8.43
C PRO B 228 -5.88 -3.66 -8.88
N HIS B 229 -6.06 -2.60 -8.10
CA HIS B 229 -5.50 -1.29 -8.52
C HIS B 229 -4.02 -1.16 -8.20
N VAL B 230 -3.50 -2.09 -7.41
CA VAL B 230 -2.13 -1.95 -6.92
C VAL B 230 -1.13 -2.32 -8.00
N ASP B 231 -0.33 -1.35 -8.42
CA ASP B 231 0.74 -1.60 -9.38
C ASP B 231 2.03 -2.06 -8.70
N LEU B 232 2.22 -1.65 -7.45
CA LEU B 232 3.48 -1.95 -6.78
C LEU B 232 3.27 -2.13 -5.27
N VAL B 233 3.86 -3.19 -4.73
CA VAL B 233 3.86 -3.40 -3.31
C VAL B 233 5.27 -3.14 -2.79
N THR B 234 5.41 -2.25 -1.81
CA THR B 234 6.69 -2.03 -1.20
C THR B 234 6.58 -2.43 0.27
N PHE B 235 7.41 -3.38 0.66
CA PHE B 235 7.31 -4.00 1.95
C PHE B 235 8.66 -4.05 2.64
N THR B 236 8.66 -3.76 3.95
CA THR B 236 9.82 -3.96 4.77
C THR B 236 9.38 -4.72 6.02
N GLY B 237 10.04 -5.85 6.28
CA GLY B 237 9.64 -6.71 7.37
C GLY B 237 10.47 -7.99 7.42
N SER B 238 9.85 -9.06 7.91
CA SER B 238 10.56 -10.29 8.15
C SER B 238 10.55 -11.21 6.90
N VAL B 239 11.48 -12.15 6.86
CA VAL B 239 11.57 -13.12 5.76
C VAL B 239 10.30 -13.93 5.54
N PRO B 240 9.74 -14.53 6.60
CA PRO B 240 8.52 -15.32 6.36
C PRO B 240 7.35 -14.50 5.81
N VAL B 241 7.14 -13.30 6.34
CA VAL B 241 6.05 -12.47 5.80
C VAL B 241 6.41 -12.05 4.40
N GLY B 242 7.67 -11.65 4.19
CA GLY B 242 8.15 -11.32 2.87
C GLY B 242 7.88 -12.40 1.80
N LYS B 243 8.18 -13.66 2.14
CA LYS B 243 8.03 -14.73 1.15
C LYS B 243 6.56 -14.97 0.86
N LEU B 244 5.74 -14.75 1.87
CA LEU B 244 4.30 -14.86 1.71
C LEU B 244 3.75 -13.76 0.80
N ILE B 245 4.30 -12.56 0.93
CA ILE B 245 3.85 -11.49 0.04
C ILE B 245 4.27 -11.80 -1.39
N ALA B 246 5.51 -12.26 -1.55
CA ALA B 246 6.03 -12.56 -2.88
C ALA B 246 5.15 -13.58 -3.58
N ALA B 247 4.63 -14.52 -2.82
CA ALA B 247 3.82 -15.61 -3.37
C ALA B 247 2.42 -15.18 -3.74
N ASN B 248 1.89 -14.17 -3.05
CA ASN B 248 0.48 -13.79 -3.20
C ASN B 248 0.27 -12.55 -4.08
N ALA B 249 1.32 -11.75 -4.26
CA ALA B 249 1.22 -10.53 -5.06
C ALA B 249 1.60 -10.77 -6.53
N HIS B 250 1.10 -11.83 -7.15
CA HIS B 250 1.59 -12.11 -8.51
C HIS B 250 1.25 -11.05 -9.57
N TYR B 251 2.22 -10.84 -10.45
CA TYR B 251 2.12 -9.84 -11.51
C TYR B 251 1.91 -8.42 -10.96
N LYS B 252 2.49 -8.16 -9.81
CA LYS B 252 2.64 -6.81 -9.30
C LYS B 252 4.14 -6.61 -9.10
N ARG B 253 4.64 -5.41 -9.30
CA ARG B 253 6.02 -5.17 -8.95
C ARG B 253 6.07 -5.23 -7.42
N GLN B 254 7.20 -5.68 -6.89
CA GLN B 254 7.35 -5.90 -5.46
C GLN B 254 8.74 -5.41 -5.11
N VAL B 255 8.82 -4.56 -4.08
CA VAL B 255 10.12 -4.19 -3.55
C VAL B 255 10.09 -4.68 -2.13
N LEU B 256 10.81 -5.77 -1.87
CA LEU B 256 10.79 -6.41 -0.56
C LEU B 256 12.15 -6.26 0.13
N GLU B 257 12.19 -5.59 1.27
CA GLU B 257 13.39 -5.54 2.10
C GLU B 257 13.10 -6.36 3.33
N LEU B 258 13.88 -7.42 3.46
CA LEU B 258 13.69 -8.36 4.54
C LEU B 258 14.86 -8.12 5.52
N GLY B 259 15.13 -9.04 6.43
CA GLY B 259 16.15 -8.72 7.42
C GLY B 259 17.59 -8.65 6.93
N GLY B 260 18.48 -8.39 7.87
CA GLY B 260 19.89 -8.58 7.64
C GLY B 260 20.45 -9.41 8.80
N ASN B 261 21.75 -9.68 8.72
CA ASN B 261 22.46 -10.29 9.83
C ASN B 261 23.88 -9.85 9.63
N ASP B 262 24.09 -8.56 9.83
CA ASP B 262 25.28 -7.92 9.27
C ASP B 262 26.47 -7.90 10.21
N PRO B 263 27.66 -8.12 9.65
CA PRO B 263 28.90 -8.15 10.41
C PRO B 263 29.57 -6.80 10.52
N LEU B 264 30.25 -6.59 11.65
CA LEU B 264 31.34 -5.61 11.74
C LEU B 264 32.62 -6.44 11.87
N ILE B 265 33.55 -6.22 10.95
CA ILE B 265 34.70 -7.10 10.87
C ILE B 265 35.94 -6.31 11.31
N ILE B 266 36.68 -6.89 12.27
CA ILE B 266 37.88 -6.24 12.82
C ILE B 266 39.13 -7.01 12.32
N LEU B 267 39.95 -6.36 11.49
CA LEU B 267 41.11 -7.04 10.91
C LEU B 267 42.30 -6.89 11.80
N ASN B 268 43.25 -7.83 11.69
CA ASN B 268 44.40 -7.85 12.57
C ASN B 268 45.52 -6.83 12.31
N ASP B 269 45.32 -5.88 11.40
CA ASP B 269 46.37 -4.86 11.19
C ASP B 269 46.20 -3.66 12.12
N LEU B 270 45.10 -3.62 12.87
CA LEU B 270 44.76 -2.39 13.64
C LEU B 270 45.63 -2.13 14.90
N SER B 271 46.04 -0.89 15.09
CA SER B 271 46.68 -0.48 16.32
C SER B 271 45.70 -0.53 17.48
N ASP B 272 46.21 -0.39 18.71
CA ASP B 272 45.33 -0.35 19.87
C ASP B 272 44.41 0.89 19.86
N ASP B 273 44.95 2.04 19.46
CA ASP B 273 44.11 3.22 19.22
C ASP B 273 42.96 2.94 18.22
N ASP B 274 43.26 2.25 17.12
CA ASP B 274 42.22 1.90 16.17
C ASP B 274 41.24 0.88 16.74
N LEU B 275 41.72 -0.04 17.56
CA LEU B 275 40.83 -1.06 18.14
C LEU B 275 39.79 -0.37 19.02
N ALA B 276 40.21 0.74 19.62
CA ALA B 276 39.29 1.50 20.47
C ALA B 276 38.21 2.15 19.60
N ARG B 277 38.61 2.72 18.46
CA ARG B 277 37.63 3.34 17.58
C ARG B 277 36.68 2.27 17.05
N ALA B 278 37.24 1.11 16.72
CA ALA B 278 36.43 0.00 16.24
C ALA B 278 35.49 -0.45 17.33
N ALA B 279 35.94 -0.36 18.58
CA ALA B 279 35.09 -0.83 19.67
C ALA B 279 33.89 0.12 19.80
N ASP B 280 34.15 1.42 19.63
CA ASP B 280 33.05 2.39 19.61
C ASP B 280 32.01 2.02 18.55
N LEU B 281 32.50 1.69 17.35
CA LEU B 281 31.59 1.33 16.27
C LEU B 281 30.82 0.08 16.64
N ALA B 282 31.50 -0.88 17.23
CA ALA B 282 30.86 -2.15 17.52
C ALA B 282 29.71 -1.94 18.48
N VAL B 283 29.93 -1.10 19.50
CA VAL B 283 28.90 -0.95 20.52
C VAL B 283 27.72 -0.15 19.96
N ALA B 284 28.03 0.96 19.27
CA ALA B 284 26.98 1.80 18.70
C ALA B 284 26.18 0.96 17.72
N GLY B 285 26.89 0.29 16.83
CA GLY B 285 26.23 -0.50 15.78
C GLY B 285 25.36 -1.62 16.34
N ALA B 286 25.74 -2.20 17.48
CA ALA B 286 24.95 -3.32 18.03
C ALA B 286 23.74 -2.88 18.88
N THR B 287 23.75 -1.62 19.35
CA THR B 287 22.76 -1.20 20.34
C THR B 287 21.84 -0.04 19.93
N LYS B 288 22.28 0.80 19.00
CA LYS B 288 21.42 1.87 18.52
C LYS B 288 20.05 1.29 18.15
N ASN B 289 19.01 2.03 18.51
CA ASN B 289 17.64 1.62 18.25
C ASN B 289 17.37 0.31 18.92
N SER B 290 17.99 0.10 20.09
CA SER B 290 17.84 -1.15 20.79
C SER B 290 18.22 -2.33 19.89
N GLY B 291 19.13 -2.10 18.92
CA GLY B 291 19.55 -3.17 18.01
C GLY B 291 18.49 -3.57 16.99
N GLN B 292 17.41 -2.80 16.94
CA GLN B 292 16.32 -3.11 16.01
C GLN B 292 16.47 -2.44 14.63
N ARG B 293 17.50 -2.86 13.90
CA ARG B 293 17.76 -2.37 12.57
C ARG B 293 18.09 -3.59 11.72
N CYS B 294 17.61 -3.60 10.49
CA CYS B 294 17.96 -4.67 9.54
C CYS B 294 19.46 -4.68 9.33
N THR B 295 20.10 -3.51 9.51
CA THR B 295 21.55 -3.37 9.36
C THR B 295 22.30 -3.20 10.72
N ALA B 296 21.64 -3.49 11.83
CA ALA B 296 22.34 -3.51 13.12
C ALA B 296 23.55 -4.45 13.08
N VAL B 297 24.60 -4.11 13.81
CA VAL B 297 25.69 -5.07 14.00
C VAL B 297 25.17 -6.29 14.75
N LYS B 298 25.04 -7.42 14.07
CA LYS B 298 24.59 -8.64 14.73
C LYS B 298 25.70 -9.69 14.93
N ARG B 299 26.84 -9.48 14.29
CA ARG B 299 27.99 -10.36 14.44
C ARG B 299 29.20 -9.50 14.40
N ILE B 300 29.99 -9.48 15.47
CA ILE B 300 31.24 -8.76 15.42
C ILE B 300 32.32 -9.81 15.13
N LEU B 301 32.86 -9.79 13.92
CA LEU B 301 33.85 -10.81 13.56
C LEU B 301 35.23 -10.25 13.81
N CYS B 302 35.85 -10.71 14.91
CA CYS B 302 37.15 -10.18 15.30
C CYS B 302 38.24 -11.21 15.02
N GLN B 303 39.25 -10.80 14.24
CA GLN B 303 40.33 -11.75 13.94
C GLN B 303 41.09 -12.09 15.25
N GLU B 304 41.45 -13.35 15.39
CA GLU B 304 41.91 -13.90 16.67
C GLU B 304 43.04 -13.09 17.32
N SER B 305 44.04 -12.72 16.53
CA SER B 305 45.23 -12.13 17.12
C SER B 305 45.04 -10.71 17.71
N VAL B 306 43.86 -10.11 17.54
CA VAL B 306 43.63 -8.83 18.18
C VAL B 306 42.46 -8.89 19.12
N ALA B 307 41.83 -10.06 19.22
CA ALA B 307 40.63 -10.21 20.06
C ALA B 307 40.91 -9.93 21.54
N ASP B 308 42.08 -10.34 22.03
CA ASP B 308 42.38 -10.14 23.45
C ASP B 308 42.50 -8.66 23.82
N ARG B 309 42.97 -7.82 22.90
CA ARG B 309 43.00 -6.38 23.14
C ARG B 309 41.65 -5.71 22.81
N PHE B 310 40.92 -6.25 21.82
CA PHE B 310 39.67 -5.64 21.36
C PHE B 310 38.50 -5.84 22.36
N VAL B 311 38.25 -7.07 22.76
CA VAL B 311 37.11 -7.42 23.62
C VAL B 311 37.01 -6.53 24.89
N PRO B 312 38.13 -6.35 25.63
CA PRO B 312 38.04 -5.48 26.81
C PRO B 312 37.59 -4.05 26.46
N LEU B 313 38.04 -3.55 25.31
CA LEU B 313 37.67 -2.19 24.88
C LEU B 313 36.15 -2.13 24.60
N VAL B 314 35.60 -3.20 24.06
CA VAL B 314 34.15 -3.32 23.88
C VAL B 314 33.43 -3.36 25.20
N LEU B 315 33.89 -4.25 26.10
CA LEU B 315 33.23 -4.45 27.39
C LEU B 315 33.12 -3.10 28.13
N GLU B 316 34.23 -2.40 28.20
CA GLU B 316 34.27 -1.11 28.87
C GLU B 316 33.27 -0.12 28.30
N ARG B 317 33.12 -0.10 26.98
CA ARG B 317 32.18 0.82 26.33
C ARG B 317 30.71 0.46 26.58
N ALA B 318 30.40 -0.83 26.52
CA ALA B 318 29.05 -1.31 26.75
C ALA B 318 28.61 -0.91 28.18
N LYS B 319 29.53 -1.03 29.13
CA LYS B 319 29.19 -0.79 30.54
C LYS B 319 28.82 0.67 30.79
N ARG B 320 29.32 1.58 29.95
CA ARG B 320 28.93 2.97 30.05
C ARG B 320 27.50 3.27 29.62
N LEU B 321 26.86 2.35 28.90
CA LEU B 321 25.53 2.65 28.35
C LEU B 321 24.46 2.68 29.45
N ARG B 322 23.63 3.72 29.43
CA ARG B 322 22.51 3.76 30.37
C ARG B 322 21.28 3.18 29.70
N PHE B 323 20.77 2.10 30.29
CA PHE B 323 19.58 1.45 29.76
C PHE B 323 18.52 1.55 30.84
N GLY B 324 17.30 1.81 30.43
CA GLY B 324 16.19 1.95 31.35
C GLY B 324 15.05 2.73 30.72
N ASP B 325 14.39 3.55 31.54
CA ASP B 325 13.20 4.30 31.16
C ASP B 325 13.42 5.10 29.87
N PRO B 326 12.73 4.70 28.79
CA PRO B 326 12.90 5.26 27.43
C PRO B 326 12.58 6.75 27.42
N MET B 327 11.65 7.21 28.26
CA MET B 327 11.29 8.65 28.34
C MET B 327 12.32 9.49 29.10
N ASP B 328 13.23 8.84 29.82
CA ASP B 328 14.28 9.59 30.51
C ASP B 328 15.31 10.06 29.50
N ARG B 329 15.49 11.37 29.39
CA ARG B 329 16.37 11.94 28.36
C ARG B 329 17.83 11.55 28.45
N SER B 330 18.19 10.88 29.53
CA SER B 330 19.58 10.49 29.70
C SER B 330 19.75 9.01 29.36
N THR B 331 18.63 8.32 29.15
CA THR B 331 18.68 6.91 28.75
C THR B 331 19.31 6.76 27.34
N ASP B 332 20.28 5.86 27.19
CA ASP B 332 20.83 5.55 25.88
C ASP B 332 19.96 4.47 25.23
N LEU B 333 19.76 3.40 25.96
CA LEU B 333 19.12 2.23 25.41
C LEU B 333 17.78 1.99 26.11
N GLY B 334 16.69 2.05 25.35
CA GLY B 334 15.35 1.76 25.87
C GLY B 334 15.09 0.26 25.71
N THR B 335 13.81 -0.13 25.63
CA THR B 335 13.44 -1.53 25.52
C THR B 335 13.43 -2.02 24.09
N VAL B 336 13.21 -3.32 23.91
CA VAL B 336 12.89 -3.86 22.59
C VAL B 336 11.36 -3.90 22.48
N ILE B 337 10.87 -4.36 21.32
CA ILE B 337 9.48 -4.20 20.96
C ILE B 337 8.53 -4.84 21.99
N HIS B 338 8.94 -5.95 22.59
CA HIS B 338 8.13 -6.57 23.64
C HIS B 338 8.89 -7.62 24.48
N GLU B 339 8.26 -8.09 25.53
CA GLU B 339 8.88 -9.01 26.49
C GLU B 339 9.22 -10.36 25.87
N LYS B 340 8.32 -10.89 25.07
CA LYS B 340 8.59 -12.14 24.33
C LYS B 340 9.88 -12.06 23.49
N ALA B 341 10.08 -10.96 22.79
CA ALA B 341 11.28 -10.81 21.97
C ALA B 341 12.52 -10.74 22.87
N ALA B 342 12.44 -9.96 23.92
CA ALA B 342 13.54 -9.82 24.84
C ALA B 342 13.91 -11.15 25.48
N ALA B 343 12.89 -11.94 25.81
CA ALA B 343 13.12 -13.27 26.39
C ALA B 343 13.80 -14.20 25.39
N LEU B 344 13.32 -14.18 24.14
CA LEU B 344 13.90 -15.02 23.09
C LEU B 344 15.40 -14.70 22.95
N PHE B 345 15.74 -13.42 22.90
CA PHE B 345 17.11 -13.01 22.68
C PHE B 345 18.00 -13.47 23.83
N GLU B 346 17.47 -13.34 25.05
CA GLU B 346 18.21 -13.78 26.22
C GLU B 346 18.43 -15.30 26.23
N GLU B 347 17.41 -16.04 25.83
CA GLU B 347 17.55 -17.46 25.62
C GLU B 347 18.73 -17.76 24.71
N ARG B 348 18.80 -17.08 23.56
CA ARG B 348 19.82 -17.36 22.57
C ARG B 348 21.18 -17.12 23.18
N VAL B 349 21.24 -16.11 24.05
CA VAL B 349 22.51 -15.80 24.69
C VAL B 349 22.91 -16.94 25.63
N MET B 350 21.96 -17.42 26.42
CA MET B 350 22.21 -18.56 27.31
C MET B 350 22.60 -19.86 26.57
N ARG B 351 21.86 -20.19 25.53
CA ARG B 351 22.16 -21.33 24.69
C ARG B 351 23.58 -21.24 24.13
N ALA B 352 24.01 -20.04 23.77
CA ALA B 352 25.35 -19.83 23.19
C ALA B 352 26.45 -20.04 24.22
N ALA B 353 26.18 -19.63 25.46
CA ALA B 353 27.10 -19.87 26.55
C ALA B 353 27.24 -21.37 26.88
N GLU B 354 26.16 -22.13 26.77
CA GLU B 354 26.20 -23.60 26.95
C GLU B 354 27.08 -24.25 25.88
N GLU B 355 27.26 -23.55 24.77
CA GLU B 355 27.96 -24.10 23.62
C GLU B 355 29.36 -23.49 23.57
N GLY B 356 29.72 -22.78 24.64
CA GLY B 356 31.08 -22.35 24.81
C GLY B 356 31.30 -20.85 24.90
N ALA B 357 30.22 -20.10 24.71
CA ALA B 357 30.34 -18.64 24.71
C ALA B 357 30.66 -18.12 26.09
N ASP B 358 31.24 -16.93 26.16
CA ASP B 358 31.64 -16.38 27.44
C ASP B 358 30.92 -15.05 27.71
N ILE B 359 29.88 -15.10 28.55
CA ILE B 359 29.12 -13.90 28.89
C ILE B 359 29.93 -12.97 29.79
N LEU B 360 30.29 -11.79 29.28
CA LEU B 360 31.15 -10.85 30.02
C LEU B 360 30.38 -9.77 30.78
N TYR B 361 29.13 -9.57 30.38
CA TYR B 361 28.33 -8.48 30.93
C TYR B 361 26.88 -8.71 30.65
N HIS B 362 26.11 -8.88 31.72
CA HIS B 362 24.69 -9.21 31.65
C HIS B 362 24.06 -8.86 33.00
N PRO B 363 23.76 -7.58 33.19
CA PRO B 363 23.13 -7.09 34.43
C PRO B 363 21.68 -7.57 34.61
N GLY B 364 21.17 -8.40 33.71
CA GLY B 364 19.86 -8.98 33.95
C GLY B 364 18.74 -8.27 33.21
N ARG B 365 17.83 -9.07 32.65
CA ARG B 365 16.74 -8.57 31.87
C ARG B 365 15.58 -8.18 32.79
N SER B 366 14.82 -7.18 32.38
CA SER B 366 13.64 -6.76 33.11
C SER B 366 12.46 -6.50 32.15
N GLY B 367 11.64 -7.52 31.91
CA GLY B 367 10.56 -7.43 30.96
C GLY B 367 11.10 -7.24 29.54
N ALA B 368 10.74 -6.14 28.91
CA ALA B 368 11.16 -5.88 27.54
C ALA B 368 12.49 -5.11 27.55
N LEU B 369 12.97 -4.78 28.74
CA LEU B 369 14.23 -4.09 28.85
C LEU B 369 15.43 -5.04 28.89
N LEU B 370 16.19 -5.03 27.81
CA LEU B 370 17.37 -5.87 27.70
C LEU B 370 18.58 -4.95 27.87
N PRO B 371 19.52 -5.35 28.70
CA PRO B 371 20.78 -4.60 28.79
C PRO B 371 21.65 -4.92 27.58
N PRO B 372 22.70 -4.12 27.33
CA PRO B 372 23.60 -4.40 26.22
C PRO B 372 24.57 -5.54 26.56
N ILE B 373 24.05 -6.75 26.69
CA ILE B 373 24.82 -7.94 27.01
C ILE B 373 26.04 -8.12 26.10
N VAL B 374 27.23 -8.24 26.69
CA VAL B 374 28.45 -8.54 25.95
C VAL B 374 28.77 -10.03 26.08
N VAL B 375 28.84 -10.73 24.93
CA VAL B 375 29.20 -12.15 24.83
C VAL B 375 30.43 -12.33 23.93
N ASP B 376 31.46 -13.02 24.42
CA ASP B 376 32.67 -13.30 23.66
C ASP B 376 32.72 -14.77 23.31
N ARG B 377 33.62 -15.14 22.39
CA ARG B 377 33.71 -16.53 21.91
C ARG B 377 32.38 -17.13 21.50
N VAL B 378 31.56 -16.37 20.79
CA VAL B 378 30.30 -16.91 20.30
C VAL B 378 30.57 -17.84 19.13
N PRO B 379 30.01 -19.07 19.17
CA PRO B 379 30.08 -20.00 18.03
C PRO B 379 29.31 -19.41 16.85
N HIS B 380 29.90 -19.45 15.66
CA HIS B 380 29.28 -18.85 14.49
C HIS B 380 27.99 -19.56 14.09
N GLN B 381 27.83 -20.82 14.46
CA GLN B 381 26.65 -21.58 14.06
C GLN B 381 25.61 -21.60 15.18
N SER B 382 25.92 -20.93 16.29
CA SER B 382 24.91 -20.82 17.36
C SER B 382 23.75 -19.90 16.95
N ASP B 383 22.58 -20.14 17.52
CA ASP B 383 21.38 -19.41 17.10
C ASP B 383 21.47 -17.90 17.27
N LEU B 384 22.16 -17.49 18.33
CA LEU B 384 22.36 -16.09 18.57
C LEU B 384 22.83 -15.32 17.33
N VAL B 385 23.76 -15.87 16.55
CA VAL B 385 24.36 -15.14 15.42
C VAL B 385 24.02 -15.72 14.05
N LEU B 386 23.46 -16.93 14.03
CA LEU B 386 23.22 -17.62 12.76
C LEU B 386 21.85 -17.20 12.27
N GLU B 387 20.92 -17.14 13.21
CA GLU B 387 19.66 -16.51 12.97
C GLU B 387 19.84 -15.00 13.19
N GLU B 388 18.86 -14.20 12.74
CA GLU B 388 18.84 -12.76 13.02
C GLU B 388 18.28 -12.50 14.46
N THR B 389 19.08 -11.86 15.30
CA THR B 389 18.70 -11.53 16.68
C THR B 389 18.52 -10.01 16.85
N PHE B 390 17.26 -9.60 16.91
CA PHE B 390 16.87 -8.22 16.67
C PHE B 390 16.89 -7.42 17.99
N GLY B 391 18.00 -7.54 18.73
CA GLY B 391 18.11 -6.85 20.01
C GLY B 391 19.52 -6.36 20.25
N PRO B 392 19.73 -5.69 21.39
CA PRO B 392 20.99 -4.98 21.66
C PRO B 392 22.09 -5.89 22.21
N ILE B 393 22.15 -7.14 21.74
CA ILE B 393 23.25 -8.02 22.05
C ILE B 393 24.54 -7.58 21.33
N ILE B 394 25.67 -7.69 22.02
CA ILE B 394 26.97 -7.36 21.48
C ILE B 394 27.79 -8.64 21.45
N PRO B 395 27.67 -9.41 20.36
CA PRO B 395 28.28 -10.76 20.33
C PRO B 395 29.57 -10.76 19.49
N ILE B 396 30.70 -11.06 20.12
CA ILE B 396 31.98 -11.19 19.41
C ILE B 396 32.26 -12.66 18.96
N VAL B 397 32.36 -12.87 17.65
CA VAL B 397 32.75 -14.17 17.10
C VAL B 397 34.23 -14.06 16.76
N ARG B 398 35.04 -14.93 17.36
CA ARG B 398 36.46 -14.92 17.05
C ARG B 398 36.72 -15.68 15.74
N VAL B 399 37.41 -15.05 14.81
CA VAL B 399 37.61 -15.69 13.50
C VAL B 399 39.09 -15.76 13.22
N PRO B 400 39.49 -16.62 12.26
CA PRO B 400 40.90 -16.80 11.95
C PRO B 400 41.60 -15.53 11.48
N ASP B 401 42.92 -15.52 11.65
CA ASP B 401 43.74 -14.50 11.05
C ASP B 401 43.99 -14.87 9.60
N ASP B 402 42.88 -15.02 8.87
CA ASP B 402 42.93 -15.36 7.47
C ASP B 402 41.73 -14.76 6.78
N ASP B 403 41.98 -13.89 5.80
CA ASP B 403 40.89 -13.16 5.18
C ASP B 403 39.91 -14.07 4.45
N ASP B 404 40.42 -15.03 3.69
CA ASP B 404 39.54 -15.92 2.94
C ASP B 404 38.59 -16.67 3.87
N ALA B 405 39.11 -17.11 5.02
CA ALA B 405 38.28 -17.83 5.96
C ALA B 405 37.27 -16.86 6.59
N THR B 406 37.73 -15.65 6.87
CA THR B 406 36.84 -14.64 7.46
C THR B 406 35.70 -14.31 6.48
N ILE B 407 36.04 -14.08 5.23
CA ILE B 407 35.04 -13.78 4.20
C ILE B 407 34.02 -14.95 4.05
N THR B 408 34.53 -16.18 4.02
CA THR B 408 33.66 -17.34 3.88
C THR B 408 32.67 -17.43 5.02
N LEU B 409 33.20 -17.24 6.22
CA LEU B 409 32.40 -17.18 7.44
C LEU B 409 31.36 -16.06 7.35
N SER B 410 31.80 -14.86 6.97
CA SER B 410 30.88 -13.73 6.90
C SER B 410 29.72 -14.03 5.94
N ASN B 411 30.02 -14.67 4.81
CA ASN B 411 29.00 -14.97 3.81
C ASN B 411 28.20 -16.24 4.06
N SER B 412 28.45 -16.88 5.19
CA SER B 412 27.87 -18.19 5.45
C SER B 412 26.40 -18.21 5.93
N THR B 413 25.78 -17.04 6.14
CA THR B 413 24.36 -17.02 6.60
C THR B 413 23.42 -16.88 5.40
N ALA B 414 22.11 -16.99 5.65
CA ALA B 414 21.13 -16.79 4.59
C ALA B 414 20.96 -15.30 4.16
N PHE B 415 21.57 -14.37 4.88
CA PHE B 415 21.41 -12.94 4.64
C PHE B 415 22.56 -12.30 3.86
N GLY B 416 22.28 -11.13 3.29
CA GLY B 416 23.30 -10.35 2.61
C GLY B 416 22.83 -8.91 2.40
N LEU B 417 22.97 -8.08 3.43
CA LEU B 417 22.45 -6.73 3.34
C LEU B 417 23.61 -5.74 3.39
N SER B 418 24.12 -5.49 4.59
CA SER B 418 25.21 -4.56 4.73
C SER B 418 26.38 -5.19 5.52
N SER B 419 27.43 -4.40 5.74
CA SER B 419 28.61 -4.87 6.46
C SER B 419 29.50 -3.68 6.71
N GLY B 420 30.38 -3.82 7.71
CA GLY B 420 31.39 -2.81 7.96
C GLY B 420 32.71 -3.54 8.19
N VAL B 421 33.80 -2.93 7.74
CA VAL B 421 35.12 -3.55 7.89
C VAL B 421 36.08 -2.50 8.43
N CYS B 422 36.79 -2.82 9.52
CA CYS B 422 37.78 -1.88 10.04
C CYS B 422 39.20 -2.40 9.74
N THR B 423 39.93 -1.66 8.93
CA THR B 423 41.28 -2.03 8.59
C THR B 423 41.88 -0.79 8.00
N ASN B 424 43.21 -0.71 7.90
CA ASN B 424 43.85 0.40 7.17
C ASN B 424 44.65 -0.11 5.95
N ASP B 425 44.56 -1.40 5.71
CA ASP B 425 45.29 -1.99 4.61
C ASP B 425 44.40 -1.90 3.37
N TYR B 426 44.72 -1.01 2.44
CA TYR B 426 43.90 -0.89 1.23
C TYR B 426 43.65 -2.24 0.52
N ARG B 427 44.68 -3.05 0.40
CA ARG B 427 44.59 -4.30 -0.35
C ARG B 427 43.51 -5.16 0.26
N ARG B 428 43.46 -5.15 1.59
CA ARG B 428 42.48 -5.95 2.31
C ARG B 428 41.08 -5.32 2.22
N MET B 429 41.01 -4.01 2.36
CA MET B 429 39.78 -3.28 2.08
C MET B 429 39.15 -3.74 0.76
N GLN B 430 39.90 -3.61 -0.35
CA GLN B 430 39.28 -3.96 -1.64
C GLN B 430 38.96 -5.44 -1.74
N LYS B 431 39.72 -6.26 -1.04
CA LYS B 431 39.40 -7.71 -1.05
C LYS B 431 38.03 -7.97 -0.40
N TYR B 432 37.77 -7.32 0.74
CA TYR B 432 36.48 -7.45 1.41
C TYR B 432 35.33 -6.84 0.60
N ILE B 433 35.56 -5.65 0.05
CA ILE B 433 34.57 -4.97 -0.77
C ILE B 433 34.15 -5.89 -1.90
N ALA B 434 35.13 -6.46 -2.60
CA ALA B 434 34.83 -7.43 -3.68
C ALA B 434 34.23 -8.74 -3.21
N GLY B 435 34.61 -9.20 -2.02
CA GLY B 435 34.29 -10.57 -1.65
C GLY B 435 33.05 -10.82 -0.80
N LEU B 436 32.64 -9.82 -0.03
CA LEU B 436 31.45 -9.98 0.80
C LEU B 436 30.20 -9.98 -0.07
N LYS B 437 29.33 -10.93 0.17
CA LYS B 437 28.11 -11.01 -0.62
C LYS B 437 26.95 -10.24 0.01
N VAL B 438 26.92 -8.94 -0.23
CA VAL B 438 26.05 -8.04 0.48
C VAL B 438 25.75 -6.89 -0.50
N GLY B 439 24.77 -6.04 -0.20
CA GLY B 439 24.53 -4.85 -1.02
C GLY B 439 25.41 -3.65 -0.69
N THR B 440 26.06 -3.67 0.48
CA THR B 440 26.85 -2.53 0.96
C THR B 440 28.05 -3.00 1.80
N VAL B 441 29.20 -2.41 1.56
CA VAL B 441 30.37 -2.60 2.42
C VAL B 441 30.87 -1.24 2.88
N ASN B 442 30.77 -0.98 4.18
CA ASN B 442 31.27 0.29 4.73
C ASN B 442 32.64 0.13 5.37
N ILE B 443 33.63 0.88 4.89
CA ILE B 443 34.95 0.81 5.47
C ILE B 443 34.98 1.77 6.65
N TRP B 444 35.23 1.23 7.85
CA TRP B 444 35.39 2.07 9.05
C TRP B 444 34.07 2.75 9.41
N GLU B 445 32.96 2.07 9.16
CA GLU B 445 31.66 2.52 9.64
C GLU B 445 30.79 1.32 9.93
N VAL B 446 29.69 1.52 10.65
CA VAL B 446 28.81 0.39 10.93
C VAL B 446 28.05 0.00 9.66
N PRO B 447 27.62 -1.24 9.58
CA PRO B 447 26.87 -1.66 8.38
C PRO B 447 25.64 -0.81 8.22
N GLY B 448 25.16 -0.18 9.29
CA GLY B 448 23.94 0.62 9.19
C GLY B 448 24.14 1.98 8.51
N TYR B 449 25.39 2.40 8.34
CA TYR B 449 25.59 3.73 7.78
C TYR B 449 25.17 3.84 6.30
N ARG B 450 24.36 4.85 6.01
CA ARG B 450 24.04 5.23 4.62
C ARG B 450 23.52 6.66 4.66
N ILE B 451 23.40 7.29 3.50
CA ILE B 451 22.63 8.53 3.44
C ILE B 451 21.21 8.14 2.95
N GLU B 452 20.20 8.99 3.16
CA GLU B 452 18.84 8.55 2.92
C GLU B 452 18.56 8.46 1.40
N MET B 453 19.49 8.91 0.58
CA MET B 453 19.28 8.85 -0.86
C MET B 453 20.28 7.95 -1.66
N SER B 454 21.14 7.18 -0.99
CA SER B 454 22.03 6.26 -1.70
C SER B 454 21.34 4.92 -1.93
N PRO B 455 21.75 4.18 -2.97
CA PRO B 455 21.07 2.89 -3.25
C PRO B 455 21.18 1.93 -2.06
N PHE B 456 20.05 1.42 -1.63
CA PHE B 456 20.02 0.57 -0.46
C PHE B 456 19.21 -0.69 -0.79
N GLY B 457 19.75 -1.85 -0.45
CA GLY B 457 19.04 -3.10 -0.63
C GLY B 457 20.01 -4.26 -0.60
N GLY B 458 19.51 -5.43 -0.20
CA GLY B 458 20.41 -6.56 -0.06
C GLY B 458 20.11 -7.61 -1.12
N ILE B 459 20.76 -8.76 -0.95
CA ILE B 459 20.52 -9.91 -1.82
C ILE B 459 20.25 -11.12 -0.94
N LYS B 460 20.23 -12.30 -1.53
CA LYS B 460 19.93 -13.52 -0.76
C LYS B 460 18.60 -13.35 -0.06
N ASP B 461 18.50 -13.71 1.23
CA ASP B 461 17.19 -13.58 1.93
C ASP B 461 16.94 -12.15 2.41
N SER B 462 17.93 -11.27 2.25
CA SER B 462 17.79 -9.89 2.76
C SER B 462 16.83 -9.04 1.90
N GLY B 463 16.64 -9.41 0.64
CA GLY B 463 15.77 -8.64 -0.22
C GLY B 463 15.57 -9.33 -1.55
N ASN B 464 14.50 -8.97 -2.28
CA ASN B 464 14.25 -9.59 -3.60
C ASN B 464 15.05 -8.98 -4.75
N GLY B 465 15.97 -8.06 -4.44
CA GLY B 465 16.96 -7.63 -5.41
C GLY B 465 16.70 -6.27 -6.06
N TYR B 466 15.81 -5.46 -5.50
CA TYR B 466 15.62 -4.11 -6.01
C TYR B 466 16.14 -3.10 -4.98
N LYS B 467 16.76 -2.02 -5.47
CA LYS B 467 17.20 -0.94 -4.58
C LYS B 467 16.10 0.02 -4.11
N GLU B 468 16.36 0.60 -2.93
CA GLU B 468 15.47 1.52 -2.23
C GLU B 468 16.34 2.75 -1.96
N GLY B 469 15.94 3.59 -1.01
CA GLY B 469 16.59 4.88 -0.81
C GLY B 469 15.79 5.86 -1.65
N VAL B 470 15.85 7.14 -1.30
CA VAL B 470 15.02 8.13 -1.96
C VAL B 470 15.10 8.11 -3.49
N ILE B 471 16.32 8.05 -4.02
CA ILE B 471 16.49 8.15 -5.47
C ILE B 471 15.97 6.89 -6.19
N GLU B 472 16.37 5.72 -5.74
CA GLU B 472 15.94 4.50 -6.42
C GLU B 472 14.45 4.25 -6.18
N ALA B 473 13.92 4.71 -5.06
CA ALA B 473 12.49 4.52 -4.85
C ALA B 473 11.72 5.34 -5.87
N MET B 474 12.17 6.56 -6.13
CA MET B 474 11.46 7.46 -7.04
C MET B 474 11.46 6.84 -8.43
N LYS B 475 12.59 6.27 -8.84
CA LYS B 475 12.61 5.59 -10.13
C LYS B 475 11.65 4.41 -10.16
N SER B 476 11.71 3.63 -9.10
CA SER B 476 10.95 2.40 -8.95
C SER B 476 9.42 2.64 -8.95
N PHE B 477 9.00 3.85 -8.50
CA PHE B 477 7.59 4.21 -8.38
C PHE B 477 7.08 4.84 -9.67
N THR B 478 7.85 4.75 -10.76
CA THR B 478 7.37 5.30 -12.02
C THR B 478 7.48 4.28 -13.15
N ASN B 479 6.80 4.56 -14.24
CA ASN B 479 7.04 3.85 -15.51
C ASN B 479 7.80 4.78 -16.44
N VAL B 480 8.83 4.27 -17.08
CA VAL B 480 9.47 5.05 -18.14
C VAL B 480 8.68 4.92 -19.42
N LYS B 481 8.35 6.07 -20.03
CA LYS B 481 7.74 6.08 -21.36
C LYS B 481 8.74 6.72 -22.35
N THR B 482 8.89 6.13 -23.54
CA THR B 482 9.80 6.69 -24.53
C THR B 482 8.92 7.30 -25.59
N PHE B 483 9.42 8.29 -26.30
CA PHE B 483 8.78 8.76 -27.53
C PHE B 483 9.85 9.14 -28.55
N SER B 484 9.54 8.99 -29.84
CA SER B 484 10.55 9.29 -30.88
C SER B 484 9.96 10.33 -31.82
N LEU B 485 10.83 11.20 -32.28
CA LEU B 485 10.46 12.23 -33.25
C LEU B 485 11.38 12.18 -34.46
N PRO B 486 10.82 12.42 -35.66
CA PRO B 486 11.64 12.53 -36.87
C PRO B 486 12.67 13.63 -36.63
N TRP B 487 13.91 13.43 -37.04
CA TRP B 487 14.92 14.41 -36.83
C TRP B 487 15.84 14.51 -38.07
N HIS C 15 18.32 -32.94 -37.43
CA HIS C 15 18.42 -33.46 -36.04
C HIS C 15 19.50 -32.75 -35.20
N GLU C 16 19.07 -31.98 -34.22
CA GLU C 16 20.02 -31.18 -33.41
C GLU C 16 19.90 -31.46 -31.92
N PRO C 17 21.01 -31.85 -31.30
CA PRO C 17 21.02 -32.09 -29.84
C PRO C 17 20.98 -30.77 -29.10
N MET C 18 20.67 -30.83 -27.81
CA MET C 18 20.80 -29.68 -26.93
C MET C 18 22.24 -29.24 -26.81
N ARG C 19 22.47 -27.98 -26.47
CA ARG C 19 23.79 -27.52 -26.15
C ARG C 19 23.80 -27.20 -24.65
N ILE C 20 24.45 -28.06 -23.87
CA ILE C 20 24.56 -27.83 -22.43
C ILE C 20 26.02 -27.52 -22.08
N ALA C 21 26.29 -26.24 -21.84
CA ALA C 21 27.65 -25.78 -21.63
C ALA C 21 28.62 -26.32 -22.68
N GLY C 22 28.22 -26.24 -23.95
CA GLY C 22 29.11 -26.64 -25.03
C GLY C 22 29.10 -28.13 -25.36
N ARG C 23 28.46 -28.94 -24.52
CA ARG C 23 28.34 -30.37 -24.86
C ARG C 23 27.06 -30.64 -25.64
N LEU C 24 27.12 -31.54 -26.61
CA LEU C 24 25.89 -31.96 -27.30
C LEU C 24 25.20 -33.02 -26.47
N VAL C 25 23.94 -32.76 -26.11
CA VAL C 25 23.21 -33.68 -25.25
C VAL C 25 21.91 -34.08 -25.90
N ASP C 26 21.70 -35.40 -25.98
CA ASP C 26 20.59 -35.98 -26.70
C ASP C 26 19.65 -36.77 -25.80
N THR C 27 18.41 -36.98 -26.26
CA THR C 27 17.47 -37.89 -25.61
C THR C 27 16.96 -38.87 -26.64
N ASP C 28 16.27 -39.90 -26.18
CA ASP C 28 15.65 -40.84 -27.10
C ASP C 28 14.45 -40.21 -27.82
N ASP C 29 13.55 -39.63 -27.03
CA ASP C 29 12.37 -39.01 -27.59
C ASP C 29 12.77 -37.72 -28.29
N ARG C 30 12.01 -37.37 -29.32
CA ARG C 30 12.28 -36.18 -30.13
C ARG C 30 11.09 -35.26 -30.20
N VAL C 31 11.38 -33.97 -30.38
CA VAL C 31 10.38 -32.98 -30.75
C VAL C 31 10.60 -32.70 -32.24
N GLU C 32 9.54 -32.83 -33.04
CA GLU C 32 9.62 -32.57 -34.48
C GLU C 32 9.39 -31.09 -34.77
N VAL C 33 10.22 -30.52 -35.63
CA VAL C 33 10.00 -29.12 -36.04
C VAL C 33 9.47 -29.05 -37.46
N ARG C 34 8.32 -28.42 -37.65
CA ARG C 34 7.70 -28.42 -38.97
C ARG C 34 7.75 -27.06 -39.67
N TYR C 35 7.99 -27.11 -40.98
CA TYR C 35 7.94 -25.95 -41.87
C TYR C 35 6.48 -25.53 -42.13
N PRO C 36 6.09 -24.33 -41.67
CA PRO C 36 4.66 -24.03 -41.71
C PRO C 36 4.15 -23.87 -43.14
N TRP C 37 5.06 -23.66 -44.07
CA TRP C 37 4.67 -23.54 -45.47
C TRP C 37 4.00 -24.81 -46.00
N ASN C 38 4.59 -25.96 -45.72
CA ASN C 38 4.06 -27.22 -46.28
C ASN C 38 3.92 -28.32 -45.21
N ASP C 39 4.07 -27.93 -43.95
CA ASP C 39 3.88 -28.83 -42.82
C ASP C 39 4.82 -30.03 -42.82
N THR C 40 5.95 -29.93 -43.52
CA THR C 40 6.92 -31.02 -43.49
C THR C 40 7.89 -30.87 -42.32
N VAL C 41 8.39 -32.00 -41.84
CA VAL C 41 9.39 -32.01 -40.78
C VAL C 41 10.72 -31.54 -41.36
N VAL C 42 11.25 -30.43 -40.84
CA VAL C 42 12.53 -29.93 -41.34
C VAL C 42 13.63 -30.21 -40.35
N GLY C 43 13.26 -30.60 -39.13
CA GLY C 43 14.25 -30.85 -38.09
C GLY C 43 13.72 -31.54 -36.85
N THR C 44 14.64 -31.96 -35.99
CA THR C 44 14.23 -32.54 -34.74
C THR C 44 15.17 -32.09 -33.61
N VAL C 45 14.64 -31.90 -32.41
CA VAL C 45 15.49 -31.61 -31.23
C VAL C 45 15.02 -32.49 -30.08
N PRO C 46 15.87 -32.68 -29.07
CA PRO C 46 15.51 -33.60 -27.96
C PRO C 46 14.30 -33.17 -27.19
N ALA C 47 13.55 -34.14 -26.69
CA ALA C 47 12.50 -33.88 -25.70
C ALA C 47 13.19 -33.85 -24.34
N GLY C 48 13.87 -32.73 -24.04
CA GLY C 48 14.61 -32.61 -22.79
C GLY C 48 13.69 -32.64 -21.56
N ARG C 49 14.25 -32.99 -20.41
CA ARG C 49 13.47 -33.08 -19.19
C ARG C 49 14.06 -32.18 -18.12
N ALA C 50 13.42 -32.15 -16.96
CA ALA C 50 13.81 -31.24 -15.87
C ALA C 50 15.28 -31.40 -15.56
N GLU C 51 15.73 -32.64 -15.59
CA GLU C 51 17.10 -32.97 -15.19
C GLU C 51 18.12 -32.31 -16.12
N HIS C 52 17.79 -32.17 -17.40
CA HIS C 52 18.70 -31.45 -18.30
C HIS C 52 18.81 -29.96 -17.92
N ALA C 53 17.69 -29.30 -17.71
CA ALA C 53 17.69 -27.92 -17.25
C ALA C 53 18.46 -27.84 -15.93
N ARG C 54 18.15 -28.77 -15.04
CA ARG C 54 18.81 -28.80 -13.73
C ARG C 54 20.32 -28.86 -13.86
N GLU C 55 20.82 -29.72 -14.73
CA GLU C 55 22.27 -29.79 -14.94
C GLU C 55 22.83 -28.48 -15.53
N ALA C 56 22.08 -27.87 -16.44
CA ALA C 56 22.58 -26.64 -17.06
C ALA C 56 22.68 -25.55 -15.99
N PHE C 57 21.70 -25.47 -15.12
CA PHE C 57 21.68 -24.45 -14.09
C PHE C 57 22.79 -24.66 -13.09
N ALA C 58 23.05 -25.93 -12.74
CA ALA C 58 24.14 -26.22 -11.79
C ALA C 58 25.50 -25.78 -12.38
N ILE C 59 25.72 -26.07 -13.66
CA ILE C 59 26.95 -25.65 -14.32
C ILE C 59 27.01 -24.12 -14.36
N ALA C 60 25.87 -23.48 -14.62
CA ALA C 60 25.82 -22.02 -14.72
C ALA C 60 26.18 -21.40 -13.38
N ALA C 61 25.55 -21.91 -12.31
CA ALA C 61 25.79 -21.43 -10.96
C ALA C 61 27.23 -21.61 -10.52
N ALA C 62 27.82 -22.75 -10.84
CA ALA C 62 29.19 -23.04 -10.34
C ALA C 62 30.25 -22.22 -11.06
N TYR C 63 30.00 -21.85 -12.31
CA TYR C 63 31.00 -21.15 -13.09
C TYR C 63 30.99 -19.64 -12.78
N GLN C 64 32.15 -19.06 -12.47
CA GLN C 64 32.26 -17.64 -12.18
C GLN C 64 33.04 -16.93 -13.30
N PRO C 65 32.34 -16.30 -14.23
CA PRO C 65 33.06 -15.68 -15.36
C PRO C 65 34.11 -14.68 -14.89
N LYS C 66 35.28 -14.70 -15.52
CA LYS C 66 36.34 -13.72 -15.23
C LYS C 66 36.70 -12.86 -16.45
N LEU C 67 35.89 -12.91 -17.50
CA LEU C 67 36.17 -12.13 -18.70
C LEU C 67 36.32 -10.65 -18.36
N THR C 68 37.37 -10.02 -18.87
CA THR C 68 37.50 -8.57 -18.83
C THR C 68 36.42 -7.97 -19.74
N ARG C 69 36.17 -6.67 -19.62
CA ARG C 69 35.24 -6.03 -20.51
C ARG C 69 35.75 -6.12 -21.96
N TYR C 70 37.07 -6.12 -22.11
CA TYR C 70 37.64 -6.25 -23.44
C TYR C 70 37.31 -7.61 -24.05
N GLU C 71 37.56 -8.67 -23.29
CA GLU C 71 37.25 -10.02 -23.77
C GLU C 71 35.76 -10.20 -24.09
N ARG C 72 34.88 -9.65 -23.25
CA ARG C 72 33.44 -9.68 -23.54
C ARG C 72 33.14 -8.95 -24.85
N GLN C 73 33.71 -7.76 -25.02
CA GLN C 73 33.47 -7.00 -26.24
C GLN C 73 33.89 -7.82 -27.46
N LYS C 74 35.05 -8.45 -27.35
CA LYS C 74 35.63 -9.20 -28.45
C LYS C 74 34.72 -10.40 -28.84
N ILE C 75 34.26 -11.16 -27.86
CA ILE C 75 33.30 -12.24 -28.12
C ILE C 75 32.02 -11.73 -28.80
N LEU C 76 31.42 -10.68 -28.25
CA LEU C 76 30.19 -10.12 -28.78
C LEU C 76 30.35 -9.56 -30.19
N LEU C 77 31.47 -8.89 -30.47
CA LEU C 77 31.69 -8.30 -31.79
C LEU C 77 32.01 -9.43 -32.78
N ALA C 78 32.77 -10.42 -32.36
CA ALA C 78 33.00 -11.60 -33.22
C ALA C 78 31.69 -12.34 -33.52
N THR C 79 30.75 -12.30 -32.57
CA THR C 79 29.45 -12.94 -32.82
C THR C 79 28.69 -12.14 -33.87
N ALA C 80 28.77 -10.81 -33.77
CA ALA C 80 28.11 -9.99 -34.77
C ALA C 80 28.68 -10.30 -36.17
N GLU C 81 30.00 -10.38 -36.28
CA GLU C 81 30.64 -10.65 -37.57
C GLU C 81 30.20 -12.00 -38.13
N ALA C 82 30.07 -12.98 -37.25
CA ALA C 82 29.61 -14.32 -37.69
C ALA C 82 28.17 -14.25 -38.21
N LEU C 83 27.33 -13.49 -37.50
CA LEU C 83 25.92 -13.36 -37.90
C LEU C 83 25.86 -12.77 -39.29
N ALA C 84 26.69 -11.76 -39.54
CA ALA C 84 26.70 -11.09 -40.85
C ALA C 84 27.23 -12.02 -41.94
N ALA C 85 28.32 -12.70 -41.64
CA ALA C 85 28.92 -13.64 -42.59
C ALA C 85 28.02 -14.84 -42.90
N ARG C 86 27.18 -15.25 -41.96
CA ARG C 86 26.35 -16.44 -42.16
C ARG C 86 24.87 -16.08 -42.28
N LYS C 87 24.61 -14.83 -42.62
CA LYS C 87 23.22 -14.37 -42.56
C LYS C 87 22.25 -15.17 -43.41
N GLU C 88 22.69 -15.64 -44.56
CA GLU C 88 21.82 -16.40 -45.42
C GLU C 88 21.52 -17.77 -44.81
N GLU C 89 22.56 -18.47 -44.38
CA GLU C 89 22.40 -19.73 -43.67
C GLU C 89 21.44 -19.58 -42.49
N ILE C 90 21.67 -18.55 -41.67
CA ILE C 90 20.88 -18.35 -40.47
C ILE C 90 19.42 -18.06 -40.84
N SER C 91 19.21 -17.12 -41.77
CA SER C 91 17.86 -16.81 -42.16
C SER C 91 17.13 -18.01 -42.80
N ASP C 92 17.85 -18.87 -43.50
CA ASP C 92 17.24 -20.12 -43.99
C ASP C 92 16.63 -20.89 -42.84
N VAL C 93 17.40 -21.02 -41.77
CA VAL C 93 16.95 -21.81 -40.62
C VAL C 93 15.72 -21.18 -39.99
N ILE C 94 15.74 -19.84 -39.88
CA ILE C 94 14.61 -19.09 -39.35
C ILE C 94 13.36 -19.28 -40.20
N THR C 95 13.49 -19.05 -41.51
CA THR C 95 12.38 -19.25 -42.43
C THR C 95 11.82 -20.68 -42.43
N LEU C 96 12.67 -21.69 -42.47
CA LEU C 96 12.20 -23.09 -42.43
C LEU C 96 11.45 -23.49 -41.16
N GLU C 97 11.71 -22.78 -40.07
CA GLU C 97 11.14 -23.10 -38.77
C GLU C 97 9.88 -22.26 -38.55
N LEU C 98 9.95 -20.97 -38.89
CA LEU C 98 8.89 -20.04 -38.53
C LEU C 98 7.92 -19.81 -39.67
N GLY C 99 8.47 -19.81 -40.88
CA GLY C 99 7.66 -19.62 -42.08
C GLY C 99 7.56 -18.19 -42.62
N ILE C 100 8.23 -17.24 -41.96
CA ILE C 100 8.29 -15.87 -42.45
C ILE C 100 9.13 -15.84 -43.70
N SER C 101 8.87 -14.83 -44.53
CA SER C 101 9.61 -14.66 -45.78
C SER C 101 11.09 -14.45 -45.50
N LYS C 102 11.93 -14.83 -46.46
CA LYS C 102 13.36 -14.63 -46.36
C LYS C 102 13.65 -13.14 -46.16
N ALA C 103 12.81 -12.29 -46.72
CA ALA C 103 13.01 -10.86 -46.57
C ALA C 103 12.89 -10.47 -45.08
N ASP C 104 11.88 -11.00 -44.41
CA ASP C 104 11.73 -10.78 -42.98
C ASP C 104 12.82 -11.50 -42.15
N SER C 105 13.20 -12.73 -42.52
CA SER C 105 14.22 -13.44 -41.73
C SER C 105 15.60 -12.80 -41.92
N LEU C 106 15.88 -12.37 -43.14
CA LEU C 106 17.15 -11.64 -43.35
C LEU C 106 17.15 -10.39 -42.47
N TYR C 107 16.00 -9.72 -42.42
CA TYR C 107 15.92 -8.52 -41.61
C TYR C 107 16.19 -8.86 -40.11
N GLU C 108 15.58 -9.94 -39.63
CA GLU C 108 15.82 -10.36 -38.27
C GLU C 108 17.31 -10.58 -37.99
N VAL C 109 18.05 -11.16 -38.94
CA VAL C 109 19.47 -11.34 -38.72
C VAL C 109 20.16 -9.97 -38.56
N GLY C 110 19.74 -8.99 -39.35
CA GLY C 110 20.34 -7.67 -39.25
C GLY C 110 20.07 -7.11 -37.83
N ARG C 111 18.90 -7.41 -37.27
CA ARG C 111 18.59 -6.88 -35.94
C ARG C 111 19.46 -7.56 -34.89
N ALA C 112 19.59 -8.88 -34.98
CA ALA C 112 20.50 -9.60 -34.07
C ALA C 112 21.94 -9.09 -34.21
N PHE C 113 22.33 -8.73 -35.43
CA PHE C 113 23.65 -8.14 -35.66
C PHE C 113 23.77 -6.83 -34.84
N ASP C 114 22.71 -6.01 -34.83
CA ASP C 114 22.72 -4.77 -34.05
C ASP C 114 22.78 -5.07 -32.55
N VAL C 115 22.02 -6.08 -32.10
CA VAL C 115 21.97 -6.38 -30.68
C VAL C 115 23.34 -6.72 -30.17
N PHE C 116 24.02 -7.63 -30.87
CA PHE C 116 25.36 -8.02 -30.46
C PHE C 116 26.37 -6.87 -30.65
N THR C 117 26.22 -6.07 -31.71
CA THR C 117 27.13 -4.97 -31.90
C THR C 117 26.96 -3.96 -30.77
N LEU C 118 25.73 -3.56 -30.51
CA LEU C 118 25.51 -2.57 -29.45
C LEU C 118 25.95 -3.10 -28.06
N ALA C 119 25.64 -4.38 -27.77
CA ALA C 119 26.03 -4.97 -26.49
C ALA C 119 27.53 -4.96 -26.35
N GLY C 120 28.22 -5.35 -27.42
CA GLY C 120 29.68 -5.32 -27.39
C GLY C 120 30.21 -3.91 -27.10
N GLN C 121 29.62 -2.91 -27.75
CA GLN C 121 30.08 -1.53 -27.56
C GLN C 121 29.73 -0.97 -26.17
N MET C 122 28.68 -1.51 -25.55
CA MET C 122 28.29 -1.05 -24.23
C MET C 122 29.17 -1.61 -23.11
N CYS C 123 29.97 -2.61 -23.43
CA CYS C 123 30.93 -3.15 -22.44
C CYS C 123 31.96 -2.19 -21.90
N ILE C 124 32.31 -1.17 -22.69
CA ILE C 124 33.29 -0.23 -22.22
C ILE C 124 32.68 0.75 -21.22
N ARG C 125 31.35 0.75 -21.06
CA ARG C 125 30.68 1.79 -20.29
C ARG C 125 30.47 1.36 -18.81
N ASP C 126 30.99 2.17 -17.89
CA ASP C 126 30.78 1.92 -16.45
C ASP C 126 29.86 3.01 -15.90
N ASP C 127 28.66 2.63 -15.49
CA ASP C 127 27.67 3.61 -15.03
C ASP C 127 27.68 3.78 -13.51
N GLY C 128 28.81 3.47 -12.88
CA GLY C 128 28.96 3.69 -11.44
C GLY C 128 28.80 5.16 -11.02
N GLU C 129 28.35 5.36 -9.78
CA GLU C 129 28.10 6.70 -9.30
C GLU C 129 28.87 6.95 -8.04
N ILE C 130 29.03 8.23 -7.69
CA ILE C 130 29.69 8.59 -6.42
C ILE C 130 28.77 9.53 -5.66
N PHE C 131 28.61 9.29 -4.36
CA PHE C 131 27.83 10.21 -3.50
C PHE C 131 28.73 10.78 -2.43
N SER C 132 28.61 12.06 -2.15
CA SER C 132 29.30 12.66 -0.99
C SER C 132 28.33 12.60 0.18
N CYS C 133 28.86 12.41 1.40
CA CYS C 133 28.00 12.09 2.53
C CYS C 133 27.80 13.23 3.51
N ASP C 134 28.44 14.36 3.24
CA ASP C 134 28.41 15.49 4.17
C ASP C 134 27.24 16.41 3.79
N LEU C 135 26.04 15.82 3.76
CA LEU C 135 24.89 16.45 3.10
C LEU C 135 23.84 17.02 4.05
N THR C 136 23.83 16.52 5.27
CA THR C 136 22.79 16.83 6.22
C THR C 136 23.47 17.00 7.57
N PRO C 137 22.70 17.28 8.64
CA PRO C 137 23.23 17.29 10.01
C PRO C 137 23.75 15.92 10.45
N HIS C 138 23.25 14.86 9.83
CA HIS C 138 23.74 13.50 10.07
C HIS C 138 24.93 13.15 9.15
N GLY C 139 25.49 14.17 8.48
CA GLY C 139 26.55 13.97 7.49
C GLY C 139 27.90 13.50 8.00
N LYS C 140 28.69 12.83 7.14
CA LYS C 140 30.04 12.37 7.46
C LYS C 140 31.01 12.69 6.33
N ALA C 141 32.29 12.84 6.67
CA ALA C 141 33.33 13.06 5.63
C ALA C 141 33.66 11.74 4.98
N ARG C 142 32.92 11.40 3.94
CA ARG C 142 32.92 10.02 3.43
C ARG C 142 32.35 10.00 2.01
N LYS C 143 32.80 9.07 1.17
CA LYS C 143 32.20 8.93 -0.16
C LYS C 143 31.60 7.53 -0.26
N ILE C 144 30.46 7.44 -0.95
CA ILE C 144 29.87 6.15 -1.32
C ILE C 144 30.05 5.95 -2.81
N PHE C 145 30.45 4.75 -3.22
CA PHE C 145 30.70 4.43 -4.62
C PHE C 145 29.83 3.25 -4.98
N THR C 146 29.44 3.18 -6.26
CA THR C 146 28.65 2.00 -6.67
C THR C 146 29.39 1.17 -7.72
N MET C 147 29.06 -0.11 -7.80
CA MET C 147 29.56 -0.96 -8.88
C MET C 147 28.54 -2.07 -9.10
N ARG C 148 28.67 -2.81 -10.20
CA ARG C 148 27.70 -3.86 -10.49
C ARG C 148 28.37 -5.22 -10.49
N GLU C 149 27.60 -6.25 -10.15
CA GLU C 149 28.13 -7.61 -10.16
C GLU C 149 27.09 -8.50 -10.80
N PRO C 150 27.52 -9.61 -11.42
CA PRO C 150 26.58 -10.51 -12.12
C PRO C 150 25.75 -11.34 -11.12
N LEU C 151 24.70 -12.00 -11.60
CA LEU C 151 23.88 -12.92 -10.81
C LEU C 151 24.43 -14.34 -10.81
N THR C 152 23.77 -15.24 -10.11
CA THR C 152 24.19 -16.62 -10.07
C THR C 152 23.89 -17.27 -11.43
N ALA C 153 22.64 -17.14 -11.88
CA ALA C 153 22.28 -17.74 -13.15
C ALA C 153 21.03 -17.06 -13.64
N ILE C 154 20.88 -16.98 -14.96
CA ILE C 154 19.72 -16.38 -15.57
C ILE C 154 18.95 -17.39 -16.42
N SER C 155 17.63 -17.34 -16.31
CA SER C 155 16.79 -18.28 -17.05
C SER C 155 16.07 -17.50 -18.16
N ALA C 156 16.23 -17.93 -19.41
CA ALA C 156 15.63 -17.19 -20.54
C ALA C 156 14.68 -18.09 -21.29
N ILE C 157 13.45 -17.59 -21.49
CA ILE C 157 12.41 -18.36 -22.16
C ILE C 157 11.89 -17.51 -23.33
N THR C 158 11.99 -18.04 -24.52
CA THR C 158 11.78 -17.20 -25.71
C THR C 158 10.66 -17.73 -26.60
N PRO C 159 10.04 -16.83 -27.37
CA PRO C 159 8.86 -17.20 -28.12
C PRO C 159 9.23 -17.51 -29.57
N PHE C 160 8.24 -17.83 -30.40
CA PHE C 160 8.49 -18.27 -31.78
C PHE C 160 8.68 -17.14 -32.78
N ASN C 161 8.24 -15.92 -32.45
CA ASN C 161 8.12 -14.90 -33.50
C ASN C 161 9.45 -14.26 -33.92
N HIS C 162 10.47 -14.27 -33.06
CA HIS C 162 11.86 -13.89 -33.46
C HIS C 162 12.83 -14.95 -32.94
N PRO C 163 12.92 -16.09 -33.63
CA PRO C 163 13.67 -17.24 -33.12
C PRO C 163 15.13 -16.88 -32.89
N LEU C 164 15.62 -15.87 -33.60
CA LEU C 164 17.00 -15.42 -33.39
C LEU C 164 17.10 -14.17 -32.50
N ASN C 165 16.36 -13.13 -32.84
CA ASN C 165 16.55 -11.84 -32.16
C ASN C 165 16.10 -11.84 -30.68
N MET C 166 15.07 -12.65 -30.36
CA MET C 166 14.65 -12.74 -28.97
C MET C 166 15.71 -13.43 -28.11
N VAL C 167 16.42 -14.40 -28.70
CA VAL C 167 17.48 -15.07 -27.98
C VAL C 167 18.65 -14.10 -27.83
N ALA C 168 18.98 -13.39 -28.91
CA ALA C 168 20.03 -12.36 -28.89
C ALA C 168 19.80 -11.35 -27.78
N HIS C 169 18.55 -10.91 -27.63
CA HIS C 169 18.24 -9.83 -26.66
C HIS C 169 18.37 -10.33 -25.22
N LYS C 170 18.24 -11.64 -25.01
CA LYS C 170 18.41 -12.15 -23.65
C LYS C 170 19.85 -12.61 -23.38
N VAL C 171 20.55 -13.09 -24.42
CA VAL C 171 21.89 -13.63 -24.23
C VAL C 171 23.00 -12.58 -24.29
N ALA C 172 22.93 -11.66 -25.24
CA ALA C 172 24.01 -10.69 -25.46
C ALA C 172 24.25 -9.81 -24.20
N PRO C 173 23.17 -9.31 -23.58
CA PRO C 173 23.37 -8.57 -22.32
C PRO C 173 23.92 -9.46 -21.17
N ALA C 174 23.56 -10.74 -21.15
CA ALA C 174 24.06 -11.62 -20.11
C ALA C 174 25.56 -11.76 -20.26
N ILE C 175 25.99 -11.98 -21.49
CA ILE C 175 27.41 -12.17 -21.77
C ILE C 175 28.13 -10.90 -21.38
N ALA C 176 27.60 -9.76 -21.81
CA ALA C 176 28.22 -8.47 -21.56
C ALA C 176 28.39 -8.18 -20.07
N THR C 177 27.59 -8.83 -19.23
CA THR C 177 27.69 -8.58 -17.79
C THR C 177 28.26 -9.74 -16.97
N ASN C 178 28.82 -10.74 -17.66
CA ASN C 178 29.47 -11.88 -17.01
C ASN C 178 28.50 -12.79 -16.26
N ASN C 179 27.30 -12.89 -16.81
CA ASN C 179 26.29 -13.81 -16.28
C ASN C 179 26.37 -15.17 -17.00
N CYS C 180 25.74 -16.17 -16.44
CA CYS C 180 25.62 -17.44 -17.12
C CYS C 180 24.15 -17.64 -17.37
N VAL C 181 23.79 -17.89 -18.64
CA VAL C 181 22.38 -18.00 -18.98
C VAL C 181 22.02 -19.39 -19.54
N VAL C 182 20.78 -19.80 -19.26
CA VAL C 182 20.23 -21.02 -19.83
C VAL C 182 18.98 -20.63 -20.58
N VAL C 183 18.92 -20.97 -21.85
CA VAL C 183 17.80 -20.61 -22.68
C VAL C 183 16.94 -21.86 -23.01
N LYS C 184 15.62 -21.77 -22.84
CA LYS C 184 14.69 -22.74 -23.41
C LYS C 184 13.86 -22.06 -24.49
N PRO C 185 14.22 -22.24 -25.75
CA PRO C 185 13.43 -21.65 -26.84
C PRO C 185 12.12 -22.41 -26.95
N THR C 186 11.14 -21.80 -27.61
CA THR C 186 9.90 -22.52 -27.87
C THR C 186 10.17 -23.76 -28.70
N GLU C 187 9.45 -24.83 -28.39
CA GLU C 187 9.53 -26.07 -29.17
C GLU C 187 9.17 -25.85 -30.65
N LEU C 188 8.48 -24.76 -30.96
CA LEU C 188 8.08 -24.49 -32.37
C LEU C 188 9.25 -24.03 -33.25
N THR C 189 10.23 -23.36 -32.63
CA THR C 189 11.36 -22.78 -33.40
C THR C 189 12.68 -22.83 -32.61
N PRO C 190 13.12 -24.05 -32.20
CA PRO C 190 14.28 -24.21 -31.33
C PRO C 190 15.63 -24.22 -32.04
N MET C 191 15.63 -24.49 -33.35
CA MET C 191 16.90 -24.73 -34.06
C MET C 191 17.73 -23.45 -34.23
N THR C 192 17.07 -22.33 -34.47
CA THR C 192 17.79 -21.09 -34.58
C THR C 192 18.60 -20.86 -33.29
N ALA C 193 18.01 -21.20 -32.14
CA ALA C 193 18.70 -20.92 -30.86
C ALA C 193 19.94 -21.81 -30.73
N LEU C 194 19.78 -23.06 -31.16
CA LEU C 194 20.86 -24.02 -31.04
C LEU C 194 22.02 -23.56 -31.91
N LEU C 195 21.69 -23.04 -33.08
CA LEU C 195 22.70 -22.55 -34.01
C LEU C 195 23.37 -21.30 -33.46
N LEU C 196 22.62 -20.43 -32.78
CA LEU C 196 23.25 -19.25 -32.20
C LEU C 196 24.23 -19.68 -31.11
N ALA C 197 23.90 -20.74 -30.38
CA ALA C 197 24.80 -21.21 -29.33
C ALA C 197 26.14 -21.67 -29.93
N ASP C 198 26.08 -22.40 -31.05
CA ASP C 198 27.32 -22.84 -31.68
C ASP C 198 28.14 -21.63 -32.12
N ILE C 199 27.48 -20.60 -32.62
CA ILE C 199 28.21 -19.43 -33.11
C ILE C 199 28.91 -18.77 -31.92
N LEU C 200 28.19 -18.68 -30.81
CA LEU C 200 28.78 -18.09 -29.60
C LEU C 200 30.00 -18.88 -29.09
N TYR C 201 29.90 -20.21 -29.03
CA TYR C 201 31.05 -21.02 -28.61
C TYR C 201 32.24 -20.78 -29.54
N GLU C 202 31.95 -20.79 -30.84
CA GLU C 202 32.97 -20.59 -31.84
C GLU C 202 33.59 -19.19 -31.72
N ALA C 203 32.82 -18.23 -31.26
CA ALA C 203 33.31 -16.86 -31.13
C ALA C 203 34.13 -16.66 -29.85
N GLY C 204 34.24 -17.71 -29.03
CA GLY C 204 35.10 -17.62 -27.87
C GLY C 204 34.40 -17.60 -26.52
N LEU C 205 33.07 -17.70 -26.48
CA LEU C 205 32.39 -17.71 -25.20
C LEU C 205 32.76 -18.95 -24.36
N PRO C 206 33.24 -18.74 -23.12
CA PRO C 206 33.35 -19.90 -22.23
C PRO C 206 32.01 -20.63 -22.16
N PRO C 207 32.01 -21.92 -22.49
CA PRO C 207 30.77 -22.68 -22.74
C PRO C 207 29.87 -22.77 -21.54
N GLU C 208 30.44 -22.75 -20.33
CA GLU C 208 29.62 -22.66 -19.10
C GLU C 208 28.68 -21.45 -19.07
N MET C 209 29.00 -20.40 -19.81
CA MET C 209 28.15 -19.21 -19.79
C MET C 209 26.84 -19.35 -20.56
N LEU C 210 26.69 -20.41 -21.34
CA LEU C 210 25.49 -20.58 -22.14
C LEU C 210 25.08 -22.04 -22.31
N SER C 211 23.83 -22.34 -22.00
CA SER C 211 23.23 -23.58 -22.44
C SER C 211 21.91 -23.28 -23.16
N VAL C 212 21.58 -24.12 -24.15
CA VAL C 212 20.29 -24.08 -24.81
C VAL C 212 19.65 -25.46 -24.66
N VAL C 213 18.57 -25.55 -23.89
CA VAL C 213 17.88 -26.81 -23.69
C VAL C 213 16.53 -26.74 -24.44
N THR C 214 15.99 -27.90 -24.80
CA THR C 214 14.75 -27.98 -25.57
C THR C 214 13.83 -29.05 -24.99
N GLY C 215 12.52 -28.92 -25.25
CA GLY C 215 11.57 -29.94 -24.80
C GLY C 215 10.18 -29.39 -24.71
N TRP C 216 9.22 -30.24 -24.32
CA TRP C 216 7.86 -29.78 -24.07
C TRP C 216 7.82 -28.98 -22.79
N PRO C 217 6.98 -27.96 -22.77
CA PRO C 217 6.73 -27.16 -21.57
C PRO C 217 6.40 -28.05 -20.37
N ALA C 218 5.62 -29.11 -20.62
CA ALA C 218 5.15 -29.99 -19.55
C ALA C 218 6.31 -30.67 -18.82
N ASP C 219 7.40 -30.93 -19.53
CA ASP C 219 8.56 -31.61 -18.97
C ASP C 219 9.63 -30.70 -18.37
N ILE C 220 9.93 -29.61 -19.05
CA ILE C 220 11.16 -28.87 -18.75
C ILE C 220 10.86 -27.42 -18.39
N GLY C 221 9.64 -26.98 -18.68
CA GLY C 221 9.23 -25.61 -18.46
C GLY C 221 9.25 -25.22 -16.99
N MET C 222 8.76 -26.10 -16.13
CA MET C 222 8.67 -25.72 -14.72
C MET C 222 10.06 -25.56 -14.09
N GLU C 223 11.01 -26.38 -14.53
CA GLU C 223 12.38 -26.31 -14.02
C GLU C 223 13.04 -24.96 -14.37
N MET C 224 12.73 -24.43 -15.56
CA MET C 224 13.26 -23.15 -15.99
C MET C 224 12.78 -22.04 -15.06
N ILE C 225 11.63 -22.27 -14.43
CA ILE C 225 10.96 -21.28 -13.59
C ILE C 225 11.36 -21.36 -12.09
N THR C 226 11.70 -22.56 -11.62
CA THR C 226 11.75 -22.82 -10.17
C THR C 226 13.12 -23.33 -9.71
N ASN C 227 14.01 -23.59 -10.66
CA ASN C 227 15.37 -23.98 -10.26
C ASN C 227 15.96 -23.01 -9.21
N PRO C 228 16.49 -23.57 -8.11
CA PRO C 228 16.95 -22.75 -6.98
C PRO C 228 18.13 -21.82 -7.32
N HIS C 229 18.90 -22.12 -8.36
CA HIS C 229 20.02 -21.26 -8.70
C HIS C 229 19.56 -20.05 -9.48
N VAL C 230 18.32 -20.07 -9.98
CA VAL C 230 17.90 -18.98 -10.87
C VAL C 230 17.63 -17.68 -10.09
N ASP C 231 18.40 -16.65 -10.37
CA ASP C 231 18.18 -15.37 -9.71
C ASP C 231 17.19 -14.51 -10.50
N LEU C 232 17.07 -14.80 -11.81
CA LEU C 232 16.21 -13.97 -12.67
C LEU C 232 15.64 -14.74 -13.84
N VAL C 233 14.33 -14.57 -14.05
CA VAL C 233 13.68 -15.20 -15.18
C VAL C 233 13.34 -14.11 -16.15
N THR C 234 13.77 -14.24 -17.41
CA THR C 234 13.38 -13.29 -18.43
C THR C 234 12.59 -13.99 -19.52
N PHE C 235 11.35 -13.56 -19.67
CA PHE C 235 10.39 -14.27 -20.48
C PHE C 235 9.74 -13.32 -21.48
N THR C 236 9.56 -13.82 -22.69
CA THR C 236 8.77 -13.13 -23.71
C THR C 236 7.81 -14.16 -24.31
N GLY C 237 6.54 -13.81 -24.40
CA GLY C 237 5.54 -14.75 -24.86
C GLY C 237 4.15 -14.23 -24.61
N SER C 238 3.19 -15.14 -24.41
CA SER C 238 1.76 -14.75 -24.28
C SER C 238 1.35 -14.38 -22.84
N VAL C 239 0.24 -13.68 -22.70
CA VAL C 239 -0.28 -13.30 -21.38
C VAL C 239 -0.51 -14.53 -20.46
N PRO C 240 -1.28 -15.53 -20.91
CA PRO C 240 -1.57 -16.66 -20.02
C PRO C 240 -0.32 -17.38 -19.55
N VAL C 241 0.62 -17.63 -20.44
CA VAL C 241 1.87 -18.20 -19.98
C VAL C 241 2.61 -17.27 -19.05
N GLY C 242 2.66 -15.98 -19.41
CA GLY C 242 3.27 -14.97 -18.56
C GLY C 242 2.73 -14.94 -17.14
N LYS C 243 1.40 -14.99 -17.01
CA LYS C 243 0.80 -14.90 -15.67
C LYS C 243 1.11 -16.14 -14.86
N LEU C 244 1.16 -17.27 -15.56
CA LEU C 244 1.52 -18.54 -14.92
C LEU C 244 2.94 -18.50 -14.40
N ILE C 245 3.84 -17.92 -15.18
CA ILE C 245 5.22 -17.78 -14.74
C ILE C 245 5.27 -16.89 -13.50
N ALA C 246 4.54 -15.79 -13.54
CA ALA C 246 4.58 -14.82 -12.45
C ALA C 246 4.14 -15.45 -11.15
N ALA C 247 3.21 -16.39 -11.25
CA ALA C 247 2.67 -17.09 -10.09
C ALA C 247 3.57 -18.19 -9.53
N ASN C 248 4.39 -18.79 -10.40
CA ASN C 248 5.22 -19.91 -10.00
C ASN C 248 6.68 -19.58 -9.69
N ALA C 249 7.16 -18.41 -10.14
CA ALA C 249 8.55 -18.04 -9.92
C ALA C 249 8.73 -17.15 -8.71
N HIS C 250 8.18 -17.53 -7.54
CA HIS C 250 8.25 -16.59 -6.41
C HIS C 250 9.64 -16.33 -5.85
N TYR C 251 9.84 -15.08 -5.47
CA TYR C 251 11.11 -14.59 -4.96
C TYR C 251 12.24 -14.82 -5.95
N LYS C 252 11.91 -14.73 -7.24
CA LYS C 252 12.89 -14.56 -8.29
C LYS C 252 12.57 -13.24 -9.00
N ARG C 253 13.59 -12.50 -9.45
CA ARG C 253 13.26 -11.35 -10.26
C ARG C 253 12.64 -11.90 -11.55
N GLN C 254 11.72 -11.15 -12.11
CA GLN C 254 11.08 -11.57 -13.33
C GLN C 254 11.01 -10.38 -14.29
N VAL C 255 11.37 -10.62 -15.55
CA VAL C 255 11.18 -9.59 -16.56
C VAL C 255 10.28 -10.26 -17.56
N LEU C 256 9.02 -9.89 -17.55
CA LEU C 256 8.03 -10.51 -18.41
C LEU C 256 7.54 -9.53 -19.48
N GLU C 257 7.76 -9.86 -20.75
CA GLU C 257 7.17 -9.08 -21.85
C GLU C 257 6.14 -9.95 -22.48
N LEU C 258 4.92 -9.45 -22.43
CA LEU C 258 3.76 -10.21 -22.90
C LEU C 258 3.32 -9.52 -24.20
N GLY C 259 2.12 -9.77 -24.68
CA GLY C 259 1.80 -9.16 -25.97
C GLY C 259 1.59 -7.66 -26.02
N GLY C 260 1.20 -7.20 -27.22
CA GLY C 260 0.78 -5.83 -27.44
C GLY C 260 -0.51 -5.87 -28.22
N ASN C 261 -1.11 -4.72 -28.44
CA ASN C 261 -2.27 -4.59 -29.30
C ASN C 261 -2.27 -3.14 -29.77
N ASP C 262 -1.24 -2.81 -30.56
CA ASP C 262 -0.81 -1.43 -30.66
C ASP C 262 -1.41 -0.70 -31.84
N PRO C 263 -1.75 0.57 -31.61
CA PRO C 263 -2.44 1.37 -32.61
C PRO C 263 -1.47 2.16 -33.46
N LEU C 264 -1.87 2.39 -34.71
CA LEU C 264 -1.28 3.46 -35.51
C LEU C 264 -2.45 4.41 -35.70
N ILE C 265 -2.27 5.67 -35.25
CA ILE C 265 -3.36 6.61 -35.17
C ILE C 265 -3.18 7.69 -36.24
N ILE C 266 -4.23 7.89 -37.06
CA ILE C 266 -4.19 8.84 -38.19
C ILE C 266 -5.06 10.06 -37.84
N LEU C 267 -4.44 11.22 -37.61
CA LEU C 267 -5.20 12.40 -37.20
C LEU C 267 -5.73 13.18 -38.40
N ASN C 268 -6.82 13.94 -38.18
CA ASN C 268 -7.47 14.62 -39.30
C ASN C 268 -6.79 15.88 -39.83
N ASP C 269 -5.57 16.19 -39.39
CA ASP C 269 -4.90 17.39 -39.94
C ASP C 269 -4.07 17.05 -41.17
N LEU C 270 -3.96 15.76 -41.49
CA LEU C 270 -3.05 15.33 -42.55
C LEU C 270 -3.52 15.70 -43.99
N SER C 271 -2.57 16.15 -44.80
CA SER C 271 -2.81 16.33 -46.23
C SER C 271 -2.92 14.97 -46.91
N ASP C 272 -3.39 14.95 -48.15
CA ASP C 272 -3.47 13.71 -48.91
C ASP C 272 -2.11 13.07 -49.16
N ASP C 273 -1.09 13.90 -49.42
CA ASP C 273 0.28 13.41 -49.49
C ASP C 273 0.66 12.69 -48.17
N ASP C 274 0.29 13.27 -47.03
CA ASP C 274 0.65 12.68 -45.73
C ASP C 274 -0.15 11.41 -45.48
N LEU C 275 -1.41 11.40 -45.88
CA LEU C 275 -2.22 10.18 -45.75
C LEU C 275 -1.63 9.01 -46.50
N ALA C 276 -1.01 9.31 -47.66
CA ALA C 276 -0.26 8.28 -48.40
C ALA C 276 0.95 7.74 -47.60
N ARG C 277 1.71 8.62 -46.96
CA ARG C 277 2.86 8.18 -46.16
C ARG C 277 2.36 7.37 -44.98
N ALA C 278 1.30 7.86 -44.33
CA ALA C 278 0.71 7.13 -43.22
C ALA C 278 0.22 5.73 -43.69
N ALA C 279 -0.29 5.66 -44.91
CA ALA C 279 -0.79 4.38 -45.45
C ALA C 279 0.36 3.43 -45.65
N ASP C 280 1.51 3.94 -46.08
CA ASP C 280 2.71 3.12 -46.13
C ASP C 280 3.06 2.52 -44.75
N LEU C 281 2.97 3.36 -43.69
CA LEU C 281 3.30 2.92 -42.34
C LEU C 281 2.28 1.90 -41.89
N ALA C 282 1.02 2.14 -42.23
CA ALA C 282 -0.04 1.22 -41.79
C ALA C 282 0.18 -0.19 -42.34
N VAL C 283 0.51 -0.28 -43.62
CA VAL C 283 0.65 -1.57 -44.26
C VAL C 283 1.90 -2.27 -43.79
N ALA C 284 3.05 -1.58 -43.80
CA ALA C 284 4.29 -2.17 -43.30
C ALA C 284 4.12 -2.64 -41.84
N GLY C 285 3.62 -1.76 -40.98
CA GLY C 285 3.47 -2.09 -39.57
C GLY C 285 2.51 -3.24 -39.33
N ALA C 286 1.47 -3.36 -40.15
CA ALA C 286 0.54 -4.47 -39.94
C ALA C 286 1.03 -5.81 -40.47
N THR C 287 1.99 -5.80 -41.40
CA THR C 287 2.33 -7.05 -42.09
C THR C 287 3.75 -7.56 -41.95
N LYS C 288 4.68 -6.67 -41.55
CA LYS C 288 6.08 -7.12 -41.40
C LYS C 288 6.10 -8.29 -40.43
N ASN C 289 6.94 -9.27 -40.74
CA ASN C 289 7.06 -10.46 -39.92
C ASN C 289 5.74 -11.22 -39.84
N SER C 290 4.97 -11.12 -40.91
CA SER C 290 3.66 -11.72 -40.98
C SER C 290 2.77 -11.18 -39.87
N GLY C 291 3.03 -9.96 -39.42
CA GLY C 291 2.24 -9.38 -38.35
C GLY C 291 2.56 -10.01 -36.98
N GLN C 292 3.56 -10.86 -36.92
CA GLN C 292 3.89 -11.49 -35.65
C GLN C 292 4.91 -10.70 -34.86
N ARG C 293 4.48 -9.55 -34.35
CA ARG C 293 5.27 -8.69 -33.46
C ARG C 293 4.37 -8.22 -32.34
N CYS C 294 4.87 -8.24 -31.11
CA CYS C 294 4.15 -7.67 -29.97
C CYS C 294 3.77 -6.21 -30.27
N THR C 295 4.60 -5.53 -31.06
CA THR C 295 4.36 -4.13 -31.43
C THR C 295 3.89 -3.94 -32.89
N ALA C 296 3.37 -5.01 -33.51
CA ALA C 296 2.76 -4.89 -34.82
C ALA C 296 1.62 -3.87 -34.77
N VAL C 297 1.33 -3.24 -35.90
CA VAL C 297 0.10 -2.45 -35.97
C VAL C 297 -1.08 -3.43 -35.98
N LYS C 298 -1.90 -3.43 -34.93
CA LYS C 298 -3.05 -4.35 -34.86
C LYS C 298 -4.35 -3.59 -34.88
N ARG C 299 -4.25 -2.25 -34.77
CA ARG C 299 -5.42 -1.39 -34.82
C ARG C 299 -5.02 -0.11 -35.56
N ILE C 300 -5.64 0.17 -36.69
CA ILE C 300 -5.37 1.42 -37.36
C ILE C 300 -6.53 2.34 -37.01
N LEU C 301 -6.28 3.31 -36.14
CA LEU C 301 -7.36 4.20 -35.71
C LEU C 301 -7.33 5.45 -36.57
N CYS C 302 -8.29 5.51 -37.50
CA CYS C 302 -8.32 6.62 -38.45
C CYS C 302 -9.47 7.59 -38.15
N GLN C 303 -9.15 8.86 -37.98
CA GLN C 303 -10.22 9.79 -37.64
C GLN C 303 -11.17 9.97 -38.82
N GLU C 304 -12.47 10.01 -38.53
CA GLU C 304 -13.51 9.79 -39.53
C GLU C 304 -13.33 10.68 -40.76
N SER C 305 -13.02 11.94 -40.53
CA SER C 305 -13.05 12.88 -41.65
C SER C 305 -11.92 12.68 -42.68
N VAL C 306 -10.95 11.81 -42.41
CA VAL C 306 -9.95 11.50 -43.43
C VAL C 306 -10.02 10.05 -43.88
N ALA C 307 -10.92 9.29 -43.28
CA ALA C 307 -10.97 7.85 -43.55
C ALA C 307 -11.26 7.55 -45.04
N ASP C 308 -12.13 8.36 -45.65
CA ASP C 308 -12.52 8.12 -47.02
C ASP C 308 -11.37 8.30 -47.99
N ARG C 309 -10.44 9.21 -47.69
CA ARG C 309 -9.22 9.34 -48.50
C ARG C 309 -8.10 8.36 -48.08
N PHE C 310 -8.07 8.02 -46.78
CA PHE C 310 -7.00 7.17 -46.24
C PHE C 310 -7.13 5.70 -46.63
N VAL C 311 -8.34 5.16 -46.48
CA VAL C 311 -8.58 3.74 -46.71
C VAL C 311 -8.17 3.25 -48.10
N PRO C 312 -8.59 3.97 -49.16
CA PRO C 312 -8.19 3.56 -50.51
C PRO C 312 -6.68 3.51 -50.68
N LEU C 313 -5.96 4.43 -50.02
CA LEU C 313 -4.50 4.46 -50.11
C LEU C 313 -3.93 3.20 -49.47
N VAL C 314 -4.55 2.78 -48.37
CA VAL C 314 -4.18 1.55 -47.68
C VAL C 314 -4.44 0.33 -48.56
N LEU C 315 -5.65 0.27 -49.13
CA LEU C 315 -6.06 -0.83 -49.98
C LEU C 315 -5.08 -1.07 -51.14
N GLU C 316 -4.77 0.00 -51.87
CA GLU C 316 -3.83 -0.01 -52.99
C GLU C 316 -2.44 -0.57 -52.61
N ARG C 317 -1.94 -0.19 -51.43
CA ARG C 317 -0.63 -0.65 -50.97
C ARG C 317 -0.65 -2.15 -50.55
N ALA C 318 -1.71 -2.55 -49.86
CA ALA C 318 -1.84 -3.95 -49.47
C ALA C 318 -1.87 -4.88 -50.69
N LYS C 319 -2.56 -4.46 -51.74
CA LYS C 319 -2.62 -5.25 -52.99
C LYS C 319 -1.27 -5.43 -53.68
N ARG C 320 -0.34 -4.50 -53.47
CA ARG C 320 0.99 -4.69 -54.03
C ARG C 320 1.77 -5.82 -53.35
N LEU C 321 1.37 -6.25 -52.15
CA LEU C 321 2.21 -7.19 -51.39
C LEU C 321 2.20 -8.60 -51.99
N ARG C 322 3.39 -9.16 -52.20
CA ARG C 322 3.48 -10.53 -52.67
C ARG C 322 3.51 -11.47 -51.46
N PHE C 323 2.50 -12.31 -51.35
CA PHE C 323 2.47 -13.27 -50.28
C PHE C 323 2.51 -14.67 -50.88
N GLY C 324 3.26 -15.56 -50.25
CA GLY C 324 3.41 -16.93 -50.73
C GLY C 324 4.67 -17.60 -50.20
N ASP C 325 5.30 -18.40 -51.07
CA ASP C 325 6.48 -19.19 -50.72
C ASP C 325 7.54 -18.34 -50.02
N PRO C 326 7.76 -18.59 -48.72
CA PRO C 326 8.70 -17.84 -47.86
C PRO C 326 10.14 -17.91 -48.39
N MET C 327 10.52 -19.02 -49.02
CA MET C 327 11.85 -19.16 -49.56
C MET C 327 12.05 -18.38 -50.87
N ASP C 328 10.95 -17.93 -51.49
CA ASP C 328 11.08 -17.11 -52.70
C ASP C 328 11.54 -15.69 -52.39
N ARG C 329 12.69 -15.27 -52.93
CA ARG C 329 13.32 -14.03 -52.47
C ARG C 329 12.51 -12.80 -52.82
N SER C 330 11.46 -12.99 -53.62
CA SER C 330 10.58 -11.91 -53.99
C SER C 330 9.26 -11.93 -53.22
N THR C 331 9.09 -12.92 -52.35
CA THR C 331 7.95 -12.91 -51.43
C THR C 331 8.10 -11.82 -50.37
N ASP C 332 7.05 -11.05 -50.12
CA ASP C 332 7.09 -10.03 -49.06
C ASP C 332 6.60 -10.69 -47.76
N LEU C 333 5.45 -11.35 -47.86
CA LEU C 333 4.76 -11.83 -46.71
C LEU C 333 4.70 -13.35 -46.79
N GLY C 334 5.34 -14.02 -45.84
CA GLY C 334 5.32 -15.47 -45.72
C GLY C 334 4.11 -15.91 -44.93
N THR C 335 4.19 -17.08 -44.29
CA THR C 335 3.05 -17.62 -43.56
C THR C 335 3.04 -17.08 -42.14
N VAL C 336 2.02 -17.47 -41.37
CA VAL C 336 2.07 -17.35 -39.91
C VAL C 336 2.54 -18.66 -39.31
N ILE C 337 2.69 -18.70 -37.99
CA ILE C 337 3.35 -19.81 -37.32
C ILE C 337 2.71 -21.18 -37.65
N HIS C 338 1.40 -21.21 -37.80
CA HIS C 338 0.72 -22.45 -38.21
C HIS C 338 -0.72 -22.24 -38.69
N GLU C 339 -1.31 -23.31 -39.23
CA GLU C 339 -2.62 -23.26 -39.88
C GLU C 339 -3.72 -22.88 -38.87
N LYS C 340 -3.63 -23.45 -37.68
CA LYS C 340 -4.59 -23.14 -36.62
C LYS C 340 -4.63 -21.63 -36.29
N ALA C 341 -3.46 -20.98 -36.18
CA ALA C 341 -3.43 -19.53 -35.95
C ALA C 341 -4.06 -18.75 -37.14
N ALA C 342 -3.68 -19.12 -38.35
CA ALA C 342 -4.22 -18.49 -39.56
C ALA C 342 -5.75 -18.61 -39.61
N ALA C 343 -6.26 -19.82 -39.35
CA ALA C 343 -7.71 -20.04 -39.33
C ALA C 343 -8.38 -19.16 -38.26
N LEU C 344 -7.79 -19.10 -37.07
CA LEU C 344 -8.35 -18.29 -36.01
C LEU C 344 -8.45 -16.82 -36.43
N PHE C 345 -7.37 -16.30 -37.05
CA PHE C 345 -7.36 -14.91 -37.47
C PHE C 345 -8.44 -14.63 -38.51
N GLU C 346 -8.56 -15.53 -39.49
CA GLU C 346 -9.56 -15.40 -40.54
C GLU C 346 -10.97 -15.42 -39.91
N GLU C 347 -11.18 -16.31 -38.94
CA GLU C 347 -12.47 -16.34 -38.23
C GLU C 347 -12.80 -14.97 -37.63
N ARG C 348 -11.83 -14.34 -36.99
CA ARG C 348 -12.07 -13.06 -36.36
C ARG C 348 -12.43 -12.00 -37.37
N VAL C 349 -11.85 -12.09 -38.56
CA VAL C 349 -12.20 -11.19 -39.65
C VAL C 349 -13.66 -11.42 -40.07
N MET C 350 -14.03 -12.68 -40.31
CA MET C 350 -15.41 -12.99 -40.71
C MET C 350 -16.42 -12.51 -39.66
N ARG C 351 -16.12 -12.79 -38.40
CA ARG C 351 -16.98 -12.41 -37.28
C ARG C 351 -17.17 -10.88 -37.22
N ALA C 352 -16.10 -10.15 -37.56
CA ALA C 352 -16.16 -8.72 -37.54
C ALA C 352 -17.03 -8.19 -38.68
N ALA C 353 -16.96 -8.85 -39.84
CA ALA C 353 -17.78 -8.48 -40.99
C ALA C 353 -19.26 -8.71 -40.71
N GLU C 354 -19.56 -9.74 -39.92
CA GLU C 354 -20.94 -10.02 -39.51
C GLU C 354 -21.45 -8.94 -38.57
N GLU C 355 -20.50 -8.21 -37.98
CA GLU C 355 -20.83 -7.17 -36.99
C GLU C 355 -20.77 -5.77 -37.63
N GLY C 356 -20.61 -5.74 -38.95
CA GLY C 356 -20.64 -4.46 -39.66
C GLY C 356 -19.37 -4.12 -40.41
N ALA C 357 -18.30 -4.90 -40.20
CA ALA C 357 -17.03 -4.58 -40.85
C ALA C 357 -17.16 -4.76 -42.36
N ASP C 358 -16.28 -4.09 -43.11
CA ASP C 358 -16.29 -4.16 -44.56
C ASP C 358 -14.95 -4.72 -45.06
N ILE C 359 -14.95 -5.99 -45.46
CA ILE C 359 -13.77 -6.61 -46.04
C ILE C 359 -13.54 -6.08 -47.45
N LEU C 360 -12.39 -5.41 -47.67
CA LEU C 360 -12.07 -4.78 -48.95
C LEU C 360 -11.11 -5.64 -49.78
N TYR C 361 -10.42 -6.57 -49.14
CA TYR C 361 -9.38 -7.34 -49.81
C TYR C 361 -9.13 -8.60 -49.03
N HIS C 362 -9.35 -9.73 -49.70
CA HIS C 362 -9.19 -11.04 -49.06
C HIS C 362 -9.11 -12.09 -50.14
N PRO C 363 -7.92 -12.24 -50.73
CA PRO C 363 -7.70 -13.20 -51.82
C PRO C 363 -7.85 -14.66 -51.37
N GLY C 364 -8.19 -14.89 -50.11
CA GLY C 364 -8.38 -16.23 -49.62
C GLY C 364 -7.15 -16.85 -48.97
N ARG C 365 -7.42 -17.57 -47.88
CA ARG C 365 -6.37 -18.23 -47.10
C ARG C 365 -5.97 -19.60 -47.64
N SER C 366 -4.70 -19.95 -47.45
CA SER C 366 -4.18 -21.24 -47.89
C SER C 366 -3.31 -21.85 -46.79
N GLY C 367 -3.93 -22.67 -45.94
CA GLY C 367 -3.22 -23.31 -44.85
C GLY C 367 -2.73 -22.26 -43.85
N ALA C 368 -1.44 -22.20 -43.62
CA ALA C 368 -0.86 -21.18 -42.75
C ALA C 368 -0.61 -19.86 -43.46
N LEU C 369 -0.84 -19.84 -44.78
CA LEU C 369 -0.60 -18.63 -45.57
C LEU C 369 -1.81 -17.72 -45.52
N LEU C 370 -1.67 -16.61 -44.83
CA LEU C 370 -2.71 -15.61 -44.79
C LEU C 370 -2.29 -14.45 -45.69
N PRO C 371 -3.23 -13.96 -46.51
CA PRO C 371 -2.93 -12.74 -47.29
C PRO C 371 -3.10 -11.51 -46.40
N PRO C 372 -2.63 -10.33 -46.85
CA PRO C 372 -2.75 -9.09 -46.05
C PRO C 372 -4.17 -8.52 -46.13
N ILE C 373 -5.12 -9.24 -45.52
CA ILE C 373 -6.55 -8.88 -45.58
C ILE C 373 -6.80 -7.46 -45.09
N VAL C 374 -7.48 -6.64 -45.90
CA VAL C 374 -7.82 -5.28 -45.51
C VAL C 374 -9.28 -5.25 -45.07
N VAL C 375 -9.53 -4.79 -43.84
CA VAL C 375 -10.90 -4.71 -43.33
C VAL C 375 -11.17 -3.30 -42.82
N ASP C 376 -12.26 -2.67 -43.28
CA ASP C 376 -12.58 -1.29 -42.90
C ASP C 376 -13.79 -1.30 -41.98
N ARG C 377 -14.05 -0.18 -41.30
CA ARG C 377 -15.20 -0.06 -40.37
C ARG C 377 -15.26 -1.17 -39.32
N VAL C 378 -14.09 -1.59 -38.84
CA VAL C 378 -14.02 -2.60 -37.80
C VAL C 378 -14.57 -2.04 -36.48
N PRO C 379 -15.55 -2.72 -35.89
CA PRO C 379 -16.02 -2.35 -34.57
C PRO C 379 -14.91 -2.54 -33.53
N HIS C 380 -14.67 -1.50 -32.70
CA HIS C 380 -13.55 -1.54 -31.74
C HIS C 380 -13.70 -2.63 -30.68
N GLN C 381 -14.92 -3.14 -30.48
CA GLN C 381 -15.09 -4.17 -29.46
C GLN C 381 -15.17 -5.55 -30.08
N SER C 382 -15.08 -5.62 -31.42
CA SER C 382 -15.00 -6.94 -32.08
C SER C 382 -13.68 -7.65 -31.73
N ASP C 383 -13.71 -8.97 -31.65
CA ASP C 383 -12.55 -9.76 -31.27
C ASP C 383 -11.32 -9.47 -32.09
N LEU C 384 -11.48 -9.21 -33.38
CA LEU C 384 -10.35 -8.93 -34.24
C LEU C 384 -9.39 -7.89 -33.65
N VAL C 385 -9.93 -6.83 -33.05
CA VAL C 385 -9.06 -5.74 -32.59
C VAL C 385 -9.05 -5.57 -31.09
N LEU C 386 -9.98 -6.22 -30.40
CA LEU C 386 -10.08 -6.13 -28.94
C LEU C 386 -9.11 -7.11 -28.30
N GLU C 387 -9.06 -8.33 -28.84
CA GLU C 387 -8.05 -9.29 -28.49
C GLU C 387 -6.82 -9.00 -29.37
N GLU C 388 -5.68 -9.59 -29.04
CA GLU C 388 -4.47 -9.46 -29.84
C GLU C 388 -4.55 -10.45 -31.01
N THR C 389 -4.51 -9.93 -32.23
CA THR C 389 -4.53 -10.79 -33.43
C THR C 389 -3.17 -10.80 -34.13
N PHE C 390 -2.48 -11.91 -33.95
CA PHE C 390 -1.05 -11.99 -34.21
C PHE C 390 -0.78 -12.40 -35.66
N GLY C 391 -1.41 -11.71 -36.60
CA GLY C 391 -1.29 -12.02 -38.02
C GLY C 391 -1.35 -10.75 -38.86
N PRO C 392 -1.14 -10.91 -40.17
CA PRO C 392 -0.96 -9.75 -41.05
C PRO C 392 -2.29 -9.12 -41.50
N ILE C 393 -3.27 -9.06 -40.61
CA ILE C 393 -4.51 -8.35 -40.89
C ILE C 393 -4.26 -6.83 -40.83
N ILE C 394 -4.92 -6.09 -41.73
CA ILE C 394 -4.86 -4.63 -41.80
C ILE C 394 -6.25 -4.07 -41.48
N PRO C 395 -6.53 -3.84 -40.19
CA PRO C 395 -7.89 -3.51 -39.77
C PRO C 395 -8.03 -2.04 -39.42
N ILE C 396 -8.91 -1.33 -40.13
CA ILE C 396 -9.09 0.09 -39.91
C ILE C 396 -10.33 0.33 -39.03
N VAL C 397 -10.10 0.91 -37.86
CA VAL C 397 -11.19 1.31 -36.96
C VAL C 397 -11.46 2.80 -37.16
N ARG C 398 -12.67 3.16 -37.57
CA ARG C 398 -12.95 4.57 -37.76
C ARG C 398 -13.29 5.17 -36.41
N VAL C 399 -12.57 6.23 -36.05
CA VAL C 399 -12.78 6.87 -34.75
C VAL C 399 -13.20 8.33 -34.91
N PRO C 400 -13.73 8.95 -33.82
CA PRO C 400 -14.23 10.32 -33.94
C PRO C 400 -13.14 11.30 -34.28
N ASP C 401 -13.55 12.40 -34.91
CA ASP C 401 -12.69 13.57 -35.07
C ASP C 401 -12.60 14.31 -33.74
N ASP C 402 -12.17 13.58 -32.70
CA ASP C 402 -12.05 14.14 -31.35
C ASP C 402 -10.93 13.42 -30.64
N ASP C 403 -9.90 14.16 -30.27
CA ASP C 403 -8.72 13.53 -29.67
C ASP C 403 -8.98 12.81 -28.35
N ASP C 404 -9.71 13.45 -27.44
CA ASP C 404 -10.08 12.78 -26.20
C ASP C 404 -10.75 11.43 -26.43
N ALA C 405 -11.72 11.38 -27.36
CA ALA C 405 -12.45 10.13 -27.64
C ALA C 405 -11.51 9.14 -28.31
N THR C 406 -10.62 9.64 -29.16
CA THR C 406 -9.63 8.76 -29.80
C THR C 406 -8.68 8.14 -28.76
N ILE C 407 -8.15 8.97 -27.87
CA ILE C 407 -7.25 8.49 -26.83
C ILE C 407 -7.92 7.48 -25.91
N THR C 408 -9.14 7.79 -25.47
CA THR C 408 -9.94 6.85 -24.64
C THR C 408 -10.06 5.49 -25.35
N LEU C 409 -10.43 5.53 -26.62
CA LEU C 409 -10.58 4.33 -27.43
C LEU C 409 -9.25 3.60 -27.51
N SER C 410 -8.20 4.33 -27.87
CA SER C 410 -6.89 3.72 -27.96
C SER C 410 -6.47 3.00 -26.67
N ASN C 411 -6.77 3.60 -25.51
CA ASN C 411 -6.44 3.01 -24.20
C ASN C 411 -7.39 1.93 -23.69
N SER C 412 -8.39 1.56 -24.50
CA SER C 412 -9.50 0.77 -23.96
C SER C 412 -9.26 -0.73 -23.95
N THR C 413 -8.08 -1.19 -24.39
CA THR C 413 -7.78 -2.63 -24.35
C THR C 413 -6.96 -3.00 -23.10
N ALA C 414 -6.75 -4.29 -22.90
CA ALA C 414 -5.97 -4.77 -21.76
C ALA C 414 -4.46 -4.54 -21.98
N PHE C 415 -4.09 -4.07 -23.16
CA PHE C 415 -2.67 -3.89 -23.47
C PHE C 415 -2.20 -2.46 -23.42
N GLY C 416 -0.87 -2.29 -23.35
CA GLY C 416 -0.24 -0.98 -23.36
C GLY C 416 1.26 -1.12 -23.61
N LEU C 417 1.65 -1.25 -24.87
CA LEU C 417 3.03 -1.50 -25.19
C LEU C 417 3.56 -0.31 -25.98
N SER C 418 3.27 -0.30 -27.27
CA SER C 418 3.70 0.81 -28.10
C SER C 418 2.54 1.43 -28.89
N SER C 419 2.89 2.44 -29.69
CA SER C 419 1.91 3.17 -30.49
C SER C 419 2.63 4.04 -31.53
N GLY C 420 1.89 4.40 -32.55
CA GLY C 420 2.37 5.34 -33.55
C GLY C 420 1.27 6.35 -33.79
N VAL C 421 1.64 7.60 -34.01
CA VAL C 421 0.69 8.67 -34.26
C VAL C 421 1.15 9.51 -35.46
N CYS C 422 0.25 9.74 -36.40
CA CYS C 422 0.63 10.54 -37.57
C CYS C 422 -0.12 11.85 -37.58
N THR C 423 0.60 12.94 -37.38
CA THR C 423 0.01 14.25 -37.33
C THR C 423 1.15 15.24 -37.52
N ASN C 424 0.84 16.47 -37.88
CA ASN C 424 1.88 17.50 -37.93
C ASN C 424 1.65 18.62 -36.95
N ASP C 425 0.58 18.51 -36.18
CA ASP C 425 0.19 19.54 -35.21
C ASP C 425 0.91 19.21 -33.90
N TYR C 426 1.89 20.03 -33.51
CA TYR C 426 2.67 19.74 -32.28
C TYR C 426 1.80 19.61 -31.03
N ARG C 427 0.78 20.47 -30.93
CA ARG C 427 -0.08 20.47 -29.75
C ARG C 427 -0.73 19.10 -29.59
N ARG C 428 -1.16 18.53 -30.71
CA ARG C 428 -1.82 17.24 -30.69
C ARG C 428 -0.82 16.11 -30.44
N MET C 429 0.36 16.25 -31.04
CA MET C 429 1.44 15.31 -30.78
C MET C 429 1.70 15.18 -29.29
N GLN C 430 1.89 16.31 -28.59
CA GLN C 430 2.22 16.19 -27.19
C GLN C 430 1.06 15.66 -26.38
N LYS C 431 -0.16 15.97 -26.81
CA LYS C 431 -1.36 15.48 -26.12
C LYS C 431 -1.36 13.95 -26.15
N TYR C 432 -1.08 13.36 -27.32
CA TYR C 432 -1.08 11.88 -27.46
C TYR C 432 0.10 11.24 -26.71
N ILE C 433 1.28 11.88 -26.82
CA ILE C 433 2.43 11.44 -26.08
C ILE C 433 2.11 11.38 -24.60
N ALA C 434 1.46 12.43 -24.07
CA ALA C 434 1.08 12.43 -22.65
C ALA C 434 -0.05 11.45 -22.31
N GLY C 435 -1.00 11.24 -23.23
CA GLY C 435 -2.26 10.59 -22.89
C GLY C 435 -2.36 9.11 -23.19
N LEU C 436 -1.57 8.62 -24.14
CA LEU C 436 -1.63 7.18 -24.44
C LEU C 436 -1.03 6.36 -23.32
N LYS C 437 -1.74 5.34 -22.89
CA LYS C 437 -1.22 4.52 -21.80
C LYS C 437 -0.38 3.38 -22.32
N VAL C 438 0.87 3.67 -22.60
CA VAL C 438 1.74 2.75 -23.30
C VAL C 438 3.16 3.03 -22.86
N GLY C 439 4.10 2.13 -23.19
CA GLY C 439 5.51 2.33 -22.88
C GLY C 439 6.22 3.20 -23.90
N THR C 440 5.69 3.24 -25.13
CA THR C 440 6.30 4.00 -26.23
C THR C 440 5.30 4.71 -27.15
N VAL C 441 5.59 5.96 -27.53
CA VAL C 441 4.76 6.67 -28.51
C VAL C 441 5.66 7.17 -29.64
N ASN C 442 5.52 6.59 -30.83
CA ASN C 442 6.35 7.04 -31.97
C ASN C 442 5.59 8.03 -32.85
N ILE C 443 6.16 9.22 -33.06
CA ILE C 443 5.48 10.19 -33.90
C ILE C 443 5.92 9.92 -35.37
N TRP C 444 4.97 9.63 -36.25
CA TRP C 444 5.28 9.36 -37.65
C TRP C 444 6.16 8.14 -37.80
N GLU C 445 5.94 7.11 -36.98
CA GLU C 445 6.58 5.82 -37.21
C GLU C 445 5.66 4.71 -36.72
N VAL C 446 5.91 3.48 -37.11
CA VAL C 446 5.09 2.40 -36.61
C VAL C 446 5.35 2.20 -35.13
N PRO C 447 4.41 1.53 -34.43
CA PRO C 447 4.64 1.28 -32.98
C PRO C 447 5.85 0.40 -32.78
N GLY C 448 6.18 -0.37 -33.81
CA GLY C 448 7.30 -1.30 -33.72
C GLY C 448 8.67 -0.65 -33.75
N TYR C 449 8.75 0.62 -34.16
CA TYR C 449 10.05 1.22 -34.29
C TYR C 449 10.76 1.45 -32.95
N ARG C 450 12.00 0.97 -32.85
CA ARG C 450 12.87 1.27 -31.71
C ARG C 450 14.32 1.04 -32.14
N ILE C 451 15.29 1.48 -31.36
CA ILE C 451 16.65 0.98 -31.56
C ILE C 451 16.89 -0.15 -30.54
N GLU C 452 17.87 -1.04 -30.80
CA GLU C 452 17.97 -2.23 -29.98
C GLU C 452 18.43 -1.92 -28.57
N MET C 453 18.81 -0.67 -28.32
CA MET C 453 19.29 -0.33 -26.98
C MET C 453 18.49 0.75 -26.22
N SER C 454 17.36 1.20 -26.77
CA SER C 454 16.50 2.13 -26.05
C SER C 454 15.60 1.35 -25.07
N PRO C 455 15.13 2.01 -24.01
CA PRO C 455 14.23 1.33 -23.04
C PRO C 455 12.96 0.81 -23.72
N PHE C 456 12.73 -0.49 -23.57
CA PHE C 456 11.57 -1.11 -24.19
C PHE C 456 10.78 -1.88 -23.17
N GLY C 457 9.46 -1.76 -23.21
CA GLY C 457 8.60 -2.50 -22.28
C GLY C 457 7.27 -1.82 -22.10
N GLY C 458 6.22 -2.61 -21.86
CA GLY C 458 4.91 -2.04 -21.69
C GLY C 458 4.40 -2.09 -20.26
N ILE C 459 3.10 -1.83 -20.11
CA ILE C 459 2.43 -1.77 -18.84
C ILE C 459 1.12 -2.56 -19.01
N LYS C 460 0.25 -2.49 -18.01
CA LYS C 460 -1.00 -3.26 -18.08
C LYS C 460 -0.65 -4.73 -18.39
N ASP C 461 -1.35 -5.34 -19.33
CA ASP C 461 -1.11 -6.76 -19.63
C ASP C 461 0.05 -6.98 -20.59
N SER C 462 0.68 -5.89 -21.04
CA SER C 462 1.78 -6.02 -22.00
C SER C 462 3.10 -6.39 -21.31
N GLY C 463 3.22 -6.10 -20.02
CA GLY C 463 4.44 -6.47 -19.29
C GLY C 463 4.32 -6.16 -17.81
N ASN C 464 5.20 -6.77 -17.01
CA ASN C 464 5.11 -6.60 -15.55
C ASN C 464 5.80 -5.34 -15.08
N GLY C 465 6.35 -4.54 -15.99
CA GLY C 465 6.75 -3.18 -15.66
C GLY C 465 8.24 -2.88 -15.58
N TYR C 466 9.04 -3.79 -16.09
CA TYR C 466 10.49 -3.59 -16.12
C TYR C 466 10.93 -3.40 -17.57
N LYS C 467 11.90 -2.52 -17.78
CA LYS C 467 12.36 -2.25 -19.13
C LYS C 467 13.41 -3.27 -19.60
N GLU C 468 13.46 -3.42 -20.91
CA GLU C 468 14.33 -4.35 -21.63
C GLU C 468 15.07 -3.48 -22.69
N GLY C 469 15.58 -4.11 -23.74
CA GLY C 469 16.53 -3.46 -24.63
C GLY C 469 17.93 -3.63 -24.04
N VAL C 470 18.96 -3.51 -24.87
CA VAL C 470 20.32 -3.87 -24.41
C VAL C 470 20.77 -3.15 -23.13
N ILE C 471 20.56 -1.84 -23.05
CA ILE C 471 21.07 -1.12 -21.88
C ILE C 471 20.30 -1.47 -20.57
N GLU C 472 18.98 -1.48 -20.61
CA GLU C 472 18.22 -1.82 -19.41
C GLU C 472 18.33 -3.30 -19.00
N ALA C 473 18.51 -4.18 -19.98
CA ALA C 473 18.71 -5.57 -19.67
C ALA C 473 20.04 -5.73 -18.95
N MET C 474 21.08 -5.04 -19.40
CA MET C 474 22.38 -5.14 -18.72
C MET C 474 22.26 -4.70 -17.25
N LYS C 475 21.56 -3.59 -17.00
CA LYS C 475 21.40 -3.14 -15.64
C LYS C 475 20.64 -4.21 -14.87
N SER C 476 19.66 -4.79 -15.53
CA SER C 476 18.74 -5.63 -14.82
C SER C 476 19.34 -7.04 -14.53
N PHE C 477 20.39 -7.40 -15.27
CA PHE C 477 21.09 -8.66 -15.10
C PHE C 477 22.24 -8.55 -14.06
N THR C 478 22.26 -7.44 -13.33
CA THR C 478 23.26 -7.24 -12.30
C THR C 478 22.69 -6.85 -10.92
N ASN C 479 23.51 -7.00 -9.88
CA ASN C 479 23.22 -6.41 -8.59
C ASN C 479 24.14 -5.22 -8.39
N VAL C 480 23.58 -4.13 -7.87
CA VAL C 480 24.41 -2.97 -7.55
C VAL C 480 24.97 -3.16 -6.14
N LYS C 481 26.28 -3.11 -6.00
CA LYS C 481 26.87 -3.12 -4.66
C LYS C 481 27.43 -1.71 -4.40
N THR C 482 27.16 -1.16 -3.22
CA THR C 482 27.79 0.12 -2.82
C THR C 482 28.93 -0.16 -1.85
N PHE C 483 29.94 0.72 -1.83
CA PHE C 483 30.96 0.69 -0.78
C PHE C 483 31.26 2.11 -0.40
N SER C 484 31.58 2.35 0.87
CA SER C 484 31.96 3.73 1.25
C SER C 484 33.34 3.76 1.88
N LEU C 485 34.05 4.86 1.70
CA LEU C 485 35.42 5.02 2.20
C LEU C 485 35.47 6.31 2.99
N PRO C 486 36.23 6.33 4.11
CA PRO C 486 36.53 7.59 4.83
C PRO C 486 37.12 8.61 3.86
N TRP C 487 36.67 9.86 3.94
CA TRP C 487 37.22 10.86 3.04
C TRP C 487 37.48 12.16 3.77
N HIS D 15 60.38 11.36 -49.36
CA HIS D 15 59.73 12.63 -49.76
C HIS D 15 58.20 12.59 -49.79
N GLU D 16 57.57 13.33 -48.88
CA GLU D 16 56.12 13.30 -48.72
C GLU D 16 55.53 14.70 -48.82
N PRO D 17 54.59 14.89 -49.74
CA PRO D 17 53.84 16.16 -49.85
C PRO D 17 52.87 16.33 -48.69
N MET D 18 52.42 17.57 -48.47
CA MET D 18 51.28 17.81 -47.58
C MET D 18 50.03 17.10 -48.08
N ARG D 19 49.11 16.82 -47.16
CA ARG D 19 47.78 16.33 -47.52
C ARG D 19 46.78 17.44 -47.19
N ILE D 20 46.28 18.09 -48.22
CA ILE D 20 45.32 19.17 -48.02
C ILE D 20 43.97 18.72 -48.57
N ALA D 21 43.05 18.41 -47.66
CA ALA D 21 41.78 17.82 -48.07
C ALA D 21 41.97 16.71 -49.15
N GLY D 22 42.91 15.79 -48.90
CA GLY D 22 43.07 14.64 -49.78
C GLY D 22 43.98 14.88 -51.01
N ARG D 23 44.34 16.13 -51.26
CA ARG D 23 45.24 16.48 -52.37
C ARG D 23 46.68 16.52 -51.90
N LEU D 24 47.59 16.03 -52.74
CA LEU D 24 49.01 16.10 -52.40
C LEU D 24 49.51 17.49 -52.79
N VAL D 25 50.05 18.22 -51.84
CA VAL D 25 50.48 19.58 -52.12
C VAL D 25 51.94 19.79 -51.73
N ASP D 26 52.74 20.20 -52.72
CA ASP D 26 54.19 20.33 -52.56
C ASP D 26 54.65 21.78 -52.61
N THR D 27 55.84 22.03 -52.04
CA THR D 27 56.53 23.31 -52.22
C THR D 27 57.93 23.02 -52.76
N ASP D 28 58.64 24.07 -53.17
CA ASP D 28 60.00 23.92 -53.68
C ASP D 28 60.97 23.61 -52.54
N ASP D 29 60.93 24.47 -51.53
CA ASP D 29 61.72 24.27 -50.33
C ASP D 29 61.27 23.05 -49.54
N ARG D 30 62.21 22.44 -48.83
CA ARG D 30 61.94 21.21 -48.10
C ARG D 30 62.37 21.32 -46.65
N VAL D 31 61.72 20.52 -45.80
CA VAL D 31 62.18 20.35 -44.43
C VAL D 31 62.71 18.94 -44.39
N GLU D 32 63.93 18.77 -43.91
CA GLU D 32 64.55 17.46 -43.87
C GLU D 32 64.24 16.79 -42.54
N VAL D 33 63.90 15.51 -42.58
CA VAL D 33 63.60 14.78 -41.35
C VAL D 33 64.74 13.81 -41.09
N ARG D 34 65.39 13.94 -39.94
CA ARG D 34 66.54 13.09 -39.62
C ARG D 34 66.28 12.02 -38.58
N TYR D 35 66.93 10.87 -38.80
CA TYR D 35 66.86 9.75 -37.87
C TYR D 35 67.81 10.01 -36.70
N PRO D 36 67.26 10.13 -35.50
CA PRO D 36 68.15 10.55 -34.39
C PRO D 36 69.24 9.55 -34.04
N TRP D 37 69.04 8.28 -34.41
CA TRP D 37 70.06 7.26 -34.15
C TRP D 37 71.43 7.54 -34.86
N ASN D 38 71.40 7.94 -36.12
CA ASN D 38 72.62 8.18 -36.88
C ASN D 38 72.64 9.51 -37.62
N ASP D 39 71.65 10.37 -37.32
CA ASP D 39 71.54 11.71 -37.92
C ASP D 39 71.43 11.72 -39.45
N THR D 40 71.03 10.61 -40.07
CA THR D 40 70.81 10.62 -41.52
C THR D 40 69.43 11.12 -41.92
N VAL D 41 69.33 11.66 -43.13
CA VAL D 41 68.04 12.12 -43.62
C VAL D 41 67.23 10.91 -44.00
N VAL D 42 66.06 10.74 -43.37
CA VAL D 42 65.20 9.62 -43.75
C VAL D 42 64.00 10.07 -44.56
N GLY D 43 63.74 11.36 -44.57
CA GLY D 43 62.58 11.87 -45.30
C GLY D 43 62.61 13.37 -45.50
N THR D 44 61.68 13.85 -46.32
CA THR D 44 61.54 15.28 -46.51
C THR D 44 60.04 15.63 -46.65
N VAL D 45 59.64 16.80 -46.15
CA VAL D 45 58.28 17.28 -46.30
C VAL D 45 58.33 18.74 -46.72
N PRO D 46 57.24 19.25 -47.29
CA PRO D 46 57.27 20.66 -47.75
C PRO D 46 57.50 21.66 -46.65
N ALA D 47 58.22 22.75 -46.98
CA ALA D 47 58.26 23.94 -46.14
C ALA D 47 56.97 24.76 -46.38
N GLY D 48 55.85 24.30 -45.85
CA GLY D 48 54.57 24.94 -46.13
C GLY D 48 54.56 26.37 -45.56
N ARG D 49 53.68 27.21 -46.11
CA ARG D 49 53.56 28.59 -45.66
C ARG D 49 52.13 28.89 -45.21
N ALA D 50 51.92 30.10 -44.70
CA ALA D 50 50.61 30.54 -44.20
C ALA D 50 49.50 30.20 -45.16
N GLU D 51 49.73 30.50 -46.44
CA GLU D 51 48.71 30.33 -47.48
C GLU D 51 48.20 28.88 -47.55
N HIS D 52 49.07 27.92 -47.29
CA HIS D 52 48.67 26.52 -47.32
C HIS D 52 47.71 26.18 -46.15
N ALA D 53 48.10 26.62 -44.94
CA ALA D 53 47.22 26.51 -43.77
C ALA D 53 45.92 27.20 -44.10
N ARG D 54 46.03 28.43 -44.63
CA ARG D 54 44.85 29.23 -44.98
C ARG D 54 43.90 28.46 -45.90
N GLU D 55 44.45 27.78 -46.90
CA GLU D 55 43.60 27.07 -47.85
C GLU D 55 42.94 25.89 -47.16
N ALA D 56 43.69 25.19 -46.33
CA ALA D 56 43.15 24.03 -45.60
C ALA D 56 41.99 24.47 -44.72
N PHE D 57 42.13 25.62 -44.06
CA PHE D 57 41.09 26.12 -43.19
C PHE D 57 39.86 26.56 -43.96
N ALA D 58 40.07 27.13 -45.14
CA ALA D 58 38.93 27.56 -45.93
C ALA D 58 38.11 26.35 -46.39
N ILE D 59 38.83 25.31 -46.80
CA ILE D 59 38.15 24.08 -47.20
C ILE D 59 37.37 23.49 -46.02
N ALA D 60 38.03 23.47 -44.85
CA ALA D 60 37.44 22.92 -43.62
C ALA D 60 36.18 23.68 -43.26
N ALA D 61 36.25 25.01 -43.35
CA ALA D 61 35.13 25.86 -42.98
C ALA D 61 33.94 25.66 -43.91
N ALA D 62 34.21 25.52 -45.20
CA ALA D 62 33.12 25.46 -46.17
C ALA D 62 32.44 24.09 -46.17
N TYR D 63 33.18 23.06 -45.75
CA TYR D 63 32.57 21.73 -45.77
C TYR D 63 31.70 21.45 -44.51
N GLN D 64 30.48 21.00 -44.73
CA GLN D 64 29.58 20.63 -43.62
C GLN D 64 29.38 19.11 -43.60
N PRO D 65 30.10 18.42 -42.71
CA PRO D 65 29.96 16.96 -42.65
C PRO D 65 28.51 16.53 -42.39
N LYS D 66 28.05 15.50 -43.08
CA LYS D 66 26.71 14.97 -42.88
C LYS D 66 26.76 13.49 -42.47
N LEU D 67 27.94 12.99 -42.12
CA LEU D 67 28.08 11.60 -41.67
C LEU D 67 27.12 11.22 -40.55
N THR D 68 26.44 10.09 -40.69
CA THR D 68 25.64 9.57 -39.59
C THR D 68 26.56 9.10 -38.46
N ARG D 69 26.03 8.84 -37.27
CA ARG D 69 26.91 8.28 -36.27
C ARG D 69 27.46 6.94 -36.75
N TYR D 70 26.62 6.20 -37.47
CA TYR D 70 27.04 4.89 -37.96
C TYR D 70 28.25 5.02 -38.91
N GLU D 71 28.17 5.98 -39.84
CA GLU D 71 29.24 6.19 -40.82
C GLU D 71 30.52 6.63 -40.14
N ARG D 72 30.39 7.50 -39.14
CA ARG D 72 31.58 7.90 -38.40
C ARG D 72 32.18 6.72 -37.69
N GLN D 73 31.34 5.92 -37.01
CA GLN D 73 31.87 4.72 -36.33
C GLN D 73 32.61 3.81 -37.31
N LYS D 74 32.00 3.59 -38.47
CA LYS D 74 32.59 2.69 -39.49
C LYS D 74 33.98 3.20 -39.94
N ILE D 75 34.09 4.49 -40.19
CA ILE D 75 35.38 5.09 -40.55
C ILE D 75 36.41 4.94 -39.45
N LEU D 76 36.02 5.31 -38.22
CA LEU D 76 36.94 5.17 -37.10
C LEU D 76 37.38 3.73 -36.84
N LEU D 77 36.44 2.78 -36.88
CA LEU D 77 36.81 1.36 -36.65
C LEU D 77 37.67 0.83 -37.80
N ALA D 78 37.38 1.23 -39.04
CA ALA D 78 38.21 0.83 -40.19
C ALA D 78 39.63 1.41 -40.05
N THR D 79 39.73 2.60 -39.49
CA THR D 79 41.04 3.18 -39.23
C THR D 79 41.80 2.36 -38.17
N ALA D 80 41.10 1.90 -37.15
CA ALA D 80 41.73 1.02 -36.16
C ALA D 80 42.24 -0.27 -36.82
N GLU D 81 41.41 -0.87 -37.66
CA GLU D 81 41.82 -2.14 -38.29
C GLU D 81 43.04 -1.93 -39.20
N ALA D 82 43.11 -0.77 -39.85
CA ALA D 82 44.29 -0.44 -40.66
C ALA D 82 45.54 -0.23 -39.80
N LEU D 83 45.39 0.44 -38.67
CA LEU D 83 46.53 0.62 -37.78
C LEU D 83 47.08 -0.71 -37.32
N ALA D 84 46.19 -1.64 -36.96
CA ALA D 84 46.60 -2.99 -36.52
C ALA D 84 47.31 -3.75 -37.65
N ALA D 85 46.69 -3.71 -38.84
CA ALA D 85 47.22 -4.43 -39.98
C ALA D 85 48.58 -3.89 -40.40
N ARG D 86 48.78 -2.58 -40.32
CA ARG D 86 50.02 -1.95 -40.78
C ARG D 86 50.97 -1.55 -39.67
N LYS D 87 50.79 -2.15 -38.49
CA LYS D 87 51.53 -1.67 -37.33
C LYS D 87 53.03 -1.69 -37.55
N GLU D 88 53.53 -2.67 -38.30
CA GLU D 88 54.98 -2.77 -38.47
C GLU D 88 55.48 -1.60 -39.31
N GLU D 89 54.80 -1.36 -40.41
CA GLU D 89 55.11 -0.25 -41.27
C GLU D 89 55.00 1.10 -40.53
N ILE D 90 53.90 1.28 -39.81
CA ILE D 90 53.67 2.53 -39.09
C ILE D 90 54.74 2.73 -38.02
N SER D 91 55.00 1.70 -37.20
CA SER D 91 56.04 1.84 -36.18
C SER D 91 57.44 2.10 -36.75
N ASP D 92 57.76 1.51 -37.91
CA ASP D 92 59.03 1.83 -38.60
C ASP D 92 59.13 3.34 -38.85
N VAL D 93 58.07 3.92 -39.40
CA VAL D 93 58.06 5.36 -39.66
C VAL D 93 58.25 6.17 -38.36
N ILE D 94 57.62 5.71 -37.28
CA ILE D 94 57.73 6.43 -36.01
C ILE D 94 59.17 6.35 -35.51
N THR D 95 59.74 5.14 -35.53
CA THR D 95 61.07 4.94 -35.01
C THR D 95 62.15 5.67 -35.82
N LEU D 96 61.97 5.73 -37.15
CA LEU D 96 62.93 6.40 -38.04
C LEU D 96 62.91 7.90 -37.89
N GLU D 97 61.79 8.41 -37.41
CA GLU D 97 61.55 9.85 -37.22
C GLU D 97 61.92 10.32 -35.80
N LEU D 98 61.55 9.52 -34.80
CA LEU D 98 61.65 9.90 -33.39
C LEU D 98 62.84 9.26 -32.66
N GLY D 99 63.11 8.01 -33.01
CA GLY D 99 64.30 7.33 -32.50
C GLY D 99 64.00 6.42 -31.34
N ILE D 100 62.73 6.40 -30.94
CA ILE D 100 62.32 5.48 -29.90
C ILE D 100 62.40 4.01 -30.42
N SER D 101 62.62 3.08 -29.50
CA SER D 101 62.70 1.68 -29.85
C SER D 101 61.46 1.20 -30.58
N LYS D 102 61.62 0.16 -31.39
CA LYS D 102 60.46 -0.48 -32.02
C LYS D 102 59.46 -0.94 -30.98
N ALA D 103 59.95 -1.35 -29.82
CA ALA D 103 59.07 -1.79 -28.75
C ALA D 103 58.16 -0.63 -28.31
N ASP D 104 58.75 0.56 -28.17
CA ASP D 104 57.97 1.72 -27.80
C ASP D 104 57.04 2.14 -28.99
N SER D 105 57.55 2.11 -30.21
CA SER D 105 56.73 2.59 -31.31
C SER D 105 55.60 1.63 -31.66
N LEU D 106 55.84 0.32 -31.50
CA LEU D 106 54.75 -0.65 -31.68
C LEU D 106 53.71 -0.39 -30.58
N TYR D 107 54.18 -0.16 -29.35
CA TYR D 107 53.26 0.15 -28.27
C TYR D 107 52.44 1.37 -28.62
N GLU D 108 53.08 2.40 -29.20
CA GLU D 108 52.36 3.61 -29.55
C GLU D 108 51.24 3.31 -30.57
N VAL D 109 51.51 2.40 -31.50
CA VAL D 109 50.49 2.04 -32.49
C VAL D 109 49.30 1.38 -31.79
N GLY D 110 49.57 0.52 -30.80
CA GLY D 110 48.52 -0.07 -30.00
C GLY D 110 47.65 0.99 -29.29
N ARG D 111 48.28 2.08 -28.83
CA ARG D 111 47.51 3.17 -28.20
C ARG D 111 46.59 3.88 -29.21
N ALA D 112 47.14 4.18 -30.39
CA ALA D 112 46.32 4.82 -31.43
C ALA D 112 45.18 3.90 -31.86
N PHE D 113 45.45 2.60 -31.88
CA PHE D 113 44.41 1.62 -32.12
C PHE D 113 43.29 1.76 -31.06
N ASP D 114 43.67 1.90 -29.79
CA ASP D 114 42.68 2.11 -28.72
C ASP D 114 41.93 3.43 -28.94
N VAL D 115 42.65 4.51 -29.25
CA VAL D 115 42.01 5.81 -29.47
C VAL D 115 40.96 5.72 -30.53
N PHE D 116 41.30 5.15 -31.67
CA PHE D 116 40.31 5.07 -32.74
C PHE D 116 39.18 4.10 -32.42
N THR D 117 39.48 3.03 -31.69
CA THR D 117 38.45 2.05 -31.34
C THR D 117 37.46 2.72 -30.39
N LEU D 118 37.99 3.31 -29.32
CA LEU D 118 37.13 3.91 -28.34
C LEU D 118 36.31 5.07 -28.93
N ALA D 119 36.92 5.92 -29.76
CA ALA D 119 36.17 7.03 -30.38
C ALA D 119 35.04 6.47 -31.24
N GLY D 120 35.33 5.40 -31.98
CA GLY D 120 34.32 4.83 -32.84
C GLY D 120 33.15 4.33 -31.99
N GLN D 121 33.46 3.70 -30.88
CA GLN D 121 32.42 3.14 -30.00
C GLN D 121 31.61 4.20 -29.25
N MET D 122 32.24 5.36 -29.00
CA MET D 122 31.56 6.50 -28.39
C MET D 122 30.57 7.21 -29.30
N CYS D 123 30.66 6.97 -30.60
CA CYS D 123 29.70 7.55 -31.56
C CYS D 123 28.24 7.16 -31.35
N ILE D 124 27.98 6.03 -30.71
CA ILE D 124 26.58 5.64 -30.51
C ILE D 124 26.01 6.38 -29.31
N ARG D 125 26.86 7.05 -28.54
CA ARG D 125 26.42 7.64 -27.27
C ARG D 125 25.93 9.11 -27.44
N ASP D 126 24.69 9.37 -27.03
CA ASP D 126 24.14 10.72 -27.05
C ASP D 126 23.99 11.20 -25.59
N ASP D 127 24.72 12.24 -25.20
CA ASP D 127 24.71 12.67 -23.79
C ASP D 127 23.71 13.82 -23.54
N GLY D 128 22.78 14.02 -24.47
CA GLY D 128 21.76 15.04 -24.27
C GLY D 128 20.98 14.90 -22.97
N GLU D 129 20.48 16.04 -22.46
CA GLU D 129 19.76 16.10 -21.19
C GLU D 129 18.39 16.71 -21.42
N ILE D 130 17.52 16.51 -20.44
CA ILE D 130 16.18 17.09 -20.48
C ILE D 130 15.96 17.77 -19.14
N PHE D 131 15.42 18.98 -19.18
CA PHE D 131 15.10 19.71 -17.94
C PHE D 131 13.60 19.95 -17.92
N SER D 132 12.96 19.78 -16.77
CA SER D 132 11.58 20.24 -16.60
C SER D 132 11.62 21.65 -16.05
N CYS D 133 10.67 22.49 -16.47
CA CYS D 133 10.76 23.93 -16.18
C CYS D 133 9.81 24.38 -15.11
N ASP D 134 8.96 23.47 -14.62
CA ASP D 134 7.97 23.84 -13.58
C ASP D 134 8.59 23.72 -12.17
N LEU D 135 9.70 24.45 -11.96
CA LEU D 135 10.60 24.18 -10.83
C LEU D 135 10.50 25.21 -9.71
N THR D 136 10.10 26.43 -10.06
CA THR D 136 10.09 27.56 -9.14
C THR D 136 8.77 28.31 -9.31
N PRO D 137 8.57 29.39 -8.53
CA PRO D 137 7.45 30.30 -8.78
C PRO D 137 7.47 30.90 -10.21
N HIS D 138 8.66 31.07 -10.79
CA HIS D 138 8.81 31.52 -12.17
C HIS D 138 8.62 30.37 -13.19
N GLY D 139 8.11 29.22 -12.72
CA GLY D 139 8.07 28.01 -13.54
C GLY D 139 7.07 27.99 -14.68
N LYS D 140 7.32 27.16 -15.68
CA LYS D 140 6.45 27.02 -16.85
C LYS D 140 6.26 25.53 -17.21
N ALA D 141 5.11 25.18 -17.80
CA ALA D 141 4.88 23.79 -18.27
C ALA D 141 5.62 23.52 -19.59
N ARG D 142 6.87 23.12 -19.49
CA ARG D 142 7.78 23.22 -20.63
C ARG D 142 8.97 22.29 -20.39
N LYS D 143 9.54 21.77 -21.46
CA LYS D 143 10.77 21.03 -21.28
C LYS D 143 11.89 21.68 -22.09
N ILE D 144 13.11 21.60 -21.55
CA ILE D 144 14.29 22.03 -22.27
C ILE D 144 15.10 20.78 -22.63
N PHE D 145 15.62 20.72 -23.85
CA PHE D 145 16.40 19.57 -24.31
C PHE D 145 17.73 20.10 -24.79
N THR D 146 18.78 19.26 -24.74
CA THR D 146 20.10 19.69 -25.24
C THR D 146 20.56 18.77 -26.35
N MET D 147 21.40 19.30 -27.23
CA MET D 147 22.04 18.51 -28.29
C MET D 147 23.37 19.21 -28.60
N ARG D 148 24.25 18.51 -29.33
CA ARG D 148 25.54 19.04 -29.68
C ARG D 148 25.66 19.24 -31.20
N GLU D 149 26.38 20.28 -31.61
CA GLU D 149 26.70 20.52 -33.01
C GLU D 149 28.21 20.78 -33.16
N PRO D 150 28.76 20.50 -34.34
CA PRO D 150 30.21 20.65 -34.57
C PRO D 150 30.58 22.11 -34.72
N LEU D 151 31.88 22.39 -34.69
CA LEU D 151 32.41 23.75 -34.91
C LEU D 151 32.68 24.02 -36.40
N THR D 152 33.11 25.23 -36.72
CA THR D 152 33.49 25.55 -38.11
C THR D 152 34.79 24.85 -38.52
N ALA D 153 35.85 24.97 -37.70
CA ALA D 153 37.10 24.28 -38.01
C ALA D 153 37.92 24.15 -36.74
N ILE D 154 38.70 23.08 -36.67
CA ILE D 154 39.55 22.87 -35.53
C ILE D 154 41.00 22.89 -35.98
N SER D 155 41.83 23.53 -35.18
CA SER D 155 43.24 23.64 -35.45
C SER D 155 44.01 22.75 -34.47
N ALA D 156 44.82 21.81 -34.98
CA ALA D 156 45.54 20.86 -34.11
C ALA D 156 47.03 21.00 -34.32
N ILE D 157 47.78 21.16 -33.23
CA ILE D 157 49.23 21.33 -33.30
C ILE D 157 49.83 20.33 -32.36
N THR D 158 50.68 19.43 -32.88
CA THR D 158 51.14 18.26 -32.12
C THR D 158 52.65 18.23 -31.91
N PRO D 159 53.10 17.53 -30.89
CA PRO D 159 54.51 17.53 -30.53
C PRO D 159 55.25 16.29 -31.07
N PHE D 160 56.54 16.16 -30.78
CA PHE D 160 57.29 15.06 -31.35
C PHE D 160 57.15 13.72 -30.59
N ASN D 161 56.78 13.78 -29.31
CA ASN D 161 56.95 12.59 -28.50
C ASN D 161 55.99 11.43 -28.79
N HIS D 162 54.82 11.70 -29.34
CA HIS D 162 53.93 10.64 -29.85
C HIS D 162 53.44 11.01 -31.26
N PRO D 163 54.30 10.79 -32.27
CA PRO D 163 54.03 11.29 -33.61
C PRO D 163 52.73 10.74 -34.16
N LEU D 164 52.33 9.56 -33.67
CA LEU D 164 51.06 8.98 -34.10
C LEU D 164 49.94 9.27 -33.09
N ASN D 165 50.17 8.91 -31.83
CA ASN D 165 49.07 8.94 -30.84
C ASN D 165 48.57 10.34 -30.53
N MET D 166 49.46 11.33 -30.58
CA MET D 166 49.01 12.72 -30.36
C MET D 166 48.10 13.20 -31.49
N VAL D 167 48.39 12.78 -32.71
CA VAL D 167 47.52 13.15 -33.82
C VAL D 167 46.18 12.38 -33.72
N ALA D 168 46.22 11.09 -33.37
CA ALA D 168 45.01 10.28 -33.11
C ALA D 168 44.08 10.96 -32.13
N HIS D 169 44.62 11.37 -30.99
CA HIS D 169 43.82 12.02 -29.92
C HIS D 169 43.16 13.32 -30.32
N LYS D 170 43.72 14.02 -31.29
CA LYS D 170 43.08 15.25 -31.75
C LYS D 170 42.21 15.03 -32.99
N VAL D 171 42.51 14.02 -33.79
CA VAL D 171 41.70 13.79 -35.00
C VAL D 171 40.50 12.83 -34.79
N ALA D 172 40.70 11.76 -34.05
CA ALA D 172 39.61 10.76 -33.89
C ALA D 172 38.34 11.41 -33.28
N PRO D 173 38.50 12.22 -32.19
CA PRO D 173 37.31 12.90 -31.62
C PRO D 173 36.69 13.95 -32.56
N ALA D 174 37.48 14.56 -33.42
CA ALA D 174 36.92 15.51 -34.39
C ALA D 174 36.08 14.77 -35.39
N ILE D 175 36.59 13.64 -35.87
CA ILE D 175 35.85 12.85 -36.84
C ILE D 175 34.53 12.40 -36.21
N ALA D 176 34.61 11.97 -34.96
CA ALA D 176 33.43 11.38 -34.28
C ALA D 176 32.34 12.44 -34.09
N THR D 177 32.73 13.70 -34.15
CA THR D 177 31.75 14.74 -33.90
C THR D 177 31.48 15.57 -35.17
N ASN D 178 31.90 15.06 -36.32
CA ASN D 178 31.60 15.75 -37.58
C ASN D 178 32.28 17.11 -37.70
N ASN D 179 33.45 17.24 -37.10
CA ASN D 179 34.27 18.44 -37.28
C ASN D 179 35.23 18.30 -38.46
N CYS D 180 35.84 19.41 -38.85
CA CYS D 180 36.88 19.40 -39.88
C CYS D 180 38.12 19.92 -39.22
N VAL D 181 39.22 19.17 -39.34
CA VAL D 181 40.40 19.50 -38.56
C VAL D 181 41.62 19.70 -39.48
N VAL D 182 42.46 20.64 -39.10
CA VAL D 182 43.72 20.80 -39.82
C VAL D 182 44.83 20.59 -38.83
N VAL D 183 45.72 19.66 -39.15
CA VAL D 183 46.84 19.35 -38.27
C VAL D 183 48.18 19.91 -38.78
N LYS D 184 48.94 20.52 -37.88
CA LYS D 184 50.33 20.82 -38.18
C LYS D 184 51.21 20.09 -37.20
N PRO D 185 51.78 18.95 -37.63
CA PRO D 185 52.66 18.21 -36.73
C PRO D 185 53.96 18.96 -36.63
N THR D 186 54.78 18.62 -35.63
CA THR D 186 56.10 19.22 -35.51
C THR D 186 56.97 18.87 -36.71
N GLU D 187 57.83 19.82 -37.10
CA GLU D 187 58.73 19.59 -38.25
C GLU D 187 59.71 18.44 -37.95
N LEU D 188 59.87 18.09 -36.68
CA LEU D 188 60.77 17.00 -36.29
C LEU D 188 60.23 15.59 -36.59
N THR D 189 58.92 15.40 -36.55
CA THR D 189 58.32 14.07 -36.82
C THR D 189 56.98 14.14 -37.57
N PRO D 190 56.98 14.74 -38.79
CA PRO D 190 55.75 15.03 -39.54
C PRO D 190 55.24 13.85 -40.37
N MET D 191 56.10 12.87 -40.62
CA MET D 191 55.76 11.83 -41.59
C MET D 191 54.68 10.87 -41.12
N THR D 192 54.71 10.57 -39.82
CA THR D 192 53.71 9.68 -39.24
C THR D 192 52.33 10.29 -39.43
N ALA D 193 52.23 11.62 -39.29
CA ALA D 193 50.94 12.32 -39.41
C ALA D 193 50.42 12.21 -40.83
N LEU D 194 51.33 12.44 -41.78
CA LEU D 194 50.95 12.38 -43.21
C LEU D 194 50.47 10.96 -43.55
N LEU D 195 51.14 9.96 -42.99
CA LEU D 195 50.72 8.56 -43.21
C LEU D 195 49.35 8.27 -42.58
N LEU D 196 49.09 8.82 -41.38
CA LEU D 196 47.79 8.61 -40.72
C LEU D 196 46.71 9.22 -41.59
N ALA D 197 47.04 10.36 -42.22
CA ALA D 197 46.06 11.00 -43.12
C ALA D 197 45.66 10.10 -44.26
N ASP D 198 46.65 9.49 -44.92
CA ASP D 198 46.32 8.56 -46.02
C ASP D 198 45.46 7.38 -45.55
N ILE D 199 45.73 6.88 -44.35
CA ILE D 199 44.97 5.75 -43.82
C ILE D 199 43.51 6.19 -43.61
N LEU D 200 43.32 7.39 -43.06
CA LEU D 200 41.99 7.96 -42.85
C LEU D 200 41.22 8.16 -44.16
N TYR D 201 41.87 8.70 -45.19
CA TYR D 201 41.19 8.82 -46.49
C TYR D 201 40.80 7.45 -47.01
N GLU D 202 41.73 6.52 -46.92
CA GLU D 202 41.50 5.17 -47.40
C GLU D 202 40.35 4.51 -46.62
N ALA D 203 40.18 4.89 -45.35
CA ALA D 203 39.14 4.30 -44.50
C ALA D 203 37.76 4.92 -44.75
N GLY D 204 37.70 5.92 -45.63
CA GLY D 204 36.41 6.47 -46.02
C GLY D 204 36.13 7.90 -45.53
N LEU D 205 37.08 8.53 -44.86
CA LEU D 205 36.83 9.86 -44.40
C LEU D 205 36.68 10.84 -45.57
N PRO D 206 35.57 11.59 -45.62
CA PRO D 206 35.49 12.69 -46.58
C PRO D 206 36.71 13.60 -46.43
N PRO D 207 37.48 13.75 -47.50
CA PRO D 207 38.83 14.35 -47.41
C PRO D 207 38.82 15.80 -46.88
N GLU D 208 37.73 16.52 -47.12
CA GLU D 208 37.61 17.87 -46.55
C GLU D 208 37.69 17.91 -45.01
N MET D 209 37.44 16.77 -44.37
CA MET D 209 37.42 16.73 -42.91
C MET D 209 38.80 16.71 -42.31
N LEU D 210 39.82 16.45 -43.13
CA LEU D 210 41.19 16.40 -42.62
C LEU D 210 42.26 16.96 -43.58
N SER D 211 43.13 17.80 -43.02
CA SER D 211 44.30 18.24 -43.75
C SER D 211 45.47 18.13 -42.80
N VAL D 212 46.64 17.78 -43.35
CA VAL D 212 47.86 17.79 -42.58
C VAL D 212 48.83 18.66 -43.33
N VAL D 213 49.21 19.79 -42.73
CA VAL D 213 50.18 20.70 -43.35
C VAL D 213 51.49 20.67 -42.58
N THR D 214 52.59 21.06 -43.22
CA THR D 214 53.92 20.97 -42.62
C THR D 214 54.72 22.22 -42.94
N GLY D 215 55.74 22.49 -42.14
CA GLY D 215 56.53 23.69 -42.34
C GLY D 215 57.26 24.15 -41.08
N TRP D 216 58.06 25.20 -41.23
CA TRP D 216 58.68 25.83 -40.09
C TRP D 216 57.61 26.59 -39.34
N PRO D 217 57.74 26.62 -38.01
CA PRO D 217 56.84 27.41 -37.14
C PRO D 217 56.79 28.88 -37.59
N ALA D 218 57.94 29.41 -38.02
CA ALA D 218 58.05 30.81 -38.40
C ALA D 218 57.17 31.18 -39.58
N ASP D 219 56.97 30.22 -40.49
CA ASP D 219 56.13 30.46 -41.68
C ASP D 219 54.64 30.14 -41.53
N ILE D 220 54.34 28.99 -40.91
CA ILE D 220 52.99 28.45 -40.96
C ILE D 220 52.35 28.33 -39.56
N GLY D 221 53.20 28.45 -38.54
CA GLY D 221 52.72 28.33 -37.17
C GLY D 221 51.67 29.36 -36.79
N MET D 222 51.91 30.62 -37.15
CA MET D 222 50.98 31.69 -36.73
C MET D 222 49.59 31.53 -37.36
N GLU D 223 49.56 31.02 -38.59
CA GLU D 223 48.29 30.86 -39.32
C GLU D 223 47.41 29.81 -38.63
N MET D 224 48.06 28.77 -38.11
CA MET D 224 47.33 27.74 -37.35
C MET D 224 46.67 28.32 -36.10
N ILE D 225 47.23 29.43 -35.60
CA ILE D 225 46.75 30.07 -34.35
C ILE D 225 45.70 31.19 -34.56
N THR D 226 45.73 31.86 -35.72
CA THR D 226 45.00 33.10 -35.90
C THR D 226 44.03 33.07 -37.06
N ASN D 227 44.06 32.00 -37.86
CA ASN D 227 43.09 31.91 -38.94
C ASN D 227 41.68 32.18 -38.42
N PRO D 228 40.93 33.04 -39.12
CA PRO D 228 39.60 33.46 -38.66
C PRO D 228 38.54 32.35 -38.65
N HIS D 229 38.74 31.24 -39.39
CA HIS D 229 37.78 30.14 -39.39
C HIS D 229 37.91 29.24 -38.18
N VAL D 230 39.03 29.36 -37.47
CA VAL D 230 39.33 28.45 -36.37
C VAL D 230 38.53 28.75 -35.13
N ASP D 231 37.69 27.79 -34.71
CA ASP D 231 36.87 27.99 -33.50
C ASP D 231 37.64 27.50 -32.29
N LEU D 232 38.54 26.55 -32.52
CA LEU D 232 39.24 25.94 -31.38
C LEU D 232 40.62 25.50 -31.77
N VAL D 233 41.58 25.81 -30.91
CA VAL D 233 42.95 25.38 -31.10
C VAL D 233 43.23 24.34 -30.04
N THR D 234 43.68 23.15 -30.48
CA THR D 234 44.12 22.11 -29.52
C THR D 234 45.61 21.84 -29.67
N PHE D 235 46.34 22.07 -28.59
CA PHE D 235 47.79 22.08 -28.66
C PHE D 235 48.40 21.22 -27.58
N THR D 236 49.44 20.50 -27.95
CA THR D 236 50.22 19.76 -26.96
C THR D 236 51.70 20.07 -27.25
N GLY D 237 52.43 20.46 -26.21
CA GLY D 237 53.80 20.88 -26.41
C GLY D 237 54.39 21.50 -25.17
N SER D 238 55.34 22.41 -25.37
CA SER D 238 56.09 22.97 -24.26
C SER D 238 55.40 24.20 -23.67
N VAL D 239 55.76 24.54 -22.43
CA VAL D 239 55.21 25.72 -21.76
C VAL D 239 55.41 27.01 -22.58
N PRO D 240 56.66 27.33 -22.97
CA PRO D 240 56.88 28.59 -23.70
C PRO D 240 56.00 28.68 -24.94
N VAL D 241 55.97 27.60 -25.72
CA VAL D 241 55.16 27.65 -26.95
C VAL D 241 53.67 27.74 -26.60
N GLY D 242 53.29 27.05 -25.54
CA GLY D 242 51.92 27.07 -25.06
C GLY D 242 51.48 28.50 -24.67
N LYS D 243 52.34 29.22 -23.94
CA LYS D 243 51.97 30.55 -23.45
C LYS D 243 51.84 31.47 -24.65
N LEU D 244 52.73 31.31 -25.60
CA LEU D 244 52.67 32.12 -26.83
C LEU D 244 51.37 31.86 -27.58
N ILE D 245 50.96 30.60 -27.67
CA ILE D 245 49.68 30.33 -28.32
C ILE D 245 48.50 31.01 -27.58
N ALA D 246 48.50 30.92 -26.25
CA ALA D 246 47.41 31.49 -25.46
C ALA D 246 47.31 33.00 -25.67
N ALA D 247 48.45 33.65 -25.89
CA ALA D 247 48.49 35.10 -26.05
C ALA D 247 48.04 35.51 -27.44
N ASN D 248 48.15 34.61 -28.41
CA ASN D 248 47.93 35.01 -29.79
C ASN D 248 46.60 34.53 -30.35
N ALA D 249 46.04 33.50 -29.72
CA ALA D 249 44.78 32.94 -30.23
C ALA D 249 43.56 33.58 -29.55
N HIS D 250 43.49 34.92 -29.46
CA HIS D 250 42.41 35.51 -28.63
C HIS D 250 41.01 35.25 -29.16
N TYR D 251 40.10 35.05 -28.22
CA TYR D 251 38.71 34.73 -28.51
C TYR D 251 38.56 33.47 -29.37
N LYS D 252 39.43 32.50 -29.16
CA LYS D 252 39.29 31.16 -29.69
C LYS D 252 39.30 30.27 -28.48
N ARG D 253 38.55 29.18 -28.51
CA ARG D 253 38.70 28.21 -27.44
C ARG D 253 40.04 27.57 -27.63
N GLN D 254 40.70 27.24 -26.51
CA GLN D 254 42.05 26.71 -26.54
C GLN D 254 42.09 25.56 -25.59
N VAL D 255 42.61 24.42 -26.01
CA VAL D 255 42.88 23.33 -25.11
C VAL D 255 44.38 23.13 -25.18
N LEU D 256 45.10 23.51 -24.12
CA LEU D 256 46.55 23.48 -24.15
C LEU D 256 47.05 22.51 -23.13
N GLU D 257 47.79 21.49 -23.57
CA GLU D 257 48.46 20.57 -22.65
C GLU D 257 49.95 20.81 -22.78
N LEU D 258 50.53 21.20 -21.67
CA LEU D 258 51.92 21.56 -21.66
C LEU D 258 52.62 20.43 -20.91
N GLY D 259 53.83 20.63 -20.45
CA GLY D 259 54.51 19.50 -19.82
C GLY D 259 54.00 18.99 -18.46
N GLY D 260 54.71 18.02 -17.91
CA GLY D 260 54.54 17.66 -16.52
C GLY D 260 55.90 17.52 -15.85
N ASN D 261 55.90 17.17 -14.60
CA ASN D 261 57.14 16.89 -13.91
C ASN D 261 56.74 16.01 -12.80
N ASP D 262 56.34 14.80 -13.17
CA ASP D 262 55.49 14.03 -12.28
C ASP D 262 56.28 13.10 -11.38
N PRO D 263 55.81 12.97 -10.14
CA PRO D 263 56.45 12.10 -9.14
C PRO D 263 55.88 10.69 -9.12
N LEU D 264 56.78 9.74 -8.80
CA LEU D 264 56.37 8.46 -8.25
C LEU D 264 56.82 8.48 -6.81
N ILE D 265 55.87 8.35 -5.89
CA ILE D 265 56.16 8.52 -4.46
C ILE D 265 56.16 7.18 -3.72
N ILE D 266 57.22 6.90 -2.97
CA ILE D 266 57.39 5.61 -2.30
C ILE D 266 57.26 5.84 -0.79
N LEU D 267 56.19 5.34 -0.20
CA LEU D 267 55.95 5.60 1.24
C LEU D 267 56.65 4.57 2.12
N ASN D 268 56.89 4.93 3.37
CA ASN D 268 57.67 4.02 4.21
C ASN D 268 56.94 2.82 4.81
N ASP D 269 55.71 2.55 4.39
CA ASP D 269 55.00 1.37 4.97
C ASP D 269 55.26 0.11 4.16
N LEU D 270 55.97 0.26 3.04
CA LEU D 270 56.10 -0.88 2.08
C LEU D 270 57.07 -1.96 2.55
N SER D 271 56.69 -3.21 2.31
CA SER D 271 57.56 -4.35 2.57
C SER D 271 58.64 -4.38 1.50
N ASP D 272 59.63 -5.25 1.67
CA ASP D 272 60.68 -5.37 0.66
C ASP D 272 60.13 -5.91 -0.67
N ASP D 273 59.18 -6.85 -0.61
CA ASP D 273 58.53 -7.36 -1.81
C ASP D 273 57.84 -6.21 -2.55
N ASP D 274 57.19 -5.34 -1.78
CA ASP D 274 56.51 -4.19 -2.38
C ASP D 274 57.49 -3.16 -2.92
N LEU D 275 58.61 -2.98 -2.24
CA LEU D 275 59.62 -2.04 -2.75
C LEU D 275 60.11 -2.50 -4.14
N ALA D 276 60.19 -3.82 -4.31
CA ALA D 276 60.60 -4.36 -5.60
C ALA D 276 59.56 -4.04 -6.68
N ARG D 277 58.27 -4.18 -6.35
CA ARG D 277 57.24 -3.87 -7.35
C ARG D 277 57.25 -2.39 -7.68
N ALA D 278 57.46 -1.57 -6.65
CA ALA D 278 57.60 -0.13 -6.83
C ALA D 278 58.84 0.21 -7.67
N ALA D 279 59.92 -0.56 -7.49
CA ALA D 279 61.14 -0.33 -8.30
C ALA D 279 60.84 -0.61 -9.74
N ASP D 280 60.09 -1.67 -10.01
CA ASP D 280 59.62 -1.93 -11.38
C ASP D 280 58.88 -0.75 -12.00
N LEU D 281 57.96 -0.16 -11.23
CA LEU D 281 57.19 0.99 -11.72
C LEU D 281 58.13 2.16 -11.93
N ALA D 282 59.05 2.39 -11.00
CA ALA D 282 59.95 3.55 -11.14
C ALA D 282 60.74 3.45 -12.44
N VAL D 283 61.29 2.28 -12.73
CA VAL D 283 62.14 2.15 -13.91
C VAL D 283 61.31 2.26 -15.20
N ALA D 284 60.22 1.49 -15.29
CA ALA D 284 59.34 1.60 -16.46
C ALA D 284 58.87 3.04 -16.65
N GLY D 285 58.35 3.64 -15.59
CA GLY D 285 57.82 4.99 -15.69
C GLY D 285 58.86 6.04 -16.07
N ALA D 286 60.10 5.85 -15.64
CA ALA D 286 61.13 6.81 -16.00
C ALA D 286 61.67 6.65 -17.43
N THR D 287 61.57 5.44 -17.99
CA THR D 287 62.28 5.16 -19.24
C THR D 287 61.41 4.88 -20.47
N LYS D 288 60.16 4.49 -20.25
CA LYS D 288 59.30 4.18 -21.41
C LYS D 288 59.26 5.38 -22.34
N ASN D 289 59.26 5.09 -23.63
CA ASN D 289 59.30 6.15 -24.64
C ASN D 289 60.54 7.02 -24.46
N SER D 290 61.63 6.41 -23.98
CA SER D 290 62.85 7.18 -23.72
C SER D 290 62.59 8.31 -22.72
N GLY D 291 61.60 8.12 -21.84
CA GLY D 291 61.27 9.15 -20.85
C GLY D 291 60.59 10.36 -21.49
N GLN D 292 60.21 10.25 -22.76
CA GLN D 292 59.58 11.38 -23.44
C GLN D 292 58.02 11.35 -23.35
N ARG D 293 57.53 11.52 -22.12
CA ARG D 293 56.10 11.63 -21.85
C ARG D 293 55.88 12.80 -20.89
N CYS D 294 54.83 13.58 -21.14
CA CYS D 294 54.45 14.63 -20.20
C CYS D 294 54.25 14.03 -18.81
N THR D 295 53.81 12.76 -18.77
CA THR D 295 53.55 12.09 -17.48
C THR D 295 54.61 11.07 -17.11
N ALA D 296 55.80 11.16 -17.75
CA ALA D 296 56.88 10.24 -17.38
C ALA D 296 57.20 10.45 -15.92
N VAL D 297 57.71 9.41 -15.24
CA VAL D 297 58.27 9.60 -13.89
C VAL D 297 59.53 10.46 -14.02
N LYS D 298 59.50 11.70 -13.50
CA LYS D 298 60.70 12.55 -13.57
C LYS D 298 61.30 12.82 -12.21
N ARG D 299 60.63 12.35 -11.16
CA ARG D 299 61.11 12.51 -9.79
C ARG D 299 60.62 11.29 -9.07
N ILE D 300 61.53 10.51 -8.52
CA ILE D 300 61.12 9.42 -7.65
C ILE D 300 61.31 9.88 -6.20
N LEU D 301 60.20 10.11 -5.50
CA LEU D 301 60.33 10.65 -4.14
C LEU D 301 60.25 9.49 -3.19
N CYS D 302 61.41 9.08 -2.68
CA CYS D 302 61.44 7.91 -1.81
C CYS D 302 61.61 8.37 -0.37
N GLN D 303 60.71 7.91 0.51
CA GLN D 303 60.82 8.31 1.92
C GLN D 303 62.09 7.73 2.53
N GLU D 304 62.79 8.53 3.34
CA GLU D 304 64.17 8.21 3.74
C GLU D 304 64.36 6.82 4.32
N SER D 305 63.44 6.39 5.18
CA SER D 305 63.64 5.14 5.90
C SER D 305 63.56 3.86 5.07
N VAL D 306 63.12 3.95 3.80
CA VAL D 306 63.13 2.76 2.94
C VAL D 306 64.11 2.94 1.79
N ALA D 307 64.72 4.13 1.71
CA ALA D 307 65.55 4.42 0.52
C ALA D 307 66.71 3.43 0.37
N ASP D 308 67.30 3.05 1.50
CA ASP D 308 68.44 2.15 1.43
C ASP D 308 68.08 0.78 0.87
N ARG D 309 66.86 0.31 1.15
CA ARG D 309 66.39 -0.94 0.50
C ARG D 309 65.86 -0.74 -0.93
N PHE D 310 65.24 0.42 -1.19
CA PHE D 310 64.61 0.69 -2.49
C PHE D 310 65.61 0.96 -3.60
N VAL D 311 66.57 1.85 -3.35
CA VAL D 311 67.52 2.28 -4.39
C VAL D 311 68.26 1.10 -5.10
N PRO D 312 68.79 0.14 -4.32
CA PRO D 312 69.44 -1.02 -4.94
C PRO D 312 68.49 -1.77 -5.87
N LEU D 313 67.21 -1.84 -5.50
CA LEU D 313 66.25 -2.56 -6.31
C LEU D 313 66.06 -1.84 -7.65
N VAL D 314 66.09 -0.50 -7.59
CA VAL D 314 65.97 0.30 -8.79
C VAL D 314 67.20 0.09 -9.65
N LEU D 315 68.38 0.14 -9.03
CA LEU D 315 69.64 0.06 -9.76
C LEU D 315 69.68 -1.24 -10.57
N GLU D 316 69.45 -2.34 -9.88
CA GLU D 316 69.43 -3.66 -10.49
C GLU D 316 68.50 -3.75 -11.70
N ARG D 317 67.32 -3.14 -11.61
CA ARG D 317 66.38 -3.17 -12.74
C ARG D 317 66.82 -2.30 -13.92
N ALA D 318 67.36 -1.11 -13.62
CA ALA D 318 67.84 -0.22 -14.68
C ALA D 318 68.91 -0.95 -15.50
N LYS D 319 69.78 -1.68 -14.80
CA LYS D 319 70.93 -2.32 -15.45
C LYS D 319 70.50 -3.39 -16.45
N ARG D 320 69.32 -3.96 -16.25
CA ARG D 320 68.78 -4.96 -17.17
C ARG D 320 68.32 -4.38 -18.49
N LEU D 321 68.13 -3.06 -18.56
CA LEU D 321 67.59 -2.46 -19.79
C LEU D 321 68.60 -2.46 -20.95
N ARG D 322 68.14 -2.92 -22.11
CA ARG D 322 68.95 -2.87 -23.30
C ARG D 322 68.67 -1.55 -24.02
N PHE D 323 69.69 -0.70 -24.08
CA PHE D 323 69.56 0.54 -24.80
C PHE D 323 70.49 0.50 -26.01
N GLY D 324 70.01 1.02 -27.14
CA GLY D 324 70.79 0.93 -28.36
C GLY D 324 69.97 1.13 -29.61
N ASP D 325 70.38 0.46 -30.69
CA ASP D 325 69.74 0.54 -32.00
C ASP D 325 68.20 0.36 -31.90
N PRO D 326 67.47 1.46 -32.15
CA PRO D 326 65.99 1.49 -32.00
C PRO D 326 65.34 0.45 -32.90
N MET D 327 65.96 0.15 -34.05
CA MET D 327 65.37 -0.83 -35.00
C MET D 327 65.61 -2.28 -34.58
N ASP D 328 66.49 -2.48 -33.61
CA ASP D 328 66.71 -3.82 -33.09
C ASP D 328 65.53 -4.22 -32.19
N ARG D 329 64.86 -5.32 -32.52
CA ARG D 329 63.63 -5.68 -31.82
C ARG D 329 63.83 -6.08 -30.39
N SER D 330 65.08 -6.23 -29.98
CA SER D 330 65.36 -6.58 -28.60
C SER D 330 65.82 -5.37 -27.78
N THR D 331 65.91 -4.20 -28.43
CA THR D 331 66.22 -2.94 -27.72
C THR D 331 65.03 -2.53 -26.86
N ASP D 332 65.27 -2.22 -25.60
CA ASP D 332 64.23 -1.65 -24.73
C ASP D 332 64.15 -0.15 -24.94
N LEU D 333 65.28 0.52 -24.81
CA LEU D 333 65.34 1.96 -24.83
C LEU D 333 66.11 2.45 -26.04
N GLY D 334 65.46 3.24 -26.88
CA GLY D 334 66.11 3.86 -28.02
C GLY D 334 66.67 5.20 -27.63
N THR D 335 66.75 6.12 -28.58
CA THR D 335 67.36 7.43 -28.35
C THR D 335 66.34 8.46 -27.86
N VAL D 336 66.79 9.67 -27.57
CA VAL D 336 65.88 10.78 -27.36
C VAL D 336 65.82 11.54 -28.69
N ILE D 337 65.03 12.62 -28.74
CA ILE D 337 64.67 13.25 -30.00
C ILE D 337 65.92 13.75 -30.77
N HIS D 338 66.95 14.16 -30.03
CA HIS D 338 68.21 14.56 -30.69
C HIS D 338 69.38 14.66 -29.71
N GLU D 339 70.56 14.82 -30.28
CA GLU D 339 71.80 14.89 -29.52
C GLU D 339 71.80 16.07 -28.53
N LYS D 340 71.37 17.23 -29.00
CA LYS D 340 71.32 18.41 -28.12
C LYS D 340 70.49 18.14 -26.85
N ALA D 341 69.36 17.45 -26.99
CA ALA D 341 68.52 17.17 -25.83
C ALA D 341 69.24 16.22 -24.91
N ALA D 342 69.86 15.22 -25.50
CA ALA D 342 70.54 14.21 -24.72
C ALA D 342 71.69 14.82 -23.93
N ALA D 343 72.39 15.75 -24.59
CA ALA D 343 73.52 16.45 -23.95
C ALA D 343 73.02 17.29 -22.78
N LEU D 344 71.95 18.04 -23.01
CA LEU D 344 71.33 18.86 -21.95
C LEU D 344 71.00 18.00 -20.71
N PHE D 345 70.38 16.85 -20.95
CA PHE D 345 69.98 16.01 -19.85
C PHE D 345 71.17 15.50 -19.08
N GLU D 346 72.20 15.09 -19.80
CA GLU D 346 73.42 14.62 -19.16
C GLU D 346 74.09 15.75 -18.33
N GLU D 347 74.12 16.97 -18.87
CA GLU D 347 74.60 18.12 -18.12
C GLU D 347 73.89 18.26 -16.77
N ARG D 348 72.57 18.18 -16.79
CA ARG D 348 71.76 18.34 -15.57
C ARG D 348 72.11 17.25 -14.56
N VAL D 349 72.41 16.06 -15.06
CA VAL D 349 72.87 14.98 -14.18
C VAL D 349 74.19 15.31 -13.53
N MET D 350 75.14 15.80 -14.33
CA MET D 350 76.46 16.18 -13.80
C MET D 350 76.36 17.32 -12.78
N ARG D 351 75.62 18.34 -13.15
CA ARG D 351 75.38 19.48 -12.27
C ARG D 351 74.80 19.02 -10.92
N ALA D 352 73.90 18.04 -10.96
CA ALA D 352 73.26 17.55 -9.74
C ALA D 352 74.25 16.77 -8.87
N ALA D 353 75.15 16.04 -9.53
CA ALA D 353 76.18 15.31 -8.77
C ALA D 353 77.16 16.27 -8.09
N GLU D 354 77.43 17.42 -8.73
CA GLU D 354 78.28 18.45 -8.13
C GLU D 354 77.60 19.07 -6.90
N GLU D 355 76.28 18.90 -6.83
CA GLU D 355 75.51 19.51 -5.77
C GLU D 355 75.19 18.46 -4.73
N GLY D 356 75.79 17.27 -4.90
CA GLY D 356 75.71 16.23 -3.89
C GLY D 356 75.05 14.94 -4.32
N ALA D 357 74.53 14.91 -5.55
CA ALA D 357 73.86 13.72 -6.04
C ALA D 357 74.86 12.58 -6.22
N ASP D 358 74.36 11.35 -6.12
CA ASP D 358 75.20 10.17 -6.27
C ASP D 358 74.83 9.36 -7.55
N ILE D 359 75.63 9.52 -8.61
CA ILE D 359 75.44 8.76 -9.83
C ILE D 359 75.82 7.29 -9.58
N LEU D 360 74.86 6.38 -9.77
CA LEU D 360 75.06 4.96 -9.46
C LEU D 360 75.23 4.12 -10.71
N TYR D 361 74.80 4.66 -11.85
CA TYR D 361 74.85 3.93 -13.11
C TYR D 361 74.80 4.91 -14.25
N HIS D 362 75.83 4.90 -15.07
CA HIS D 362 75.94 5.82 -16.22
C HIS D 362 76.99 5.25 -17.15
N PRO D 363 76.57 4.33 -18.03
CA PRO D 363 77.46 3.70 -19.02
C PRO D 363 77.90 4.64 -20.14
N GLY D 364 77.54 5.91 -20.05
CA GLY D 364 78.01 6.87 -21.02
C GLY D 364 77.05 7.10 -22.15
N ARG D 365 76.92 8.36 -22.53
CA ARG D 365 76.06 8.78 -23.61
C ARG D 365 76.75 8.63 -24.96
N SER D 366 75.96 8.35 -26.00
CA SER D 366 76.46 8.23 -27.37
C SER D 366 75.54 8.94 -28.37
N GLY D 367 75.88 10.18 -28.71
CA GLY D 367 75.01 11.02 -29.52
C GLY D 367 73.66 11.28 -28.85
N ALA D 368 72.59 10.87 -29.52
CA ALA D 368 71.23 11.02 -28.97
C ALA D 368 70.84 9.84 -28.07
N LEU D 369 71.73 8.86 -27.98
CA LEU D 369 71.45 7.67 -27.17
C LEU D 369 71.86 7.85 -25.72
N LEU D 370 70.86 8.00 -24.86
CA LEU D 370 71.12 8.17 -23.45
C LEU D 370 70.80 6.85 -22.78
N PRO D 371 71.69 6.37 -21.91
CA PRO D 371 71.38 5.18 -21.11
C PRO D 371 70.46 5.56 -19.95
N PRO D 372 69.85 4.57 -19.30
CA PRO D 372 68.93 4.83 -18.18
C PRO D 372 69.72 5.18 -16.90
N ILE D 373 70.35 6.35 -16.91
CA ILE D 373 71.19 6.78 -15.81
C ILE D 373 70.43 6.78 -14.48
N VAL D 374 70.97 6.07 -13.48
CA VAL D 374 70.43 6.09 -12.12
C VAL D 374 71.18 7.09 -11.22
N VAL D 375 70.46 8.08 -10.68
CA VAL D 375 71.04 9.08 -9.78
C VAL D 375 70.31 9.08 -8.44
N ASP D 376 71.05 8.91 -7.34
CA ASP D 376 70.48 8.93 -5.99
C ASP D 376 70.77 10.26 -5.27
N ARG D 377 70.08 10.50 -4.16
CA ARG D 377 70.30 11.72 -3.37
C ARG D 377 70.27 12.97 -4.24
N VAL D 378 69.32 13.04 -5.17
CA VAL D 378 69.16 14.23 -5.98
C VAL D 378 68.54 15.36 -5.16
N PRO D 379 69.20 16.55 -5.16
CA PRO D 379 68.63 17.75 -4.51
C PRO D 379 67.35 18.17 -5.24
N HIS D 380 66.27 18.37 -4.49
CA HIS D 380 64.97 18.66 -5.10
C HIS D 380 64.98 19.97 -5.89
N GLN D 381 65.89 20.88 -5.53
CA GLN D 381 65.93 22.16 -6.23
C GLN D 381 66.98 22.17 -7.34
N SER D 382 67.67 21.05 -7.53
CA SER D 382 68.58 20.94 -8.68
C SER D 382 67.82 20.94 -10.01
N ASP D 383 68.44 21.44 -11.05
CA ASP D 383 67.77 21.57 -12.35
C ASP D 383 67.22 20.26 -12.91
N LEU D 384 67.95 19.17 -12.70
CA LEU D 384 67.53 17.86 -13.17
C LEU D 384 66.06 17.56 -12.83
N VAL D 385 65.62 17.86 -11.61
CA VAL D 385 64.24 17.53 -11.18
C VAL D 385 63.30 18.72 -11.04
N LEU D 386 63.87 19.93 -11.02
CA LEU D 386 63.07 21.12 -10.75
C LEU D 386 62.48 21.56 -12.06
N GLU D 387 63.33 21.54 -13.08
CA GLU D 387 62.85 21.73 -14.44
C GLU D 387 62.35 20.39 -14.95
N GLU D 388 61.60 20.40 -16.06
CA GLU D 388 61.18 19.15 -16.70
C GLU D 388 62.35 18.56 -17.54
N THR D 389 62.78 17.35 -17.22
CA THR D 389 63.88 16.66 -17.94
C THR D 389 63.33 15.48 -18.78
N PHE D 390 63.22 15.71 -20.07
CA PHE D 390 62.39 14.90 -20.95
C PHE D 390 63.21 13.72 -21.48
N GLY D 391 63.83 12.96 -20.57
CA GLY D 391 64.71 11.88 -20.99
C GLY D 391 64.67 10.73 -20.00
N PRO D 392 65.37 9.64 -20.32
CA PRO D 392 65.22 8.42 -19.51
C PRO D 392 66.05 8.40 -18.23
N ILE D 393 66.16 9.54 -17.56
CA ILE D 393 66.87 9.59 -16.28
C ILE D 393 65.99 8.98 -15.18
N ILE D 394 66.64 8.28 -14.27
CA ILE D 394 65.99 7.69 -13.14
C ILE D 394 66.52 8.33 -11.86
N PRO D 395 65.94 9.48 -11.49
CA PRO D 395 66.46 10.27 -10.37
C PRO D 395 65.68 10.08 -9.07
N ILE D 396 66.36 9.60 -8.04
CA ILE D 396 65.69 9.38 -6.74
C ILE D 396 65.97 10.54 -5.78
N VAL D 397 64.90 11.23 -5.38
CA VAL D 397 65.00 12.32 -4.39
C VAL D 397 64.60 11.73 -3.05
N ARG D 398 65.49 11.81 -2.08
CA ARG D 398 65.15 11.27 -0.75
C ARG D 398 64.34 12.31 0.02
N VAL D 399 63.18 11.91 0.52
CA VAL D 399 62.29 12.87 1.19
C VAL D 399 62.03 12.38 2.60
N PRO D 400 61.57 13.30 3.47
CA PRO D 400 61.33 12.93 4.88
C PRO D 400 60.31 11.81 5.06
N ASP D 401 60.43 11.11 6.18
CA ASP D 401 59.39 10.20 6.63
C ASP D 401 58.26 11.03 7.24
N ASP D 402 57.75 11.97 6.45
CA ASP D 402 56.64 12.82 6.87
C ASP D 402 55.77 13.20 5.67
N ASP D 403 54.52 12.78 5.68
CA ASP D 403 53.66 12.94 4.50
C ASP D 403 53.43 14.38 4.14
N ASP D 404 53.20 15.21 5.15
CA ASP D 404 52.98 16.64 4.88
C ASP D 404 54.18 17.26 4.18
N ALA D 405 55.39 16.97 4.68
CA ALA D 405 56.62 17.43 4.01
C ALA D 405 56.77 16.84 2.62
N THR D 406 56.46 15.55 2.47
CA THR D 406 56.53 14.91 1.16
C THR D 406 55.54 15.58 0.18
N ILE D 407 54.33 15.87 0.65
CA ILE D 407 53.32 16.45 -0.23
C ILE D 407 53.69 17.87 -0.65
N THR D 408 54.22 18.64 0.29
CA THR D 408 54.67 20.01 0.01
C THR D 408 55.79 19.99 -1.03
N LEU D 409 56.74 19.08 -0.83
CA LEU D 409 57.83 18.90 -1.77
C LEU D 409 57.27 18.53 -3.17
N SER D 410 56.39 17.53 -3.19
CA SER D 410 55.83 17.09 -4.46
C SER D 410 55.17 18.24 -5.22
N ASN D 411 54.52 19.13 -4.49
CA ASN D 411 53.76 20.22 -5.10
C ASN D 411 54.61 21.44 -5.39
N SER D 412 55.92 21.35 -5.12
CA SER D 412 56.73 22.56 -5.11
C SER D 412 57.19 23.01 -6.49
N THR D 413 56.82 22.29 -7.55
CA THR D 413 57.24 22.71 -8.91
C THR D 413 56.16 23.52 -9.61
N ALA D 414 56.49 24.06 -10.79
CA ALA D 414 55.52 24.82 -11.55
C ALA D 414 54.49 23.91 -12.24
N PHE D 415 54.69 22.60 -12.16
CA PHE D 415 53.82 21.67 -12.87
C PHE D 415 52.78 20.97 -11.97
N GLY D 416 51.74 20.41 -12.59
CA GLY D 416 50.74 19.62 -11.88
C GLY D 416 49.91 18.81 -12.87
N LEU D 417 50.39 17.63 -13.22
CA LEU D 417 49.73 16.86 -14.25
C LEU D 417 49.31 15.55 -13.62
N SER D 418 50.23 14.61 -13.50
CA SER D 418 49.88 13.35 -12.91
C SER D 418 50.81 13.00 -11.77
N SER D 419 50.59 11.83 -11.17
CA SER D 419 51.44 11.34 -10.12
C SER D 419 51.11 9.87 -9.83
N GLY D 420 52.04 9.18 -9.19
CA GLY D 420 51.81 7.83 -8.72
C GLY D 420 52.21 7.76 -7.27
N VAL D 421 51.56 6.90 -6.49
CA VAL D 421 51.90 6.75 -5.09
C VAL D 421 51.85 5.28 -4.73
N CYS D 422 52.91 4.77 -4.08
CA CYS D 422 52.95 3.36 -3.69
C CYS D 422 52.86 3.24 -2.18
N THR D 423 51.77 2.64 -1.71
CA THR D 423 51.55 2.48 -0.30
C THR D 423 50.41 1.52 -0.14
N ASN D 424 50.29 0.88 1.03
CA ASN D 424 49.14 0.04 1.31
C ASN D 424 48.22 0.59 2.39
N ASP D 425 48.61 1.74 2.92
CA ASP D 425 47.88 2.37 4.03
C ASP D 425 46.79 3.25 3.43
N TYR D 426 45.52 2.83 3.54
CA TYR D 426 44.41 3.59 2.94
C TYR D 426 44.41 5.05 3.39
N ARG D 427 44.57 5.27 4.68
CA ARG D 427 44.53 6.64 5.21
C ARG D 427 45.53 7.53 4.49
N ARG D 428 46.71 7.00 4.23
CA ARG D 428 47.75 7.77 3.53
C ARG D 428 47.46 7.97 2.03
N MET D 429 46.98 6.91 1.39
CA MET D 429 46.42 7.00 0.04
C MET D 429 45.48 8.18 -0.12
N GLN D 430 44.42 8.20 0.68
CA GLN D 430 43.45 9.27 0.49
C GLN D 430 44.04 10.61 0.83
N LYS D 431 44.98 10.67 1.78
CA LYS D 431 45.65 11.95 2.05
C LYS D 431 46.42 12.46 0.82
N TYR D 432 47.14 11.56 0.14
CA TYR D 432 47.82 11.98 -1.08
C TYR D 432 46.86 12.33 -2.23
N ILE D 433 45.84 11.51 -2.41
CA ILE D 433 44.84 11.80 -3.42
C ILE D 433 44.29 13.23 -3.20
N ALA D 434 44.00 13.57 -1.94
CA ALA D 434 43.40 14.87 -1.68
C ALA D 434 44.44 15.98 -1.78
N GLY D 435 45.67 15.68 -1.39
CA GLY D 435 46.68 16.72 -1.19
C GLY D 435 47.56 17.08 -2.38
N LEU D 436 47.81 16.12 -3.28
CA LEU D 436 48.67 16.42 -4.45
C LEU D 436 47.95 17.37 -5.38
N LYS D 437 48.64 18.42 -5.82
CA LYS D 437 48.02 19.37 -6.74
C LYS D 437 48.27 19.00 -8.21
N VAL D 438 47.44 18.10 -8.72
CA VAL D 438 47.68 17.46 -10.01
C VAL D 438 46.33 17.12 -10.61
N GLY D 439 46.29 16.78 -11.89
CA GLY D 439 45.04 16.31 -12.51
C GLY D 439 44.72 14.84 -12.18
N THR D 440 45.74 14.05 -11.89
CA THR D 440 45.55 12.61 -11.68
C THR D 440 46.46 12.08 -10.60
N VAL D 441 45.94 11.20 -9.75
CA VAL D 441 46.77 10.49 -8.79
C VAL D 441 46.52 8.99 -8.94
N ASN D 442 47.54 8.25 -9.37
CA ASN D 442 47.40 6.81 -9.54
C ASN D 442 47.98 6.09 -8.35
N ILE D 443 47.17 5.29 -7.65
CA ILE D 443 47.72 4.48 -6.55
C ILE D 443 48.34 3.20 -7.15
N TRP D 444 49.62 2.98 -6.87
CA TRP D 444 50.30 1.77 -7.30
C TRP D 444 50.36 1.69 -8.82
N GLU D 445 50.51 2.82 -9.49
CA GLU D 445 50.76 2.77 -10.92
C GLU D 445 51.63 3.96 -11.25
N VAL D 446 52.21 3.99 -12.45
CA VAL D 446 52.98 5.17 -12.84
C VAL D 446 52.07 6.37 -13.11
N PRO D 447 52.63 7.58 -13.02
CA PRO D 447 51.78 8.74 -13.29
C PRO D 447 51.27 8.68 -14.69
N GLY D 448 51.98 7.98 -15.56
CA GLY D 448 51.59 7.92 -16.97
C GLY D 448 50.34 7.07 -17.22
N TYR D 449 49.93 6.24 -16.26
CA TYR D 449 48.81 5.35 -16.52
C TYR D 449 47.45 6.06 -16.67
N ARG D 450 46.77 5.79 -17.79
CA ARG D 450 45.38 6.23 -18.00
C ARG D 450 44.76 5.34 -19.08
N ILE D 451 43.44 5.38 -19.23
CA ILE D 451 42.85 4.76 -20.40
C ILE D 451 42.66 5.89 -21.41
N GLU D 452 42.51 5.58 -22.69
CA GLU D 452 42.48 6.66 -23.69
C GLU D 452 41.20 7.50 -23.65
N MET D 453 40.22 7.06 -22.88
CA MET D 453 38.96 7.85 -22.77
C MET D 453 38.65 8.46 -21.35
N SER D 454 39.57 8.38 -20.40
CA SER D 454 39.33 9.02 -19.10
C SER D 454 39.75 10.50 -19.14
N PRO D 455 39.21 11.30 -18.21
CA PRO D 455 39.54 12.74 -18.28
C PRO D 455 41.03 12.97 -18.03
N PHE D 456 41.68 13.64 -18.95
CA PHE D 456 43.11 13.86 -18.82
C PHE D 456 43.44 15.35 -18.95
N GLY D 457 44.18 15.87 -17.97
CA GLY D 457 44.64 17.26 -18.06
C GLY D 457 45.23 17.73 -16.74
N GLY D 458 46.16 18.68 -16.83
CA GLY D 458 46.80 19.17 -15.63
C GLY D 458 46.32 20.57 -15.25
N ILE D 459 46.93 21.11 -14.21
CA ILE D 459 46.68 22.46 -13.77
C ILE D 459 48.05 23.15 -13.67
N LYS D 460 48.09 24.38 -13.13
CA LYS D 460 49.34 25.14 -13.02
C LYS D 460 49.92 25.29 -14.41
N ASP D 461 51.22 25.06 -14.60
CA ASP D 461 51.85 25.22 -15.91
C ASP D 461 51.67 24.00 -16.84
N SER D 462 51.08 22.93 -16.30
CA SER D 462 50.87 21.70 -17.08
C SER D 462 49.75 21.83 -18.12
N GLY D 463 48.82 22.74 -17.92
CA GLY D 463 47.69 22.87 -18.84
C GLY D 463 46.85 24.08 -18.47
N ASN D 464 46.11 24.62 -19.44
CA ASN D 464 45.24 25.77 -19.18
C ASN D 464 43.89 25.41 -18.51
N GLY D 465 43.70 24.15 -18.10
CA GLY D 465 42.55 23.81 -17.28
C GLY D 465 41.36 23.08 -17.91
N TYR D 466 41.52 22.62 -19.15
CA TYR D 466 40.47 21.84 -19.84
C TYR D 466 40.88 20.37 -20.02
N LYS D 467 39.94 19.47 -19.83
CA LYS D 467 40.25 18.06 -19.95
C LYS D 467 40.26 17.59 -21.40
N GLU D 468 41.00 16.50 -21.62
CA GLU D 468 41.23 15.87 -22.92
C GLU D 468 40.94 14.37 -22.67
N GLY D 469 41.41 13.50 -23.56
CA GLY D 469 40.98 12.12 -23.53
C GLY D 469 39.81 12.12 -24.46
N VAL D 470 39.44 10.93 -24.95
CA VAL D 470 38.49 10.84 -26.09
C VAL D 470 37.14 11.42 -25.74
N ILE D 471 36.64 11.10 -24.56
CA ILE D 471 35.31 11.60 -24.19
C ILE D 471 35.28 13.11 -24.03
N GLU D 472 36.20 13.67 -23.26
CA GLU D 472 36.15 15.14 -23.00
C GLU D 472 36.52 15.92 -24.25
N ALA D 473 37.33 15.30 -25.10
CA ALA D 473 37.65 15.95 -26.36
C ALA D 473 36.39 16.05 -27.21
N MET D 474 35.64 14.95 -27.28
CA MET D 474 34.40 15.02 -28.07
C MET D 474 33.45 16.15 -27.58
N LYS D 475 33.34 16.30 -26.26
CA LYS D 475 32.47 17.34 -25.72
C LYS D 475 32.99 18.71 -26.10
N SER D 476 34.30 18.84 -25.99
CA SER D 476 35.04 20.08 -26.19
C SER D 476 34.94 20.57 -27.62
N PHE D 477 34.84 19.63 -28.56
CA PHE D 477 34.85 19.95 -30.00
C PHE D 477 33.43 20.23 -30.51
N THR D 478 32.50 20.44 -29.59
CA THR D 478 31.13 20.75 -29.98
C THR D 478 30.60 21.98 -29.25
N ASN D 479 29.52 22.57 -29.81
CA ASN D 479 28.68 23.51 -29.06
C ASN D 479 27.39 22.84 -28.63
N VAL D 480 27.00 23.11 -27.39
CA VAL D 480 25.72 22.60 -26.91
C VAL D 480 24.64 23.58 -27.33
N LYS D 481 23.62 23.08 -28.04
CA LYS D 481 22.45 23.89 -28.29
C LYS D 481 21.26 23.39 -27.45
N THR D 482 20.48 24.29 -26.86
CA THR D 482 19.29 23.86 -26.14
C THR D 482 18.08 24.28 -26.92
N PHE D 483 16.98 23.56 -26.75
CA PHE D 483 15.71 24.00 -27.32
C PHE D 483 14.63 23.62 -26.33
N SER D 484 13.56 24.42 -26.29
CA SER D 484 12.45 24.14 -25.36
C SER D 484 11.15 24.04 -26.12
N LEU D 485 10.26 23.19 -25.59
CA LEU D 485 8.95 22.93 -26.20
C LEU D 485 7.85 23.07 -25.16
N PRO D 486 6.72 23.63 -25.56
CA PRO D 486 5.56 23.66 -24.66
C PRO D 486 5.27 22.25 -24.20
N TRP D 487 4.94 22.10 -22.93
CA TRP D 487 4.61 20.75 -22.47
C TRP D 487 3.41 20.73 -21.51
N HIS E 15 26.19 56.68 0.64
CA HIS E 15 27.65 56.45 0.59
C HIS E 15 28.06 55.07 1.10
N GLU E 16 28.56 54.23 0.20
CA GLU E 16 28.85 52.83 0.52
C GLU E 16 30.29 52.47 0.22
N PRO E 17 31.02 52.02 1.25
CA PRO E 17 32.41 51.57 1.06
C PRO E 17 32.45 50.24 0.32
N MET E 18 33.63 49.89 -0.18
CA MET E 18 33.87 48.55 -0.71
C MET E 18 33.75 47.52 0.41
N ARG E 19 33.43 46.29 0.04
CA ARG E 19 33.46 45.17 0.97
C ARG E 19 34.62 44.27 0.53
N ILE E 20 35.72 44.34 1.28
CA ILE E 20 36.88 43.50 1.03
C ILE E 20 37.00 42.43 2.13
N ALA E 21 36.63 41.20 1.78
CA ALA E 21 36.59 40.09 2.76
C ALA E 21 35.88 40.49 4.05
N GLY E 22 34.76 41.19 3.92
CA GLY E 22 34.00 41.51 5.11
C GLY E 22 34.38 42.84 5.76
N ARG E 23 35.47 43.46 5.33
CA ARG E 23 35.87 44.76 5.86
C ARG E 23 35.36 45.90 4.99
N LEU E 24 34.91 46.99 5.61
CA LEU E 24 34.55 48.16 4.83
C LEU E 24 35.79 48.94 4.45
N VAL E 25 35.97 49.18 3.16
CA VAL E 25 37.18 49.86 2.69
C VAL E 25 36.83 51.05 1.82
N ASP E 26 37.36 52.21 2.22
CA ASP E 26 37.00 53.48 1.58
C ASP E 26 38.18 54.13 0.86
N THR E 27 37.89 55.04 -0.06
CA THR E 27 38.93 55.89 -0.64
C THR E 27 38.46 57.34 -0.51
N ASP E 28 39.35 58.27 -0.80
CA ASP E 28 38.99 59.68 -0.76
C ASP E 28 38.08 60.06 -1.91
N ASP E 29 38.53 59.74 -3.11
CA ASP E 29 37.74 59.95 -4.32
C ASP E 29 36.50 59.06 -4.33
N ARG E 30 35.48 59.54 -5.01
CA ARG E 30 34.21 58.85 -5.05
C ARG E 30 33.72 58.69 -6.48
N VAL E 31 32.96 57.63 -6.69
CA VAL E 31 32.17 57.47 -7.90
C VAL E 31 30.72 57.78 -7.53
N GLU E 32 30.11 58.73 -8.25
CA GLU E 32 28.72 59.08 -7.95
C GLU E 32 27.81 58.13 -8.72
N VAL E 33 26.74 57.68 -8.07
CA VAL E 33 25.74 56.86 -8.75
C VAL E 33 24.47 57.68 -8.91
N ARG E 34 24.02 57.83 -10.15
CA ARG E 34 22.83 58.64 -10.43
C ARG E 34 21.58 57.83 -10.79
N TYR E 35 20.44 58.34 -10.36
CA TYR E 35 19.14 57.75 -10.64
C TYR E 35 18.73 58.20 -12.04
N PRO E 36 18.65 57.26 -13.00
CA PRO E 36 18.40 57.70 -14.39
C PRO E 36 17.07 58.43 -14.61
N TRP E 37 16.09 58.23 -13.74
CA TRP E 37 14.81 58.91 -13.86
C TRP E 37 14.91 60.45 -13.82
N ASN E 38 15.69 60.97 -12.87
CA ASN E 38 15.81 62.42 -12.73
C ASN E 38 17.25 62.92 -12.66
N ASP E 39 18.21 62.00 -12.88
CA ASP E 39 19.65 62.29 -12.92
C ASP E 39 20.22 62.81 -11.60
N THR E 40 19.54 62.52 -10.50
CA THR E 40 20.06 62.91 -9.19
C THR E 40 21.01 61.85 -8.63
N VAL E 41 21.96 62.31 -7.80
CA VAL E 41 22.88 61.40 -7.15
C VAL E 41 22.17 60.69 -6.03
N VAL E 42 22.06 59.37 -6.14
CA VAL E 42 21.39 58.60 -5.09
C VAL E 42 22.38 57.92 -4.19
N GLY E 43 23.63 57.83 -4.64
CA GLY E 43 24.66 57.16 -3.86
C GLY E 43 26.09 57.43 -4.32
N THR E 44 27.04 56.91 -3.55
CA THR E 44 28.42 57.07 -3.89
C THR E 44 29.18 55.82 -3.44
N VAL E 45 30.16 55.38 -4.24
CA VAL E 45 31.04 54.29 -3.81
C VAL E 45 32.49 54.70 -4.09
N PRO E 46 33.47 53.99 -3.49
CA PRO E 46 34.87 54.44 -3.63
C PRO E 46 35.36 54.32 -5.07
N ALA E 47 36.26 55.23 -5.42
CA ALA E 47 37.05 55.09 -6.64
C ALA E 47 38.23 54.16 -6.37
N GLY E 48 37.95 52.86 -6.26
CA GLY E 48 38.98 51.90 -5.92
C GLY E 48 40.10 51.81 -6.96
N ARG E 49 41.25 51.30 -6.53
CA ARG E 49 42.41 51.21 -7.41
C ARG E 49 42.92 49.78 -7.45
N ALA E 50 43.89 49.54 -8.33
CA ALA E 50 44.46 48.19 -8.54
C ALA E 50 44.82 47.52 -7.21
N GLU E 51 45.40 48.32 -6.32
CA GLU E 51 45.87 47.79 -5.06
C GLU E 51 44.72 47.19 -4.28
N HIS E 52 43.50 47.74 -4.42
CA HIS E 52 42.37 47.19 -3.64
C HIS E 52 41.97 45.81 -4.17
N ALA E 53 41.85 45.72 -5.50
CA ALA E 53 41.60 44.45 -6.17
C ALA E 53 42.69 43.50 -5.74
N ARG E 54 43.93 43.98 -5.84
CA ARG E 54 45.09 43.15 -5.49
C ARG E 54 44.96 42.56 -4.12
N GLU E 55 44.55 43.37 -3.15
CA GLU E 55 44.41 42.87 -1.78
C GLU E 55 43.25 41.86 -1.67
N ALA E 56 42.18 42.11 -2.42
CA ALA E 56 41.06 41.18 -2.36
C ALA E 56 41.52 39.81 -2.89
N PHE E 57 42.24 39.85 -3.99
CA PHE E 57 42.70 38.59 -4.61
C PHE E 57 43.69 37.82 -3.73
N ALA E 58 44.52 38.54 -2.97
CA ALA E 58 45.51 37.87 -2.12
C ALA E 58 44.79 37.16 -1.01
N ILE E 59 43.79 37.83 -0.45
CA ILE E 59 42.98 37.23 0.61
C ILE E 59 42.26 36.01 0.05
N ALA E 60 41.71 36.14 -1.15
CA ALA E 60 40.96 35.05 -1.77
C ALA E 60 41.87 33.85 -1.96
N ALA E 61 43.06 34.11 -2.50
CA ALA E 61 44.04 33.06 -2.80
C ALA E 61 44.44 32.33 -1.52
N ALA E 62 44.68 33.09 -0.47
CA ALA E 62 45.23 32.52 0.77
C ALA E 62 44.20 31.71 1.54
N TYR E 63 42.92 32.06 1.39
CA TYR E 63 41.90 31.34 2.13
C TYR E 63 41.46 30.03 1.43
N GLN E 64 41.38 28.95 2.22
CA GLN E 64 41.00 27.62 1.70
C GLN E 64 39.67 27.19 2.33
N PRO E 65 38.57 27.44 1.65
CA PRO E 65 37.29 27.10 2.25
C PRO E 65 37.22 25.62 2.63
N LYS E 66 36.56 25.35 3.75
CA LYS E 66 36.41 23.99 4.26
C LYS E 66 34.94 23.69 4.52
N LEU E 67 34.05 24.53 4.02
CA LEU E 67 32.61 24.29 4.22
C LEU E 67 32.18 22.91 3.71
N THR E 68 31.42 22.17 4.49
CA THR E 68 30.77 20.96 3.99
C THR E 68 29.69 21.34 2.98
N ARG E 69 29.18 20.37 2.22
CA ARG E 69 28.12 20.68 1.27
C ARG E 69 26.88 21.14 2.02
N TYR E 70 26.68 20.58 3.21
CA TYR E 70 25.57 21.02 4.05
C TYR E 70 25.69 22.51 4.43
N GLU E 71 26.87 22.92 4.87
CA GLU E 71 27.09 24.30 5.29
C GLU E 71 26.92 25.26 4.11
N ARG E 72 27.38 24.83 2.94
CA ARG E 72 27.20 25.64 1.76
C ARG E 72 25.72 25.77 1.43
N GLN E 73 25.01 24.65 1.49
CA GLN E 73 23.58 24.70 1.21
C GLN E 73 22.90 25.67 2.17
N LYS E 74 23.25 25.55 3.45
CA LYS E 74 22.66 26.37 4.50
C LYS E 74 22.88 27.88 4.26
N ILE E 75 24.10 28.27 3.92
CA ILE E 75 24.37 29.67 3.56
C ILE E 75 23.56 30.14 2.37
N LEU E 76 23.58 29.36 1.30
CA LEU E 76 22.86 29.72 0.07
C LEU E 76 21.34 29.80 0.24
N LEU E 77 20.76 28.86 1.00
CA LEU E 77 19.30 28.91 1.23
C LEU E 77 18.96 30.05 2.20
N ALA E 78 19.82 30.32 3.18
CA ALA E 78 19.63 31.48 4.07
C ALA E 78 19.67 32.77 3.25
N THR E 79 20.54 32.80 2.23
CA THR E 79 20.65 34.00 1.39
C THR E 79 19.39 34.19 0.57
N ALA E 80 18.88 33.10 0.01
CA ALA E 80 17.55 33.12 -0.61
C ALA E 80 16.44 33.69 0.29
N GLU E 81 16.39 33.27 1.55
CA GLU E 81 15.37 33.71 2.47
C GLU E 81 15.51 35.20 2.69
N ALA E 82 16.74 35.66 2.83
CA ALA E 82 16.98 37.07 3.06
C ALA E 82 16.60 37.90 1.85
N LEU E 83 16.88 37.39 0.65
CA LEU E 83 16.45 38.07 -0.57
C LEU E 83 14.93 38.22 -0.62
N ALA E 84 14.20 37.15 -0.30
CA ALA E 84 12.73 37.21 -0.21
C ALA E 84 12.27 38.20 0.85
N ALA E 85 12.83 38.09 2.06
CA ALA E 85 12.39 38.95 3.15
C ALA E 85 12.65 40.43 2.88
N ARG E 86 13.73 40.73 2.16
CA ARG E 86 14.13 42.11 1.95
C ARG E 86 13.88 42.58 0.53
N LYS E 87 13.01 41.88 -0.17
CA LYS E 87 12.86 42.16 -1.59
C LYS E 87 12.53 43.61 -1.89
N GLU E 88 11.76 44.25 -0.99
CA GLU E 88 11.30 45.62 -1.29
C GLU E 88 12.49 46.56 -1.23
N GLU E 89 13.22 46.46 -0.14
CA GLU E 89 14.46 47.20 0.04
C GLU E 89 15.45 46.99 -1.10
N ILE E 90 15.66 45.72 -1.47
CA ILE E 90 16.62 45.37 -2.52
C ILE E 90 16.19 45.94 -3.90
N SER E 91 14.94 45.71 -4.27
CA SER E 91 14.43 46.28 -5.52
C SER E 91 14.46 47.81 -5.54
N ASP E 92 14.29 48.46 -4.40
CA ASP E 92 14.38 49.93 -4.36
C ASP E 92 15.79 50.31 -4.81
N VAL E 93 16.80 49.63 -4.25
CA VAL E 93 18.18 49.93 -4.58
C VAL E 93 18.43 49.72 -6.06
N ILE E 94 17.96 48.57 -6.58
CA ILE E 94 18.09 48.31 -8.02
C ILE E 94 17.48 49.42 -8.87
N THR E 95 16.20 49.73 -8.61
CA THR E 95 15.47 50.74 -9.38
C THR E 95 16.13 52.13 -9.31
N LEU E 96 16.61 52.52 -8.12
CA LEU E 96 17.22 53.85 -7.95
C LEU E 96 18.54 53.96 -8.71
N GLU E 97 19.19 52.82 -8.91
CA GLU E 97 20.49 52.74 -9.56
C GLU E 97 20.35 52.59 -11.09
N LEU E 98 19.42 51.75 -11.53
CA LEU E 98 19.30 51.33 -12.95
C LEU E 98 18.15 52.04 -13.65
N GLY E 99 17.06 52.30 -12.91
CA GLY E 99 15.93 53.02 -13.48
C GLY E 99 14.81 52.14 -14.05
N ILE E 100 14.95 50.82 -13.91
CA ILE E 100 13.88 49.92 -14.32
C ILE E 100 12.74 50.04 -13.32
N SER E 101 11.54 49.77 -13.78
CA SER E 101 10.34 49.81 -12.93
C SER E 101 10.45 48.85 -11.76
N LYS E 102 9.78 49.18 -10.66
CA LYS E 102 9.74 48.30 -9.49
C LYS E 102 9.23 46.91 -9.90
N ALA E 103 8.39 46.87 -10.91
CA ALA E 103 7.83 45.59 -11.34
C ALA E 103 8.96 44.74 -11.89
N ASP E 104 9.80 45.35 -12.72
CA ASP E 104 11.00 44.65 -13.22
C ASP E 104 12.04 44.34 -12.12
N SER E 105 12.26 45.29 -11.19
CA SER E 105 13.27 45.06 -10.14
C SER E 105 12.80 44.01 -9.11
N LEU E 106 11.51 44.03 -8.78
CA LEU E 106 10.96 42.99 -7.90
C LEU E 106 11.13 41.63 -8.61
N TYR E 107 10.82 41.60 -9.90
CA TYR E 107 11.03 40.38 -10.66
C TYR E 107 12.49 39.88 -10.57
N GLU E 108 13.43 40.80 -10.77
CA GLU E 108 14.84 40.45 -10.67
C GLU E 108 15.17 39.83 -9.31
N VAL E 109 14.61 40.36 -8.24
CA VAL E 109 14.89 39.75 -6.93
C VAL E 109 14.35 38.30 -6.92
N GLY E 110 13.21 38.08 -7.56
CA GLY E 110 12.66 36.72 -7.63
C GLY E 110 13.63 35.79 -8.37
N ARG E 111 14.28 36.31 -9.40
CA ARG E 111 15.27 35.50 -10.11
C ARG E 111 16.48 35.14 -9.23
N ALA E 112 17.02 36.15 -8.55
CA ALA E 112 18.15 35.92 -7.66
C ALA E 112 17.76 34.90 -6.59
N PHE E 113 16.51 34.96 -6.15
CA PHE E 113 15.99 34.01 -5.16
C PHE E 113 16.07 32.58 -5.74
N ASP E 114 15.65 32.43 -6.99
CA ASP E 114 15.81 31.15 -7.69
C ASP E 114 17.28 30.72 -7.87
N VAL E 115 18.13 31.66 -8.27
CA VAL E 115 19.56 31.34 -8.39
C VAL E 115 20.13 30.77 -7.10
N PHE E 116 19.96 31.49 -5.98
CA PHE E 116 20.49 30.95 -4.73
C PHE E 116 19.81 29.66 -4.28
N THR E 117 18.50 29.56 -4.54
CA THR E 117 17.78 28.38 -4.11
C THR E 117 18.29 27.18 -4.90
N LEU E 118 18.35 27.32 -6.22
CA LEU E 118 18.81 26.20 -7.04
C LEU E 118 20.26 25.83 -6.74
N ALA E 119 21.14 26.84 -6.59
CA ALA E 119 22.54 26.57 -6.20
C ALA E 119 22.62 25.81 -4.86
N GLY E 120 21.79 26.21 -3.91
CA GLY E 120 21.85 25.57 -2.61
C GLY E 120 21.46 24.09 -2.77
N GLN E 121 20.47 23.82 -3.60
CA GLN E 121 19.97 22.47 -3.73
C GLN E 121 20.93 21.60 -4.57
N MET E 122 21.71 22.23 -5.45
CA MET E 122 22.71 21.51 -6.24
C MET E 122 23.92 21.06 -5.43
N CYS E 123 24.05 21.58 -4.22
CA CYS E 123 25.19 21.20 -3.35
C CYS E 123 25.18 19.75 -2.93
N ILE E 124 24.01 19.13 -2.92
CA ILE E 124 23.96 17.75 -2.49
C ILE E 124 24.38 16.81 -3.62
N ARG E 125 24.52 17.35 -4.84
CA ARG E 125 24.74 16.51 -6.00
C ARG E 125 26.23 16.33 -6.30
N ASP E 126 26.66 15.07 -6.34
CA ASP E 126 28.05 14.74 -6.72
C ASP E 126 28.05 14.12 -8.15
N ASP E 127 28.67 14.79 -9.13
CA ASP E 127 28.63 14.26 -10.50
C ASP E 127 29.87 13.43 -10.85
N GLY E 128 30.57 12.94 -9.83
CA GLY E 128 31.71 12.05 -10.05
C GLY E 128 31.38 10.82 -10.90
N GLU E 129 32.38 10.34 -11.64
CA GLU E 129 32.22 9.20 -12.52
C GLU E 129 33.24 8.13 -12.14
N ILE E 130 33.01 6.91 -12.62
CA ILE E 130 33.88 5.80 -12.40
C ILE E 130 34.13 5.13 -13.75
N PHE E 131 35.39 4.80 -14.02
CA PHE E 131 35.74 4.12 -15.26
C PHE E 131 36.36 2.78 -14.92
N SER E 132 36.00 1.76 -15.67
CA SER E 132 36.71 0.49 -15.55
C SER E 132 37.83 0.49 -16.57
N CYS E 133 38.98 -0.05 -16.21
CA CYS E 133 40.17 0.05 -17.08
C CYS E 133 40.49 -1.20 -17.90
N ASP E 134 39.72 -2.28 -17.73
CA ASP E 134 40.03 -3.53 -18.45
C ASP E 134 39.32 -3.59 -19.83
N LEU E 135 39.56 -2.57 -20.65
CA LEU E 135 38.68 -2.23 -21.79
C LEU E 135 39.28 -2.58 -23.14
N THR E 136 40.59 -2.75 -23.17
CA THR E 136 41.33 -2.92 -24.43
C THR E 136 42.44 -3.91 -24.16
N PRO E 137 43.23 -4.24 -25.21
CA PRO E 137 44.43 -5.07 -25.04
C PRO E 137 45.43 -4.43 -24.05
N HIS E 138 45.44 -3.11 -23.98
CA HIS E 138 46.26 -2.40 -23.00
C HIS E 138 45.58 -2.32 -21.61
N GLY E 139 44.49 -3.09 -21.40
CA GLY E 139 43.68 -2.99 -20.19
C GLY E 139 44.35 -3.42 -18.88
N LYS E 140 43.88 -2.86 -17.76
CA LYS E 140 44.35 -3.24 -16.40
C LYS E 140 43.21 -3.45 -15.41
N ALA E 141 43.45 -4.28 -14.41
CA ALA E 141 42.41 -4.49 -13.38
C ALA E 141 42.40 -3.30 -12.38
N ARG E 142 41.68 -2.26 -12.73
CA ARG E 142 41.83 -0.99 -12.05
C ARG E 142 40.59 -0.13 -12.26
N LYS E 143 40.31 0.78 -11.32
CA LYS E 143 39.20 1.73 -11.52
C LYS E 143 39.71 3.16 -11.47
N ILE E 144 39.13 4.04 -12.29
CA ILE E 144 39.45 5.45 -12.26
C ILE E 144 38.20 6.16 -11.71
N PHE E 145 38.40 7.12 -10.80
CA PHE E 145 37.31 7.85 -10.16
C PHE E 145 37.56 9.34 -10.34
N THR E 146 36.50 10.14 -10.42
CA THR E 146 36.72 11.57 -10.64
C THR E 146 36.13 12.33 -9.46
N MET E 147 36.64 13.53 -9.22
CA MET E 147 36.11 14.41 -8.18
C MET E 147 36.45 15.82 -8.61
N ARG E 148 35.87 16.82 -7.93
CA ARG E 148 36.10 18.22 -8.30
C ARG E 148 36.69 18.99 -7.14
N GLU E 149 37.50 19.98 -7.46
CA GLU E 149 38.14 20.82 -6.45
C GLU E 149 38.02 22.24 -6.91
N PRO E 150 37.97 23.18 -5.96
CA PRO E 150 37.84 24.61 -6.27
C PRO E 150 39.14 25.19 -6.89
N LEU E 151 39.05 26.41 -7.41
CA LEU E 151 40.16 27.13 -7.97
C LEU E 151 40.82 28.01 -6.91
N THR E 152 41.89 28.69 -7.28
CA THR E 152 42.56 29.61 -6.35
C THR E 152 41.70 30.86 -6.08
N ALA E 153 41.28 31.54 -7.14
CA ALA E 153 40.41 32.69 -6.99
C ALA E 153 39.67 32.90 -8.27
N ILE E 154 38.46 33.45 -8.20
CA ILE E 154 37.67 33.74 -9.39
C ILE E 154 37.42 35.23 -9.46
N SER E 155 37.45 35.77 -10.67
CA SER E 155 37.25 37.17 -10.91
C SER E 155 35.95 37.35 -11.65
N ALA E 156 35.04 38.18 -11.13
CA ALA E 156 33.69 38.34 -11.71
C ALA E 156 33.46 39.78 -12.02
N ILE E 157 33.11 40.06 -13.25
CA ILE E 157 32.88 41.41 -13.72
C ILE E 157 31.48 41.43 -14.32
N THR E 158 30.60 42.27 -13.74
CA THR E 158 29.17 42.26 -14.07
C THR E 158 28.70 43.57 -14.69
N PRO E 159 27.61 43.50 -15.47
CA PRO E 159 27.10 44.64 -16.23
C PRO E 159 25.95 45.34 -15.49
N PHE E 160 25.41 46.43 -16.06
CA PHE E 160 24.37 47.20 -15.36
C PHE E 160 22.95 46.60 -15.46
N ASN E 161 22.72 45.72 -16.42
CA ASN E 161 21.30 45.41 -16.69
C ASN E 161 20.61 44.49 -15.67
N HIS E 162 21.38 43.70 -14.95
CA HIS E 162 20.82 42.96 -13.80
C HIS E 162 21.74 43.11 -12.60
N PRO E 163 21.66 44.27 -11.92
CA PRO E 163 22.64 44.61 -10.89
C PRO E 163 22.64 43.59 -9.76
N LEU E 164 21.53 42.87 -9.60
CA LEU E 164 21.48 41.80 -8.59
C LEU E 164 21.73 40.42 -9.21
N ASN E 165 20.93 40.05 -10.20
CA ASN E 165 20.96 38.70 -10.72
C ASN E 165 22.28 38.32 -11.39
N MET E 166 22.93 39.28 -12.04
CA MET E 166 24.20 38.94 -12.67
C MET E 166 25.26 38.62 -11.61
N VAL E 167 25.19 39.32 -10.47
CA VAL E 167 26.10 39.03 -9.37
C VAL E 167 25.75 37.67 -8.75
N ALA E 168 24.45 37.41 -8.51
CA ALA E 168 24.00 36.12 -8.01
C ALA E 168 24.58 34.96 -8.85
N HIS E 169 24.43 35.05 -10.17
CA HIS E 169 24.84 33.99 -11.08
C HIS E 169 26.34 33.70 -11.06
N LYS E 170 27.15 34.68 -10.71
CA LYS E 170 28.57 34.43 -10.60
C LYS E 170 28.98 34.08 -9.17
N VAL E 171 28.26 34.57 -8.18
CA VAL E 171 28.69 34.29 -6.81
C VAL E 171 28.08 32.98 -6.24
N ALA E 172 26.82 32.72 -6.53
CA ALA E 172 26.17 31.58 -5.90
C ALA E 172 26.89 30.25 -6.27
N PRO E 173 27.23 30.05 -7.55
CA PRO E 173 27.98 28.85 -7.93
C PRO E 173 29.40 28.78 -7.32
N ALA E 174 30.03 29.93 -7.13
CA ALA E 174 31.36 29.95 -6.51
C ALA E 174 31.24 29.48 -5.07
N ILE E 175 30.23 29.97 -4.37
CA ILE E 175 30.05 29.57 -2.99
C ILE E 175 29.77 28.07 -2.92
N ALA E 176 28.92 27.61 -3.82
CA ALA E 176 28.50 26.20 -3.79
C ALA E 176 29.68 25.26 -4.04
N THR E 177 30.75 25.81 -4.63
CA THR E 177 31.92 24.98 -4.94
C THR E 177 33.16 25.33 -4.12
N ASN E 178 33.00 26.10 -3.05
CA ASN E 178 34.11 26.41 -2.15
C ASN E 178 35.20 27.21 -2.84
N ASN E 179 34.79 28.06 -3.77
CA ASN E 179 35.68 29.04 -4.35
C ASN E 179 35.69 30.36 -3.57
N CYS E 180 36.66 31.22 -3.86
CA CYS E 180 36.65 32.58 -3.32
C CYS E 180 36.55 33.50 -4.52
N VAL E 181 35.61 34.45 -4.49
CA VAL E 181 35.36 35.30 -5.64
C VAL E 181 35.47 36.78 -5.31
N VAL E 182 36.00 37.55 -6.25
CA VAL E 182 36.06 38.98 -6.10
C VAL E 182 35.27 39.56 -7.25
N VAL E 183 34.29 40.41 -6.90
CA VAL E 183 33.39 40.98 -7.88
C VAL E 183 33.68 42.47 -8.08
N LYS E 184 33.74 42.91 -9.35
CA LYS E 184 33.76 44.33 -9.65
C LYS E 184 32.54 44.67 -10.48
N PRO E 185 31.47 45.16 -9.83
CA PRO E 185 30.26 45.53 -10.58
C PRO E 185 30.55 46.77 -11.40
N THR E 186 29.73 47.04 -12.40
CA THR E 186 29.86 48.27 -13.16
C THR E 186 29.69 49.50 -12.27
N GLU E 187 30.43 50.57 -12.59
CA GLU E 187 30.35 51.78 -11.77
C GLU E 187 28.94 52.41 -11.87
N LEU E 188 28.17 52.02 -12.87
CA LEU E 188 26.83 52.57 -13.05
C LEU E 188 25.82 52.02 -12.02
N THR E 189 26.03 50.78 -11.56
CA THR E 189 25.06 50.15 -10.66
C THR E 189 25.75 49.25 -9.64
N PRO E 190 26.64 49.83 -8.81
CA PRO E 190 27.47 49.04 -7.87
C PRO E 190 26.83 48.75 -6.52
N MET E 191 25.84 49.55 -6.16
CA MET E 191 25.28 49.47 -4.80
C MET E 191 24.53 48.20 -4.51
N THR E 192 23.85 47.68 -5.55
CA THR E 192 23.15 46.40 -5.39
C THR E 192 24.14 45.27 -4.98
N ALA E 193 25.33 45.28 -5.60
CA ALA E 193 26.35 44.28 -5.34
C ALA E 193 26.88 44.34 -3.92
N LEU E 194 27.19 45.57 -3.48
CA LEU E 194 27.62 45.82 -2.12
C LEU E 194 26.57 45.34 -1.12
N LEU E 195 25.29 45.60 -1.41
CA LEU E 195 24.22 45.11 -0.53
C LEU E 195 24.14 43.57 -0.52
N LEU E 196 24.33 42.94 -1.68
CA LEU E 196 24.31 41.48 -1.74
C LEU E 196 25.42 40.89 -0.90
N ALA E 197 26.59 41.53 -0.96
CA ALA E 197 27.71 41.09 -0.14
C ALA E 197 27.36 41.09 1.37
N ASP E 198 26.70 42.14 1.84
CA ASP E 198 26.33 42.22 3.26
C ASP E 198 25.36 41.11 3.63
N ILE E 199 24.41 40.84 2.74
CA ILE E 199 23.44 39.77 2.99
C ILE E 199 24.17 38.42 3.09
N LEU E 200 25.09 38.20 2.18
CA LEU E 200 25.89 36.97 2.22
C LEU E 200 26.68 36.81 3.54
N TYR E 201 27.38 37.87 3.99
CA TYR E 201 28.12 37.80 5.24
C TYR E 201 27.19 37.49 6.37
N GLU E 202 26.05 38.17 6.37
CA GLU E 202 25.04 37.94 7.40
C GLU E 202 24.50 36.51 7.38
N ALA E 203 24.43 35.91 6.20
CA ALA E 203 23.90 34.56 6.07
C ALA E 203 24.92 33.49 6.46
N GLY E 204 26.13 33.91 6.85
CA GLY E 204 27.12 32.96 7.34
C GLY E 204 28.33 32.67 6.43
N LEU E 205 28.42 33.35 5.30
CA LEU E 205 29.55 33.12 4.41
C LEU E 205 30.84 33.58 5.08
N PRO E 206 31.88 32.70 5.14
CA PRO E 206 33.22 33.16 5.52
C PRO E 206 33.65 34.31 4.63
N PRO E 207 33.92 35.47 5.24
CA PRO E 207 34.05 36.71 4.48
C PRO E 207 35.16 36.60 3.46
N GLU E 208 36.17 35.79 3.74
CA GLU E 208 37.27 35.69 2.77
C GLU E 208 36.78 35.20 1.41
N MET E 209 35.59 34.57 1.37
CA MET E 209 35.14 33.95 0.12
C MET E 209 34.50 34.97 -0.82
N LEU E 210 34.29 36.18 -0.32
CA LEU E 210 33.69 37.24 -1.17
C LEU E 210 34.20 38.68 -0.92
N SER E 211 34.63 39.36 -1.98
CA SER E 211 34.86 40.80 -1.90
C SER E 211 34.12 41.44 -3.07
N VAL E 212 33.64 42.66 -2.81
CA VAL E 212 33.09 43.48 -3.87
C VAL E 212 33.89 44.80 -3.90
N VAL E 213 34.61 45.05 -5.00
CA VAL E 213 35.40 46.27 -5.13
C VAL E 213 34.76 47.12 -6.19
N THR E 214 34.98 48.43 -6.12
CA THR E 214 34.35 49.36 -7.08
C THR E 214 35.39 50.33 -7.60
N GLY E 215 35.10 50.97 -8.73
CA GLY E 215 36.01 51.97 -9.27
C GLY E 215 35.85 52.15 -10.78
N TRP E 216 36.64 53.08 -11.34
CA TRP E 216 36.61 53.28 -12.77
C TRP E 216 37.38 52.16 -13.40
N PRO E 217 36.97 51.73 -14.60
CA PRO E 217 37.64 50.66 -15.34
C PRO E 217 39.11 51.00 -15.50
N ALA E 218 39.40 52.27 -15.73
CA ALA E 218 40.77 52.71 -16.00
C ALA E 218 41.73 52.42 -14.85
N ASP E 219 41.21 52.48 -13.62
CA ASP E 219 42.00 52.21 -12.44
C ASP E 219 42.07 50.76 -11.95
N ILE E 220 40.93 50.06 -11.99
CA ILE E 220 40.85 48.80 -11.27
C ILE E 220 40.52 47.64 -12.22
N GLY E 221 40.07 48.00 -13.42
CA GLY E 221 39.59 47.00 -14.38
C GLY E 221 40.68 46.04 -14.83
N MET E 222 41.88 46.56 -15.08
CA MET E 222 42.96 45.70 -15.56
C MET E 222 43.38 44.70 -14.51
N GLU E 223 43.39 45.10 -13.24
CA GLU E 223 43.82 44.18 -12.17
C GLU E 223 42.87 42.99 -12.07
N MET E 224 41.58 43.22 -12.31
CA MET E 224 40.58 42.15 -12.27
C MET E 224 40.86 41.11 -13.34
N ILE E 225 41.54 41.51 -14.40
CA ILE E 225 41.80 40.67 -15.58
C ILE E 225 43.17 39.97 -15.52
N THR E 226 44.15 40.55 -14.81
CA THR E 226 45.57 40.13 -14.92
C THR E 226 46.18 39.70 -13.58
N ASN E 227 45.46 39.88 -12.50
CA ASN E 227 45.99 39.45 -11.22
C ASN E 227 46.41 37.98 -11.30
N PRO E 228 47.63 37.70 -10.81
CA PRO E 228 48.24 36.38 -10.98
C PRO E 228 47.52 35.27 -10.19
N HIS E 229 46.68 35.62 -9.22
CA HIS E 229 46.00 34.56 -8.46
C HIS E 229 44.73 34.10 -9.18
N VAL E 230 44.33 34.85 -10.21
CA VAL E 230 43.04 34.61 -10.83
C VAL E 230 43.10 33.44 -11.77
N ASP E 231 42.33 32.39 -11.46
CA ASP E 231 42.35 31.18 -12.29
C ASP E 231 41.31 31.32 -13.41
N LEU E 232 40.26 32.11 -13.12
CA LEU E 232 39.14 32.23 -14.05
C LEU E 232 38.53 33.61 -13.98
N VAL E 233 38.25 34.17 -15.16
CA VAL E 233 37.54 35.40 -15.28
C VAL E 233 36.15 35.11 -15.82
N THR E 234 35.12 35.51 -15.08
CA THR E 234 33.76 35.41 -15.61
C THR E 234 33.17 36.80 -15.87
N PHE E 235 32.82 37.06 -17.12
CA PHE E 235 32.46 38.38 -17.55
C PHE E 235 31.17 38.39 -18.31
N THR E 236 30.34 39.39 -18.03
CA THR E 236 29.15 39.62 -18.82
C THR E 236 29.08 41.09 -19.16
N GLY E 237 28.90 41.39 -20.43
CA GLY E 237 28.91 42.76 -20.85
C GLY E 237 28.91 42.90 -22.36
N SER E 238 29.51 43.97 -22.87
CA SER E 238 29.46 44.29 -24.30
C SER E 238 30.53 43.56 -25.09
N VAL E 239 30.34 43.48 -26.41
CA VAL E 239 31.34 42.87 -27.30
C VAL E 239 32.75 43.53 -27.20
N PRO E 240 32.84 44.86 -27.40
CA PRO E 240 34.16 45.49 -27.37
C PRO E 240 34.89 45.25 -26.04
N VAL E 241 34.21 45.45 -24.91
CA VAL E 241 34.86 45.16 -23.64
C VAL E 241 35.24 43.68 -23.55
N GLY E 242 34.33 42.81 -24.02
CA GLY E 242 34.58 41.38 -24.02
C GLY E 242 35.82 40.95 -24.79
N LYS E 243 35.98 41.48 -26.00
CA LYS E 243 37.15 41.15 -26.83
C LYS E 243 38.45 41.63 -26.21
N LEU E 244 38.39 42.81 -25.58
CA LEU E 244 39.53 43.39 -24.89
C LEU E 244 39.94 42.47 -23.72
N ILE E 245 38.95 41.98 -22.97
CA ILE E 245 39.26 41.08 -21.87
C ILE E 245 39.89 39.80 -22.37
N ALA E 246 39.33 39.24 -23.44
CA ALA E 246 39.87 38.02 -24.04
C ALA E 246 41.35 38.16 -24.42
N ALA E 247 41.74 39.33 -24.91
CA ALA E 247 43.10 39.62 -25.34
C ALA E 247 44.05 39.80 -24.15
N ASN E 248 43.54 40.33 -23.05
CA ASN E 248 44.40 40.70 -21.94
C ASN E 248 44.49 39.67 -20.83
N ALA E 249 43.55 38.74 -20.81
CA ALA E 249 43.54 37.70 -19.79
C ALA E 249 44.16 36.38 -20.26
N HIS E 250 45.37 36.44 -20.87
CA HIS E 250 45.97 35.20 -21.40
C HIS E 250 46.28 34.14 -20.36
N TYR E 251 46.05 32.91 -20.77
CA TYR E 251 46.28 31.75 -19.92
C TYR E 251 45.50 31.87 -18.61
N LYS E 252 44.32 32.45 -18.68
CA LYS E 252 43.31 32.29 -17.64
C LYS E 252 42.07 31.74 -18.32
N ARG E 253 41.34 30.86 -17.65
CA ARG E 253 40.06 30.45 -18.21
C ARG E 253 39.17 31.68 -18.24
N GLN E 254 38.35 31.76 -19.28
CA GLN E 254 37.50 32.92 -19.45
C GLN E 254 36.11 32.38 -19.79
N VAL E 255 35.08 32.91 -19.14
CA VAL E 255 33.73 32.64 -19.55
C VAL E 255 33.14 34.00 -19.87
N LEU E 256 33.01 34.30 -21.15
CA LEU E 256 32.57 35.63 -21.56
C LEU E 256 31.17 35.56 -22.19
N GLU E 257 30.19 36.25 -21.59
CA GLU E 257 28.87 36.39 -22.23
C GLU E 257 28.73 37.83 -22.69
N LEU E 258 28.61 37.97 -23.99
CA LEU E 258 28.53 39.26 -24.62
C LEU E 258 27.08 39.45 -25.03
N GLY E 259 26.78 40.40 -25.92
CA GLY E 259 25.38 40.63 -26.21
C GLY E 259 24.61 39.56 -26.98
N GLY E 260 23.36 39.85 -27.24
CA GLY E 260 22.58 39.10 -28.19
C GLY E 260 21.89 40.05 -29.16
N ASN E 261 21.21 39.50 -30.14
CA ASN E 261 20.36 40.29 -31.00
C ASN E 261 19.25 39.37 -31.47
N ASP E 262 18.39 39.01 -30.53
CA ASP E 262 17.61 37.78 -30.68
C ASP E 262 16.23 37.99 -31.31
N PRO E 263 15.88 37.09 -32.22
CA PRO E 263 14.61 37.16 -32.93
C PRO E 263 13.47 36.45 -32.19
N LEU E 264 12.27 37.01 -32.34
CA LEU E 264 11.06 36.25 -32.14
C LEU E 264 10.48 36.09 -33.55
N ILE E 265 10.32 34.84 -33.97
CA ILE E 265 9.90 34.55 -35.35
C ILE E 265 8.43 34.07 -35.41
N ILE E 266 7.64 34.69 -36.28
CA ILE E 266 6.21 34.44 -36.38
C ILE E 266 5.92 33.75 -37.70
N LEU E 267 5.54 32.48 -37.67
CA LEU E 267 5.39 31.71 -38.91
C LEU E 267 3.99 31.87 -39.46
N ASN E 268 3.84 31.63 -40.75
CA ASN E 268 2.56 31.90 -41.40
C ASN E 268 1.47 30.83 -41.24
N ASP E 269 1.68 29.84 -40.38
CA ASP E 269 0.65 28.81 -40.15
C ASP E 269 -0.29 29.20 -39.01
N LEU E 270 0.05 30.27 -38.30
CA LEU E 270 -0.72 30.65 -37.10
C LEU E 270 -2.12 31.21 -37.36
N SER E 271 -3.07 30.80 -36.50
CA SER E 271 -4.42 31.36 -36.50
C SER E 271 -4.39 32.77 -35.92
N ASP E 272 -5.50 33.49 -36.03
CA ASP E 272 -5.57 34.82 -35.46
C ASP E 272 -5.47 34.78 -33.93
N ASP E 273 -6.08 33.78 -33.32
CA ASP E 273 -5.95 33.59 -31.88
C ASP E 273 -4.48 33.40 -31.51
N ASP E 274 -3.76 32.59 -32.28
CA ASP E 274 -2.34 32.40 -32.06
C ASP E 274 -1.51 33.65 -32.31
N LEU E 275 -1.87 34.42 -33.33
CA LEU E 275 -1.13 35.67 -33.59
C LEU E 275 -1.25 36.62 -32.39
N ALA E 276 -2.40 36.57 -31.72
CA ALA E 276 -2.59 37.37 -30.52
C ALA E 276 -1.66 36.92 -29.38
N ARG E 277 -1.51 35.60 -29.21
CA ARG E 277 -0.63 35.12 -28.15
C ARG E 277 0.81 35.47 -28.51
N ALA E 278 1.14 35.37 -29.80
CA ALA E 278 2.47 35.72 -30.27
C ALA E 278 2.75 37.23 -30.08
N ALA E 279 1.71 38.04 -30.22
CA ALA E 279 1.86 39.48 -30.02
C ALA E 279 2.16 39.76 -28.56
N ASP E 280 1.50 39.01 -27.67
CA ASP E 280 1.82 39.12 -26.22
C ASP E 280 3.31 38.86 -25.96
N LEU E 281 3.83 37.80 -26.58
CA LEU E 281 5.22 37.44 -26.38
C LEU E 281 6.11 38.54 -26.97
N ALA E 282 5.74 39.04 -28.14
CA ALA E 282 6.56 40.02 -28.80
C ALA E 282 6.71 41.24 -27.91
N VAL E 283 5.59 41.73 -27.34
CA VAL E 283 5.64 42.95 -26.54
C VAL E 283 6.36 42.75 -25.22
N ALA E 284 6.04 41.67 -24.51
CA ALA E 284 6.75 41.40 -23.27
C ALA E 284 8.24 41.22 -23.56
N GLY E 285 8.56 40.45 -24.61
CA GLY E 285 9.96 40.12 -24.84
C GLY E 285 10.75 41.36 -25.23
N ALA E 286 10.09 42.28 -25.91
CA ALA E 286 10.81 43.46 -26.37
C ALA E 286 10.99 44.51 -25.28
N THR E 287 10.12 44.50 -24.27
CA THR E 287 10.08 45.62 -23.32
C THR E 287 10.44 45.29 -21.87
N LYS E 288 10.40 44.02 -21.49
CA LYS E 288 10.72 43.66 -20.11
C LYS E 288 12.12 44.15 -19.80
N ASN E 289 12.31 44.59 -18.56
CA ASN E 289 13.58 45.17 -18.18
C ASN E 289 13.97 46.35 -19.08
N SER E 290 12.97 47.07 -19.57
CA SER E 290 13.22 48.18 -20.50
C SER E 290 14.02 47.66 -21.69
N GLY E 291 13.83 46.39 -22.04
CA GLY E 291 14.52 45.85 -23.20
C GLY E 291 16.00 45.62 -22.96
N GLN E 292 16.46 45.78 -21.72
CA GLN E 292 17.86 45.63 -21.40
C GLN E 292 18.19 44.18 -20.98
N ARG E 293 18.15 43.27 -21.95
CA ARG E 293 18.49 41.88 -21.76
C ARG E 293 19.27 41.45 -22.98
N CYS E 294 20.36 40.70 -22.77
CA CYS E 294 21.08 40.07 -23.88
C CYS E 294 20.14 39.23 -24.73
N THR E 295 19.13 38.65 -24.09
CA THR E 295 18.13 37.84 -24.81
C THR E 295 16.79 38.53 -25.04
N ALA E 296 16.77 39.86 -24.98
CA ALA E 296 15.52 40.61 -25.26
C ALA E 296 15.11 40.31 -26.67
N VAL E 297 13.82 40.42 -26.97
CA VAL E 297 13.41 40.39 -28.38
C VAL E 297 13.86 41.71 -29.02
N LYS E 298 14.84 41.66 -29.94
CA LYS E 298 15.31 42.86 -30.61
C LYS E 298 14.93 42.88 -32.08
N ARG E 299 14.40 41.76 -32.58
CA ARG E 299 13.97 41.65 -33.97
C ARG E 299 12.73 40.77 -33.95
N ILE E 300 11.60 41.30 -34.39
CA ILE E 300 10.44 40.47 -34.55
C ILE E 300 10.34 40.12 -36.02
N LEU E 301 10.67 38.89 -36.38
CA LEU E 301 10.62 38.48 -37.78
C LEU E 301 9.29 37.86 -38.08
N CYS E 302 8.43 38.63 -38.75
CA CYS E 302 7.06 38.19 -39.05
C CYS E 302 6.90 37.85 -40.52
N GLN E 303 6.43 36.64 -40.81
CA GLN E 303 6.32 36.24 -42.21
C GLN E 303 5.24 37.09 -42.91
N GLU E 304 5.50 37.45 -44.15
CA GLU E 304 4.71 38.50 -44.81
C GLU E 304 3.21 38.25 -44.80
N SER E 305 2.78 37.02 -45.03
CA SER E 305 1.36 36.76 -45.18
C SER E 305 0.53 36.85 -43.89
N VAL E 306 1.17 37.02 -42.73
CA VAL E 306 0.38 37.20 -41.52
C VAL E 306 0.65 38.56 -40.90
N ALA E 307 1.57 39.30 -41.51
CA ALA E 307 2.00 40.58 -40.89
C ALA E 307 0.84 41.57 -40.73
N ASP E 308 -0.06 41.57 -41.71
CA ASP E 308 -1.16 42.54 -41.67
C ASP E 308 -2.10 42.25 -40.52
N ARG E 309 -2.28 40.98 -40.17
CA ARG E 309 -3.07 40.67 -38.98
C ARG E 309 -2.24 40.78 -37.69
N PHE E 310 -0.93 40.49 -37.78
CA PHE E 310 -0.09 40.47 -36.59
C PHE E 310 0.21 41.86 -36.01
N VAL E 311 0.64 42.77 -36.87
CA VAL E 311 1.14 44.06 -36.43
C VAL E 311 0.10 44.84 -35.60
N PRO E 312 -1.15 44.89 -36.07
CA PRO E 312 -2.17 45.60 -35.26
C PRO E 312 -2.30 45.03 -33.84
N LEU E 313 -2.23 43.71 -33.72
CA LEU E 313 -2.27 43.04 -32.41
C LEU E 313 -1.13 43.52 -31.52
N VAL E 314 0.06 43.63 -32.10
CA VAL E 314 1.22 44.16 -31.39
C VAL E 314 0.99 45.63 -30.97
N LEU E 315 0.54 46.44 -31.91
CA LEU E 315 0.34 47.87 -31.64
C LEU E 315 -0.58 48.07 -30.45
N GLU E 316 -1.70 47.36 -30.48
CA GLU E 316 -2.71 47.45 -29.44
C GLU E 316 -2.15 47.09 -28.04
N ARG E 317 -1.28 46.08 -27.96
CA ARG E 317 -0.70 45.67 -26.70
C ARG E 317 0.38 46.66 -26.24
N ALA E 318 1.14 47.18 -27.19
CA ALA E 318 2.17 48.16 -26.81
C ALA E 318 1.54 49.39 -26.17
N LYS E 319 0.42 49.83 -26.74
CA LYS E 319 -0.27 51.02 -26.24
C LYS E 319 -0.79 50.87 -24.82
N ARG E 320 -1.03 49.63 -24.38
CA ARG E 320 -1.50 49.40 -23.00
C ARG E 320 -0.41 49.62 -21.95
N LEU E 321 0.85 49.58 -22.36
CA LEU E 321 1.95 49.65 -21.39
C LEU E 321 2.03 51.04 -20.76
N ARG E 322 2.10 51.07 -19.44
CA ARG E 322 2.32 52.33 -18.74
C ARG E 322 3.81 52.52 -18.51
N PHE E 323 4.34 53.59 -19.09
CA PHE E 323 5.76 53.88 -18.94
C PHE E 323 5.88 55.19 -18.19
N GLY E 324 6.86 55.26 -17.30
CA GLY E 324 6.99 56.44 -16.46
C GLY E 324 7.79 56.17 -15.21
N ASP E 325 7.42 56.88 -14.14
CA ASP E 325 8.10 56.83 -12.87
C ASP E 325 8.33 55.40 -12.37
N PRO E 326 9.60 54.98 -12.32
CA PRO E 326 9.99 53.61 -12.02
C PRO E 326 9.59 53.20 -10.61
N MET E 327 9.59 54.14 -9.68
CA MET E 327 9.16 53.83 -8.33
C MET E 327 7.65 53.67 -8.20
N ASP E 328 6.88 54.05 -9.22
CA ASP E 328 5.42 53.90 -9.15
C ASP E 328 5.09 52.42 -9.39
N ARG E 329 4.54 51.77 -8.39
CA ARG E 329 4.25 50.36 -8.54
C ARG E 329 3.30 49.95 -9.67
N SER E 330 2.69 50.91 -10.34
CA SER E 330 1.77 50.59 -11.44
C SER E 330 2.45 50.82 -12.76
N THR E 331 3.71 51.28 -12.72
CA THR E 331 4.49 51.47 -13.93
C THR E 331 4.90 50.11 -14.46
N ASP E 332 4.74 49.90 -15.76
CA ASP E 332 5.23 48.70 -16.43
C ASP E 332 6.68 48.93 -16.84
N LEU E 333 6.91 49.99 -17.60
CA LEU E 333 8.20 50.25 -18.22
C LEU E 333 8.86 51.49 -17.62
N GLY E 334 10.01 51.30 -16.98
CA GLY E 334 10.78 52.41 -16.44
C GLY E 334 11.71 52.97 -17.49
N THR E 335 12.82 53.59 -17.08
CA THR E 335 13.76 54.17 -18.04
C THR E 335 14.76 53.13 -18.57
N VAL E 336 15.59 53.55 -19.51
CA VAL E 336 16.84 52.82 -19.79
C VAL E 336 17.99 53.40 -18.94
N ILE E 337 19.19 52.84 -19.08
CA ILE E 337 20.29 53.15 -18.15
C ILE E 337 20.64 54.63 -18.10
N HIS E 338 20.52 55.31 -19.25
CA HIS E 338 20.75 56.76 -19.27
C HIS E 338 20.21 57.45 -20.54
N GLU E 339 20.22 58.78 -20.50
CA GLU E 339 19.70 59.63 -21.57
C GLU E 339 20.44 59.42 -22.89
N LYS E 340 21.76 59.25 -22.82
CA LYS E 340 22.54 59.03 -24.03
C LYS E 340 22.09 57.73 -24.74
N ALA E 341 21.83 56.68 -23.97
CA ALA E 341 21.40 55.41 -24.54
C ALA E 341 20.03 55.57 -25.19
N ALA E 342 19.15 56.27 -24.47
CA ALA E 342 17.79 56.45 -24.95
C ALA E 342 17.80 57.25 -26.27
N ALA E 343 18.65 58.28 -26.30
CA ALA E 343 18.79 59.13 -27.48
C ALA E 343 19.32 58.33 -28.65
N LEU E 344 20.32 57.50 -28.41
CA LEU E 344 20.88 56.66 -29.47
C LEU E 344 19.79 55.77 -30.07
N PHE E 345 19.04 55.11 -29.21
CA PHE E 345 18.00 54.20 -29.66
C PHE E 345 16.97 54.93 -30.52
N GLU E 346 16.54 56.10 -30.05
CA GLU E 346 15.56 56.89 -30.81
C GLU E 346 16.12 57.31 -32.18
N GLU E 347 17.39 57.69 -32.22
CA GLU E 347 18.06 57.98 -33.49
C GLU E 347 17.94 56.79 -34.46
N ARG E 348 18.23 55.61 -33.96
CA ARG E 348 18.17 54.41 -34.81
C ARG E 348 16.76 54.23 -35.37
N VAL E 349 15.78 54.58 -34.55
CA VAL E 349 14.40 54.47 -35.00
C VAL E 349 14.16 55.44 -36.15
N MET E 350 14.53 56.70 -35.94
CA MET E 350 14.36 57.74 -36.96
C MET E 350 15.08 57.39 -38.26
N ARG E 351 16.35 56.97 -38.14
CA ARG E 351 17.14 56.54 -39.27
C ARG E 351 16.45 55.41 -40.05
N ALA E 352 15.80 54.48 -39.34
CA ALA E 352 15.14 53.36 -39.97
C ALA E 352 13.90 53.82 -40.72
N ALA E 353 13.21 54.80 -40.17
CA ALA E 353 12.04 55.36 -40.82
C ALA E 353 12.41 56.08 -42.12
N GLU E 354 13.58 56.71 -42.13
CA GLU E 354 14.09 57.37 -43.35
C GLU E 354 14.39 56.34 -44.42
N GLU E 355 14.60 55.10 -43.98
CA GLU E 355 15.00 54.05 -44.90
C GLU E 355 13.79 53.23 -45.29
N GLY E 356 12.61 53.69 -44.84
CA GLY E 356 11.35 53.08 -45.25
C GLY E 356 10.50 52.50 -44.14
N ALA E 357 11.03 52.52 -42.92
CA ALA E 357 10.29 51.94 -41.79
C ALA E 357 9.04 52.76 -41.54
N ASP E 358 8.08 52.16 -40.86
CA ASP E 358 6.83 52.84 -40.57
C ASP E 358 6.59 52.89 -39.03
N ILE E 359 6.84 54.06 -38.44
CA ILE E 359 6.63 54.26 -37.01
C ILE E 359 5.12 54.33 -36.67
N LEU E 360 4.63 53.39 -35.88
CA LEU E 360 3.19 53.28 -35.62
C LEU E 360 2.81 53.84 -34.28
N TYR E 361 3.80 53.98 -33.40
CA TYR E 361 3.54 54.42 -32.06
C TYR E 361 4.82 54.95 -31.49
N HIS E 362 4.80 56.23 -31.10
CA HIS E 362 5.97 56.90 -30.54
C HIS E 362 5.52 58.15 -29.81
N PRO E 363 5.06 57.99 -28.56
CA PRO E 363 4.54 59.11 -27.76
C PRO E 363 5.63 60.10 -27.36
N GLY E 364 6.87 59.85 -27.75
CA GLY E 364 7.92 60.83 -27.51
C GLY E 364 8.78 60.50 -26.30
N ARG E 365 10.08 60.67 -26.48
CA ARG E 365 11.04 60.38 -25.45
C ARG E 365 11.20 61.52 -24.42
N SER E 366 11.51 61.18 -23.19
CA SER E 366 11.69 62.16 -22.14
C SER E 366 12.92 61.81 -21.28
N GLY E 367 14.08 62.35 -21.65
CA GLY E 367 15.34 62.02 -20.99
C GLY E 367 15.73 60.56 -21.23
N ALA E 368 15.92 59.81 -20.14
CA ALA E 368 16.19 58.38 -20.22
C ALA E 368 14.89 57.54 -20.39
N LEU E 369 13.74 58.19 -20.31
CA LEU E 369 12.48 57.46 -20.45
C LEU E 369 12.08 57.28 -21.90
N LEU E 370 12.19 56.05 -22.38
CA LEU E 370 11.79 55.73 -23.75
C LEU E 370 10.46 54.99 -23.67
N PRO E 371 9.50 55.38 -24.50
CA PRO E 371 8.24 54.64 -24.60
C PRO E 371 8.45 53.40 -25.45
N PRO E 372 7.51 52.45 -25.40
CA PRO E 372 7.62 51.21 -26.18
C PRO E 372 7.30 51.44 -27.67
N ILE E 373 8.18 52.18 -28.33
CA ILE E 373 7.98 52.53 -29.71
C ILE E 373 7.75 51.32 -30.62
N VAL E 374 6.66 51.34 -31.39
CA VAL E 374 6.38 50.27 -32.36
C VAL E 374 6.75 50.71 -33.77
N VAL E 375 7.65 49.97 -34.43
CA VAL E 375 8.08 50.29 -35.78
C VAL E 375 7.87 49.09 -36.67
N ASP E 376 7.18 49.29 -37.80
CA ASP E 376 6.88 48.20 -38.73
C ASP E 376 7.75 48.36 -39.95
N ARG E 377 7.79 47.34 -40.81
CA ARG E 377 8.57 47.39 -42.05
C ARG E 377 10.02 47.90 -41.83
N VAL E 378 10.65 47.43 -40.76
CA VAL E 378 12.05 47.74 -40.51
C VAL E 378 12.93 46.97 -41.49
N PRO E 379 13.82 47.69 -42.19
CA PRO E 379 14.83 47.06 -43.06
C PRO E 379 15.80 46.24 -42.22
N HIS E 380 16.04 44.98 -42.59
CA HIS E 380 16.89 44.11 -41.77
C HIS E 380 18.33 44.58 -41.64
N GLN E 381 18.80 45.40 -42.59
CA GLN E 381 20.17 45.90 -42.53
C GLN E 381 20.25 47.32 -41.93
N SER E 382 19.11 47.89 -41.55
CA SER E 382 19.15 49.16 -40.84
C SER E 382 19.76 48.96 -39.43
N ASP E 383 20.38 50.00 -38.88
CA ASP E 383 21.13 49.89 -37.63
C ASP E 383 20.27 49.43 -36.45
N LEU E 384 19.01 49.83 -36.47
CA LEU E 384 18.10 49.51 -35.39
C LEU E 384 18.09 48.01 -35.06
N VAL E 385 18.13 47.15 -36.08
CA VAL E 385 18.08 45.70 -35.86
C VAL E 385 19.34 44.95 -36.20
N LEU E 386 20.26 45.63 -36.88
CA LEU E 386 21.48 44.94 -37.35
C LEU E 386 22.51 44.98 -36.24
N GLU E 387 22.61 46.15 -35.62
CA GLU E 387 23.32 46.29 -34.34
C GLU E 387 22.38 45.88 -33.22
N GLU E 388 22.93 45.65 -32.03
CA GLU E 388 22.14 45.38 -30.84
C GLU E 388 21.58 46.70 -30.28
N THR E 389 20.24 46.81 -30.21
CA THR E 389 19.57 47.98 -29.64
C THR E 389 18.97 47.66 -28.25
N PHE E 390 19.66 48.10 -27.21
CA PHE E 390 19.44 47.65 -25.84
C PHE E 390 18.35 48.48 -25.16
N GLY E 391 17.18 48.55 -25.79
CA GLY E 391 16.10 49.40 -25.33
C GLY E 391 14.76 48.79 -25.72
N PRO E 392 13.65 49.39 -25.20
CA PRO E 392 12.31 48.80 -25.35
C PRO E 392 11.64 49.07 -26.69
N ILE E 393 12.42 49.05 -27.77
CA ILE E 393 11.85 49.17 -29.10
C ILE E 393 11.19 47.85 -29.51
N ILE E 394 10.07 47.95 -30.21
CA ILE E 394 9.34 46.81 -30.74
C ILE E 394 9.37 46.91 -32.25
N PRO E 395 10.41 46.34 -32.87
CA PRO E 395 10.63 46.48 -34.31
C PRO E 395 10.24 45.22 -35.09
N ILE E 396 9.28 45.37 -35.99
CA ILE E 396 8.84 44.24 -36.80
C ILE E 396 9.52 44.27 -38.18
N VAL E 397 10.30 43.23 -38.48
CA VAL E 397 10.91 43.06 -39.79
C VAL E 397 10.04 42.07 -40.55
N ARG E 398 9.56 42.47 -41.73
CA ARG E 398 8.72 41.60 -42.52
C ARG E 398 9.62 40.69 -43.33
N VAL E 399 9.41 39.38 -43.22
CA VAL E 399 10.30 38.44 -43.90
C VAL E 399 9.47 37.57 -44.81
N PRO E 400 10.10 36.91 -45.79
CA PRO E 400 9.37 36.09 -46.76
C PRO E 400 8.60 34.93 -46.13
N ASP E 401 7.57 34.49 -46.83
CA ASP E 401 6.89 33.26 -46.50
C ASP E 401 7.74 32.11 -47.02
N ASP E 402 8.98 32.05 -46.52
CA ASP E 402 9.91 31.00 -46.91
C ASP E 402 10.86 30.74 -45.75
N ASP E 403 10.85 29.53 -45.23
CA ASP E 403 11.60 29.25 -44.01
C ASP E 403 13.10 29.38 -44.21
N ASP E 404 13.61 28.83 -45.30
CA ASP E 404 15.02 28.95 -45.62
C ASP E 404 15.48 30.43 -45.69
N ALA E 405 14.71 31.27 -46.37
CA ALA E 405 15.01 32.70 -46.40
C ALA E 405 14.94 33.31 -44.99
N THR E 406 13.89 32.95 -44.22
CA THR E 406 13.74 33.45 -42.86
C THR E 406 14.92 33.02 -41.98
N ILE E 407 15.34 31.76 -42.09
CA ILE E 407 16.44 31.28 -41.27
C ILE E 407 17.74 32.00 -41.63
N THR E 408 17.99 32.17 -42.93
CA THR E 408 19.20 32.88 -43.40
C THR E 408 19.24 34.31 -42.84
N LEU E 409 18.12 35.00 -42.93
CA LEU E 409 17.97 36.33 -42.40
C LEU E 409 18.20 36.33 -40.88
N SER E 410 17.56 35.42 -40.16
CA SER E 410 17.72 35.37 -38.72
C SER E 410 19.20 35.18 -38.36
N ASN E 411 19.92 34.33 -39.09
CA ASN E 411 21.33 34.10 -38.82
C ASN E 411 22.28 35.16 -39.37
N SER E 412 21.76 36.24 -39.94
CA SER E 412 22.64 37.17 -40.69
C SER E 412 23.39 38.21 -39.83
N THR E 413 23.19 38.20 -38.52
CA THR E 413 23.89 39.18 -37.69
C THR E 413 25.13 38.57 -37.06
N ALA E 414 25.91 39.40 -36.39
CA ALA E 414 27.14 38.93 -35.76
C ALA E 414 26.84 38.12 -34.49
N PHE E 415 25.57 38.10 -34.08
CA PHE E 415 25.20 37.49 -32.80
C PHE E 415 24.55 36.11 -32.95
N GLY E 416 24.53 35.36 -31.84
CA GLY E 416 23.86 34.05 -31.83
C GLY E 416 23.68 33.58 -30.40
N LEU E 417 22.62 34.03 -29.74
CA LEU E 417 22.47 33.74 -28.31
C LEU E 417 21.21 32.92 -28.14
N SER E 418 20.06 33.57 -28.18
CA SER E 418 18.80 32.84 -28.07
C SER E 418 17.82 33.20 -29.21
N SER E 419 16.63 32.63 -29.16
CA SER E 419 15.60 32.86 -30.17
C SER E 419 14.28 32.27 -29.71
N GLY E 420 13.18 32.76 -30.30
CA GLY E 420 11.85 32.23 -30.05
C GLY E 420 11.19 32.00 -31.40
N VAL E 421 10.39 30.95 -31.54
CA VAL E 421 9.70 30.69 -32.79
C VAL E 421 8.29 30.32 -32.43
N CYS E 422 7.31 31.00 -33.03
CA CYS E 422 5.88 30.69 -32.84
C CYS E 422 5.30 30.00 -34.07
N THR E 423 4.94 28.73 -33.89
CA THR E 423 4.36 27.95 -34.97
C THR E 423 3.70 26.72 -34.34
N ASN E 424 2.84 26.03 -35.07
CA ASN E 424 2.26 24.77 -34.57
C ASN E 424 2.63 23.58 -35.44
N ASP E 425 3.38 23.85 -36.50
CA ASP E 425 3.79 22.84 -37.44
C ASP E 425 5.08 22.20 -36.92
N TYR E 426 5.02 20.94 -36.47
CA TYR E 426 6.21 20.32 -35.88
C TYR E 426 7.40 20.30 -36.87
N ARG E 427 7.12 20.06 -38.14
CA ARG E 427 8.18 19.90 -39.11
C ARG E 427 8.97 21.22 -39.19
N ARG E 428 8.27 22.32 -39.08
CA ARG E 428 8.89 23.62 -39.17
C ARG E 428 9.61 23.94 -37.88
N MET E 429 9.02 23.51 -36.78
CA MET E 429 9.67 23.67 -35.48
C MET E 429 11.05 23.09 -35.53
N GLN E 430 11.15 21.83 -35.99
CA GLN E 430 12.43 21.16 -35.88
C GLN E 430 13.39 21.71 -36.90
N LYS E 431 12.86 22.20 -38.02
CA LYS E 431 13.73 22.86 -38.99
C LYS E 431 14.40 24.10 -38.38
N TYR E 432 13.64 24.92 -37.66
CA TYR E 432 14.22 26.11 -37.01
C TYR E 432 15.17 25.72 -35.85
N ILE E 433 14.80 24.70 -35.07
CA ILE E 433 15.65 24.26 -33.98
C ILE E 433 17.00 23.86 -34.56
N ALA E 434 16.98 23.15 -35.68
CA ALA E 434 18.26 22.69 -36.27
C ALA E 434 19.00 23.81 -37.00
N GLY E 435 18.26 24.76 -37.59
CA GLY E 435 18.85 25.70 -38.52
C GLY E 435 19.32 27.03 -37.91
N LEU E 436 18.70 27.48 -36.81
CA LEU E 436 19.12 28.75 -36.22
C LEU E 436 20.48 28.58 -35.55
N LYS E 437 21.38 29.51 -35.84
CA LYS E 437 22.71 29.47 -35.24
C LYS E 437 22.76 30.25 -33.93
N VAL E 438 22.33 29.58 -32.87
CA VAL E 438 22.11 30.21 -31.57
C VAL E 438 22.44 29.18 -30.51
N GLY E 439 22.55 29.58 -29.26
CA GLY E 439 22.67 28.59 -28.18
C GLY E 439 21.31 28.06 -27.71
N THR E 440 20.23 28.79 -27.98
CA THR E 440 18.90 28.37 -27.48
C THR E 440 17.81 28.65 -28.49
N VAL E 441 16.89 27.70 -28.67
CA VAL E 441 15.69 27.94 -29.46
C VAL E 441 14.43 27.62 -28.66
N ASN E 442 13.64 28.65 -28.33
CA ASN E 442 12.43 28.43 -27.55
C ASN E 442 11.19 28.38 -28.46
N ILE E 443 10.47 27.27 -28.44
CA ILE E 443 9.24 27.21 -29.21
C ILE E 443 8.10 27.81 -28.37
N TRP E 444 7.50 28.87 -28.90
CA TRP E 444 6.36 29.48 -28.28
C TRP E 444 6.77 30.08 -26.93
N GLU E 445 7.99 30.60 -26.85
CA GLU E 445 8.34 31.47 -25.74
C GLU E 445 9.30 32.54 -26.23
N VAL E 446 9.55 33.58 -25.43
CA VAL E 446 10.51 34.61 -25.85
C VAL E 446 11.92 34.01 -25.81
N PRO E 447 12.87 34.63 -26.54
CA PRO E 447 14.24 34.14 -26.49
C PRO E 447 14.79 34.18 -25.11
N GLY E 448 14.27 35.09 -24.29
CA GLY E 448 14.77 35.28 -22.94
C GLY E 448 14.41 34.17 -21.97
N TYR E 449 13.48 33.28 -22.33
CA TYR E 449 13.06 32.27 -21.37
C TYR E 449 14.13 31.18 -21.11
N ARG E 450 14.41 30.94 -19.84
CA ARG E 450 15.27 29.83 -19.42
C ARG E 450 14.95 29.59 -17.96
N ILE E 451 15.41 28.47 -17.41
CA ILE E 451 15.41 28.33 -15.92
C ILE E 451 16.84 28.66 -15.45
N GLU E 452 17.04 28.97 -14.16
CA GLU E 452 18.32 29.54 -13.75
C GLU E 452 19.43 28.47 -13.75
N MET E 453 19.02 27.22 -13.97
CA MET E 453 20.02 26.14 -13.96
C MET E 453 20.21 25.37 -15.30
N SER E 454 19.51 25.76 -16.36
CA SER E 454 19.75 25.15 -17.66
C SER E 454 20.98 25.75 -18.35
N PRO E 455 21.59 25.01 -19.28
CA PRO E 455 22.80 25.52 -19.93
C PRO E 455 22.51 26.79 -20.73
N PHE E 456 23.28 27.84 -20.46
CA PHE E 456 23.06 29.11 -21.10
C PHE E 456 24.36 29.65 -21.70
N GLY E 457 24.31 30.06 -22.96
CA GLY E 457 25.45 30.72 -23.57
C GLY E 457 25.32 30.74 -25.08
N GLY E 458 25.93 31.73 -25.70
CA GLY E 458 25.80 31.85 -27.14
C GLY E 458 27.07 31.49 -27.90
N ILE E 459 27.04 31.74 -29.20
CA ILE E 459 28.17 31.49 -30.06
C ILE E 459 28.41 32.78 -30.84
N LYS E 460 29.26 32.73 -31.87
CA LYS E 460 29.60 33.93 -32.63
C LYS E 460 30.03 35.03 -31.68
N ASP E 461 29.55 36.27 -31.86
CA ASP E 461 29.93 37.38 -30.99
C ASP E 461 29.17 37.40 -29.67
N SER E 462 28.21 36.48 -29.49
CA SER E 462 27.41 36.47 -28.26
C SER E 462 28.19 35.88 -27.09
N GLY E 463 29.18 35.04 -27.38
CA GLY E 463 29.94 34.43 -26.29
C GLY E 463 31.13 33.65 -26.80
N ASN E 464 32.11 33.39 -25.92
CA ASN E 464 33.31 32.67 -26.34
C ASN E 464 33.12 31.13 -26.33
N GLY E 465 31.90 30.68 -26.09
CA GLY E 465 31.57 29.28 -26.34
C GLY E 465 31.49 28.37 -25.11
N TYR E 466 31.47 28.96 -23.92
CA TYR E 466 31.29 28.17 -22.70
C TYR E 466 29.92 28.42 -22.05
N LYS E 467 29.29 27.37 -21.52
CA LYS E 467 27.97 27.52 -20.96
C LYS E 467 27.99 28.04 -19.55
N GLU E 468 26.89 28.69 -19.17
CA GLU E 468 26.70 29.32 -17.86
C GLU E 468 25.37 28.73 -17.33
N GLY E 469 24.73 29.40 -16.38
CA GLY E 469 23.61 28.82 -15.68
C GLY E 469 24.21 28.11 -14.47
N VAL E 470 23.41 27.89 -13.44
CA VAL E 470 23.94 27.42 -12.16
C VAL E 470 24.76 26.13 -12.30
N ILE E 471 24.22 25.16 -13.04
CA ILE E 471 24.89 23.88 -13.12
C ILE E 471 26.22 23.95 -13.88
N GLU E 472 26.22 24.59 -15.03
CA GLU E 472 27.46 24.64 -15.80
C GLU E 472 28.49 25.57 -15.14
N ALA E 473 28.01 26.61 -14.48
CA ALA E 473 28.93 27.52 -13.78
C ALA E 473 29.64 26.72 -12.68
N MET E 474 28.91 25.88 -11.96
CA MET E 474 29.55 25.06 -10.92
C MET E 474 30.62 24.15 -11.46
N LYS E 475 30.39 23.54 -12.61
CA LYS E 475 31.38 22.67 -13.20
C LYS E 475 32.59 23.49 -13.61
N SER E 476 32.28 24.66 -14.15
CA SER E 476 33.31 25.45 -14.75
C SER E 476 34.23 26.15 -13.71
N PHE E 477 33.73 26.27 -12.48
CA PHE E 477 34.45 26.90 -11.38
C PHE E 477 35.27 25.85 -10.63
N THR E 478 35.35 24.63 -11.17
CA THR E 478 36.16 23.58 -10.54
C THR E 478 37.19 22.97 -11.48
N ASN E 479 38.16 22.26 -10.91
CA ASN E 479 39.04 21.38 -11.67
C ASN E 479 38.65 19.95 -11.35
N VAL E 480 38.55 19.14 -12.39
CA VAL E 480 38.32 17.72 -12.19
C VAL E 480 39.66 17.04 -11.92
N LYS E 481 39.73 16.32 -10.79
CA LYS E 481 40.87 15.50 -10.50
C LYS E 481 40.46 14.03 -10.61
N THR E 482 41.29 13.19 -11.21
CA THR E 482 40.99 11.75 -11.29
C THR E 482 41.96 11.04 -10.39
N PHE E 483 41.55 9.90 -9.84
CA PHE E 483 42.49 9.03 -9.16
C PHE E 483 42.14 7.59 -9.50
N SER E 484 43.15 6.71 -9.52
CA SER E 484 42.88 5.32 -9.90
C SER E 484 43.38 4.43 -8.77
N LEU E 485 42.67 3.33 -8.54
CA LEU E 485 43.05 2.34 -7.53
C LEU E 485 43.11 0.94 -8.14
N PRO E 486 44.05 0.11 -7.68
CA PRO E 486 44.12 -1.30 -8.08
C PRO E 486 42.78 -1.95 -7.79
N TRP E 487 42.30 -2.79 -8.71
CA TRP E 487 41.02 -3.43 -8.46
C TRP E 487 41.05 -4.87 -8.91
N HIS F 15 -36.72 -13.33 -7.33
CA HIS F 15 -35.48 -12.69 -7.84
C HIS F 15 -35.65 -11.26 -8.39
N GLU F 16 -35.11 -10.28 -7.66
CA GLU F 16 -35.31 -8.86 -8.00
C GLU F 16 -34.02 -8.09 -8.16
N PRO F 17 -33.78 -7.56 -9.37
CA PRO F 17 -32.60 -6.69 -9.60
C PRO F 17 -32.70 -5.36 -8.85
N MET F 18 -31.57 -4.70 -8.64
CA MET F 18 -31.54 -3.32 -8.18
C MET F 18 -32.28 -2.41 -9.16
N ARG F 19 -32.82 -1.31 -8.66
CA ARG F 19 -33.36 -0.28 -9.53
C ARG F 19 -32.40 0.91 -9.46
N ILE F 20 -31.69 1.15 -10.55
CA ILE F 20 -30.75 2.27 -10.59
C ILE F 20 -31.23 3.25 -11.62
N ALA F 21 -31.81 4.34 -11.14
CA ALA F 21 -32.45 5.34 -12.01
C ALA F 21 -33.37 4.69 -13.02
N GLY F 22 -34.21 3.77 -12.55
CA GLY F 22 -35.16 3.14 -13.44
C GLY F 22 -34.65 1.97 -14.29
N ARG F 23 -33.35 1.68 -14.22
CA ARG F 23 -32.78 0.52 -14.91
C ARG F 23 -32.64 -0.66 -13.97
N LEU F 24 -32.97 -1.86 -14.45
CA LEU F 24 -32.75 -3.06 -13.65
C LEU F 24 -31.28 -3.47 -13.72
N VAL F 25 -30.64 -3.59 -12.57
CA VAL F 25 -29.21 -3.87 -12.56
C VAL F 25 -28.90 -5.06 -11.66
N ASP F 26 -28.30 -6.08 -12.26
CA ASP F 26 -28.04 -7.34 -11.57
C ASP F 26 -26.56 -7.57 -11.29
N THR F 27 -26.27 -8.50 -10.38
CA THR F 27 -24.92 -9.01 -10.18
C THR F 27 -24.99 -10.54 -10.25
N ASP F 28 -23.83 -11.19 -10.29
CA ASP F 28 -23.80 -12.65 -10.26
C ASP F 28 -24.15 -13.19 -8.88
N ASP F 29 -23.48 -12.65 -7.85
CA ASP F 29 -23.75 -13.04 -6.47
C ASP F 29 -25.10 -12.53 -6.00
N ARG F 30 -25.70 -13.29 -5.09
CA ARG F 30 -27.04 -12.96 -4.63
C ARG F 30 -27.08 -12.84 -3.11
N VAL F 31 -28.02 -12.04 -2.63
CA VAL F 31 -28.38 -12.06 -1.23
C VAL F 31 -29.75 -12.75 -1.16
N GLU F 32 -29.85 -13.76 -0.31
CA GLU F 32 -31.09 -14.53 -0.16
C GLU F 32 -31.94 -13.84 0.89
N VAL F 33 -33.24 -13.74 0.63
CA VAL F 33 -34.18 -13.19 1.60
C VAL F 33 -35.03 -14.34 2.14
N ARG F 34 -35.03 -14.51 3.45
CA ARG F 34 -35.78 -15.59 4.07
C ARG F 34 -37.00 -15.14 4.85
N TYR F 35 -38.06 -15.93 4.74
CA TYR F 35 -39.33 -15.73 5.45
C TYR F 35 -39.13 -16.22 6.88
N PRO F 36 -39.18 -15.31 7.88
CA PRO F 36 -38.84 -15.72 9.26
C PRO F 36 -39.82 -16.74 9.87
N TRP F 37 -41.00 -16.91 9.27
CA TRP F 37 -41.99 -17.85 9.77
C TRP F 37 -41.46 -19.31 9.67
N ASN F 38 -40.89 -19.66 8.52
CA ASN F 38 -40.43 -21.03 8.27
C ASN F 38 -39.00 -21.10 7.72
N ASP F 39 -38.31 -19.97 7.75
CA ASP F 39 -36.92 -19.86 7.27
C ASP F 39 -36.68 -20.30 5.81
N THR F 40 -37.72 -20.25 4.96
CA THR F 40 -37.53 -20.54 3.52
C THR F 40 -37.14 -19.29 2.75
N VAL F 41 -36.43 -19.51 1.64
CA VAL F 41 -36.03 -18.41 0.78
C VAL F 41 -37.25 -17.96 -0.01
N VAL F 42 -37.61 -16.70 0.13
CA VAL F 42 -38.77 -16.18 -0.61
C VAL F 42 -38.35 -15.26 -1.72
N GLY F 43 -37.07 -14.90 -1.76
CA GLY F 43 -36.59 -14.00 -2.80
C GLY F 43 -35.09 -13.82 -2.78
N THR F 44 -34.58 -13.17 -3.81
CA THR F 44 -33.16 -12.89 -3.87
C THR F 44 -32.95 -11.50 -4.46
N VAL F 45 -31.93 -10.78 -3.99
CA VAL F 45 -31.56 -9.50 -4.60
C VAL F 45 -30.02 -9.46 -4.84
N PRO F 46 -29.55 -8.52 -5.68
CA PRO F 46 -28.12 -8.54 -5.98
C PRO F 46 -27.25 -8.24 -4.76
N ALA F 47 -26.08 -8.86 -4.72
CA ALA F 47 -25.01 -8.45 -3.81
C ALA F 47 -24.29 -7.25 -4.45
N GLY F 48 -24.95 -6.09 -4.45
CA GLY F 48 -24.37 -4.91 -5.06
C GLY F 48 -23.07 -4.49 -4.37
N ARG F 49 -22.27 -3.71 -5.10
CA ARG F 49 -20.97 -3.25 -4.62
C ARG F 49 -20.87 -1.71 -4.70
N ALA F 50 -19.76 -1.18 -4.20
CA ALA F 50 -19.56 0.27 -4.08
C ALA F 50 -19.84 0.97 -5.41
N GLU F 51 -19.35 0.36 -6.49
CA GLU F 51 -19.48 0.92 -7.81
C GLU F 51 -20.94 1.13 -8.20
N HIS F 52 -21.84 0.27 -7.71
CA HIS F 52 -23.26 0.43 -8.01
C HIS F 52 -23.82 1.67 -7.31
N ALA F 53 -23.52 1.80 -6.03
CA ALA F 53 -23.92 2.97 -5.30
C ALA F 53 -23.29 4.18 -5.96
N ARG F 54 -22.03 4.05 -6.33
CA ARG F 54 -21.31 5.14 -6.95
C ARG F 54 -22.01 5.64 -8.21
N GLU F 55 -22.44 4.70 -9.04
CA GLU F 55 -23.14 5.05 -10.27
C GLU F 55 -24.47 5.73 -9.95
N ALA F 56 -25.19 5.20 -8.96
CA ALA F 56 -26.48 5.77 -8.57
C ALA F 56 -26.32 7.23 -8.08
N PHE F 57 -25.24 7.49 -7.33
CA PHE F 57 -25.01 8.83 -6.84
C PHE F 57 -24.57 9.76 -7.94
N ALA F 58 -23.84 9.27 -8.95
CA ALA F 58 -23.41 10.16 -10.06
C ALA F 58 -24.63 10.61 -10.89
N ILE F 59 -25.51 9.66 -11.18
CA ILE F 59 -26.76 9.94 -11.86
C ILE F 59 -27.57 10.94 -11.02
N ALA F 60 -27.70 10.66 -9.72
CA ALA F 60 -28.44 11.58 -8.84
C ALA F 60 -27.85 13.01 -8.88
N ALA F 61 -26.52 13.13 -8.78
CA ALA F 61 -25.86 14.43 -8.76
C ALA F 61 -26.05 15.19 -10.05
N ALA F 62 -25.93 14.48 -11.18
CA ALA F 62 -26.00 15.14 -12.48
C ALA F 62 -27.42 15.57 -12.84
N TYR F 63 -28.44 14.87 -12.37
CA TYR F 63 -29.81 15.27 -12.73
C TYR F 63 -30.35 16.44 -11.86
N GLN F 64 -30.91 17.45 -12.53
CA GLN F 64 -31.48 18.61 -11.84
C GLN F 64 -32.99 18.63 -12.01
N PRO F 65 -33.72 18.13 -11.01
CA PRO F 65 -35.19 18.07 -11.18
C PRO F 65 -35.80 19.44 -11.47
N LYS F 66 -36.77 19.47 -12.37
CA LYS F 66 -37.46 20.73 -12.70
C LYS F 66 -38.96 20.63 -12.46
N LEU F 67 -39.42 19.59 -11.77
CA LEU F 67 -40.84 19.40 -11.52
C LEU F 67 -41.42 20.61 -10.79
N THR F 68 -42.57 21.08 -11.24
CA THR F 68 -43.31 22.11 -10.51
C THR F 68 -43.88 21.50 -9.25
N ARG F 69 -44.34 22.33 -8.33
CA ARG F 69 -44.97 21.78 -7.13
C ARG F 69 -46.22 20.95 -7.52
N TYR F 70 -46.95 21.42 -8.52
CA TYR F 70 -48.09 20.65 -9.01
C TYR F 70 -47.67 19.22 -9.51
N GLU F 71 -46.62 19.15 -10.33
CA GLU F 71 -46.13 17.86 -10.80
C GLU F 71 -45.65 16.95 -9.67
N ARG F 72 -44.99 17.53 -8.68
CA ARG F 72 -44.59 16.74 -7.51
C ARG F 72 -45.83 16.21 -6.78
N GLN F 73 -46.81 17.08 -6.59
CA GLN F 73 -48.00 16.66 -5.86
C GLN F 73 -48.72 15.51 -6.58
N LYS F 74 -48.79 15.63 -7.91
CA LYS F 74 -49.45 14.64 -8.73
C LYS F 74 -48.74 13.27 -8.66
N ILE F 75 -47.41 13.26 -8.72
CA ILE F 75 -46.65 12.02 -8.53
C ILE F 75 -46.88 11.39 -7.16
N LEU F 76 -46.75 12.21 -6.11
CA LEU F 76 -46.93 11.74 -4.72
C LEU F 76 -48.35 11.24 -4.45
N LEU F 77 -49.37 11.98 -4.92
CA LEU F 77 -50.74 11.51 -4.75
C LEU F 77 -51.05 10.23 -5.59
N ALA F 78 -50.50 10.15 -6.79
CA ALA F 78 -50.66 8.94 -7.59
C ALA F 78 -50.02 7.75 -6.89
N THR F 79 -48.89 7.97 -6.21
CA THR F 79 -48.21 6.91 -5.50
C THR F 79 -49.08 6.44 -4.34
N ALA F 80 -49.72 7.39 -3.67
CA ALA F 80 -50.63 7.01 -2.59
C ALA F 80 -51.75 6.11 -3.15
N GLU F 81 -52.31 6.48 -4.31
CA GLU F 81 -53.43 5.72 -4.88
C GLU F 81 -52.97 4.31 -5.23
N ALA F 82 -51.75 4.19 -5.73
CA ALA F 82 -51.21 2.89 -6.09
C ALA F 82 -50.98 2.05 -4.85
N LEU F 83 -50.47 2.66 -3.78
CA LEU F 83 -50.31 1.93 -2.54
C LEU F 83 -51.64 1.35 -2.08
N ALA F 84 -52.70 2.16 -2.14
CA ALA F 84 -54.03 1.72 -1.65
C ALA F 84 -54.55 0.60 -2.56
N ALA F 85 -54.42 0.81 -3.87
CA ALA F 85 -54.89 -0.18 -4.83
C ALA F 85 -54.16 -1.49 -4.71
N ARG F 86 -52.89 -1.45 -4.33
CA ARG F 86 -52.10 -2.69 -4.32
C ARG F 86 -51.78 -3.12 -2.91
N LYS F 87 -52.55 -2.67 -1.93
CA LYS F 87 -52.16 -2.90 -0.56
C LYS F 87 -51.98 -4.38 -0.23
N GLU F 88 -52.81 -5.25 -0.83
CA GLU F 88 -52.72 -6.67 -0.49
C GLU F 88 -51.41 -7.27 -0.98
N GLU F 89 -51.09 -6.98 -2.23
CA GLU F 89 -49.85 -7.38 -2.81
C GLU F 89 -48.64 -6.84 -2.03
N ILE F 90 -48.65 -5.56 -1.70
CA ILE F 90 -47.51 -4.93 -0.99
C ILE F 90 -47.35 -5.55 0.40
N SER F 91 -48.45 -5.71 1.14
CA SER F 91 -48.35 -6.27 2.48
C SER F 91 -47.89 -7.73 2.46
N ASP F 92 -48.25 -8.47 1.41
CA ASP F 92 -47.75 -9.85 1.26
C ASP F 92 -46.21 -9.80 1.24
N VAL F 93 -45.66 -8.92 0.38
CA VAL F 93 -44.21 -8.79 0.28
C VAL F 93 -43.61 -8.40 1.62
N ILE F 94 -44.28 -7.51 2.36
CA ILE F 94 -43.75 -7.11 3.65
C ILE F 94 -43.74 -8.32 4.60
N THR F 95 -44.88 -8.99 4.70
CA THR F 95 -45.01 -10.11 5.65
C THR F 95 -44.03 -11.23 5.33
N LEU F 96 -43.86 -11.53 4.04
CA LEU F 96 -42.99 -12.62 3.61
C LEU F 96 -41.52 -12.35 3.88
N GLU F 97 -41.16 -11.07 3.95
CA GLU F 97 -39.78 -10.61 4.19
C GLU F 97 -39.52 -10.40 5.68
N LEU F 98 -40.49 -9.82 6.39
CA LEU F 98 -40.28 -9.36 7.78
C LEU F 98 -40.87 -10.32 8.79
N GLY F 99 -42.02 -10.91 8.44
CA GLY F 99 -42.65 -11.91 9.31
C GLY F 99 -43.76 -11.40 10.22
N ILE F 100 -44.01 -10.08 10.13
CA ILE F 100 -45.10 -9.47 10.91
C ILE F 100 -46.41 -9.96 10.32
N SER F 101 -47.47 -9.97 11.14
CA SER F 101 -48.80 -10.39 10.69
C SER F 101 -49.30 -9.53 9.52
N LYS F 102 -50.17 -10.11 8.68
CA LYS F 102 -50.82 -9.32 7.63
C LYS F 102 -51.57 -8.11 8.22
N ALA F 103 -52.07 -8.28 9.44
CA ALA F 103 -52.74 -7.16 10.12
C ALA F 103 -51.76 -5.99 10.27
N ASP F 104 -50.57 -6.29 10.80
CA ASP F 104 -49.53 -5.28 10.95
C ASP F 104 -49.03 -4.74 9.60
N SER F 105 -48.79 -5.61 8.62
CA SER F 105 -48.31 -5.15 7.32
C SER F 105 -49.32 -4.34 6.52
N LEU F 106 -50.60 -4.71 6.64
CA LEU F 106 -51.65 -3.91 6.00
C LEU F 106 -51.71 -2.54 6.65
N TYR F 107 -51.61 -2.51 7.98
CA TYR F 107 -51.52 -1.25 8.69
C TYR F 107 -50.33 -0.39 8.17
N GLU F 108 -49.17 -1.04 7.98
CA GLU F 108 -47.98 -0.34 7.49
C GLU F 108 -48.25 0.29 6.12
N VAL F 109 -48.95 -0.43 5.24
CA VAL F 109 -49.29 0.20 3.95
C VAL F 109 -50.15 1.43 4.16
N GLY F 110 -51.07 1.38 5.13
CA GLY F 110 -51.89 2.55 5.41
C GLY F 110 -51.04 3.76 5.83
N ARG F 111 -50.04 3.52 6.67
CA ARG F 111 -49.15 4.58 7.08
C ARG F 111 -48.43 5.16 5.87
N ALA F 112 -47.91 4.31 4.99
CA ALA F 112 -47.21 4.82 3.80
C ALA F 112 -48.15 5.64 2.92
N PHE F 113 -49.40 5.20 2.86
CA PHE F 113 -50.40 5.95 2.14
C PHE F 113 -50.53 7.37 2.76
N ASP F 114 -50.57 7.47 4.08
CA ASP F 114 -50.60 8.78 4.74
C ASP F 114 -49.32 9.59 4.43
N VAL F 115 -48.14 8.95 4.50
CA VAL F 115 -46.89 9.65 4.23
C VAL F 115 -46.93 10.30 2.85
N PHE F 116 -47.27 9.51 1.84
CA PHE F 116 -47.31 10.05 0.48
C PHE F 116 -48.40 11.09 0.28
N THR F 117 -49.57 10.85 0.89
CA THR F 117 -50.64 11.83 0.79
C THR F 117 -50.23 13.16 1.44
N LEU F 118 -49.75 13.09 2.68
CA LEU F 118 -49.39 14.32 3.38
C LEU F 118 -48.22 15.04 2.67
N ALA F 119 -47.20 14.29 2.23
CA ALA F 119 -46.12 14.93 1.47
C ALA F 119 -46.65 15.60 0.18
N GLY F 120 -47.56 14.93 -0.50
CA GLY F 120 -48.14 15.53 -1.71
C GLY F 120 -48.86 16.85 -1.38
N GLN F 121 -49.60 16.85 -0.28
CA GLN F 121 -50.36 18.03 0.12
C GLN F 121 -49.49 19.17 0.61
N MET F 122 -48.33 18.84 1.20
CA MET F 122 -47.39 19.87 1.65
C MET F 122 -46.67 20.60 0.51
N CYS F 123 -46.73 20.06 -0.68
CA CYS F 123 -46.10 20.66 -1.86
C CYS F 123 -46.60 22.06 -2.21
N ILE F 124 -47.85 22.36 -1.82
CA ILE F 124 -48.40 23.67 -2.14
C ILE F 124 -47.94 24.72 -1.13
N ARG F 125 -47.27 24.29 -0.07
CA ARG F 125 -46.92 25.20 1.04
C ARG F 125 -45.50 25.78 0.89
N ASP F 126 -45.41 27.11 0.90
CA ASP F 126 -44.13 27.84 0.78
C ASP F 126 -43.87 28.54 2.12
N ASP F 127 -42.84 28.10 2.85
CA ASP F 127 -42.61 28.68 4.15
C ASP F 127 -41.57 29.82 4.10
N GLY F 128 -41.41 30.45 2.93
CA GLY F 128 -40.54 31.62 2.84
C GLY F 128 -40.87 32.73 3.84
N GLU F 129 -39.86 33.47 4.24
CA GLU F 129 -40.03 34.58 5.16
C GLU F 129 -39.52 35.89 4.55
N ILE F 130 -39.97 36.99 5.14
CA ILE F 130 -39.53 38.32 4.72
C ILE F 130 -39.06 39.12 5.94
N PHE F 131 -37.88 39.72 5.84
CA PHE F 131 -37.37 40.54 6.91
C PHE F 131 -37.24 41.96 6.39
N SER F 132 -37.64 42.92 7.21
CA SER F 132 -37.36 44.34 6.96
C SER F 132 -36.03 44.67 7.61
N CYS F 133 -35.26 45.52 6.97
CA CYS F 133 -33.90 45.77 7.42
C CYS F 133 -33.66 47.10 8.12
N ASP F 134 -34.70 47.93 8.26
CA ASP F 134 -34.52 49.26 8.90
C ASP F 134 -34.74 49.20 10.41
N LEU F 135 -34.01 48.28 11.06
CA LEU F 135 -34.37 47.77 12.39
C LEU F 135 -33.50 48.33 13.51
N THR F 136 -32.31 48.78 13.13
CA THR F 136 -31.32 49.22 14.09
C THR F 136 -30.66 50.47 13.56
N PRO F 137 -29.71 51.07 14.32
CA PRO F 137 -28.94 52.23 13.84
C PRO F 137 -28.16 51.85 12.58
N HIS F 138 -27.83 50.57 12.44
CA HIS F 138 -27.19 50.03 11.23
C HIS F 138 -28.20 49.67 10.12
N GLY F 139 -29.46 50.09 10.27
CA GLY F 139 -30.55 49.72 9.36
C GLY F 139 -30.42 50.23 7.92
N LYS F 140 -31.08 49.56 6.97
CA LYS F 140 -31.15 50.03 5.57
C LYS F 140 -32.53 49.81 5.00
N ALA F 141 -32.89 50.62 4.00
CA ALA F 141 -34.21 50.53 3.37
C ALA F 141 -34.14 49.36 2.41
N ARG F 142 -34.50 48.17 2.90
CA ARG F 142 -34.21 46.96 2.17
C ARG F 142 -35.00 45.79 2.76
N LYS F 143 -35.37 44.83 1.91
CA LYS F 143 -36.07 43.64 2.40
C LYS F 143 -35.22 42.42 2.11
N ILE F 144 -35.22 41.44 3.02
CA ILE F 144 -34.56 40.16 2.79
C ILE F 144 -35.66 39.10 2.67
N PHE F 145 -35.51 38.21 1.70
CA PHE F 145 -36.49 37.17 1.41
C PHE F 145 -35.79 35.82 1.46
N THR F 146 -36.52 34.78 1.86
CA THR F 146 -35.92 33.45 1.87
C THR F 146 -36.62 32.52 0.89
N MET F 147 -35.88 31.51 0.41
CA MET F 147 -36.46 30.44 -0.42
C MET F 147 -35.64 29.20 -0.18
N ARG F 148 -36.12 28.05 -0.67
CA ARG F 148 -35.44 26.79 -0.44
C ARG F 148 -35.05 26.15 -1.77
N GLU F 149 -33.93 25.44 -1.76
CA GLU F 149 -33.43 24.77 -2.94
C GLU F 149 -33.01 23.39 -2.52
N PRO F 150 -33.07 22.43 -3.45
CA PRO F 150 -32.71 21.02 -3.14
C PRO F 150 -31.18 20.83 -3.03
N LEU F 151 -30.78 19.67 -2.53
CA LEU F 151 -29.39 19.30 -2.35
C LEU F 151 -28.90 18.63 -3.64
N THR F 152 -27.61 18.27 -3.67
CA THR F 152 -27.07 17.50 -4.80
C THR F 152 -27.64 16.06 -4.82
N ALA F 153 -27.50 15.35 -3.70
CA ALA F 153 -28.02 14.00 -3.62
C ALA F 153 -28.19 13.62 -2.14
N ILE F 154 -29.15 12.74 -1.90
CA ILE F 154 -29.45 12.31 -0.55
C ILE F 154 -29.27 10.79 -0.43
N SER F 155 -28.65 10.36 0.67
CA SER F 155 -28.37 8.97 0.90
C SER F 155 -29.32 8.50 1.99
N ALA F 156 -30.11 7.47 1.69
CA ALA F 156 -31.10 6.92 2.65
C ALA F 156 -30.83 5.48 2.95
N ILE F 157 -30.68 5.17 4.24
CA ILE F 157 -30.35 3.83 4.70
C ILE F 157 -31.42 3.46 5.69
N THR F 158 -32.14 2.37 5.40
CA THR F 158 -33.36 2.04 6.17
C THR F 158 -33.26 0.67 6.85
N PRO F 159 -34.05 0.48 7.92
CA PRO F 159 -33.95 -0.71 8.75
C PRO F 159 -35.03 -1.74 8.38
N PHE F 160 -35.06 -2.89 9.07
CA PHE F 160 -36.00 -3.96 8.69
C PHE F 160 -37.43 -3.76 9.25
N ASN F 161 -37.60 -2.97 10.30
CA ASN F 161 -38.89 -3.03 11.02
C ASN F 161 -40.07 -2.39 10.29
N HIS F 162 -39.81 -1.41 9.42
CA HIS F 162 -40.89 -0.94 8.51
C HIS F 162 -40.36 -0.90 7.08
N PRO F 163 -40.33 -2.05 6.40
CA PRO F 163 -39.70 -2.17 5.08
C PRO F 163 -40.31 -1.23 4.05
N LEU F 164 -41.56 -0.80 4.30
CA LEU F 164 -42.23 0.12 3.39
C LEU F 164 -42.20 1.55 3.94
N ASN F 165 -42.69 1.71 5.16
CA ASN F 165 -42.90 3.06 5.68
C ASN F 165 -41.62 3.85 5.95
N MET F 166 -40.55 3.15 6.34
CA MET F 166 -39.26 3.81 6.52
C MET F 166 -38.71 4.34 5.21
N VAL F 167 -38.99 3.61 4.12
CA VAL F 167 -38.53 4.08 2.82
C VAL F 167 -39.39 5.24 2.39
N ALA F 168 -40.69 5.14 2.66
CA ALA F 168 -41.61 6.22 2.30
C ALA F 168 -41.20 7.54 3.00
N HIS F 169 -40.97 7.46 4.29
CA HIS F 169 -40.58 8.65 5.05
C HIS F 169 -39.31 9.35 4.54
N LYS F 170 -38.42 8.61 3.89
CA LYS F 170 -37.18 9.23 3.41
C LYS F 170 -37.34 9.64 1.96
N VAL F 171 -38.14 8.91 1.19
CA VAL F 171 -38.27 9.21 -0.23
C VAL F 171 -39.33 10.27 -0.57
N ALA F 172 -40.48 10.20 0.07
CA ALA F 172 -41.56 11.15 -0.20
C ALA F 172 -41.16 12.64 -0.03
N PRO F 173 -40.49 12.96 1.09
CA PRO F 173 -40.06 14.36 1.29
C PRO F 173 -38.97 14.73 0.28
N ALA F 174 -38.16 13.77 -0.15
CA ALA F 174 -37.13 14.08 -1.15
C ALA F 174 -37.80 14.47 -2.45
N ILE F 175 -38.80 13.68 -2.84
CA ILE F 175 -39.50 13.94 -4.09
C ILE F 175 -40.18 15.30 -4.01
N ALA F 176 -40.80 15.57 -2.87
CA ALA F 176 -41.59 16.77 -2.73
C ALA F 176 -40.69 18.03 -2.80
N THR F 177 -39.39 17.85 -2.54
CA THR F 177 -38.47 18.98 -2.57
C THR F 177 -37.50 19.00 -3.77
N ASN F 178 -37.75 18.13 -4.77
CA ASN F 178 -36.94 18.06 -5.98
C ASN F 178 -35.52 17.59 -5.73
N ASN F 179 -35.37 16.72 -4.75
CA ASN F 179 -34.10 16.06 -4.50
C ASN F 179 -33.96 14.74 -5.28
N CYS F 180 -32.74 14.21 -5.36
CA CYS F 180 -32.57 12.88 -5.91
C CYS F 180 -32.02 12.06 -4.78
N VAL F 181 -32.63 10.89 -4.56
CA VAL F 181 -32.25 10.03 -3.45
C VAL F 181 -31.82 8.64 -3.90
N VAL F 182 -30.85 8.09 -3.17
CA VAL F 182 -30.47 6.71 -3.36
C VAL F 182 -30.70 5.98 -2.04
N VAL F 183 -31.45 4.88 -2.12
CA VAL F 183 -31.82 4.10 -0.92
C VAL F 183 -31.09 2.75 -0.87
N LYS F 184 -30.47 2.44 0.25
CA LYS F 184 -29.99 1.10 0.52
C LYS F 184 -30.79 0.50 1.66
N PRO F 185 -31.84 -0.28 1.34
CA PRO F 185 -32.58 -0.96 2.40
C PRO F 185 -31.70 -2.04 3.04
N THR F 186 -32.08 -2.47 4.24
CA THR F 186 -31.39 -3.58 4.87
C THR F 186 -31.49 -4.82 3.96
N GLU F 187 -30.44 -5.64 3.97
CA GLU F 187 -30.42 -6.88 3.21
C GLU F 187 -31.49 -7.86 3.73
N LEU F 188 -32.00 -7.64 4.94
CA LEU F 188 -33.02 -8.52 5.52
C LEU F 188 -34.41 -8.31 4.90
N THR F 189 -34.73 -7.08 4.47
CA THR F 189 -36.04 -6.80 3.89
C THR F 189 -35.97 -5.81 2.73
N PRO F 190 -35.25 -6.17 1.64
CA PRO F 190 -34.98 -5.22 0.53
C PRO F 190 -36.06 -5.20 -0.53
N MET F 191 -36.89 -6.22 -0.59
CA MET F 191 -37.81 -6.35 -1.73
C MET F 191 -38.94 -5.34 -1.69
N THR F 192 -39.38 -4.98 -0.48
CA THR F 192 -40.43 -3.99 -0.36
C THR F 192 -39.93 -2.69 -1.02
N ALA F 193 -38.67 -2.32 -0.77
CA ALA F 193 -38.14 -1.05 -1.28
C ALA F 193 -38.09 -1.05 -2.78
N LEU F 194 -37.65 -2.17 -3.34
CA LEU F 194 -37.55 -2.33 -4.79
C LEU F 194 -38.93 -2.23 -5.42
N LEU F 195 -39.91 -2.87 -4.80
CA LEU F 195 -41.30 -2.69 -5.24
C LEU F 195 -41.75 -1.23 -5.16
N LEU F 196 -41.39 -0.53 -4.08
CA LEU F 196 -41.86 0.88 -3.96
C LEU F 196 -41.27 1.70 -5.10
N ALA F 197 -40.04 1.40 -5.47
CA ALA F 197 -39.38 2.12 -6.54
C ALA F 197 -40.15 1.96 -7.87
N ASP F 198 -40.56 0.72 -8.17
CA ASP F 198 -41.36 0.47 -9.37
C ASP F 198 -42.65 1.30 -9.39
N ILE F 199 -43.32 1.34 -8.25
CA ILE F 199 -44.57 2.08 -8.16
C ILE F 199 -44.26 3.56 -8.42
N LEU F 200 -43.15 4.06 -7.89
CA LEU F 200 -42.84 5.47 -8.07
C LEU F 200 -42.56 5.78 -9.54
N TYR F 201 -41.80 4.91 -10.20
CA TYR F 201 -41.55 5.12 -11.63
C TYR F 201 -42.84 5.13 -12.43
N GLU F 202 -43.71 4.18 -12.11
CA GLU F 202 -44.98 4.04 -12.77
C GLU F 202 -45.85 5.28 -12.53
N ALA F 203 -45.72 5.87 -11.35
CA ALA F 203 -46.52 7.06 -10.97
C ALA F 203 -46.00 8.34 -11.64
N GLY F 204 -44.93 8.21 -12.42
CA GLY F 204 -44.39 9.34 -13.16
C GLY F 204 -43.14 10.01 -12.60
N LEU F 205 -42.50 9.42 -11.60
CA LEU F 205 -41.27 10.02 -11.10
C LEU F 205 -40.15 9.95 -12.16
N PRO F 206 -39.51 11.09 -12.52
CA PRO F 206 -38.29 10.99 -13.34
C PRO F 206 -37.30 10.03 -12.64
N PRO F 207 -36.90 8.97 -13.35
CA PRO F 207 -36.20 7.83 -12.74
C PRO F 207 -34.89 8.25 -12.13
N GLU F 208 -34.25 9.29 -12.66
CA GLU F 208 -33.01 9.78 -12.04
C GLU F 208 -33.20 10.23 -10.57
N MET F 209 -34.42 10.52 -10.15
CA MET F 209 -34.65 10.99 -8.81
C MET F 209 -34.63 9.87 -7.78
N LEU F 210 -34.63 8.61 -8.23
CA LEU F 210 -34.64 7.49 -7.27
C LEU F 210 -33.87 6.25 -7.70
N SER F 211 -32.95 5.80 -6.87
CA SER F 211 -32.34 4.48 -7.08
C SER F 211 -32.48 3.71 -5.79
N VAL F 212 -32.66 2.39 -5.91
CA VAL F 212 -32.64 1.51 -4.76
C VAL F 212 -31.56 0.45 -5.01
N VAL F 213 -30.48 0.48 -4.23
CA VAL F 213 -29.38 -0.48 -4.40
C VAL F 213 -29.39 -1.45 -3.21
N THR F 214 -28.85 -2.66 -3.39
CA THR F 214 -28.88 -3.69 -2.34
C THR F 214 -27.50 -4.33 -2.20
N GLY F 215 -27.24 -4.93 -1.05
CA GLY F 215 -26.02 -5.68 -0.87
C GLY F 215 -25.64 -5.83 0.57
N TRP F 216 -24.47 -6.43 0.81
CA TRP F 216 -23.95 -6.55 2.17
C TRP F 216 -23.37 -5.23 2.58
N PRO F 217 -23.52 -4.90 3.86
CA PRO F 217 -22.97 -3.65 4.40
C PRO F 217 -21.48 -3.56 4.09
N ALA F 218 -20.81 -4.70 4.13
CA ALA F 218 -19.35 -4.71 3.96
C ALA F 218 -18.92 -4.22 2.58
N ASP F 219 -19.75 -4.47 1.58
CA ASP F 219 -19.46 -4.07 0.22
C ASP F 219 -19.97 -2.68 -0.19
N ILE F 220 -21.19 -2.34 0.21
CA ILE F 220 -21.86 -1.19 -0.37
C ILE F 220 -22.20 -0.11 0.66
N GLY F 221 -22.18 -0.51 1.92
CA GLY F 221 -22.50 0.38 3.03
C GLY F 221 -21.62 1.60 3.16
N MET F 222 -20.32 1.43 3.03
CA MET F 222 -19.45 2.57 3.20
C MET F 222 -19.67 3.61 2.07
N GLU F 223 -19.96 3.15 0.86
CA GLU F 223 -20.15 4.08 -0.26
C GLU F 223 -21.36 4.98 -0.01
N MET F 224 -22.39 4.42 0.62
CA MET F 224 -23.60 5.18 0.95
C MET F 224 -23.29 6.31 1.92
N ILE F 225 -22.22 6.16 2.68
CA ILE F 225 -21.84 7.08 3.75
C ILE F 225 -20.81 8.13 3.29
N THR F 226 -20.00 7.81 2.29
CA THR F 226 -18.82 8.61 2.00
C THR F 226 -18.80 9.15 0.62
N ASN F 227 -19.72 8.70 -0.22
CA ASN F 227 -19.75 9.20 -1.61
C ASN F 227 -19.68 10.74 -1.61
N PRO F 228 -18.81 11.31 -2.46
CA PRO F 228 -18.59 12.75 -2.46
C PRO F 228 -19.78 13.59 -2.91
N HIS F 229 -20.74 12.99 -3.58
CA HIS F 229 -21.90 13.75 -4.04
C HIS F 229 -22.97 13.86 -2.95
N VAL F 230 -22.83 13.06 -1.90
CA VAL F 230 -23.86 13.00 -0.88
C VAL F 230 -23.85 14.21 0.06
N ASP F 231 -24.92 15.00 0.04
CA ASP F 231 -25.00 16.20 0.89
C ASP F 231 -25.56 15.83 2.25
N LEU F 232 -26.34 14.76 2.26
CA LEU F 232 -27.09 14.38 3.47
C LEU F 232 -27.32 12.87 3.57
N VAL F 233 -27.06 12.34 4.76
CA VAL F 233 -27.28 10.95 5.04
C VAL F 233 -28.45 10.90 6.01
N THR F 234 -29.52 10.21 5.63
CA THR F 234 -30.63 9.98 6.57
C THR F 234 -30.71 8.49 6.90
N PHE F 235 -30.53 8.19 8.18
CA PHE F 235 -30.38 6.81 8.62
C PHE F 235 -31.32 6.50 9.76
N THR F 236 -31.92 5.33 9.69
CA THR F 236 -32.68 4.80 10.82
C THR F 236 -32.23 3.36 11.10
N GLY F 237 -31.97 3.06 12.36
CA GLY F 237 -31.46 1.76 12.72
C GLY F 237 -30.91 1.71 14.13
N SER F 238 -29.92 0.85 14.37
CA SER F 238 -29.38 0.64 15.73
C SER F 238 -28.34 1.69 16.18
N VAL F 239 -28.15 1.79 17.50
CA VAL F 239 -27.12 2.67 18.06
C VAL F 239 -25.70 2.43 17.52
N PRO F 240 -25.20 1.18 17.59
CA PRO F 240 -23.82 0.94 17.12
C PRO F 240 -23.66 1.31 15.66
N VAL F 241 -24.59 0.91 14.79
CA VAL F 241 -24.46 1.28 13.38
C VAL F 241 -24.58 2.80 13.23
N GLY F 242 -25.48 3.40 13.99
CA GLY F 242 -25.64 4.85 13.99
C GLY F 242 -24.40 5.63 14.37
N LYS F 243 -23.72 5.21 15.43
CA LYS F 243 -22.49 5.89 15.87
C LYS F 243 -21.37 5.75 14.84
N LEU F 244 -21.24 4.55 14.26
CA LEU F 244 -20.28 4.29 13.20
C LEU F 244 -20.51 5.26 12.03
N ILE F 245 -21.79 5.41 11.64
CA ILE F 245 -22.13 6.31 10.54
C ILE F 245 -21.70 7.73 10.86
N ALA F 246 -22.02 8.18 12.08
CA ALA F 246 -21.69 9.53 12.49
C ALA F 246 -20.18 9.82 12.43
N ALA F 247 -19.38 8.81 12.77
CA ALA F 247 -17.93 8.91 12.69
C ALA F 247 -17.38 8.94 11.27
N ASN F 248 -18.05 8.25 10.35
CA ASN F 248 -17.52 8.06 9.01
C ASN F 248 -18.06 9.04 7.96
N ALA F 249 -19.20 9.67 8.26
CA ALA F 249 -19.80 10.62 7.33
C ALA F 249 -19.44 12.07 7.64
N HIS F 250 -18.14 12.39 7.84
CA HIS F 250 -17.76 13.76 8.23
C HIS F 250 -18.11 14.78 7.18
N TYR F 251 -18.50 15.95 7.69
CA TYR F 251 -18.84 17.09 6.86
C TYR F 251 -19.95 16.71 5.87
N LYS F 252 -20.86 15.86 6.32
CA LYS F 252 -22.14 15.64 5.64
C LYS F 252 -23.23 15.88 6.67
N ARG F 253 -24.36 16.46 6.26
CA ARG F 253 -25.46 16.57 7.21
C ARG F 253 -25.93 15.18 7.46
N GLN F 254 -26.33 14.93 8.69
CA GLN F 254 -26.72 13.57 9.11
C GLN F 254 -28.02 13.66 9.88
N VAL F 255 -28.97 12.81 9.55
CA VAL F 255 -30.16 12.74 10.35
C VAL F 255 -30.23 11.30 10.81
N LEU F 256 -29.89 11.05 12.06
CA LEU F 256 -29.76 9.71 12.56
C LEU F 256 -30.86 9.42 13.58
N GLU F 257 -31.69 8.41 13.31
CA GLU F 257 -32.69 7.99 14.30
C GLU F 257 -32.35 6.58 14.74
N LEU F 258 -32.04 6.49 16.01
CA LEU F 258 -31.51 5.26 16.53
C LEU F 258 -32.65 4.67 17.38
N GLY F 259 -32.36 3.73 18.25
CA GLY F 259 -33.48 3.14 18.98
C GLY F 259 -34.24 4.00 20.00
N GLY F 260 -35.27 3.40 20.59
CA GLY F 260 -35.88 3.94 21.77
C GLY F 260 -35.92 2.88 22.85
N ASN F 261 -36.38 3.29 24.01
CA ASN F 261 -36.66 2.33 25.08
C ASN F 261 -37.78 2.96 25.92
N ASP F 262 -38.96 3.02 25.33
CA ASP F 262 -39.93 4.01 25.76
C ASP F 262 -40.94 3.48 26.76
N PRO F 263 -41.27 4.31 27.73
CA PRO F 263 -42.18 3.92 28.82
C PRO F 263 -43.63 4.24 28.53
N LEU F 264 -44.50 3.39 29.06
CA LEU F 264 -45.88 3.76 29.25
C LEU F 264 -46.00 3.82 30.77
N ILE F 265 -46.34 5.01 31.29
CA ILE F 265 -46.38 5.24 32.71
C ILE F 265 -47.84 5.27 33.25
N ILE F 266 -48.11 4.47 34.29
CA ILE F 266 -49.46 4.35 34.85
C ILE F 266 -49.44 5.04 36.22
N LEU F 267 -50.15 6.17 36.36
CA LEU F 267 -50.13 6.91 37.64
C LEU F 267 -51.21 6.43 38.59
N ASN F 268 -51.00 6.66 39.89
CA ASN F 268 -51.90 6.09 40.90
C ASN F 268 -53.24 6.82 41.12
N ASP F 269 -53.61 7.74 40.23
CA ASP F 269 -54.90 8.42 40.40
C ASP F 269 -55.98 7.74 39.57
N LEU F 270 -55.60 6.73 38.79
CA LEU F 270 -56.57 6.17 37.86
C LEU F 270 -57.61 5.28 38.54
N SER F 271 -58.84 5.34 38.01
CA SER F 271 -59.91 4.45 38.44
C SER F 271 -59.69 3.07 37.81
N ASP F 272 -60.46 2.08 38.26
CA ASP F 272 -60.36 0.75 37.67
C ASP F 272 -60.76 0.75 36.19
N ASP F 273 -61.77 1.52 35.83
CA ASP F 273 -62.15 1.63 34.42
C ASP F 273 -60.95 2.19 33.62
N ASP F 274 -60.25 3.16 34.21
CA ASP F 274 -59.12 3.77 33.51
C ASP F 274 -57.93 2.82 33.44
N LEU F 275 -57.70 2.06 34.51
CA LEU F 275 -56.63 1.07 34.47
C LEU F 275 -56.89 0.09 33.33
N ALA F 276 -58.15 -0.14 33.01
CA ALA F 276 -58.46 -1.08 31.94
C ALA F 276 -58.09 -0.46 30.59
N ARG F 277 -58.39 0.83 30.42
CA ARG F 277 -58.05 1.49 29.17
C ARG F 277 -56.54 1.57 29.02
N ALA F 278 -55.85 1.80 30.15
CA ALA F 278 -54.39 1.82 30.16
C ALA F 278 -53.81 0.45 29.82
N ALA F 279 -54.48 -0.61 30.29
CA ALA F 279 -54.03 -1.98 30.01
C ALA F 279 -54.18 -2.24 28.51
N ASP F 280 -55.23 -1.72 27.90
CA ASP F 280 -55.36 -1.82 26.46
C ASP F 280 -54.15 -1.20 25.73
N LEU F 281 -53.75 -0.01 26.20
CA LEU F 281 -52.68 0.74 25.56
C LEU F 281 -51.39 -0.01 25.79
N ALA F 282 -51.19 -0.53 27.00
CA ALA F 282 -49.96 -1.26 27.32
C ALA F 282 -49.79 -2.47 26.40
N VAL F 283 -50.87 -3.20 26.18
CA VAL F 283 -50.74 -4.42 25.38
C VAL F 283 -50.54 -4.07 23.91
N ALA F 284 -51.38 -3.19 23.37
CA ALA F 284 -51.18 -2.75 21.98
C ALA F 284 -49.77 -2.16 21.75
N GLY F 285 -49.37 -1.24 22.62
CA GLY F 285 -48.08 -0.58 22.48
C GLY F 285 -46.92 -1.53 22.57
N ALA F 286 -47.06 -2.60 23.37
CA ALA F 286 -45.93 -3.52 23.54
C ALA F 286 -45.83 -4.59 22.43
N THR F 287 -46.91 -4.81 21.70
CA THR F 287 -46.95 -5.95 20.78
C THR F 287 -47.19 -5.61 19.30
N LYS F 288 -47.70 -4.43 19.02
CA LYS F 288 -47.95 -4.06 17.61
C LYS F 288 -46.65 -4.16 16.85
N ASN F 289 -46.73 -4.61 15.60
CA ASN F 289 -45.54 -4.84 14.80
C ASN F 289 -44.56 -5.79 15.48
N SER F 290 -45.12 -6.76 16.24
CA SER F 290 -44.29 -7.68 17.00
C SER F 290 -43.35 -6.95 17.94
N GLY F 291 -43.76 -5.75 18.36
CA GLY F 291 -42.93 -4.98 19.27
C GLY F 291 -41.71 -4.38 18.60
N GLN F 292 -41.67 -4.44 17.27
CA GLN F 292 -40.52 -3.90 16.51
C GLN F 292 -40.72 -2.44 16.08
N ARG F 293 -40.72 -1.57 17.08
CA ARG F 293 -40.84 -0.12 16.85
C ARG F 293 -39.90 0.61 17.77
N CYS F 294 -39.24 1.65 17.26
CA CYS F 294 -38.34 2.43 18.06
C CYS F 294 -39.11 3.00 19.23
N THR F 295 -40.40 3.21 19.01
CA THR F 295 -41.28 3.77 20.04
C THR F 295 -42.26 2.71 20.61
N ALA F 296 -41.94 1.44 20.48
CA ALA F 296 -42.78 0.41 21.11
C ALA F 296 -42.77 0.64 22.60
N VAL F 297 -43.83 0.24 23.30
CA VAL F 297 -43.76 0.21 24.77
C VAL F 297 -42.79 -0.90 25.20
N LYS F 298 -41.70 -0.55 25.84
CA LYS F 298 -40.69 -1.53 26.23
C LYS F 298 -40.54 -1.57 27.75
N ARG F 299 -41.20 -0.64 28.42
CA ARG F 299 -41.18 -0.56 29.87
C ARG F 299 -42.54 -0.03 30.27
N ILE F 300 -43.31 -0.84 30.99
CA ILE F 300 -44.56 -0.33 31.56
C ILE F 300 -44.28 0.03 33.02
N LEU F 301 -44.20 1.33 33.33
CA LEU F 301 -43.87 1.73 34.69
C LEU F 301 -45.19 1.99 35.41
N CYS F 302 -45.53 1.09 36.32
CA CYS F 302 -46.82 1.13 37.00
C CYS F 302 -46.57 1.50 38.45
N GLN F 303 -47.21 2.57 38.92
CA GLN F 303 -47.01 2.97 40.32
C GLN F 303 -47.59 1.88 41.27
N GLU F 304 -46.86 1.64 42.35
CA GLU F 304 -47.09 0.45 43.18
C GLU F 304 -48.55 0.28 43.62
N SER F 305 -49.16 1.36 44.05
CA SER F 305 -50.48 1.28 44.63
C SER F 305 -51.60 0.89 43.68
N VAL F 306 -51.33 0.83 42.37
CA VAL F 306 -52.40 0.37 41.46
C VAL F 306 -51.96 -0.89 40.73
N ALA F 307 -50.73 -1.32 40.99
CA ALA F 307 -50.17 -2.44 40.23
C ALA F 307 -51.01 -3.71 40.38
N ASP F 308 -51.49 -3.97 41.60
CA ASP F 308 -52.28 -5.18 41.85
C ASP F 308 -53.58 -5.21 41.07
N ARG F 309 -54.18 -4.04 40.81
CA ARG F 309 -55.37 -4.04 39.97
C ARG F 309 -55.03 -3.98 38.49
N PHE F 310 -53.90 -3.34 38.17
CA PHE F 310 -53.50 -3.11 36.77
C PHE F 310 -53.01 -4.41 36.05
N VAL F 311 -52.03 -5.07 36.65
CA VAL F 311 -51.40 -6.25 36.06
C VAL F 311 -52.39 -7.32 35.57
N PRO F 312 -53.37 -7.71 36.41
CA PRO F 312 -54.35 -8.70 35.94
C PRO F 312 -55.04 -8.24 34.68
N LEU F 313 -55.34 -6.95 34.58
CA LEU F 313 -56.05 -6.42 33.40
C LEU F 313 -55.15 -6.60 32.17
N VAL F 314 -53.84 -6.41 32.38
CA VAL F 314 -52.85 -6.58 31.32
C VAL F 314 -52.75 -8.04 30.91
N LEU F 315 -52.61 -8.92 31.89
CA LEU F 315 -52.56 -10.38 31.65
C LEU F 315 -53.74 -10.86 30.80
N GLU F 316 -54.93 -10.49 31.22
CA GLU F 316 -56.16 -10.89 30.53
C GLU F 316 -56.15 -10.49 29.04
N ARG F 317 -55.70 -9.28 28.75
CA ARG F 317 -55.67 -8.78 27.37
C ARG F 317 -54.59 -9.48 26.53
N ALA F 318 -53.42 -9.68 27.12
CA ALA F 318 -52.35 -10.39 26.42
C ALA F 318 -52.83 -11.74 25.95
N LYS F 319 -53.56 -12.44 26.83
CA LYS F 319 -53.99 -13.82 26.56
C LYS F 319 -54.95 -13.88 25.40
N ARG F 320 -55.64 -12.77 25.12
CA ARG F 320 -56.54 -12.73 23.95
C ARG F 320 -55.79 -12.72 22.59
N LEU F 321 -54.51 -12.36 22.61
CA LEU F 321 -53.81 -12.15 21.35
C LEU F 321 -53.53 -13.48 20.65
N ARG F 322 -53.93 -13.55 19.37
CA ARG F 322 -53.62 -14.74 18.56
C ARG F 322 -52.26 -14.51 17.88
N PHE F 323 -51.30 -15.35 18.24
CA PHE F 323 -49.97 -15.29 17.64
C PHE F 323 -49.70 -16.55 16.84
N GLY F 324 -49.09 -16.38 15.69
CA GLY F 324 -48.84 -17.50 14.81
C GLY F 324 -48.61 -17.09 13.38
N ASP F 325 -49.10 -17.94 12.47
CA ASP F 325 -48.92 -17.77 11.02
C ASP F 325 -49.26 -16.36 10.56
N PRO F 326 -48.24 -15.58 10.17
CA PRO F 326 -48.36 -14.18 9.77
C PRO F 326 -49.28 -13.99 8.58
N MET F 327 -49.30 -14.95 7.66
CA MET F 327 -50.23 -14.84 6.51
C MET F 327 -51.69 -15.15 6.85
N ASP F 328 -51.94 -15.70 8.03
CA ASP F 328 -53.34 -15.92 8.45
C ASP F 328 -53.94 -14.56 8.84
N ARG F 329 -54.96 -14.13 8.11
CA ARG F 329 -55.62 -12.85 8.40
C ARG F 329 -56.20 -12.67 9.78
N SER F 330 -56.25 -13.73 10.57
CA SER F 330 -56.79 -13.64 11.93
C SER F 330 -55.68 -13.66 12.97
N THR F 331 -54.44 -13.76 12.49
CA THR F 331 -53.30 -13.61 13.40
C THR F 331 -53.16 -12.16 13.82
N ASP F 332 -52.88 -11.94 15.10
CA ASP F 332 -52.63 -10.61 15.60
C ASP F 332 -51.14 -10.38 15.52
N LEU F 333 -50.42 -11.31 16.12
CA LEU F 333 -48.99 -11.17 16.34
C LEU F 333 -48.22 -12.21 15.55
N GLY F 334 -47.43 -11.75 14.58
CA GLY F 334 -46.57 -12.61 13.76
C GLY F 334 -45.24 -12.85 14.46
N THR F 335 -44.18 -13.11 13.68
CA THR F 335 -42.86 -13.40 14.28
C THR F 335 -42.07 -12.12 14.47
N VAL F 336 -40.91 -12.20 15.13
CA VAL F 336 -39.91 -11.16 15.05
C VAL F 336 -38.98 -11.47 13.88
N ILE F 337 -38.00 -10.60 13.66
CA ILE F 337 -37.21 -10.61 12.41
C ILE F 337 -36.51 -11.95 12.15
N HIS F 338 -36.03 -12.60 13.22
CA HIS F 338 -35.44 -13.93 13.11
C HIS F 338 -35.32 -14.69 14.43
N GLU F 339 -34.92 -15.96 14.33
CA GLU F 339 -34.87 -16.86 15.48
C GLU F 339 -33.89 -16.39 16.54
N LYS F 340 -32.75 -15.91 16.08
CA LYS F 340 -31.71 -15.41 17.00
C LYS F 340 -32.21 -14.23 17.86
N ALA F 341 -32.97 -13.32 17.26
CA ALA F 341 -33.53 -12.19 18.00
C ALA F 341 -34.55 -12.67 19.01
N ALA F 342 -35.43 -13.56 18.58
CA ALA F 342 -36.44 -14.14 19.48
C ALA F 342 -35.80 -14.83 20.69
N ALA F 343 -34.76 -15.60 20.42
CA ALA F 343 -34.03 -16.32 21.47
C ALA F 343 -33.43 -15.35 22.46
N LEU F 344 -32.83 -14.28 21.95
CA LEU F 344 -32.19 -13.28 22.81
C LEU F 344 -33.22 -12.65 23.73
N PHE F 345 -34.39 -12.36 23.18
CA PHE F 345 -35.43 -11.71 23.98
C PHE F 345 -35.93 -12.64 25.09
N GLU F 346 -36.12 -13.91 24.75
CA GLU F 346 -36.55 -14.92 25.74
C GLU F 346 -35.49 -15.09 26.82
N GLU F 347 -34.22 -15.14 26.44
CA GLU F 347 -33.12 -15.14 27.41
C GLU F 347 -33.23 -14.00 28.42
N ARG F 348 -33.48 -12.79 27.93
CA ARG F 348 -33.58 -11.61 28.80
C ARG F 348 -34.75 -11.74 29.77
N VAL F 349 -35.82 -12.39 29.31
CA VAL F 349 -36.94 -12.67 30.17
C VAL F 349 -36.49 -13.61 31.28
N MET F 350 -35.87 -14.72 30.90
CA MET F 350 -35.47 -15.74 31.87
C MET F 350 -34.52 -15.14 32.90
N ARG F 351 -33.55 -14.38 32.40
CA ARG F 351 -32.56 -13.71 33.24
C ARG F 351 -33.20 -12.77 34.27
N ALA F 352 -34.30 -12.14 33.85
CA ALA F 352 -34.99 -11.19 34.71
C ALA F 352 -35.76 -11.94 35.79
N ALA F 353 -36.34 -13.08 35.40
CA ALA F 353 -37.04 -13.93 36.37
C ALA F 353 -36.08 -14.44 37.46
N GLU F 354 -34.84 -14.72 37.09
CA GLU F 354 -33.85 -15.18 38.06
C GLU F 354 -33.46 -14.05 39.00
N GLU F 355 -33.80 -12.84 38.61
CA GLU F 355 -33.41 -11.67 39.40
C GLU F 355 -34.63 -11.18 40.20
N GLY F 356 -35.72 -11.91 40.11
CA GLY F 356 -36.90 -11.63 40.92
C GLY F 356 -38.19 -11.47 40.16
N ALA F 357 -38.09 -11.38 38.84
CA ALA F 357 -39.27 -11.11 38.02
C ALA F 357 -40.27 -12.24 38.09
N ASP F 358 -41.52 -11.95 37.77
CA ASP F 358 -42.55 -12.96 37.86
C ASP F 358 -43.23 -13.13 36.49
N ILE F 359 -42.88 -14.21 35.80
CA ILE F 359 -43.49 -14.52 34.51
C ILE F 359 -44.89 -15.01 34.69
N LEU F 360 -45.86 -14.29 34.13
CA LEU F 360 -47.28 -14.60 34.32
C LEU F 360 -47.88 -15.30 33.12
N TYR F 361 -47.19 -15.23 31.99
CA TYR F 361 -47.74 -15.75 30.74
C TYR F 361 -46.62 -15.94 29.75
N HIS F 362 -46.42 -17.20 29.34
CA HIS F 362 -45.36 -17.55 28.41
C HIS F 362 -45.66 -18.92 27.83
N PRO F 363 -46.51 -18.96 26.81
CA PRO F 363 -46.91 -20.20 26.15
C PRO F 363 -45.77 -20.87 25.38
N GLY F 364 -44.56 -20.32 25.45
CA GLY F 364 -43.43 -20.97 24.82
C GLY F 364 -43.11 -20.46 23.41
N ARG F 365 -41.83 -20.30 23.18
CA ARG F 365 -41.34 -19.76 21.91
C ARG F 365 -41.18 -20.85 20.84
N SER F 366 -41.42 -20.49 19.59
CA SER F 366 -41.30 -21.44 18.48
C SER F 366 -40.52 -20.82 17.31
N GLY F 367 -39.20 -20.95 17.33
CA GLY F 367 -38.38 -20.36 16.29
C GLY F 367 -38.36 -18.84 16.45
N ALA F 368 -38.81 -18.14 15.39
CA ALA F 368 -38.88 -16.67 15.42
C ALA F 368 -40.20 -16.19 16.03
N LEU F 369 -41.11 -17.13 16.30
CA LEU F 369 -42.43 -16.79 16.81
C LEU F 369 -42.38 -16.66 18.33
N LEU F 370 -42.49 -15.43 18.81
CA LEU F 370 -42.50 -15.17 20.24
C LEU F 370 -43.93 -14.81 20.63
N PRO F 371 -44.45 -15.44 21.69
CA PRO F 371 -45.76 -15.05 22.22
C PRO F 371 -45.63 -13.75 23.02
N PRO F 372 -46.76 -13.08 23.32
CA PRO F 372 -46.74 -11.82 24.07
C PRO F 372 -46.52 -12.08 25.56
N ILE F 373 -45.31 -12.51 25.88
CA ILE F 373 -44.94 -12.83 27.24
C ILE F 373 -45.22 -11.69 28.22
N VAL F 374 -45.98 -11.97 29.28
CA VAL F 374 -46.20 -11.00 30.34
C VAL F 374 -45.29 -11.29 31.53
N VAL F 375 -44.47 -10.33 31.91
CA VAL F 375 -43.58 -10.45 33.05
C VAL F 375 -43.84 -9.32 34.05
N ASP F 376 -44.07 -9.65 35.31
CA ASP F 376 -44.32 -8.63 36.34
C ASP F 376 -43.10 -8.44 37.25
N ARG F 377 -43.08 -7.37 38.04
CA ARG F 377 -41.99 -7.12 38.98
C ARG F 377 -40.61 -7.20 38.32
N VAL F 378 -40.51 -6.70 37.10
CA VAL F 378 -39.20 -6.61 36.45
C VAL F 378 -38.32 -5.58 37.12
N PRO F 379 -37.10 -6.00 37.50
CA PRO F 379 -36.08 -5.06 38.01
C PRO F 379 -35.68 -4.07 36.91
N HIS F 380 -35.64 -2.79 37.26
CA HIS F 380 -35.42 -1.75 36.26
C HIS F 380 -34.02 -1.79 35.65
N GLN F 381 -33.08 -2.44 36.34
CA GLN F 381 -31.72 -2.51 35.83
C GLN F 381 -31.46 -3.84 35.13
N SER F 382 -32.45 -4.74 35.14
CA SER F 382 -32.29 -5.98 34.38
C SER F 382 -32.22 -5.68 32.88
N ASP F 383 -31.49 -6.51 32.14
CA ASP F 383 -31.25 -6.32 30.71
C ASP F 383 -32.54 -6.18 29.91
N LEU F 384 -33.55 -6.97 30.26
CA LEU F 384 -34.84 -6.91 29.56
C LEU F 384 -35.35 -5.48 29.33
N VAL F 385 -35.16 -4.59 30.30
CA VAL F 385 -35.74 -3.23 30.20
C VAL F 385 -34.70 -2.13 30.17
N LEU F 386 -33.47 -2.47 30.55
CA LEU F 386 -32.42 -1.46 30.59
C LEU F 386 -31.84 -1.31 29.19
N GLU F 387 -31.60 -2.44 28.53
CA GLU F 387 -31.26 -2.45 27.12
C GLU F 387 -32.57 -2.37 26.33
N GLU F 388 -32.48 -2.08 25.02
CA GLU F 388 -33.66 -2.06 24.16
C GLU F 388 -34.00 -3.49 23.73
N THR F 389 -35.21 -3.95 24.07
CA THR F 389 -35.69 -5.30 23.70
C THR F 389 -36.77 -5.24 22.61
N PHE F 390 -36.36 -5.56 21.40
CA PHE F 390 -37.10 -5.23 20.21
C PHE F 390 -38.06 -6.34 19.86
N GLY F 391 -38.86 -6.78 20.83
CA GLY F 391 -39.83 -7.83 20.61
C GLY F 391 -41.10 -7.60 21.43
N PRO F 392 -42.10 -8.48 21.29
CA PRO F 392 -43.42 -8.26 21.89
C PRO F 392 -43.52 -8.66 23.36
N ILE F 393 -42.47 -8.43 24.13
CA ILE F 393 -42.53 -8.62 25.56
C ILE F 393 -43.39 -7.51 26.19
N ILE F 394 -44.19 -7.90 27.20
CA ILE F 394 -44.99 -6.99 28.00
C ILE F 394 -44.45 -6.97 29.43
N PRO F 395 -43.45 -6.12 29.69
CA PRO F 395 -42.78 -6.09 30.98
C PRO F 395 -43.23 -4.95 31.91
N ILE F 396 -43.83 -5.29 33.05
CA ILE F 396 -44.26 -4.29 34.02
C ILE F 396 -43.21 -4.11 35.10
N VAL F 397 -42.65 -2.89 35.17
CA VAL F 397 -41.76 -2.48 36.26
C VAL F 397 -42.60 -1.74 37.29
N ARG F 398 -42.50 -2.17 38.56
CA ARG F 398 -43.26 -1.54 39.64
C ARG F 398 -42.45 -0.39 40.17
N VAL F 399 -43.04 0.80 40.14
CA VAL F 399 -42.31 1.98 40.57
C VAL F 399 -43.03 2.65 41.77
N PRO F 400 -42.29 3.47 42.52
CA PRO F 400 -42.87 4.14 43.70
C PRO F 400 -44.08 5.00 43.37
N ASP F 401 -44.94 5.17 44.37
CA ASP F 401 -46.01 6.14 44.31
C ASP F 401 -45.40 7.52 44.60
N ASP F 402 -44.42 7.89 43.79
CA ASP F 402 -43.76 9.18 43.87
C ASP F 402 -43.30 9.63 42.48
N ASP F 403 -43.78 10.78 42.04
CA ASP F 403 -43.56 11.20 40.64
C ASP F 403 -42.09 11.52 40.38
N ASP F 404 -41.45 12.18 41.33
CA ASP F 404 -40.03 12.47 41.16
C ASP F 404 -39.19 11.18 40.98
N ALA F 405 -39.45 10.17 41.81
CA ALA F 405 -38.76 8.91 41.70
C ALA F 405 -39.12 8.21 40.39
N THR F 406 -40.40 8.27 40.02
CA THR F 406 -40.83 7.68 38.74
C THR F 406 -40.16 8.34 37.53
N ILE F 407 -40.04 9.66 37.55
CA ILE F 407 -39.44 10.39 36.44
C ILE F 407 -37.95 10.07 36.36
N THR F 408 -37.28 10.06 37.50
CA THR F 408 -35.86 9.72 37.55
C THR F 408 -35.61 8.32 36.96
N LEU F 409 -36.45 7.37 37.33
CA LEU F 409 -36.38 6.02 36.82
C LEU F 409 -36.62 6.01 35.31
N SER F 410 -37.70 6.65 34.87
CA SER F 410 -38.02 6.70 33.45
C SER F 410 -36.84 7.23 32.61
N ASN F 411 -36.17 8.28 33.12
CA ASN F 411 -35.01 8.89 32.46
C ASN F 411 -33.68 8.17 32.65
N SER F 412 -33.69 7.01 33.30
CA SER F 412 -32.41 6.40 33.71
C SER F 412 -31.74 5.54 32.64
N THR F 413 -32.33 5.44 31.46
CA THR F 413 -31.68 4.66 30.38
C THR F 413 -30.89 5.56 29.42
N ALA F 414 -30.18 4.95 28.49
CA ALA F 414 -29.37 5.70 27.54
C ALA F 414 -30.28 6.35 26.50
N PHE F 415 -31.57 5.97 26.48
CA PHE F 415 -32.49 6.40 25.44
C PHE F 415 -33.39 7.60 25.84
N GLY F 416 -33.96 8.24 24.81
CA GLY F 416 -34.87 9.34 25.02
C GLY F 416 -35.63 9.68 23.74
N LEU F 417 -36.64 8.87 23.44
CA LEU F 417 -37.36 9.05 22.20
C LEU F 417 -38.77 9.50 22.51
N SER F 418 -39.63 8.55 22.87
CA SER F 418 -41.02 8.92 23.14
C SER F 418 -41.45 8.36 24.49
N SER F 419 -42.72 8.59 24.83
CA SER F 419 -43.27 8.14 26.10
C SER F 419 -44.76 8.32 26.10
N GLY F 420 -45.43 7.60 27.00
CA GLY F 420 -46.88 7.71 27.17
C GLY F 420 -47.13 7.79 28.69
N VAL F 421 -48.08 8.62 29.10
CA VAL F 421 -48.41 8.78 30.51
C VAL F 421 -49.92 8.72 30.67
N CYS F 422 -50.39 7.83 31.54
CA CYS F 422 -51.85 7.71 31.78
C CYS F 422 -52.22 8.27 33.16
N THR F 423 -52.99 9.36 33.15
CA THR F 423 -53.36 10.05 34.39
C THR F 423 -54.43 11.06 34.04
N ASN F 424 -55.18 11.51 35.03
CA ASN F 424 -56.21 12.52 34.79
C ASN F 424 -55.92 13.81 35.56
N ASP F 425 -54.84 13.79 36.30
CA ASP F 425 -54.45 14.92 37.11
C ASP F 425 -53.60 15.87 36.25
N TYR F 426 -54.15 17.04 35.89
CA TYR F 426 -53.42 17.96 35.00
C TYR F 426 -52.05 18.33 35.56
N ARG F 427 -52.00 18.58 36.86
CA ARG F 427 -50.75 19.01 37.47
C ARG F 427 -49.64 17.98 37.24
N ARG F 428 -50.01 16.72 37.34
CA ARG F 428 -49.04 15.64 37.14
C ARG F 428 -48.71 15.49 35.64
N MET F 429 -49.72 15.54 34.80
CA MET F 429 -49.48 15.58 33.36
C MET F 429 -48.34 16.57 33.01
N GLN F 430 -48.48 17.82 33.47
CA GLN F 430 -47.55 18.80 32.98
C GLN F 430 -46.22 18.58 33.64
N LYS F 431 -46.21 17.98 34.82
CA LYS F 431 -44.92 17.67 35.47
C LYS F 431 -44.16 16.61 34.65
N TYR F 432 -44.87 15.58 34.17
CA TYR F 432 -44.25 14.57 33.30
C TYR F 432 -43.83 15.16 31.94
N ILE F 433 -44.70 15.98 31.36
CA ILE F 433 -44.39 16.62 30.10
C ILE F 433 -43.09 17.39 30.25
N ALA F 434 -42.94 18.12 31.35
CA ALA F 434 -41.74 18.93 31.51
C ALA F 434 -40.52 18.11 31.89
N GLY F 435 -40.73 17.05 32.67
CA GLY F 435 -39.61 16.31 33.27
C GLY F 435 -39.05 15.11 32.51
N LEU F 436 -39.84 14.48 31.64
CA LEU F 436 -39.29 13.31 30.92
C LEU F 436 -38.30 13.81 29.90
N LYS F 437 -37.14 13.16 29.85
CA LYS F 437 -36.11 13.54 28.86
C LYS F 437 -36.26 12.79 27.56
N VAL F 438 -37.20 13.25 26.73
CA VAL F 438 -37.58 12.54 25.52
C VAL F 438 -37.93 13.59 24.45
N GLY F 439 -38.12 13.15 23.21
CA GLY F 439 -38.63 14.03 22.17
C GLY F 439 -40.14 14.25 22.20
N THR F 440 -40.89 13.28 22.74
CA THR F 440 -42.36 13.27 22.70
C THR F 440 -42.94 12.70 24.00
N VAL F 441 -43.97 13.37 24.54
CA VAL F 441 -44.74 12.83 25.65
C VAL F 441 -46.20 12.79 25.28
N ASN F 442 -46.77 11.58 25.14
CA ASN F 442 -48.18 11.46 24.80
C ASN F 442 -49.02 11.22 26.06
N ILE F 443 -50.04 12.05 26.26
CA ILE F 443 -50.90 11.82 27.42
C ILE F 443 -52.04 10.89 26.99
N TRP F 444 -52.17 9.76 27.70
CA TRP F 444 -53.22 8.79 27.38
C TRP F 444 -53.10 8.28 25.95
N GLU F 445 -51.86 8.07 25.45
CA GLU F 445 -51.67 7.33 24.21
C GLU F 445 -50.34 6.58 24.33
N VAL F 446 -50.07 5.63 23.44
CA VAL F 446 -48.78 4.91 23.51
C VAL F 446 -47.68 5.87 23.08
N PRO F 447 -46.42 5.56 23.45
CA PRO F 447 -45.32 6.42 22.99
C PRO F 447 -45.25 6.42 21.50
N GLY F 448 -45.81 5.38 20.87
CA GLY F 448 -45.70 5.22 19.43
C GLY F 448 -46.61 6.17 18.66
N TYR F 449 -47.57 6.78 19.36
CA TYR F 449 -48.51 7.62 18.61
C TYR F 449 -47.90 8.94 18.06
N ARG F 450 -48.07 9.16 16.75
CA ARG F 450 -47.75 10.42 16.13
C ARG F 450 -48.55 10.52 14.87
N ILE F 451 -48.63 11.70 14.26
CA ILE F 451 -49.10 11.79 12.86
C ILE F 451 -47.85 11.82 11.93
N GLU F 452 -48.01 11.50 10.65
CA GLU F 452 -46.83 11.31 9.81
C GLU F 452 -46.12 12.66 9.54
N MET F 453 -46.75 13.77 9.93
CA MET F 453 -46.14 15.04 9.64
C MET F 453 -45.75 15.89 10.86
N SER F 454 -45.86 15.35 12.07
CA SER F 454 -45.45 16.11 13.26
C SER F 454 -43.97 15.89 13.50
N PRO F 455 -43.33 16.83 14.24
CA PRO F 455 -41.88 16.70 14.44
C PRO F 455 -41.58 15.43 15.25
N PHE F 456 -40.65 14.62 14.75
CA PHE F 456 -40.34 13.33 15.35
C PHE F 456 -38.83 13.18 15.48
N GLY F 457 -38.38 12.74 16.65
CA GLY F 457 -36.97 12.52 16.89
C GLY F 457 -36.62 12.50 18.38
N GLY F 458 -35.53 11.83 18.69
CA GLY F 458 -35.14 11.67 20.07
C GLY F 458 -33.88 12.43 20.43
N ILE F 459 -33.49 12.31 21.68
CA ILE F 459 -32.24 12.88 22.16
C ILE F 459 -31.42 11.72 22.78
N LYS F 460 -30.33 12.04 23.45
CA LYS F 460 -29.47 11.02 24.05
C LYS F 460 -29.10 10.01 22.98
N ASP F 461 -29.11 8.71 23.28
CA ASP F 461 -28.75 7.72 22.28
C ASP F 461 -29.85 7.43 21.24
N SER F 462 -31.01 8.05 21.40
CA SER F 462 -32.11 7.79 20.47
C SER F 462 -31.97 8.53 19.15
N GLY F 463 -31.25 9.64 19.15
CA GLY F 463 -31.05 10.38 17.91
C GLY F 463 -30.00 11.46 18.05
N ASN F 464 -29.43 11.87 16.92
CA ASN F 464 -28.40 12.92 16.92
C ASN F 464 -28.98 14.34 17.07
N GLY F 465 -30.32 14.44 17.23
CA GLY F 465 -30.97 15.69 17.62
C GLY F 465 -31.66 16.51 16.52
N TYR F 466 -31.82 15.93 15.34
CA TYR F 466 -32.59 16.59 14.29
C TYR F 466 -33.98 15.97 14.13
N LYS F 467 -34.99 16.79 13.85
CA LYS F 467 -36.35 16.23 13.70
C LYS F 467 -36.65 15.66 12.31
N GLU F 468 -37.60 14.74 12.29
CA GLU F 468 -38.00 14.00 11.10
C GLU F 468 -39.52 14.15 11.05
N GLY F 469 -40.19 13.28 10.31
CA GLY F 469 -41.60 13.47 9.99
C GLY F 469 -41.63 14.28 8.70
N VAL F 470 -42.75 14.28 8.00
CA VAL F 470 -42.79 14.81 6.62
C VAL F 470 -42.37 16.29 6.53
N ILE F 471 -42.86 17.11 7.44
CA ILE F 471 -42.58 18.53 7.37
C ILE F 471 -41.11 18.85 7.69
N GLU F 472 -40.59 18.29 8.77
CA GLU F 472 -39.21 18.60 9.14
C GLU F 472 -38.22 17.96 8.17
N ALA F 473 -38.58 16.80 7.62
CA ALA F 473 -37.73 16.15 6.63
C ALA F 473 -37.60 17.06 5.41
N MET F 474 -38.73 17.61 4.96
CA MET F 474 -38.72 18.51 3.79
C MET F 474 -37.84 19.74 3.99
N LYS F 475 -37.88 20.34 5.17
CA LYS F 475 -36.96 21.46 5.48
C LYS F 475 -35.51 21.00 5.50
N SER F 476 -35.32 19.83 6.08
CA SER F 476 -34.03 19.22 6.28
C SER F 476 -33.34 18.86 4.96
N PHE F 477 -34.15 18.51 3.97
CA PHE F 477 -33.63 18.11 2.64
C PHE F 477 -33.38 19.30 1.73
N THR F 478 -33.37 20.52 2.28
CA THR F 478 -33.16 21.73 1.46
C THR F 478 -32.11 22.63 2.05
N ASN F 479 -31.64 23.57 1.23
CA ASN F 479 -30.82 24.66 1.70
C ASN F 479 -31.68 25.92 1.61
N VAL F 480 -31.67 26.71 2.66
CA VAL F 480 -32.33 28.01 2.59
C VAL F 480 -31.38 29.04 1.94
N LYS F 481 -31.83 29.66 0.85
CA LYS F 481 -31.11 30.77 0.26
C LYS F 481 -31.85 32.08 0.57
N THR F 482 -31.11 33.13 0.93
CA THR F 482 -31.74 34.44 1.15
C THR F 482 -31.36 35.35 -0.01
N PHE F 483 -32.23 36.27 -0.35
CA PHE F 483 -31.80 37.34 -1.25
C PHE F 483 -32.39 38.66 -0.73
N SER F 484 -31.70 39.76 -0.99
CA SER F 484 -32.23 41.05 -0.51
C SER F 484 -32.38 42.01 -1.71
N LEU F 485 -33.34 42.91 -1.60
CA LEU F 485 -33.60 43.89 -2.66
C LEU F 485 -33.68 45.27 -2.01
N PRO F 486 -33.23 46.29 -2.75
CA PRO F 486 -33.44 47.69 -2.32
C PRO F 486 -34.94 47.93 -2.16
N TRP F 487 -35.33 48.62 -1.09
CA TRP F 487 -36.76 48.90 -0.90
C TRP F 487 -36.93 50.34 -0.36
N HIS G 15 -44.36 -59.37 -4.17
CA HIS G 15 -45.03 -59.06 -2.89
C HIS G 15 -44.36 -59.71 -1.68
N GLU G 16 -43.73 -58.89 -0.83
CA GLU G 16 -42.94 -59.38 0.31
C GLU G 16 -43.38 -58.76 1.64
N PRO G 17 -43.77 -59.62 2.59
CA PRO G 17 -44.18 -59.14 3.91
C PRO G 17 -42.97 -58.65 4.70
N MET G 18 -43.21 -57.91 5.76
CA MET G 18 -42.16 -57.61 6.71
C MET G 18 -41.65 -58.90 7.41
N ARG G 19 -40.41 -58.88 7.87
CA ARG G 19 -39.87 -59.95 8.68
C ARG G 19 -39.72 -59.42 10.09
N ILE G 20 -40.61 -59.84 10.98
CA ILE G 20 -40.56 -59.40 12.37
C ILE G 20 -40.16 -60.62 13.23
N ALA G 21 -38.89 -60.64 13.65
CA ALA G 21 -38.37 -61.74 14.43
C ALA G 21 -38.70 -63.08 13.78
N GLY G 22 -38.50 -63.14 12.46
CA GLY G 22 -38.71 -64.38 11.74
C GLY G 22 -40.13 -64.67 11.29
N ARG G 23 -41.12 -63.91 11.78
CA ARG G 23 -42.50 -64.04 11.29
C ARG G 23 -42.76 -63.14 10.11
N LEU G 24 -43.54 -63.62 9.13
CA LEU G 24 -44.00 -62.76 8.04
C LEU G 24 -45.16 -61.90 8.56
N VAL G 25 -45.06 -60.59 8.40
CA VAL G 25 -46.13 -59.72 8.85
C VAL G 25 -46.59 -58.77 7.75
N ASP G 26 -47.90 -58.79 7.46
CA ASP G 26 -48.47 -58.06 6.33
C ASP G 26 -49.45 -56.99 6.80
N THR G 27 -49.71 -56.02 5.92
CA THR G 27 -50.74 -55.03 6.11
C THR G 27 -51.63 -55.02 4.88
N ASP G 28 -52.75 -54.29 4.96
CA ASP G 28 -53.63 -54.16 3.80
C ASP G 28 -53.01 -53.25 2.76
N ASP G 29 -52.60 -52.06 3.21
CA ASP G 29 -51.98 -51.09 2.31
C ASP G 29 -50.59 -51.56 1.90
N ARG G 30 -50.18 -51.13 0.70
CA ARG G 30 -48.92 -51.56 0.14
C ARG G 30 -48.07 -50.35 -0.23
N VAL G 31 -46.74 -50.57 -0.20
CA VAL G 31 -45.79 -49.68 -0.84
C VAL G 31 -45.33 -50.35 -2.13
N GLU G 32 -45.47 -49.63 -3.24
CA GLU G 32 -45.04 -50.17 -4.51
C GLU G 32 -43.55 -49.88 -4.75
N VAL G 33 -42.80 -50.89 -5.17
CA VAL G 33 -41.40 -50.69 -5.53
C VAL G 33 -41.23 -50.70 -7.04
N ARG G 34 -40.70 -49.60 -7.60
CA ARG G 34 -40.54 -49.52 -9.05
C ARG G 34 -39.09 -49.64 -9.54
N TYR G 35 -38.92 -50.34 -10.67
CA TYR G 35 -37.68 -50.46 -11.41
C TYR G 35 -37.38 -49.15 -12.15
N PRO G 36 -36.31 -48.44 -11.74
CA PRO G 36 -36.08 -47.10 -12.31
C PRO G 36 -35.75 -47.12 -13.82
N TRP G 37 -35.37 -48.28 -14.35
CA TRP G 37 -35.11 -48.40 -15.79
C TRP G 37 -36.36 -48.08 -16.64
N ASN G 38 -37.50 -48.65 -16.26
CA ASN G 38 -38.73 -48.52 -17.04
C ASN G 38 -39.96 -48.15 -16.20
N ASP G 39 -39.71 -47.80 -14.95
CA ASP G 39 -40.75 -47.33 -14.04
C ASP G 39 -41.87 -48.35 -13.80
N THR G 40 -41.59 -49.63 -14.06
CA THR G 40 -42.61 -50.65 -13.77
C THR G 40 -42.54 -51.14 -12.33
N VAL G 41 -43.68 -51.55 -11.78
CA VAL G 41 -43.73 -52.12 -10.45
C VAL G 41 -43.08 -53.50 -10.46
N VAL G 42 -42.03 -53.67 -9.65
CA VAL G 42 -41.36 -54.97 -9.61
C VAL G 42 -41.63 -55.68 -8.30
N GLY G 43 -42.23 -54.99 -7.36
CA GLY G 43 -42.52 -55.60 -6.08
C GLY G 43 -43.34 -54.69 -5.16
N THR G 44 -43.77 -55.25 -4.05
CA THR G 44 -44.59 -54.50 -3.13
C THR G 44 -44.22 -54.96 -1.71
N VAL G 45 -44.29 -54.04 -0.74
CA VAL G 45 -44.06 -54.38 0.67
C VAL G 45 -45.10 -53.66 1.51
N PRO G 46 -45.31 -54.13 2.74
CA PRO G 46 -46.35 -53.53 3.58
C PRO G 46 -46.11 -52.05 3.89
N ALA G 47 -47.20 -51.30 3.97
CA ALA G 47 -47.15 -49.97 4.54
C ALA G 47 -47.20 -50.11 6.06
N GLY G 48 -46.09 -50.54 6.67
CA GLY G 48 -46.05 -50.73 8.11
C GLY G 48 -46.31 -49.45 8.88
N ARG G 49 -46.67 -49.60 10.15
CA ARG G 49 -46.98 -48.43 10.98
C ARG G 49 -46.15 -48.52 12.27
N ALA G 50 -46.28 -47.51 13.13
CA ALA G 50 -45.53 -47.44 14.38
C ALA G 50 -45.62 -48.72 15.19
N GLU G 51 -46.83 -49.29 15.26
CA GLU G 51 -47.11 -50.44 16.08
C GLU G 51 -46.24 -51.62 15.66
N HIS G 52 -45.94 -51.72 14.36
CA HIS G 52 -45.11 -52.82 13.86
C HIS G 52 -43.65 -52.66 14.34
N ALA G 53 -43.16 -51.43 14.27
CA ALA G 53 -41.82 -51.15 14.75
C ALA G 53 -41.85 -51.37 16.27
N ARG G 54 -42.91 -50.90 16.90
CA ARG G 54 -43.04 -51.08 18.35
C ARG G 54 -42.93 -52.55 18.78
N GLU G 55 -43.62 -53.41 18.05
CA GLU G 55 -43.60 -54.85 18.37
C GLU G 55 -42.20 -55.42 18.13
N ALA G 56 -41.53 -54.96 17.07
CA ALA G 56 -40.21 -55.48 16.75
C ALA G 56 -39.25 -55.10 17.86
N PHE G 57 -39.37 -53.87 18.34
CA PHE G 57 -38.50 -53.42 19.43
C PHE G 57 -38.77 -54.14 20.74
N ALA G 58 -40.02 -54.45 21.01
CA ALA G 58 -40.32 -55.10 22.29
C ALA G 58 -39.72 -56.51 22.28
N ILE G 59 -39.81 -57.17 21.12
CA ILE G 59 -39.23 -58.50 20.98
C ILE G 59 -37.71 -58.40 21.15
N ALA G 60 -37.11 -57.41 20.48
CA ALA G 60 -35.66 -57.21 20.54
C ALA G 60 -35.23 -56.98 21.98
N ALA G 61 -35.95 -56.12 22.69
CA ALA G 61 -35.61 -55.80 24.08
C ALA G 61 -35.72 -57.01 25.00
N ALA G 62 -36.77 -57.82 24.82
CA ALA G 62 -36.97 -58.94 25.74
C ALA G 62 -35.97 -60.09 25.53
N TYR G 63 -35.46 -60.22 24.31
CA TYR G 63 -34.57 -61.34 23.98
C TYR G 63 -33.12 -61.06 24.38
N GLN G 64 -32.50 -61.99 25.12
CA GLN G 64 -31.12 -61.84 25.57
C GLN G 64 -30.24 -62.88 24.88
N PRO G 65 -29.52 -62.47 23.81
CA PRO G 65 -28.75 -63.46 23.05
C PRO G 65 -27.70 -64.13 23.93
N LYS G 66 -27.52 -65.42 23.74
CA LYS G 66 -26.53 -66.19 24.48
C LYS G 66 -25.53 -66.88 23.56
N LEU G 67 -25.52 -66.50 22.28
CA LEU G 67 -24.57 -67.11 21.31
C LEU G 67 -23.14 -66.97 21.82
N THR G 68 -22.38 -68.05 21.76
CA THR G 68 -20.94 -67.96 21.97
C THR G 68 -20.31 -67.21 20.80
N ARG G 69 -19.05 -66.78 20.95
CA ARG G 69 -18.36 -66.15 19.80
C ARG G 69 -18.25 -67.11 18.64
N TYR G 70 -18.07 -68.39 18.94
CA TYR G 70 -18.04 -69.40 17.89
C TYR G 70 -19.36 -69.45 17.10
N GLU G 71 -20.49 -69.49 17.81
CA GLU G 71 -21.80 -69.55 17.15
C GLU G 71 -22.02 -68.31 16.29
N ARG G 72 -21.69 -67.13 16.82
CA ARG G 72 -21.85 -65.92 16.03
C ARG G 72 -20.99 -65.98 14.75
N GLN G 73 -19.72 -66.37 14.90
CA GLN G 73 -18.84 -66.55 13.74
C GLN G 73 -19.47 -67.49 12.71
N LYS G 74 -19.98 -68.62 13.19
CA LYS G 74 -20.57 -69.63 12.31
C LYS G 74 -21.74 -69.03 11.53
N ILE G 75 -22.62 -68.31 12.22
CA ILE G 75 -23.74 -67.68 11.52
C ILE G 75 -23.26 -66.69 10.45
N LEU G 76 -22.36 -65.78 10.87
CA LEU G 76 -21.86 -64.74 9.96
C LEU G 76 -21.12 -65.35 8.75
N LEU G 77 -20.32 -66.38 8.98
CA LEU G 77 -19.61 -66.99 7.87
C LEU G 77 -20.57 -67.78 6.95
N ALA G 78 -21.56 -68.46 7.55
CA ALA G 78 -22.62 -69.10 6.76
C ALA G 78 -23.37 -68.07 5.89
N THR G 79 -23.61 -66.90 6.47
CA THR G 79 -24.24 -65.82 5.73
C THR G 79 -23.38 -65.39 4.54
N ALA G 80 -22.08 -65.20 4.76
CA ALA G 80 -21.18 -64.90 3.63
C ALA G 80 -21.26 -65.96 2.53
N GLU G 81 -21.24 -67.24 2.92
CA GLU G 81 -21.32 -68.31 1.93
C GLU G 81 -22.61 -68.25 1.14
N ALA G 82 -23.74 -67.97 1.80
CA ALA G 82 -25.02 -67.86 1.08
C ALA G 82 -24.98 -66.66 0.13
N LEU G 83 -24.42 -65.55 0.57
CA LEU G 83 -24.35 -64.37 -0.32
C LEU G 83 -23.59 -64.72 -1.57
N ALA G 84 -22.48 -65.45 -1.42
CA ALA G 84 -21.67 -65.84 -2.57
C ALA G 84 -22.46 -66.81 -3.48
N ALA G 85 -23.08 -67.82 -2.85
CA ALA G 85 -23.83 -68.82 -3.63
C ALA G 85 -25.02 -68.19 -4.37
N ARG G 86 -25.63 -67.16 -3.80
CA ARG G 86 -26.86 -66.60 -4.37
C ARG G 86 -26.64 -65.25 -5.01
N LYS G 87 -25.39 -64.96 -5.35
CA LYS G 87 -25.07 -63.60 -5.75
C LYS G 87 -25.88 -63.14 -6.94
N GLU G 88 -26.18 -64.06 -7.85
CA GLU G 88 -26.89 -63.63 -9.07
C GLU G 88 -28.32 -63.24 -8.75
N GLU G 89 -28.99 -64.10 -7.99
CA GLU G 89 -30.31 -63.82 -7.46
C GLU G 89 -30.35 -62.50 -6.66
N ILE G 90 -29.42 -62.36 -5.70
CA ILE G 90 -29.38 -61.14 -4.88
C ILE G 90 -29.13 -59.88 -5.72
N SER G 91 -28.16 -59.92 -6.64
CA SER G 91 -27.91 -58.72 -7.48
C SER G 91 -29.07 -58.38 -8.41
N ASP G 92 -29.80 -59.40 -8.87
CA ASP G 92 -31.02 -59.16 -9.64
C ASP G 92 -31.96 -58.28 -8.82
N VAL G 93 -32.20 -58.68 -7.57
CA VAL G 93 -33.11 -57.93 -6.70
C VAL G 93 -32.59 -56.51 -6.52
N ILE G 94 -31.28 -56.36 -6.30
CA ILE G 94 -30.70 -55.02 -6.15
C ILE G 94 -30.92 -54.16 -7.38
N THR G 95 -30.54 -54.69 -8.54
CA THR G 95 -30.67 -53.96 -9.79
C THR G 95 -32.13 -53.59 -10.12
N LEU G 96 -33.07 -54.52 -9.87
CA LEU G 96 -34.50 -54.28 -10.18
C LEU G 96 -35.11 -53.21 -9.29
N GLU G 97 -34.50 -53.01 -8.14
CA GLU G 97 -34.97 -52.06 -7.14
C GLU G 97 -34.30 -50.68 -7.30
N LEU G 98 -32.99 -50.69 -7.57
CA LEU G 98 -32.15 -49.48 -7.50
C LEU G 98 -31.83 -48.97 -8.87
N GLY G 99 -31.65 -49.89 -9.81
CA GLY G 99 -31.43 -49.50 -11.20
C GLY G 99 -29.96 -49.44 -11.62
N ILE G 100 -29.05 -49.77 -10.69
CA ILE G 100 -27.63 -49.80 -11.01
C ILE G 100 -27.38 -51.05 -11.82
N SER G 101 -26.31 -51.01 -12.62
CA SER G 101 -25.94 -52.11 -13.48
C SER G 101 -25.68 -53.38 -12.70
N LYS G 102 -25.89 -54.54 -13.34
CA LYS G 102 -25.55 -55.82 -12.74
C LYS G 102 -24.09 -55.86 -12.31
N ALA G 103 -23.23 -55.18 -13.06
CA ALA G 103 -21.83 -55.11 -12.71
C ALA G 103 -21.69 -54.42 -11.34
N ASP G 104 -22.37 -53.30 -11.17
CA ASP G 104 -22.34 -52.64 -9.86
C ASP G 104 -23.02 -53.47 -8.76
N SER G 105 -24.17 -54.10 -9.05
CA SER G 105 -24.88 -54.84 -8.02
C SER G 105 -24.15 -56.14 -7.66
N LEU G 106 -23.50 -56.77 -8.63
CA LEU G 106 -22.68 -57.94 -8.31
C LEU G 106 -21.54 -57.52 -7.40
N TYR G 107 -20.90 -56.41 -7.75
CA TYR G 107 -19.86 -55.87 -6.90
C TYR G 107 -20.37 -55.59 -5.45
N GLU G 108 -21.56 -55.02 -5.34
CA GLU G 108 -22.15 -54.79 -4.02
C GLU G 108 -22.30 -56.09 -3.25
N VAL G 109 -22.70 -57.16 -3.91
CA VAL G 109 -22.74 -58.44 -3.21
C VAL G 109 -21.35 -58.85 -2.67
N GLY G 110 -20.31 -58.63 -3.49
CA GLY G 110 -18.97 -58.92 -3.06
C GLY G 110 -18.57 -58.14 -1.80
N ARG G 111 -18.95 -56.87 -1.74
CA ARG G 111 -18.70 -56.08 -0.54
C ARG G 111 -19.43 -56.65 0.70
N ALA G 112 -20.72 -56.96 0.56
CA ALA G 112 -21.47 -57.57 1.67
C ALA G 112 -20.82 -58.88 2.10
N PHE G 113 -20.33 -59.63 1.12
CA PHE G 113 -19.56 -60.84 1.39
C PHE G 113 -18.36 -60.52 2.29
N ASP G 114 -17.69 -59.41 2.02
CA ASP G 114 -16.54 -59.02 2.85
C ASP G 114 -16.98 -58.63 4.23
N VAL G 115 -18.08 -57.89 4.30
CA VAL G 115 -18.55 -57.38 5.57
C VAL G 115 -18.80 -58.55 6.49
N PHE G 116 -19.50 -59.56 5.98
CA PHE G 116 -19.92 -60.67 6.83
C PHE G 116 -18.73 -61.54 7.15
N THR G 117 -17.83 -61.67 6.18
CA THR G 117 -16.61 -62.45 6.41
C THR G 117 -15.75 -61.78 7.50
N LEU G 118 -15.49 -60.50 7.33
CA LEU G 118 -14.66 -59.81 8.32
C LEU G 118 -15.32 -59.76 9.70
N ALA G 119 -16.63 -59.47 9.74
CA ALA G 119 -17.35 -59.49 11.04
C ALA G 119 -17.23 -60.86 11.71
N GLY G 120 -17.37 -61.91 10.92
CA GLY G 120 -17.29 -63.26 11.45
C GLY G 120 -15.92 -63.53 12.02
N GLN G 121 -14.89 -63.07 11.31
CA GLN G 121 -13.53 -63.28 11.81
C GLN G 121 -13.17 -62.39 13.01
N MET G 122 -13.80 -61.23 13.12
CA MET G 122 -13.53 -60.39 14.28
C MET G 122 -14.14 -60.88 15.59
N CYS G 123 -15.04 -61.86 15.52
CA CYS G 123 -15.67 -62.43 16.72
C CYS G 123 -14.72 -63.06 17.67
N ILE G 124 -13.60 -63.57 17.17
CA ILE G 124 -12.66 -64.25 18.03
C ILE G 124 -11.86 -63.24 18.83
N ARG G 125 -11.95 -61.95 18.49
CA ARG G 125 -11.06 -60.94 19.06
C ARG G 125 -11.69 -60.28 20.31
N ASP G 126 -10.95 -60.31 21.44
CA ASP G 126 -11.37 -59.67 22.69
C ASP G 126 -10.44 -58.48 22.99
N ASP G 127 -10.99 -57.27 22.93
CA ASP G 127 -10.13 -56.08 23.07
C ASP G 127 -10.13 -55.57 24.51
N GLY G 128 -10.43 -56.46 25.45
CA GLY G 128 -10.37 -56.07 26.85
C GLY G 128 -8.99 -55.57 27.27
N GLU G 129 -8.95 -54.69 28.27
CA GLU G 129 -7.70 -54.17 28.76
C GLU G 129 -7.55 -54.44 30.24
N ILE G 130 -6.34 -54.29 30.74
CA ILE G 130 -6.09 -54.44 32.16
C ILE G 130 -5.33 -53.20 32.64
N PHE G 131 -5.73 -52.65 33.79
CA PHE G 131 -5.00 -51.52 34.38
C PHE G 131 -4.45 -51.93 35.75
N SER G 132 -3.22 -51.54 36.03
CA SER G 132 -2.70 -51.66 37.38
C SER G 132 -3.00 -50.38 38.14
N CYS G 133 -3.33 -50.53 39.44
CA CYS G 133 -3.84 -49.42 40.22
C CYS G 133 -2.85 -48.76 41.18
N ASP G 134 -1.64 -49.32 41.31
CA ASP G 134 -0.62 -48.79 42.23
C ASP G 134 0.23 -47.70 41.57
N LEU G 135 -0.44 -46.70 41.02
CA LEU G 135 0.14 -45.79 40.02
C LEU G 135 0.52 -44.43 40.57
N THR G 136 -0.16 -44.05 41.65
CA THR G 136 -0.05 -42.72 42.23
C THR G 136 0.06 -42.83 43.76
N PRO G 137 0.16 -41.69 44.45
CA PRO G 137 0.10 -41.71 45.92
C PRO G 137 -1.24 -42.24 46.41
N HIS G 138 -2.30 -42.04 45.59
CA HIS G 138 -3.62 -42.62 45.88
C HIS G 138 -3.73 -44.11 45.43
N GLY G 139 -2.60 -44.72 45.05
CA GLY G 139 -2.60 -46.07 44.49
C GLY G 139 -3.06 -47.19 45.43
N LYS G 140 -3.56 -48.28 44.84
CA LYS G 140 -3.96 -49.49 45.57
C LYS G 140 -3.48 -50.78 44.90
N ALA G 141 -3.25 -51.83 45.69
CA ALA G 141 -2.88 -53.14 45.12
C ALA G 141 -4.11 -53.82 44.51
N ARG G 142 -4.36 -53.51 43.24
CA ARG G 142 -5.61 -53.87 42.64
C ARG G 142 -5.50 -53.83 41.11
N LYS G 143 -6.31 -54.63 40.42
CA LYS G 143 -6.31 -54.59 38.95
C LYS G 143 -7.69 -54.28 38.47
N ILE G 144 -7.77 -53.46 37.42
CA ILE G 144 -9.05 -53.18 36.75
C ILE G 144 -9.08 -53.90 35.39
N PHE G 145 -10.21 -54.48 35.04
CA PHE G 145 -10.31 -55.25 33.81
C PHE G 145 -11.51 -54.68 33.11
N THR G 146 -11.51 -54.77 31.78
CA THR G 146 -12.68 -54.30 31.01
C THR G 146 -13.28 -55.42 30.16
N MET G 147 -14.56 -55.27 29.85
CA MET G 147 -15.23 -56.24 28.98
C MET G 147 -16.35 -55.49 28.32
N ARG G 148 -16.95 -56.10 27.30
CA ARG G 148 -18.03 -55.46 26.55
C ARG G 148 -19.35 -56.22 26.67
N GLU G 149 -20.47 -55.49 26.67
CA GLU G 149 -21.79 -56.10 26.76
C GLU G 149 -22.70 -55.45 25.73
N PRO G 150 -23.67 -56.21 25.23
CA PRO G 150 -24.57 -55.68 24.20
C PRO G 150 -25.56 -54.64 24.74
N LEU G 151 -26.27 -53.97 23.84
CA LEU G 151 -27.29 -52.99 24.23
C LEU G 151 -28.68 -53.67 24.30
N THR G 152 -29.70 -52.91 24.67
CA THR G 152 -31.05 -53.48 24.69
C THR G 152 -31.56 -53.74 23.28
N ALA G 153 -31.50 -52.71 22.44
CA ALA G 153 -31.96 -52.88 21.06
C ALA G 153 -31.33 -51.80 20.22
N ILE G 154 -31.09 -52.12 18.95
CA ILE G 154 -30.47 -51.17 18.04
C ILE G 154 -31.40 -50.90 16.91
N SER G 155 -31.49 -49.63 16.52
CA SER G 155 -32.39 -49.19 15.47
C SER G 155 -31.51 -48.81 14.28
N ALA G 156 -31.77 -49.41 13.12
CA ALA G 156 -30.96 -49.14 11.96
C ALA G 156 -31.85 -48.64 10.83
N ILE G 157 -31.44 -47.52 10.20
CA ILE G 157 -32.21 -46.88 9.12
C ILE G 157 -31.24 -46.71 7.95
N THR G 158 -31.59 -47.29 6.79
CA THR G 158 -30.65 -47.38 5.68
C THR G 158 -31.17 -46.71 4.43
N PRO G 159 -30.25 -46.26 3.54
CA PRO G 159 -30.62 -45.48 2.37
C PRO G 159 -30.70 -46.39 1.15
N PHE G 160 -30.97 -45.81 -0.02
CA PHE G 160 -31.22 -46.59 -1.23
C PHE G 160 -29.96 -46.97 -2.01
N ASN G 161 -28.85 -46.28 -1.76
CA ASN G 161 -27.71 -46.45 -2.70
C ASN G 161 -26.93 -47.76 -2.56
N HIS G 162 -26.98 -48.41 -1.39
CA HIS G 162 -26.46 -49.80 -1.26
C HIS G 162 -27.50 -50.62 -0.49
N PRO G 163 -28.58 -51.02 -1.17
CA PRO G 163 -29.70 -51.76 -0.55
C PRO G 163 -29.25 -53.00 0.23
N LEU G 164 -28.15 -53.62 -0.17
CA LEU G 164 -27.61 -54.77 0.56
C LEU G 164 -26.50 -54.36 1.55
N ASN G 165 -25.45 -53.71 1.03
CA ASN G 165 -24.25 -53.49 1.86
C ASN G 165 -24.48 -52.59 3.05
N MET G 166 -25.37 -51.61 2.90
CA MET G 166 -25.68 -50.72 4.02
C MET G 166 -26.39 -51.49 5.15
N VAL G 167 -27.20 -52.47 4.78
CA VAL G 167 -27.88 -53.28 5.80
C VAL G 167 -26.84 -54.21 6.42
N ALA G 168 -25.99 -54.79 5.57
CA ALA G 168 -24.88 -55.63 6.07
C ALA G 168 -24.04 -54.92 7.10
N HIS G 169 -23.68 -53.68 6.81
CA HIS G 169 -22.81 -52.94 7.72
C HIS G 169 -23.45 -52.65 9.07
N LYS G 170 -24.77 -52.59 9.10
CA LYS G 170 -25.43 -52.30 10.38
C LYS G 170 -25.86 -53.58 11.12
N VAL G 171 -26.08 -54.66 10.37
CA VAL G 171 -26.52 -55.90 11.00
C VAL G 171 -25.38 -56.86 11.43
N ALA G 172 -24.41 -57.05 10.54
CA ALA G 172 -23.30 -57.94 10.84
C ALA G 172 -22.61 -57.61 12.17
N PRO G 173 -22.31 -56.33 12.42
CA PRO G 173 -21.69 -56.00 13.71
C PRO G 173 -22.62 -56.22 14.90
N ALA G 174 -23.92 -56.03 14.70
CA ALA G 174 -24.87 -56.23 15.78
C ALA G 174 -24.87 -57.70 16.14
N ILE G 175 -24.92 -58.55 15.11
CA ILE G 175 -24.96 -59.99 15.35
C ILE G 175 -23.68 -60.41 16.07
N ALA G 176 -22.56 -59.88 15.60
CA ALA G 176 -21.25 -60.25 16.11
C ALA G 176 -21.13 -59.88 17.58
N THR G 177 -21.96 -58.92 18.04
CA THR G 177 -21.86 -58.50 19.44
C THR G 177 -23.08 -58.90 20.26
N ASN G 178 -23.90 -59.83 19.74
CA ASN G 178 -25.10 -60.30 20.50
C ASN G 178 -26.08 -59.17 20.81
N ASN G 179 -26.28 -58.29 19.82
CA ASN G 179 -27.31 -57.28 19.94
C ASN G 179 -28.56 -57.76 19.20
N CYS G 180 -29.66 -57.06 19.40
CA CYS G 180 -30.85 -57.31 18.59
C CYS G 180 -31.11 -56.03 17.84
N VAL G 181 -31.30 -56.14 16.53
CA VAL G 181 -31.44 -54.94 15.71
C VAL G 181 -32.75 -54.99 14.92
N VAL G 182 -33.33 -53.81 14.72
CA VAL G 182 -34.49 -53.65 13.87
C VAL G 182 -34.09 -52.72 12.74
N VAL G 183 -34.31 -53.16 11.51
CA VAL G 183 -33.95 -52.34 10.35
C VAL G 183 -35.18 -51.82 9.64
N LYS G 184 -35.21 -50.51 9.35
CA LYS G 184 -36.17 -49.95 8.41
C LYS G 184 -35.42 -49.46 7.16
N PRO G 185 -35.41 -50.26 6.09
CA PRO G 185 -34.78 -49.81 4.86
C PRO G 185 -35.66 -48.74 4.23
N THR G 186 -35.09 -47.95 3.33
CA THR G 186 -35.87 -46.98 2.56
C THR G 186 -36.99 -47.65 1.76
N GLU G 187 -38.14 -46.99 1.69
CA GLU G 187 -39.25 -47.51 0.90
C GLU G 187 -38.85 -47.70 -0.57
N LEU G 188 -37.80 -46.99 -1.00
CA LEU G 188 -37.37 -47.08 -2.40
C LEU G 188 -36.72 -48.42 -2.74
N THR G 189 -36.06 -49.06 -1.77
CA THR G 189 -35.33 -50.29 -2.08
C THR G 189 -35.34 -51.27 -0.89
N PRO G 190 -36.55 -51.67 -0.45
CA PRO G 190 -36.72 -52.47 0.77
C PRO G 190 -36.57 -53.98 0.57
N MET G 191 -36.67 -54.45 -0.66
CA MET G 191 -36.73 -55.89 -0.87
C MET G 191 -35.42 -56.62 -0.61
N THR G 192 -34.31 -55.92 -0.90
CA THR G 192 -32.99 -56.49 -0.70
C THR G 192 -32.83 -56.77 0.78
N ALA G 193 -33.30 -55.84 1.61
CA ALA G 193 -33.19 -56.02 3.07
C ALA G 193 -33.99 -57.23 3.54
N LEU G 194 -35.22 -57.36 3.04
CA LEU G 194 -36.10 -58.47 3.45
C LEU G 194 -35.43 -59.78 3.04
N LEU G 195 -34.83 -59.80 1.87
CA LEU G 195 -34.16 -61.03 1.43
C LEU G 195 -32.95 -61.33 2.31
N LEU G 196 -32.22 -60.29 2.73
CA LEU G 196 -31.05 -60.56 3.58
C LEU G 196 -31.49 -61.12 4.91
N ALA G 197 -32.63 -60.63 5.41
CA ALA G 197 -33.17 -61.21 6.66
C ALA G 197 -33.43 -62.72 6.50
N ASP G 198 -34.04 -63.13 5.40
CA ASP G 198 -34.30 -64.56 5.20
C ASP G 198 -32.99 -65.36 5.22
N ILE G 199 -31.97 -64.84 4.55
CA ILE G 199 -30.68 -65.53 4.48
C ILE G 199 -30.11 -65.67 5.89
N LEU G 200 -30.18 -64.60 6.67
CA LEU G 200 -29.73 -64.69 8.05
C LEU G 200 -30.51 -65.72 8.87
N TYR G 201 -31.84 -65.76 8.75
CA TYR G 201 -32.58 -66.77 9.53
C TYR G 201 -32.11 -68.15 9.10
N GLU G 202 -32.02 -68.35 7.79
CA GLU G 202 -31.62 -69.65 7.28
C GLU G 202 -30.22 -70.03 7.78
N ALA G 203 -29.37 -69.02 7.98
CA ALA G 203 -27.97 -69.26 8.38
C ALA G 203 -27.87 -69.57 9.86
N GLY G 204 -29.00 -69.52 10.57
CA GLY G 204 -29.03 -69.91 11.96
C GLY G 204 -29.15 -68.80 12.97
N LEU G 205 -29.38 -67.56 12.51
CA LEU G 205 -29.57 -66.47 13.47
C LEU G 205 -30.86 -66.69 14.28
N PRO G 206 -30.78 -66.63 15.64
CA PRO G 206 -32.05 -66.59 16.40
C PRO G 206 -32.89 -65.41 15.92
N PRO G 207 -34.16 -65.68 15.55
CA PRO G 207 -34.94 -64.71 14.78
C PRO G 207 -35.17 -63.45 15.57
N GLU G 208 -35.20 -63.55 16.90
CA GLU G 208 -35.44 -62.37 17.73
C GLU G 208 -34.34 -61.32 17.55
N MET G 209 -33.21 -61.73 16.97
CA MET G 209 -32.09 -60.79 16.86
C MET G 209 -32.23 -59.86 15.64
N LEU G 210 -33.20 -60.13 14.78
CA LEU G 210 -33.37 -59.32 13.59
C LEU G 210 -34.81 -59.19 13.15
N SER G 211 -35.25 -57.93 12.97
CA SER G 211 -36.48 -57.66 12.23
C SER G 211 -36.19 -56.65 11.12
N VAL G 212 -36.91 -56.78 10.02
CA VAL G 212 -36.90 -55.77 8.98
C VAL G 212 -38.35 -55.29 8.77
N VAL G 213 -38.62 -54.04 9.14
CA VAL G 213 -39.96 -53.46 8.95
C VAL G 213 -39.89 -52.46 7.79
N THR G 214 -41.03 -52.19 7.16
CA THR G 214 -41.10 -51.30 5.99
C THR G 214 -42.30 -50.38 6.14
N GLY G 215 -42.31 -49.28 5.39
CA GLY G 215 -43.43 -48.34 5.45
C GLY G 215 -42.99 -46.94 5.05
N TRP G 216 -43.93 -45.99 5.07
CA TRP G 216 -43.64 -44.62 4.75
C TRP G 216 -43.01 -44.04 5.99
N PRO G 217 -42.08 -43.11 5.79
CA PRO G 217 -41.39 -42.46 6.91
C PRO G 217 -42.42 -41.79 7.82
N ALA G 218 -43.49 -41.24 7.24
CA ALA G 218 -44.53 -40.53 7.98
C ALA G 218 -45.20 -41.41 9.05
N ASP G 219 -45.39 -42.69 8.74
CA ASP G 219 -46.03 -43.65 9.66
C ASP G 219 -45.08 -44.34 10.66
N ILE G 220 -43.94 -44.83 10.18
CA ILE G 220 -43.12 -45.74 10.99
C ILE G 220 -41.74 -45.16 11.34
N GLY G 221 -41.34 -44.13 10.59
CA GLY G 221 -40.03 -43.51 10.80
C GLY G 221 -39.83 -42.97 12.20
N MET G 222 -40.82 -42.27 12.73
CA MET G 222 -40.64 -41.68 14.06
C MET G 222 -40.48 -42.74 15.18
N GLU G 223 -41.15 -43.89 15.04
CA GLU G 223 -41.04 -44.96 16.03
C GLU G 223 -39.62 -45.54 16.08
N MET G 224 -38.98 -45.64 14.91
CA MET G 224 -37.61 -46.10 14.77
C MET G 224 -36.68 -45.19 15.55
N ILE G 225 -37.05 -43.91 15.66
CA ILE G 225 -36.22 -42.89 16.32
C ILE G 225 -36.47 -42.74 17.83
N THR G 226 -37.71 -43.02 18.27
CA THR G 226 -38.13 -42.62 19.62
C THR G 226 -38.53 -43.77 20.50
N ASN G 227 -38.62 -44.97 19.93
CA ASN G 227 -38.98 -46.11 20.76
C ASN G 227 -38.12 -46.18 22.01
N PRO G 228 -38.76 -46.40 23.16
CA PRO G 228 -38.03 -46.35 24.45
C PRO G 228 -37.02 -47.48 24.65
N HIS G 229 -37.14 -48.55 23.89
CA HIS G 229 -36.16 -49.63 24.06
C HIS G 229 -34.85 -49.38 23.29
N VAL G 230 -34.87 -48.40 22.38
CA VAL G 230 -33.74 -48.18 21.50
C VAL G 230 -32.61 -47.47 22.23
N ASP G 231 -31.46 -48.15 22.36
CA ASP G 231 -30.26 -47.59 23.00
C ASP G 231 -29.41 -46.84 21.97
N LEU G 232 -29.56 -47.22 20.70
CA LEU G 232 -28.72 -46.61 19.68
C LEU G 232 -29.42 -46.59 18.36
N VAL G 233 -29.37 -45.42 17.69
CA VAL G 233 -29.86 -45.30 16.32
C VAL G 233 -28.67 -45.18 15.41
N THR G 234 -28.57 -46.04 14.40
CA THR G 234 -27.53 -45.91 13.38
C THR G 234 -28.19 -45.63 12.03
N PHE G 235 -27.84 -44.48 11.47
CA PHE G 235 -28.54 -43.97 10.30
C PHE G 235 -27.54 -43.58 9.23
N THR G 236 -27.85 -43.91 7.99
CA THR G 236 -27.09 -43.41 6.86
C THR G 236 -28.11 -42.86 5.87
N GLY G 237 -27.90 -41.61 5.45
CA GLY G 237 -28.77 -40.97 4.48
C GLY G 237 -28.40 -39.51 4.27
N SER G 238 -29.41 -38.66 4.06
CA SER G 238 -29.19 -37.27 3.67
C SER G 238 -29.05 -36.36 4.89
N VAL G 239 -28.50 -35.18 4.67
CA VAL G 239 -28.28 -34.22 5.75
C VAL G 239 -29.59 -33.77 6.43
N PRO G 240 -30.60 -33.38 5.63
CA PRO G 240 -31.87 -32.93 6.24
C PRO G 240 -32.52 -34.01 7.08
N VAL G 241 -32.56 -35.25 6.57
CA VAL G 241 -33.15 -36.31 7.39
C VAL G 241 -32.27 -36.56 8.60
N GLY G 242 -30.95 -36.46 8.40
CA GLY G 242 -30.03 -36.69 9.49
C GLY G 242 -30.21 -35.70 10.64
N LYS G 243 -30.41 -34.43 10.29
CA LYS G 243 -30.48 -33.37 11.31
C LYS G 243 -31.77 -33.54 12.08
N LEU G 244 -32.81 -33.95 11.35
CA LEU G 244 -34.10 -34.26 11.95
C LEU G 244 -34.00 -35.43 12.94
N ILE G 245 -33.28 -36.49 12.55
CA ILE G 245 -33.08 -37.60 13.49
C ILE G 245 -32.36 -37.14 14.74
N ALA G 246 -31.34 -36.30 14.57
CA ALA G 246 -30.50 -35.85 15.69
C ALA G 246 -31.32 -35.07 16.70
N ALA G 247 -32.29 -34.32 16.18
CA ALA G 247 -33.14 -33.48 17.01
C ALA G 247 -34.22 -34.28 17.76
N ASN G 248 -34.64 -35.41 17.20
CA ASN G 248 -35.74 -36.19 17.75
C ASN G 248 -35.34 -37.40 18.61
N ALA G 249 -34.10 -37.87 18.46
CA ALA G 249 -33.66 -39.05 19.21
C ALA G 249 -32.86 -38.66 20.45
N HIS G 250 -33.37 -37.74 21.27
CA HIS G 250 -32.58 -37.27 22.42
C HIS G 250 -32.27 -38.36 23.44
N TYR G 251 -31.06 -38.26 23.99
CA TYR G 251 -30.58 -39.22 24.97
C TYR G 251 -30.62 -40.65 24.43
N LYS G 252 -30.35 -40.79 23.13
CA LYS G 252 -30.01 -42.07 22.54
C LYS G 252 -28.66 -41.85 21.87
N ARG G 253 -27.78 -42.85 21.87
CA ARG G 253 -26.58 -42.71 21.09
C ARG G 253 -27.08 -42.64 19.67
N GLN G 254 -26.33 -41.95 18.82
CA GLN G 254 -26.67 -41.83 17.42
C GLN G 254 -25.41 -41.94 16.61
N VAL G 255 -25.45 -42.73 15.54
CA VAL G 255 -24.32 -42.76 14.64
C VAL G 255 -24.92 -42.32 13.34
N LEU G 256 -24.64 -41.08 12.95
CA LEU G 256 -25.21 -40.56 11.70
C LEU G 256 -24.15 -40.38 10.62
N GLU G 257 -24.30 -41.07 9.50
CA GLU G 257 -23.44 -40.83 8.34
C GLU G 257 -24.31 -40.19 7.28
N LEU G 258 -23.91 -38.99 6.89
CA LEU G 258 -24.69 -38.17 6.00
C LEU G 258 -23.85 -38.10 4.74
N GLY G 259 -24.16 -37.19 3.85
CA GLY G 259 -23.45 -37.21 2.57
C GLY G 259 -21.96 -36.87 2.57
N GLY G 260 -21.38 -36.92 1.39
CA GLY G 260 -20.07 -36.38 1.16
C GLY G 260 -20.11 -35.49 -0.08
N ASN G 261 -18.98 -34.88 -0.40
CA ASN G 261 -18.86 -34.11 -1.64
C ASN G 261 -17.39 -34.12 -1.92
N ASP G 262 -16.90 -35.31 -2.25
CA ASP G 262 -15.48 -35.59 -2.09
C ASP G 262 -14.65 -35.31 -3.34
N PRO G 263 -13.47 -34.73 -3.15
CA PRO G 263 -12.56 -34.41 -4.25
C PRO G 263 -11.62 -35.55 -4.67
N LEU G 264 -11.33 -35.60 -5.96
CA LEU G 264 -10.13 -36.27 -6.44
C LEU G 264 -9.21 -35.13 -6.94
N ILE G 265 -8.04 -35.00 -6.29
CA ILE G 265 -7.16 -33.86 -6.55
C ILE G 265 -5.96 -34.28 -7.41
N ILE G 266 -5.76 -33.60 -8.54
CA ILE G 266 -4.68 -33.92 -9.47
C ILE G 266 -3.57 -32.84 -9.37
N LEU G 267 -2.39 -33.22 -8.89
CA LEU G 267 -1.34 -32.24 -8.64
C LEU G 267 -0.46 -32.09 -9.85
N ASN G 268 0.18 -30.92 -9.98
CA ASN G 268 0.93 -30.60 -11.21
C ASN G 268 2.29 -31.29 -11.40
N ASP G 269 2.64 -32.25 -10.53
CA ASP G 269 3.96 -32.91 -10.67
C ASP G 269 3.86 -34.17 -11.50
N LEU G 270 2.64 -34.54 -11.87
CA LEU G 270 2.40 -35.80 -12.55
C LEU G 270 2.82 -35.84 -14.03
N SER G 271 3.43 -36.96 -14.41
CA SER G 271 3.77 -37.21 -15.80
C SER G 271 2.52 -37.52 -16.61
N ASP G 272 2.66 -37.61 -17.93
CA ASP G 272 1.50 -37.88 -18.77
C ASP G 272 0.98 -39.28 -18.53
N ASP G 273 1.90 -40.22 -18.30
CA ASP G 273 1.50 -41.59 -17.95
C ASP G 273 0.72 -41.61 -16.63
N ASP G 274 1.08 -40.74 -15.69
CA ASP G 274 0.39 -40.67 -14.40
C ASP G 274 -0.95 -39.98 -14.55
N LEU G 275 -1.00 -38.93 -15.36
CA LEU G 275 -2.28 -38.25 -15.62
C LEU G 275 -3.29 -39.25 -16.18
N ALA G 276 -2.82 -40.22 -16.97
CA ALA G 276 -3.71 -41.23 -17.52
C ALA G 276 -4.23 -42.15 -16.42
N ARG G 277 -3.38 -42.50 -15.45
CA ARG G 277 -3.84 -43.36 -14.37
C ARG G 277 -4.81 -42.55 -13.52
N ALA G 278 -4.52 -41.27 -13.31
CA ALA G 278 -5.42 -40.42 -12.54
C ALA G 278 -6.76 -40.29 -13.27
N ALA G 279 -6.72 -40.27 -14.60
CA ALA G 279 -7.96 -40.14 -15.36
C ALA G 279 -8.80 -41.39 -15.17
N ASP G 280 -8.16 -42.56 -15.18
CA ASP G 280 -8.88 -43.80 -14.84
C ASP G 280 -9.59 -43.72 -13.47
N LEU G 281 -8.90 -43.18 -12.45
CA LEU G 281 -9.48 -43.07 -11.13
C LEU G 281 -10.63 -42.08 -11.18
N ALA G 282 -10.41 -40.97 -11.87
CA ALA G 282 -11.43 -39.91 -11.93
C ALA G 282 -12.73 -40.49 -12.49
N VAL G 283 -12.62 -41.27 -13.56
CA VAL G 283 -13.84 -41.73 -14.22
C VAL G 283 -14.52 -42.82 -13.39
N ALA G 284 -13.75 -43.79 -12.92
CA ALA G 284 -14.32 -44.84 -12.07
C ALA G 284 -14.95 -44.21 -10.82
N GLY G 285 -14.21 -43.32 -10.17
CA GLY G 285 -14.69 -42.74 -8.92
C GLY G 285 -15.97 -41.93 -9.11
N ALA G 286 -16.13 -41.26 -10.25
CA ALA G 286 -17.30 -40.42 -10.47
C ALA G 286 -18.52 -41.22 -10.91
N THR G 287 -18.33 -42.42 -11.48
CA THR G 287 -19.42 -43.14 -12.12
C THR G 287 -19.81 -44.47 -11.50
N LYS G 288 -18.95 -45.07 -10.68
CA LYS G 288 -19.27 -46.39 -10.13
C LYS G 288 -20.55 -46.23 -9.31
N ASN G 289 -21.40 -47.25 -9.36
CA ASN G 289 -22.68 -47.20 -8.67
C ASN G 289 -23.52 -46.00 -9.13
N SER G 290 -23.33 -45.61 -10.38
CA SER G 290 -24.03 -44.50 -10.96
C SER G 290 -23.71 -43.26 -10.20
N GLY G 291 -22.54 -43.21 -9.58
CA GLY G 291 -22.15 -42.03 -8.80
C GLY G 291 -22.89 -41.89 -7.48
N GLN G 292 -23.65 -42.93 -7.13
CA GLN G 292 -24.42 -42.89 -5.92
C GLN G 292 -23.65 -43.46 -4.70
N ARG G 293 -22.59 -42.76 -4.33
CA ARG G 293 -21.81 -43.09 -3.15
C ARG G 293 -21.57 -41.82 -2.38
N CYS G 294 -21.71 -41.87 -1.05
CA CYS G 294 -21.34 -40.71 -0.22
C CYS G 294 -19.91 -40.30 -0.53
N THR G 295 -19.07 -41.26 -0.89
CA THR G 295 -17.65 -40.99 -1.17
C THR G 295 -17.33 -40.98 -2.67
N ALA G 296 -18.35 -40.85 -3.52
CA ALA G 296 -18.15 -40.79 -4.97
C ALA G 296 -17.26 -39.58 -5.27
N VAL G 297 -16.51 -39.63 -6.37
CA VAL G 297 -15.80 -38.42 -6.81
C VAL G 297 -16.82 -37.42 -7.35
N LYS G 298 -17.04 -36.33 -6.62
CA LYS G 298 -18.02 -35.32 -7.03
C LYS G 298 -17.36 -34.02 -7.50
N ARG G 299 -16.06 -33.91 -7.29
CA ARG G 299 -15.31 -32.72 -7.72
C ARG G 299 -13.95 -33.24 -8.10
N ILE G 300 -13.56 -33.05 -9.35
CA ILE G 300 -12.20 -33.38 -9.75
C ILE G 300 -11.41 -32.07 -9.73
N LEU G 301 -10.57 -31.88 -8.74
CA LEU G 301 -9.82 -30.64 -8.69
C LEU G 301 -8.48 -30.83 -9.37
N CYS G 302 -8.36 -30.26 -10.57
CA CYS G 302 -7.15 -30.44 -11.37
C CYS G 302 -6.34 -29.15 -11.42
N GLN G 303 -5.08 -29.21 -11.02
CA GLN G 303 -4.25 -28.01 -11.03
C GLN G 303 -4.04 -27.50 -12.46
N GLU G 304 -4.06 -26.18 -12.60
CA GLU G 304 -4.24 -25.58 -13.93
C GLU G 304 -3.21 -26.10 -14.95
N SER G 305 -1.96 -26.21 -14.53
CA SER G 305 -0.91 -26.44 -15.50
C SER G 305 -0.88 -27.85 -16.07
N VAL G 306 -1.74 -28.74 -15.58
CA VAL G 306 -1.80 -30.07 -16.19
C VAL G 306 -3.19 -30.35 -16.73
N ALA G 307 -4.11 -29.41 -16.53
CA ALA G 307 -5.51 -29.61 -16.95
C ALA G 307 -5.63 -29.87 -18.45
N ASP G 308 -4.84 -29.17 -19.26
CA ASP G 308 -4.93 -29.34 -20.72
C ASP G 308 -4.55 -30.73 -21.17
N ARG G 309 -3.60 -31.37 -20.49
CA ARG G 309 -3.29 -32.78 -20.81
C ARG G 309 -4.23 -33.75 -20.10
N PHE G 310 -4.72 -33.39 -18.91
CA PHE G 310 -5.55 -34.30 -18.10
C PHE G 310 -6.98 -34.48 -18.68
N VAL G 311 -7.65 -33.36 -18.94
CA VAL G 311 -9.05 -33.39 -19.37
C VAL G 311 -9.31 -34.33 -20.58
N PRO G 312 -8.50 -34.22 -21.66
CA PRO G 312 -8.69 -35.12 -22.82
C PRO G 312 -8.62 -36.57 -22.41
N LEU G 313 -7.77 -36.90 -21.45
CA LEU G 313 -7.62 -38.29 -21.02
C LEU G 313 -8.88 -38.73 -20.28
N VAL G 314 -9.47 -37.80 -19.54
CA VAL G 314 -10.74 -38.07 -18.87
C VAL G 314 -11.88 -38.28 -19.88
N LEU G 315 -11.97 -37.38 -20.86
CA LEU G 315 -12.99 -37.44 -21.90
C LEU G 315 -12.97 -38.77 -22.63
N GLU G 316 -11.79 -39.15 -23.11
CA GLU G 316 -11.62 -40.41 -23.81
C GLU G 316 -12.11 -41.61 -23.00
N ARG G 317 -11.86 -41.59 -21.68
CA ARG G 317 -12.23 -42.72 -20.85
C ARG G 317 -13.75 -42.76 -20.61
N ALA G 318 -14.34 -41.59 -20.39
CA ALA G 318 -15.77 -41.49 -20.17
C ALA G 318 -16.52 -42.03 -21.40
N LYS G 319 -16.02 -41.72 -22.60
CA LYS G 319 -16.69 -42.16 -23.82
C LYS G 319 -16.71 -43.67 -23.97
N ARG G 320 -15.81 -44.36 -23.29
CA ARG G 320 -15.75 -45.81 -23.43
C ARG G 320 -16.87 -46.47 -22.62
N LEU G 321 -17.45 -45.74 -21.69
CA LEU G 321 -18.41 -46.35 -20.77
C LEU G 321 -19.74 -46.69 -21.49
N ARG G 322 -20.21 -47.92 -21.30
CA ARG G 322 -21.50 -48.33 -21.83
C ARG G 322 -22.57 -48.09 -20.78
N PHE G 323 -23.47 -47.14 -21.08
CA PHE G 323 -24.59 -46.86 -20.20
C PHE G 323 -25.90 -47.27 -20.86
N GLY G 324 -26.79 -47.87 -20.08
CA GLY G 324 -28.04 -48.38 -20.62
C GLY G 324 -28.68 -49.40 -19.71
N ASP G 325 -29.25 -50.44 -20.33
CA ASP G 325 -30.02 -51.45 -19.65
C ASP G 325 -29.22 -52.09 -18.53
N PRO G 326 -29.61 -51.85 -17.27
CA PRO G 326 -28.89 -52.36 -16.09
C PRO G 326 -28.77 -53.88 -16.08
N MET G 327 -29.78 -54.60 -16.59
CA MET G 327 -29.75 -56.07 -16.58
C MET G 327 -28.83 -56.62 -17.66
N ASP G 328 -28.43 -55.77 -18.61
CA ASP G 328 -27.47 -56.23 -19.62
C ASP G 328 -26.07 -56.35 -18.99
N ARG G 329 -25.51 -57.55 -19.03
CA ARG G 329 -24.24 -57.81 -18.35
C ARG G 329 -23.05 -57.03 -18.88
N SER G 330 -23.24 -56.33 -19.98
CA SER G 330 -22.16 -55.57 -20.60
C SER G 330 -22.35 -54.08 -20.37
N THR G 331 -23.42 -53.73 -19.65
CA THR G 331 -23.60 -52.35 -19.25
C THR G 331 -22.65 -51.98 -18.09
N ASP G 332 -22.00 -50.83 -18.21
CA ASP G 332 -21.14 -50.36 -17.14
C ASP G 332 -21.98 -49.58 -16.17
N LEU G 333 -22.70 -48.60 -16.71
CA LEU G 333 -23.42 -47.62 -15.93
C LEU G 333 -24.93 -47.74 -16.15
N GLY G 334 -25.66 -48.08 -15.09
CA GLY G 334 -27.12 -48.15 -15.11
C GLY G 334 -27.73 -46.79 -14.85
N THR G 335 -28.94 -46.76 -14.26
CA THR G 335 -29.64 -45.50 -14.05
C THR G 335 -29.30 -44.96 -12.69
N VAL G 336 -29.78 -43.76 -12.37
CA VAL G 336 -29.80 -43.31 -10.99
C VAL G 336 -31.16 -43.70 -10.37
N ILE G 337 -31.39 -43.31 -9.13
CA ILE G 337 -32.50 -43.86 -8.34
C ILE G 337 -33.87 -43.60 -8.99
N HIS G 338 -33.99 -42.42 -9.61
CA HIS G 338 -35.22 -42.09 -10.37
C HIS G 338 -35.06 -40.89 -11.33
N GLU G 339 -36.10 -40.65 -12.12
CA GLU G 339 -36.10 -39.62 -13.18
C GLU G 339 -35.93 -38.21 -12.61
N LYS G 340 -36.63 -37.94 -11.51
CA LYS G 340 -36.52 -36.63 -10.88
C LYS G 340 -35.08 -36.30 -10.48
N ALA G 341 -34.37 -37.28 -9.90
CA ALA G 341 -32.97 -37.08 -9.53
C ALA G 341 -32.12 -36.83 -10.79
N ALA G 342 -32.30 -37.66 -11.81
CA ALA G 342 -31.53 -37.52 -13.03
C ALA G 342 -31.74 -36.12 -13.63
N ALA G 343 -32.99 -35.65 -13.61
CA ALA G 343 -33.32 -34.36 -14.17
C ALA G 343 -32.65 -33.26 -13.37
N LEU G 344 -32.71 -33.37 -12.06
CA LEU G 344 -32.08 -32.36 -11.22
C LEU G 344 -30.58 -32.23 -11.57
N PHE G 345 -29.92 -33.38 -11.73
CA PHE G 345 -28.47 -33.38 -11.93
C PHE G 345 -28.16 -32.73 -13.27
N GLU G 346 -28.97 -33.06 -14.28
CA GLU G 346 -28.82 -32.46 -15.61
C GLU G 346 -29.02 -30.96 -15.53
N GLU G 347 -30.02 -30.53 -14.77
CA GLU G 347 -30.22 -29.10 -14.57
C GLU G 347 -28.98 -28.42 -14.02
N ARG G 348 -28.37 -29.02 -13.02
CA ARG G 348 -27.15 -28.45 -12.43
C ARG G 348 -26.02 -28.35 -13.47
N VAL G 349 -25.94 -29.33 -14.37
CA VAL G 349 -24.93 -29.28 -15.41
C VAL G 349 -25.18 -28.08 -16.33
N MET G 350 -26.43 -27.92 -16.77
CA MET G 350 -26.79 -26.82 -17.65
C MET G 350 -26.54 -25.48 -16.98
N ARG G 351 -26.98 -25.35 -15.73
CA ARG G 351 -26.80 -24.12 -15.00
C ARG G 351 -25.30 -23.76 -14.91
N ALA G 352 -24.46 -24.78 -14.79
CA ALA G 352 -23.03 -24.57 -14.63
C ALA G 352 -22.41 -24.10 -15.94
N ALA G 353 -22.88 -24.67 -17.04
CA ALA G 353 -22.47 -24.23 -18.37
C ALA G 353 -22.86 -22.75 -18.63
N GLU G 354 -24.01 -22.32 -18.11
CA GLU G 354 -24.43 -20.93 -18.27
C GLU G 354 -23.52 -20.01 -17.49
N GLU G 355 -22.81 -20.61 -16.54
CA GLU G 355 -21.95 -19.83 -15.66
C GLU G 355 -20.49 -19.92 -16.12
N GLY G 356 -20.29 -20.56 -17.28
CA GLY G 356 -18.96 -20.66 -17.87
C GLY G 356 -18.38 -22.07 -18.08
N ALA G 357 -19.06 -23.09 -17.58
CA ALA G 357 -18.54 -24.45 -17.69
C ALA G 357 -18.58 -24.90 -19.15
N ASP G 358 -17.78 -25.91 -19.47
CA ASP G 358 -17.69 -26.38 -20.84
C ASP G 358 -18.07 -27.85 -20.91
N ILE G 359 -19.27 -28.12 -21.39
CA ILE G 359 -19.73 -29.48 -21.55
C ILE G 359 -18.99 -30.14 -22.71
N LEU G 360 -18.26 -31.22 -22.43
CA LEU G 360 -17.48 -31.91 -23.46
C LEU G 360 -18.12 -33.19 -23.96
N TYR G 361 -19.04 -33.73 -23.18
CA TYR G 361 -19.68 -35.00 -23.52
C TYR G 361 -21.02 -35.10 -22.79
N HIS G 362 -22.08 -35.26 -23.57
CA HIS G 362 -23.42 -35.35 -23.03
C HIS G 362 -24.32 -35.93 -24.11
N PRO G 363 -24.33 -37.26 -24.23
CA PRO G 363 -25.14 -37.96 -25.23
C PRO G 363 -26.65 -37.84 -24.98
N GLY G 364 -27.03 -37.13 -23.92
CA GLY G 364 -28.45 -36.91 -23.68
C GLY G 364 -29.08 -37.89 -22.71
N ARG G 365 -29.89 -37.35 -21.82
CA ARG G 365 -30.53 -38.11 -20.77
C ARG G 365 -31.77 -38.82 -21.29
N SER G 366 -32.04 -39.99 -20.72
CA SER G 366 -33.22 -40.77 -21.06
C SER G 366 -33.93 -41.27 -19.78
N GLY G 367 -34.86 -40.48 -19.25
CA GLY G 367 -35.57 -40.84 -18.03
C GLY G 367 -34.61 -40.81 -16.85
N ALA G 368 -34.48 -41.94 -16.17
CA ALA G 368 -33.54 -42.04 -15.04
C ALA G 368 -32.12 -42.32 -15.53
N LEU G 369 -31.97 -42.68 -16.81
CA LEU G 369 -30.66 -43.01 -17.34
C LEU G 369 -29.85 -41.77 -17.66
N LEU G 370 -28.81 -41.54 -16.87
CA LEU G 370 -27.93 -40.40 -17.11
C LEU G 370 -26.64 -40.96 -17.68
N PRO G 371 -26.16 -40.36 -18.78
CA PRO G 371 -24.85 -40.77 -19.31
C PRO G 371 -23.75 -40.16 -18.41
N PRO G 372 -22.50 -40.62 -18.55
CA PRO G 372 -21.38 -40.07 -17.79
C PRO G 372 -20.91 -38.73 -18.35
N ILE G 373 -21.74 -37.70 -18.18
CA ILE G 373 -21.47 -36.35 -18.70
C ILE G 373 -20.13 -35.78 -18.19
N VAL G 374 -19.29 -35.35 -19.12
CA VAL G 374 -18.03 -34.69 -18.78
C VAL G 374 -18.16 -33.19 -18.93
N VAL G 375 -17.89 -32.47 -17.85
CA VAL G 375 -17.96 -31.00 -17.85
C VAL G 375 -16.65 -30.44 -17.35
N ASP G 376 -16.05 -29.52 -18.11
CA ASP G 376 -14.77 -28.91 -17.74
C ASP G 376 -14.99 -27.46 -17.28
N ARG G 377 -13.96 -26.86 -16.68
CA ARG G 377 -14.05 -25.46 -16.23
C ARG G 377 -15.27 -25.17 -15.36
N VAL G 378 -15.67 -26.15 -14.54
CA VAL G 378 -16.75 -25.95 -13.60
C VAL G 378 -16.39 -24.91 -12.53
N PRO G 379 -17.22 -23.86 -12.38
CA PRO G 379 -17.07 -22.90 -11.27
C PRO G 379 -17.28 -23.62 -9.92
N HIS G 380 -16.38 -23.39 -8.97
CA HIS G 380 -16.42 -24.14 -7.71
C HIS G 380 -17.63 -23.78 -6.86
N GLN G 381 -18.22 -22.61 -7.09
CA GLN G 381 -19.41 -22.23 -6.33
C GLN G 381 -20.72 -22.55 -7.07
N SER G 382 -20.63 -23.13 -8.25
CA SER G 382 -21.85 -23.53 -8.96
C SER G 382 -22.50 -24.71 -8.23
N ASP G 383 -23.81 -24.88 -8.42
CA ASP G 383 -24.57 -25.86 -7.66
C ASP G 383 -24.10 -27.29 -7.90
N LEU G 384 -23.70 -27.55 -9.15
CA LEU G 384 -23.23 -28.87 -9.54
C LEU G 384 -22.16 -29.44 -8.58
N VAL G 385 -21.23 -28.61 -8.11
CA VAL G 385 -20.14 -29.10 -7.24
C VAL G 385 -20.15 -28.57 -5.79
N LEU G 386 -20.96 -27.55 -5.53
CA LEU G 386 -21.02 -26.94 -4.22
C LEU G 386 -22.02 -27.70 -3.37
N GLU G 387 -23.14 -28.06 -3.97
CA GLU G 387 -24.07 -29.02 -3.35
C GLU G 387 -23.58 -30.41 -3.70
N GLU G 388 -24.09 -31.42 -2.99
CA GLU G 388 -23.81 -32.82 -3.34
C GLU G 388 -24.68 -33.28 -4.55
N THR G 389 -24.02 -33.69 -5.64
CA THR G 389 -24.70 -34.18 -6.85
C THR G 389 -24.52 -35.69 -7.03
N PHE G 390 -25.55 -36.44 -6.68
CA PHE G 390 -25.47 -37.87 -6.41
C PHE G 390 -25.67 -38.67 -7.66
N GLY G 391 -24.98 -38.29 -8.72
CA GLY G 391 -25.10 -38.97 -10.02
C GLY G 391 -23.76 -39.08 -10.71
N PRO G 392 -23.75 -39.73 -11.87
CA PRO G 392 -22.49 -40.04 -12.56
C PRO G 392 -21.93 -38.90 -13.40
N ILE G 393 -22.06 -37.67 -12.92
CA ILE G 393 -21.37 -36.54 -13.53
C ILE G 393 -19.83 -36.58 -13.27
N ILE G 394 -19.07 -36.17 -14.28
CA ILE G 394 -17.61 -36.09 -14.20
C ILE G 394 -17.21 -34.65 -14.36
N PRO G 395 -17.22 -33.89 -13.26
CA PRO G 395 -16.98 -32.44 -13.30
C PRO G 395 -15.55 -32.04 -12.92
N ILE G 396 -14.82 -31.44 -13.84
CA ILE G 396 -13.46 -30.98 -13.55
C ILE G 396 -13.45 -29.49 -13.19
N VAL G 397 -13.07 -29.17 -11.96
CA VAL G 397 -12.83 -27.81 -11.49
C VAL G 397 -11.33 -27.49 -11.62
N ARG G 398 -11.00 -26.48 -12.39
CA ARG G 398 -9.61 -26.09 -12.57
C ARG G 398 -9.20 -25.26 -11.39
N VAL G 399 -8.08 -25.65 -10.76
CA VAL G 399 -7.66 -24.97 -9.52
C VAL G 399 -6.21 -24.48 -9.68
N PRO G 400 -5.80 -23.53 -8.83
CA PRO G 400 -4.47 -22.95 -9.00
C PRO G 400 -3.36 -23.97 -8.81
N ASP G 401 -2.21 -23.67 -9.42
CA ASP G 401 -1.00 -24.42 -9.17
C ASP G 401 -0.42 -23.92 -7.84
N ASP G 402 -1.22 -24.02 -6.79
CA ASP G 402 -0.81 -23.60 -5.46
C ASP G 402 -1.55 -24.49 -4.48
N ASP G 403 -0.80 -25.20 -3.65
CA ASP G 403 -1.41 -26.18 -2.78
C ASP G 403 -2.29 -25.55 -1.71
N ASP G 404 -1.82 -24.46 -1.12
CA ASP G 404 -2.62 -23.78 -0.12
C ASP G 404 -3.97 -23.38 -0.66
N ALA G 405 -3.99 -22.79 -1.86
CA ALA G 405 -5.25 -22.38 -2.47
C ALA G 405 -6.12 -23.60 -2.82
N THR G 406 -5.48 -24.66 -3.33
CA THR G 406 -6.19 -25.89 -3.63
C THR G 406 -6.82 -26.50 -2.38
N ILE G 407 -6.07 -26.56 -1.28
CA ILE G 407 -6.60 -27.10 -0.02
C ILE G 407 -7.80 -26.28 0.52
N THR G 408 -7.66 -24.95 0.51
CA THR G 408 -8.74 -24.05 0.92
C THR G 408 -9.99 -24.27 0.08
N LEU G 409 -9.80 -24.35 -1.23
CA LEU G 409 -10.88 -24.66 -2.12
C LEU G 409 -11.50 -26.03 -1.79
N SER G 410 -10.65 -27.04 -1.58
CA SER G 410 -11.16 -28.38 -1.32
C SER G 410 -12.01 -28.38 -0.05
N ASN G 411 -11.58 -27.61 0.94
CA ASN G 411 -12.27 -27.57 2.24
C ASN G 411 -13.46 -26.63 2.27
N SER G 412 -13.79 -26.03 1.13
CA SER G 412 -14.74 -24.92 1.15
C SER G 412 -16.22 -25.33 1.11
N THR G 413 -16.52 -26.62 1.17
CA THR G 413 -17.93 -27.02 1.19
C THR G 413 -18.39 -27.32 2.60
N ALA G 414 -19.67 -27.65 2.74
CA ALA G 414 -20.23 -28.04 4.04
C ALA G 414 -19.85 -29.49 4.42
N PHE G 415 -19.24 -30.21 3.48
CA PHE G 415 -18.90 -31.61 3.72
C PHE G 415 -17.44 -31.89 4.08
N GLY G 416 -17.20 -33.07 4.65
CA GLY G 416 -15.86 -33.52 4.96
C GLY G 416 -15.82 -35.01 5.22
N LEU G 417 -15.78 -35.83 4.17
CA LEU G 417 -15.88 -37.26 4.37
C LEU G 417 -14.56 -37.90 3.93
N SER G 418 -14.38 -38.06 2.64
CA SER G 418 -13.15 -38.68 2.15
C SER G 418 -12.54 -37.79 1.06
N SER G 419 -11.45 -38.25 0.47
CA SER G 419 -10.75 -37.51 -0.61
C SER G 419 -9.71 -38.40 -1.20
N GLY G 420 -9.32 -38.12 -2.45
CA GLY G 420 -8.23 -38.81 -3.11
C GLY G 420 -7.24 -37.75 -3.61
N VAL G 421 -5.94 -38.07 -3.61
CA VAL G 421 -4.92 -37.10 -4.08
C VAL G 421 -3.94 -37.86 -4.93
N CYS G 422 -3.71 -37.39 -6.14
CA CYS G 422 -2.75 -38.03 -7.02
C CYS G 422 -1.51 -37.17 -7.17
N THR G 423 -0.39 -37.67 -6.64
CA THR G 423 0.89 -36.96 -6.71
C THR G 423 1.97 -37.98 -6.38
N ASN G 424 3.22 -37.68 -6.73
CA ASN G 424 4.33 -38.51 -6.30
C ASN G 424 5.29 -37.78 -5.36
N ASP G 425 4.98 -36.53 -5.02
CA ASP G 425 5.84 -35.71 -4.22
C ASP G 425 5.42 -36.01 -2.78
N TYR G 426 6.27 -36.68 -1.99
CA TYR G 426 5.93 -36.98 -0.60
C TYR G 426 5.55 -35.73 0.22
N ARG G 427 6.34 -34.68 0.08
CA ARG G 427 6.12 -33.47 0.87
C ARG G 427 4.68 -32.97 0.66
N ARG G 428 4.22 -33.03 -0.58
CA ARG G 428 2.88 -32.54 -0.90
C ARG G 428 1.82 -33.51 -0.39
N MET G 429 2.07 -34.79 -0.58
CA MET G 429 1.24 -35.82 0.01
C MET G 429 0.94 -35.51 1.45
N GLN G 430 1.99 -35.29 2.24
CA GLN G 430 1.73 -35.19 3.67
C GLN G 430 1.08 -33.86 3.96
N LYS G 431 1.33 -32.85 3.13
CA LYS G 431 0.63 -31.54 3.31
C LYS G 431 -0.91 -31.69 3.11
N TYR G 432 -1.33 -32.44 2.10
CA TYR G 432 -2.73 -32.68 1.87
C TYR G 432 -3.34 -33.59 2.96
N ILE G 433 -2.60 -34.62 3.37
CA ILE G 433 -3.07 -35.51 4.42
C ILE G 433 -3.33 -34.70 5.66
N ALA G 434 -2.41 -33.82 6.00
CA ALA G 434 -2.61 -32.98 7.20
C ALA G 434 -3.67 -31.89 7.02
N GLY G 435 -3.81 -31.37 5.80
CA GLY G 435 -4.58 -30.14 5.55
C GLY G 435 -6.05 -30.30 5.15
N LEU G 436 -6.37 -31.42 4.51
CA LEU G 436 -7.75 -31.64 4.07
C LEU G 436 -8.62 -31.93 5.28
N LYS G 437 -9.77 -31.26 5.34
CA LYS G 437 -10.62 -31.41 6.52
C LYS G 437 -11.64 -32.51 6.26
N VAL G 438 -11.22 -33.76 6.46
CA VAL G 438 -12.02 -34.92 6.04
C VAL G 438 -11.73 -36.09 6.99
N GLY G 439 -12.51 -37.15 6.94
CA GLY G 439 -12.17 -38.33 7.73
C GLY G 439 -11.12 -39.25 7.10
N THR G 440 -10.91 -39.16 5.79
CA THR G 440 -10.02 -40.05 5.07
C THR G 440 -9.33 -39.32 3.90
N VAL G 441 -8.04 -39.57 3.73
CA VAL G 441 -7.31 -39.08 2.57
C VAL G 441 -6.60 -40.26 1.92
N ASN G 442 -7.03 -40.63 0.72
CA ASN G 442 -6.39 -41.71 -0.04
C ASN G 442 -5.38 -41.17 -1.07
N ILE G 443 -4.13 -41.64 -0.97
CA ILE G 443 -3.13 -41.23 -1.93
C ILE G 443 -3.21 -42.20 -3.08
N TRP G 444 -3.43 -41.66 -4.27
CA TRP G 444 -3.49 -42.48 -5.47
C TRP G 444 -4.62 -43.51 -5.41
N GLU G 445 -5.75 -43.11 -4.83
CA GLU G 445 -6.97 -43.91 -4.92
C GLU G 445 -8.19 -42.98 -4.88
N VAL G 446 -9.36 -43.51 -5.25
CA VAL G 446 -10.56 -42.71 -5.17
C VAL G 446 -10.91 -42.46 -3.69
N PRO G 447 -11.65 -41.40 -3.41
CA PRO G 447 -12.05 -41.14 -2.02
C PRO G 447 -12.86 -42.32 -1.48
N GLY G 448 -13.46 -43.08 -2.38
CA GLY G 448 -14.33 -44.16 -1.97
C GLY G 448 -13.59 -45.39 -1.47
N TYR G 449 -12.28 -45.43 -1.69
CA TYR G 449 -11.56 -46.64 -1.31
C TYR G 449 -11.42 -46.82 0.19
N ARG G 450 -11.81 -48.00 0.68
CA ARG G 450 -11.60 -48.37 2.08
C ARG G 450 -11.72 -49.89 2.17
N ILE G 451 -11.30 -50.48 3.29
CA ILE G 451 -11.64 -51.89 3.51
C ILE G 451 -12.89 -51.89 4.43
N GLU G 452 -13.63 -52.97 4.49
CA GLU G 452 -14.91 -52.92 5.20
C GLU G 452 -14.71 -52.82 6.69
N MET G 453 -13.47 -52.97 7.16
CA MET G 453 -13.25 -52.91 8.61
C MET G 453 -12.34 -51.75 9.12
N SER G 454 -11.96 -50.82 8.23
CA SER G 454 -11.18 -49.67 8.67
C SER G 454 -12.12 -48.57 9.19
N PRO G 455 -11.61 -47.69 10.06
CA PRO G 455 -12.50 -46.63 10.61
C PRO G 455 -13.04 -45.76 9.51
N PHE G 456 -14.36 -45.63 9.48
CA PHE G 456 -14.98 -44.84 8.42
C PHE G 456 -15.93 -43.80 9.02
N GLY G 457 -15.81 -42.56 8.55
CA GLY G 457 -16.72 -41.53 9.02
C GLY G 457 -16.21 -40.12 8.75
N GLY G 458 -17.14 -39.18 8.58
CA GLY G 458 -16.76 -37.82 8.24
C GLY G 458 -16.95 -36.82 9.36
N ILE G 459 -16.64 -35.57 9.06
CA ILE G 459 -16.86 -34.48 10.01
C ILE G 459 -17.73 -33.42 9.31
N LYS G 460 -17.90 -32.26 9.94
CA LYS G 460 -18.76 -31.22 9.39
C LYS G 460 -20.17 -31.81 9.11
N ASP G 461 -20.75 -31.54 7.95
CA ASP G 461 -22.07 -32.06 7.65
C ASP G 461 -22.09 -33.52 7.18
N SER G 462 -20.90 -34.12 7.06
CA SER G 462 -20.82 -35.50 6.55
C SER G 462 -21.19 -36.54 7.60
N GLY G 463 -21.12 -36.17 8.88
CA GLY G 463 -21.45 -37.10 9.93
C GLY G 463 -21.35 -36.41 11.29
N ASN G 464 -21.95 -37.02 12.30
CA ASN G 464 -21.96 -36.45 13.65
C ASN G 464 -20.72 -36.80 14.45
N GLY G 465 -19.74 -37.44 13.82
CA GLY G 465 -18.41 -37.56 14.41
C GLY G 465 -18.06 -38.90 15.03
N TYR G 466 -18.83 -39.93 14.72
CA TYR G 466 -18.50 -41.28 15.23
C TYR G 466 -18.07 -42.18 14.08
N LYS G 467 -17.08 -43.04 14.33
CA LYS G 467 -16.62 -43.91 13.24
C LYS G 467 -17.47 -45.14 13.08
N GLU G 468 -17.47 -45.63 11.84
CA GLU G 468 -18.21 -46.82 11.42
C GLU G 468 -17.18 -47.81 10.80
N GLY G 469 -17.67 -48.78 10.01
CA GLY G 469 -16.81 -49.85 9.55
C GLY G 469 -16.98 -50.95 10.56
N VAL G 470 -16.61 -52.19 10.18
CA VAL G 470 -16.96 -53.34 11.01
C VAL G 470 -16.41 -53.26 12.41
N ILE G 471 -15.15 -52.84 12.54
CA ILE G 471 -14.52 -52.83 13.88
C ILE G 471 -15.11 -51.74 14.78
N GLU G 472 -15.22 -50.51 14.28
CA GLU G 472 -15.71 -49.42 15.13
C GLU G 472 -17.23 -49.59 15.41
N ALA G 473 -17.94 -50.18 14.47
CA ALA G 473 -19.37 -50.45 14.69
C ALA G 473 -19.52 -51.44 15.84
N MET G 474 -18.71 -52.49 15.86
CA MET G 474 -18.78 -53.47 16.96
C MET G 474 -18.54 -52.81 18.32
N LYS G 475 -17.60 -51.87 18.38
CA LYS G 475 -17.28 -51.21 19.65
C LYS G 475 -18.47 -50.33 20.04
N SER G 476 -19.02 -49.71 19.02
CA SER G 476 -20.07 -48.72 19.17
C SER G 476 -21.37 -49.36 19.65
N PHE G 477 -21.59 -50.62 19.27
CA PHE G 477 -22.80 -51.35 19.59
C PHE G 477 -22.70 -52.03 20.95
N THR G 478 -21.72 -51.63 21.77
CA THR G 478 -21.56 -52.26 23.08
C THR G 478 -21.35 -51.23 24.17
N ASN G 479 -21.54 -51.67 25.41
CA ASN G 479 -21.14 -50.84 26.56
C ASN G 479 -19.94 -51.49 27.16
N VAL G 480 -18.96 -50.68 27.53
CA VAL G 480 -17.81 -51.20 28.23
C VAL G 480 -18.15 -51.26 29.74
N LYS G 481 -17.92 -52.42 30.35
CA LYS G 481 -18.06 -52.56 31.79
C LYS G 481 -16.69 -52.87 32.37
N THR G 482 -16.32 -52.20 33.46
CA THR G 482 -15.03 -52.45 34.10
C THR G 482 -15.29 -53.19 35.39
N PHE G 483 -14.33 -53.98 35.87
CA PHE G 483 -14.46 -54.56 37.20
C PHE G 483 -13.07 -54.57 37.78
N SER G 484 -12.96 -54.45 39.12
CA SER G 484 -11.66 -54.48 39.77
C SER G 484 -11.61 -55.58 40.79
N LEU G 485 -10.42 -56.16 40.95
CA LEU G 485 -10.21 -57.21 41.95
C LEU G 485 -9.02 -56.83 42.81
N PRO G 486 -9.08 -57.19 44.11
CA PRO G 486 -7.92 -57.00 44.99
C PRO G 486 -6.76 -57.78 44.39
N TRP G 487 -5.55 -57.23 44.45
CA TRP G 487 -4.41 -57.96 43.88
C TRP G 487 -3.16 -57.79 44.73
N HIS H 15 -14.06 -11.02 44.94
CA HIS H 15 -14.56 -10.59 43.63
C HIS H 15 -13.64 -10.98 42.47
N GLU H 16 -14.14 -11.86 41.60
CA GLU H 16 -13.33 -12.46 40.55
C GLU H 16 -13.99 -12.30 39.19
N PRO H 17 -13.26 -11.67 38.26
CA PRO H 17 -13.75 -11.53 36.87
C PRO H 17 -13.67 -12.88 36.13
N MET H 18 -14.40 -13.00 35.02
CA MET H 18 -14.24 -14.13 34.11
C MET H 18 -12.81 -14.14 33.55
N ARG H 19 -12.32 -15.32 33.15
CA ARG H 19 -11.06 -15.42 32.40
C ARG H 19 -11.41 -15.79 30.96
N ILE H 20 -11.31 -14.81 30.07
CA ILE H 20 -11.62 -15.09 28.66
C ILE H 20 -10.33 -15.02 27.87
N ALA H 21 -9.79 -16.19 27.51
CA ALA H 21 -8.50 -16.29 26.83
C ALA H 21 -7.46 -15.45 27.56
N GLY H 22 -7.41 -15.60 28.88
CA GLY H 22 -6.35 -14.95 29.66
C GLY H 22 -6.64 -13.50 30.03
N ARG H 23 -7.69 -12.91 29.46
CA ARG H 23 -8.13 -11.54 29.83
C ARG H 23 -9.16 -11.58 30.98
N LEU H 24 -9.03 -10.66 31.94
CA LEU H 24 -10.06 -10.51 32.98
C LEU H 24 -11.25 -9.74 32.42
N VAL H 25 -12.44 -10.33 32.47
CA VAL H 25 -13.61 -9.68 31.87
C VAL H 25 -14.74 -9.62 32.89
N ASP H 26 -15.25 -8.40 33.09
CA ASP H 26 -16.20 -8.10 34.16
C ASP H 26 -17.55 -7.65 33.62
N THR H 27 -18.59 -7.81 34.46
CA THR H 27 -19.89 -7.21 34.17
C THR H 27 -20.28 -6.35 35.39
N ASP H 28 -21.33 -5.55 35.20
CA ASP H 28 -21.88 -4.78 36.31
C ASP H 28 -22.57 -5.70 37.31
N ASP H 29 -23.49 -6.51 36.80
CA ASP H 29 -24.23 -7.42 37.66
C ASP H 29 -23.31 -8.50 38.18
N ARG H 30 -23.62 -9.00 39.37
CA ARG H 30 -22.77 -10.00 40.01
C ARG H 30 -23.59 -11.25 40.38
N VAL H 31 -22.89 -12.38 40.47
CA VAL H 31 -23.44 -13.58 41.08
C VAL H 31 -22.70 -13.72 42.41
N GLU H 32 -23.47 -13.86 43.50
CA GLU H 32 -22.87 -13.94 44.83
C GLU H 32 -22.64 -15.40 45.13
N VAL H 33 -21.47 -15.72 45.67
CA VAL H 33 -21.18 -17.09 46.04
C VAL H 33 -21.16 -17.15 47.54
N ARG H 34 -22.00 -18.03 48.11
CA ARG H 34 -22.09 -18.19 49.58
C ARG H 34 -21.48 -19.46 50.14
N TYR H 35 -20.81 -19.29 51.27
CA TYR H 35 -20.25 -20.39 52.08
C TYR H 35 -21.44 -21.10 52.77
N PRO H 36 -21.73 -22.37 52.38
CA PRO H 36 -22.90 -23.07 52.93
C PRO H 36 -22.83 -23.32 54.46
N TRP H 37 -21.63 -23.25 55.06
CA TRP H 37 -21.52 -23.41 56.50
C TRP H 37 -22.33 -22.34 57.28
N ASN H 38 -22.15 -21.05 56.94
CA ASN H 38 -22.83 -19.95 57.62
C ASN H 38 -23.63 -19.01 56.70
N ASP H 39 -23.77 -19.42 55.43
CA ASP H 39 -24.50 -18.65 54.42
C ASP H 39 -23.97 -17.23 54.17
N THR H 40 -22.72 -16.97 54.54
CA THR H 40 -22.13 -15.66 54.24
C THR H 40 -21.60 -15.61 52.80
N VAL H 41 -21.59 -14.40 52.21
CA VAL H 41 -20.98 -14.19 50.91
C VAL H 41 -19.46 -14.25 51.02
N VAL H 42 -18.85 -15.22 50.33
CA VAL H 42 -17.38 -15.33 50.38
C VAL H 42 -16.74 -14.81 49.08
N GLY H 43 -17.57 -14.62 48.03
CA GLY H 43 -17.04 -14.15 46.78
C GLY H 43 -18.12 -13.73 45.83
N THR H 44 -17.69 -13.16 44.71
CA THR H 44 -18.60 -12.74 43.65
C THR H 44 -17.97 -12.99 42.26
N VAL H 45 -18.80 -13.22 41.25
CA VAL H 45 -18.29 -13.41 39.89
C VAL H 45 -19.29 -12.79 38.95
N PRO H 46 -18.86 -12.50 37.72
CA PRO H 46 -19.76 -11.78 36.82
C PRO H 46 -21.01 -12.56 36.42
N ALA H 47 -22.11 -11.85 36.24
CA ALA H 47 -23.29 -12.43 35.63
C ALA H 47 -23.06 -12.34 34.11
N GLY H 48 -22.23 -13.24 33.58
CA GLY H 48 -21.89 -13.15 32.17
C GLY H 48 -23.12 -13.37 31.31
N ARG H 49 -23.02 -12.96 30.05
CA ARG H 49 -24.13 -13.19 29.12
C ARG H 49 -23.67 -13.90 27.84
N ALA H 50 -24.63 -14.26 26.98
CA ALA H 50 -24.37 -15.09 25.81
C ALA H 50 -23.16 -14.56 25.08
N GLU H 51 -23.11 -13.24 24.96
CA GLU H 51 -22.10 -12.56 24.17
C GLU H 51 -20.69 -12.86 24.67
N HIS H 52 -20.53 -13.04 25.99
CA HIS H 52 -19.23 -13.40 26.57
C HIS H 52 -18.84 -14.84 26.12
N ALA H 53 -19.78 -15.77 26.24
CA ALA H 53 -19.54 -17.15 25.82
C ALA H 53 -19.18 -17.07 24.34
N ARG H 54 -19.96 -16.27 23.61
CA ARG H 54 -19.82 -16.18 22.15
C ARG H 54 -18.42 -15.73 21.78
N GLU H 55 -17.90 -14.78 22.54
CA GLU H 55 -16.57 -14.27 22.29
C GLU H 55 -15.52 -15.32 22.63
N ALA H 56 -15.73 -16.03 23.74
CA ALA H 56 -14.77 -17.06 24.14
C ALA H 56 -14.71 -18.14 23.06
N PHE H 57 -15.86 -18.52 22.54
CA PHE H 57 -15.89 -19.56 21.53
C PHE H 57 -15.24 -19.07 20.22
N ALA H 58 -15.40 -17.79 19.88
CA ALA H 58 -14.83 -17.30 18.62
C ALA H 58 -13.30 -17.30 18.69
N ILE H 59 -12.77 -16.89 19.85
CA ILE H 59 -11.34 -16.97 20.09
C ILE H 59 -10.84 -18.43 20.06
N ALA H 60 -11.61 -19.35 20.67
CA ALA H 60 -11.24 -20.77 20.69
C ALA H 60 -11.19 -21.30 19.28
N ALA H 61 -12.22 -21.01 18.49
CA ALA H 61 -12.30 -21.51 17.13
C ALA H 61 -11.16 -20.99 16.27
N ALA H 62 -10.80 -19.71 16.43
CA ALA H 62 -9.82 -19.09 15.55
C ALA H 62 -8.40 -19.51 15.88
N TYR H 63 -8.15 -19.85 17.13
CA TYR H 63 -6.80 -20.27 17.51
C TYR H 63 -6.50 -21.76 17.14
N GLN H 64 -5.34 -22.01 16.53
CA GLN H 64 -4.96 -23.36 16.13
C GLN H 64 -3.71 -23.76 16.91
N PRO H 65 -3.89 -24.52 18.02
CA PRO H 65 -2.74 -24.85 18.88
C PRO H 65 -1.66 -25.59 18.08
N LYS H 66 -0.41 -25.25 18.36
CA LYS H 66 0.73 -25.89 17.70
C LYS H 66 1.69 -26.55 18.69
N LEU H 67 1.24 -26.71 19.93
CA LEU H 67 2.11 -27.29 20.96
C LEU H 67 2.55 -28.71 20.59
N THR H 68 3.83 -29.00 20.76
CA THR H 68 4.32 -30.37 20.58
C THR H 68 3.77 -31.20 21.72
N ARG H 69 3.87 -32.51 21.63
CA ARG H 69 3.47 -33.36 22.75
C ARG H 69 4.34 -33.03 23.96
N TYR H 70 5.63 -32.78 23.72
CA TYR H 70 6.50 -32.39 24.82
C TYR H 70 6.01 -31.10 25.54
N GLU H 71 5.66 -30.06 24.78
CA GLU H 71 5.16 -28.81 25.37
C GLU H 71 3.84 -29.03 26.15
N ARG H 72 2.95 -29.82 25.59
CA ARG H 72 1.73 -30.16 26.30
C ARG H 72 2.06 -30.85 27.62
N GLN H 73 2.89 -31.88 27.55
CA GLN H 73 3.31 -32.58 28.77
C GLN H 73 3.87 -31.61 29.82
N LYS H 74 4.73 -30.71 29.38
CA LYS H 74 5.42 -29.77 30.27
C LYS H 74 4.42 -28.81 30.96
N ILE H 75 3.44 -28.33 30.21
CA ILE H 75 2.35 -27.53 30.80
C ILE H 75 1.52 -28.32 31.85
N LEU H 76 1.02 -29.49 31.45
CA LEU H 76 0.23 -30.35 32.33
C LEU H 76 0.99 -30.76 33.59
N LEU H 77 2.28 -31.09 33.47
CA LEU H 77 3.02 -31.52 34.62
C LEU H 77 3.32 -30.33 35.54
N ALA H 78 3.58 -29.16 34.94
CA ALA H 78 3.79 -27.94 35.70
C ALA H 78 2.50 -27.58 36.43
N THR H 79 1.34 -27.76 35.78
CA THR H 79 0.06 -27.52 36.45
C THR H 79 -0.10 -28.46 37.67
N ALA H 80 0.32 -29.72 37.50
CA ALA H 80 0.27 -30.65 38.63
C ALA H 80 1.13 -30.13 39.80
N GLU H 81 2.35 -29.71 39.52
CA GLU H 81 3.25 -29.20 40.58
C GLU H 81 2.65 -27.97 41.27
N ALA H 82 2.03 -27.08 40.51
CA ALA H 82 1.38 -25.93 41.09
C ALA H 82 0.22 -26.36 42.01
N LEU H 83 -0.57 -27.36 41.57
CA LEU H 83 -1.68 -27.84 42.39
C LEU H 83 -1.17 -28.36 43.72
N ALA H 84 -0.07 -29.10 43.68
CA ALA H 84 0.54 -29.61 44.91
C ALA H 84 1.06 -28.49 45.79
N ALA H 85 1.79 -27.55 45.19
CA ALA H 85 2.42 -26.49 45.95
C ALA H 85 1.38 -25.58 46.58
N ARG H 86 0.22 -25.41 45.94
CA ARG H 86 -0.84 -24.50 46.42
C ARG H 86 -2.07 -25.20 47.00
N LYS H 87 -1.87 -26.42 47.45
CA LYS H 87 -3.03 -27.25 47.77
C LYS H 87 -3.86 -26.66 48.90
N GLU H 88 -3.20 -26.10 49.92
CA GLU H 88 -3.93 -25.44 51.02
C GLU H 88 -4.81 -24.31 50.53
N GLU H 89 -4.21 -23.38 49.80
CA GLU H 89 -4.94 -22.28 49.21
C GLU H 89 -6.11 -22.79 48.36
N ILE H 90 -5.83 -23.77 47.50
CA ILE H 90 -6.86 -24.24 46.58
C ILE H 90 -7.98 -24.91 47.35
N SER H 91 -7.64 -25.84 48.24
CA SER H 91 -8.70 -26.46 49.08
C SER H 91 -9.54 -25.47 49.94
N ASP H 92 -8.90 -24.38 50.42
CA ASP H 92 -9.65 -23.33 51.11
C ASP H 92 -10.75 -22.84 50.18
N VAL H 93 -10.37 -22.53 48.94
CA VAL H 93 -11.34 -21.95 48.02
C VAL H 93 -12.48 -22.93 47.78
N ILE H 94 -12.14 -24.21 47.74
CA ILE H 94 -13.15 -25.25 47.44
C ILE H 94 -14.09 -25.37 48.64
N THR H 95 -13.50 -25.47 49.83
CA THR H 95 -14.28 -25.55 51.06
C THR H 95 -15.22 -24.37 51.27
N LEU H 96 -14.71 -23.15 51.07
CA LEU H 96 -15.49 -21.93 51.30
C LEU H 96 -16.63 -21.83 50.32
N GLU H 97 -16.48 -22.50 49.17
CA GLU H 97 -17.47 -22.45 48.10
C GLU H 97 -18.53 -23.54 48.20
N LEU H 98 -18.06 -24.75 48.54
CA LEU H 98 -18.87 -26.00 48.46
C LEU H 98 -19.30 -26.43 49.85
N GLY H 99 -18.37 -26.32 50.81
CA GLY H 99 -18.71 -26.53 52.20
C GLY H 99 -18.29 -27.88 52.71
N ILE H 100 -17.61 -28.64 51.83
CA ILE H 100 -17.03 -29.93 52.23
C ILE H 100 -15.85 -29.68 53.12
N SER H 101 -15.50 -30.66 53.93
CA SER H 101 -14.43 -30.53 54.89
C SER H 101 -13.16 -30.31 54.20
N LYS H 102 -12.20 -29.71 54.90
CA LYS H 102 -10.85 -29.55 54.35
C LYS H 102 -10.31 -30.91 53.97
N ALA H 103 -10.72 -31.94 54.71
CA ALA H 103 -10.14 -33.27 54.48
C ALA H 103 -10.57 -33.76 53.10
N ASP H 104 -11.84 -33.61 52.80
CA ASP H 104 -12.37 -33.86 51.50
C ASP H 104 -11.81 -32.92 50.38
N SER H 105 -11.68 -31.61 50.65
CA SER H 105 -11.18 -30.68 49.63
C SER H 105 -9.69 -30.88 49.37
N LEU H 106 -8.93 -31.19 50.41
CA LEU H 106 -7.52 -31.52 50.17
C LEU H 106 -7.48 -32.76 49.29
N TYR H 107 -8.33 -33.74 49.61
CA TYR H 107 -8.34 -34.96 48.84
C TYR H 107 -8.61 -34.61 47.38
N GLU H 108 -9.60 -33.74 47.15
CA GLU H 108 -9.96 -33.37 45.78
C GLU H 108 -8.75 -32.79 45.06
N VAL H 109 -7.88 -32.09 45.79
CA VAL H 109 -6.72 -31.49 45.14
C VAL H 109 -5.78 -32.60 44.73
N GLY H 110 -5.73 -33.64 45.54
CA GLY H 110 -4.86 -34.77 45.25
C GLY H 110 -5.35 -35.48 43.99
N ARG H 111 -6.67 -35.56 43.80
CA ARG H 111 -7.21 -36.17 42.61
C ARG H 111 -6.85 -35.33 41.36
N ALA H 112 -7.08 -34.01 41.41
CA ALA H 112 -6.76 -33.15 40.27
C ALA H 112 -5.28 -33.27 39.93
N PHE H 113 -4.47 -33.48 40.95
CA PHE H 113 -3.04 -33.62 40.78
C PHE H 113 -2.76 -34.90 39.96
N ASP H 114 -3.52 -35.97 40.26
CA ASP H 114 -3.45 -37.20 39.46
C ASP H 114 -3.94 -36.98 38.03
N VAL H 115 -5.08 -36.29 37.88
CA VAL H 115 -5.60 -36.03 36.56
C VAL H 115 -4.57 -35.36 35.66
N PHE H 116 -3.91 -34.31 36.17
CA PHE H 116 -2.98 -33.54 35.35
C PHE H 116 -1.73 -34.33 35.12
N THR H 117 -1.33 -35.07 36.14
CA THR H 117 -0.13 -35.90 36.02
C THR H 117 -0.33 -36.98 34.95
N LEU H 118 -1.40 -37.76 35.09
CA LEU H 118 -1.67 -38.83 34.14
C LEU H 118 -1.89 -38.25 32.71
N ALA H 119 -2.63 -37.14 32.60
CA ALA H 119 -2.85 -36.55 31.29
C ALA H 119 -1.49 -36.13 30.68
N GLY H 120 -0.61 -35.55 31.49
CA GLY H 120 0.70 -35.14 30.99
C GLY H 120 1.46 -36.37 30.47
N GLN H 121 1.45 -37.44 31.24
CA GLN H 121 2.18 -38.66 30.88
C GLN H 121 1.58 -39.35 29.63
N MET H 122 0.27 -39.24 29.44
CA MET H 122 -0.38 -39.82 28.26
C MET H 122 -0.04 -39.11 26.95
N CYS H 123 0.45 -37.88 27.03
CA CYS H 123 0.89 -37.12 25.84
C CYS H 123 1.92 -37.81 24.94
N ILE H 124 2.78 -38.62 25.53
CA ILE H 124 3.77 -39.32 24.75
C ILE H 124 3.17 -40.47 23.95
N ARG H 125 1.91 -40.82 24.23
CA ARG H 125 1.32 -42.05 23.66
C ARG H 125 0.55 -41.79 22.36
N ASP H 126 0.93 -42.50 21.30
CA ASP H 126 0.25 -42.39 19.99
C ASP H 126 -0.48 -43.72 19.71
N ASP H 127 -1.81 -43.69 19.72
CA ASP H 127 -2.60 -44.91 19.56
C ASP H 127 -2.98 -45.16 18.10
N GLY H 128 -2.22 -44.59 17.16
CA GLY H 128 -2.45 -44.85 15.74
C GLY H 128 -2.39 -46.33 15.37
N GLU H 129 -3.13 -46.71 14.34
CA GLU H 129 -3.13 -48.10 13.89
C GLU H 129 -2.77 -48.17 12.42
N ILE H 130 -2.44 -49.38 12.00
CA ILE H 130 -2.09 -49.61 10.60
C ILE H 130 -2.91 -50.80 10.13
N PHE H 131 -3.49 -50.69 8.94
CA PHE H 131 -4.19 -51.81 8.33
C PHE H 131 -3.55 -52.18 7.00
N SER H 132 -3.44 -53.48 6.76
CA SER H 132 -3.01 -53.99 5.46
C SER H 132 -4.27 -54.20 4.63
N CYS H 133 -4.20 -53.88 3.35
CA CYS H 133 -5.40 -53.91 2.50
C CYS H 133 -5.56 -55.15 1.58
N ASP H 134 -4.58 -56.05 1.57
CA ASP H 134 -4.59 -57.19 0.65
C ASP H 134 -5.31 -58.35 1.31
N LEU H 135 -6.53 -58.09 1.77
CA LEU H 135 -7.20 -58.95 2.73
C LEU H 135 -8.32 -59.82 2.15
N THR H 136 -8.87 -59.39 1.03
CA THR H 136 -10.00 -60.04 0.41
C THR H 136 -9.76 -60.07 -1.10
N PRO H 137 -10.73 -60.60 -1.86
CA PRO H 137 -10.66 -60.58 -3.34
C PRO H 137 -10.66 -59.16 -3.88
N HIS H 138 -11.25 -58.25 -3.10
CA HIS H 138 -11.18 -56.81 -3.40
C HIS H 138 -9.92 -56.12 -2.87
N GLY H 139 -8.92 -56.89 -2.42
CA GLY H 139 -7.71 -56.37 -1.80
C GLY H 139 -6.78 -55.58 -2.73
N LYS H 140 -5.97 -54.71 -2.13
CA LYS H 140 -4.99 -53.92 -2.87
C LYS H 140 -3.72 -53.90 -2.06
N ALA H 141 -2.60 -53.69 -2.76
CA ALA H 141 -1.28 -53.59 -2.13
C ALA H 141 -1.17 -52.18 -1.59
N ARG H 142 -1.61 -52.04 -0.35
CA ARG H 142 -1.80 -50.69 0.19
C ARG H 142 -1.92 -50.75 1.70
N LYS H 143 -1.49 -49.70 2.38
CA LYS H 143 -1.63 -49.66 3.84
C LYS H 143 -2.51 -48.49 4.20
N ILE H 144 -3.30 -48.67 5.26
CA ILE H 144 -4.08 -47.58 5.83
C ILE H 144 -3.53 -47.22 7.22
N PHE H 145 -3.45 -45.93 7.52
CA PHE H 145 -2.82 -45.47 8.76
C PHE H 145 -3.81 -44.55 9.42
N THR H 146 -3.77 -44.47 10.74
CA THR H 146 -4.68 -43.55 11.43
C THR H 146 -3.95 -42.54 12.30
N MET H 147 -4.52 -41.36 12.44
CA MET H 147 -3.97 -40.34 13.32
C MET H 147 -5.14 -39.55 13.90
N ARG H 148 -4.88 -38.74 14.91
CA ARG H 148 -5.91 -37.96 15.54
C ARG H 148 -5.67 -36.45 15.38
N GLU H 149 -6.76 -35.69 15.29
CA GLU H 149 -6.68 -34.23 15.19
C GLU H 149 -7.67 -33.64 16.15
N PRO H 150 -7.39 -32.42 16.61
CA PRO H 150 -8.27 -31.75 17.58
C PRO H 150 -9.54 -31.23 16.91
N LEU H 151 -10.49 -30.78 17.75
CA LEU H 151 -11.76 -30.23 17.30
C LEU H 151 -11.65 -28.71 17.18
N THR H 152 -12.71 -28.04 16.72
CA THR H 152 -12.68 -26.56 16.62
C THR H 152 -12.75 -25.93 18.01
N ALA H 153 -13.72 -26.36 18.81
CA ALA H 153 -13.83 -25.84 20.19
C ALA H 153 -14.65 -26.79 21.04
N ILE H 154 -14.27 -26.90 22.32
CA ILE H 154 -15.00 -27.78 23.22
C ILE H 154 -15.69 -26.95 24.29
N SER H 155 -16.91 -27.32 24.62
CA SER H 155 -17.73 -26.62 25.60
C SER H 155 -17.83 -27.55 26.82
N ALA H 156 -17.35 -27.06 27.96
CA ALA H 156 -17.39 -27.84 29.20
C ALA H 156 -18.30 -27.15 30.24
N ILE H 157 -19.26 -27.91 30.78
CA ILE H 157 -20.20 -27.42 31.78
C ILE H 157 -20.07 -28.37 32.96
N THR H 158 -19.64 -27.83 34.11
CA THR H 158 -19.32 -28.61 35.29
C THR H 158 -20.23 -28.37 36.50
N PRO H 159 -20.32 -29.38 37.40
CA PRO H 159 -21.29 -29.32 38.50
C PRO H 159 -20.60 -28.85 39.77
N PHE H 160 -21.36 -28.70 40.87
CA PHE H 160 -20.80 -28.18 42.12
C PHE H 160 -20.03 -29.18 42.94
N ASN H 161 -20.22 -30.48 42.71
CA ASN H 161 -19.66 -31.44 43.70
C ASN H 161 -18.14 -31.66 43.70
N HIS H 162 -17.50 -31.39 42.57
CA HIS H 162 -16.04 -31.37 42.55
C HIS H 162 -15.61 -30.10 41.79
N PRO H 163 -15.61 -28.95 42.46
CA PRO H 163 -15.37 -27.66 41.78
C PRO H 163 -13.99 -27.61 41.12
N LEU H 164 -13.04 -28.40 41.62
CA LEU H 164 -11.74 -28.50 40.99
C LEU H 164 -11.62 -29.71 40.04
N ASN H 165 -11.85 -30.92 40.57
CA ASN H 165 -11.58 -32.15 39.82
C ASN H 165 -12.42 -32.31 38.54
N MET H 166 -13.67 -31.81 38.54
CA MET H 166 -14.51 -31.94 37.38
C MET H 166 -14.00 -31.03 36.26
N VAL H 167 -13.38 -29.92 36.65
CA VAL H 167 -12.85 -29.00 35.64
C VAL H 167 -11.53 -29.61 35.12
N ALA H 168 -10.72 -30.12 36.04
CA ALA H 168 -9.52 -30.86 35.67
C ALA H 168 -9.79 -31.97 34.63
N HIS H 169 -10.79 -32.80 34.88
CA HIS H 169 -11.13 -33.89 33.97
C HIS H 169 -11.56 -33.46 32.58
N LYS H 170 -12.10 -32.24 32.45
CA LYS H 170 -12.53 -31.80 31.13
C LYS H 170 -11.44 -30.94 30.45
N VAL H 171 -10.64 -30.25 31.23
CA VAL H 171 -9.62 -29.37 30.66
C VAL H 171 -8.27 -30.07 30.35
N ALA H 172 -7.81 -30.93 31.27
CA ALA H 172 -6.54 -31.59 31.10
C ALA H 172 -6.45 -32.39 29.80
N PRO H 173 -7.49 -33.18 29.47
CA PRO H 173 -7.49 -33.95 28.21
C PRO H 173 -7.62 -33.05 26.96
N ALA H 174 -8.25 -31.91 27.12
CA ALA H 174 -8.39 -30.95 26.02
C ALA H 174 -7.00 -30.38 25.72
N ILE H 175 -6.30 -29.97 26.77
CA ILE H 175 -4.95 -29.44 26.58
C ILE H 175 -4.03 -30.49 25.97
N ALA H 176 -4.16 -31.74 26.45
CA ALA H 176 -3.30 -32.84 25.99
C ALA H 176 -3.51 -33.12 24.51
N THR H 177 -4.64 -32.74 23.96
CA THR H 177 -4.92 -33.03 22.59
C THR H 177 -5.00 -31.74 21.73
N ASN H 178 -4.48 -30.63 22.25
CA ASN H 178 -4.42 -29.37 21.45
C ASN H 178 -5.79 -28.86 21.07
N ASN H 179 -6.73 -29.04 21.98
CA ASN H 179 -8.07 -28.49 21.80
C ASN H 179 -8.14 -27.11 22.45
N CYS H 180 -9.16 -26.34 22.13
CA CYS H 180 -9.46 -25.12 22.87
C CYS H 180 -10.79 -25.32 23.59
N VAL H 181 -10.81 -25.07 24.91
CA VAL H 181 -12.03 -25.36 25.67
C VAL H 181 -12.56 -24.13 26.41
N VAL H 182 -13.88 -23.99 26.45
CA VAL H 182 -14.48 -22.94 27.24
C VAL H 182 -15.31 -23.60 28.33
N VAL H 183 -15.00 -23.27 29.59
CA VAL H 183 -15.69 -23.85 30.72
C VAL H 183 -16.73 -22.87 31.33
N LYS H 184 -17.95 -23.34 31.59
CA LYS H 184 -18.89 -22.61 32.43
C LYS H 184 -19.16 -23.45 33.67
N PRO H 185 -18.44 -23.16 34.76
CA PRO H 185 -18.76 -23.85 36.01
C PRO H 185 -20.15 -23.45 36.53
N THR H 186 -20.71 -24.25 37.43
CA THR H 186 -21.96 -23.88 38.10
C THR H 186 -21.79 -22.56 38.90
N GLU H 187 -22.85 -21.75 38.87
CA GLU H 187 -22.85 -20.48 39.63
C GLU H 187 -22.63 -20.69 41.13
N LEU H 188 -22.90 -21.90 41.63
CA LEU H 188 -22.72 -22.21 43.07
C LEU H 188 -21.29 -22.31 43.48
N THR H 189 -20.38 -22.72 42.58
CA THR H 189 -18.97 -22.94 42.94
C THR H 189 -18.01 -22.61 41.80
N PRO H 190 -18.10 -21.37 41.27
CA PRO H 190 -17.34 -20.92 40.08
C PRO H 190 -15.92 -20.51 40.36
N MET H 191 -15.59 -20.25 41.61
CA MET H 191 -14.30 -19.61 41.88
C MET H 191 -13.13 -20.53 41.70
N THR H 192 -13.33 -21.79 42.05
CA THR H 192 -12.23 -22.78 41.97
C THR H 192 -11.83 -22.89 40.49
N ALA H 193 -12.82 -22.84 39.58
CA ALA H 193 -12.55 -22.90 38.15
C ALA H 193 -11.72 -21.72 37.67
N LEU H 194 -12.13 -20.52 38.10
CA LEU H 194 -11.37 -19.30 37.77
C LEU H 194 -9.94 -19.40 38.26
N LEU H 195 -9.74 -19.92 39.45
CA LEU H 195 -8.39 -20.05 39.98
C LEU H 195 -7.60 -21.12 39.21
N LEU H 196 -8.27 -22.20 38.78
CA LEU H 196 -7.50 -23.21 38.04
C LEU H 196 -7.00 -22.56 36.72
N ALA H 197 -7.86 -21.78 36.08
CA ALA H 197 -7.50 -21.06 34.87
C ALA H 197 -6.22 -20.25 35.06
N ASP H 198 -6.11 -19.53 36.17
CA ASP H 198 -4.90 -18.74 36.43
C ASP H 198 -3.70 -19.63 36.54
N ILE H 199 -3.88 -20.76 37.21
CA ILE H 199 -2.73 -21.66 37.40
C ILE H 199 -2.27 -22.19 36.03
N LEU H 200 -3.24 -22.50 35.16
CA LEU H 200 -2.90 -22.99 33.80
C LEU H 200 -2.16 -21.91 32.96
N TYR H 201 -2.63 -20.66 33.01
CA TYR H 201 -1.95 -19.60 32.28
C TYR H 201 -0.53 -19.45 32.79
N GLU H 202 -0.39 -19.48 34.10
CA GLU H 202 0.91 -19.33 34.68
C GLU H 202 1.83 -20.49 34.31
N ALA H 203 1.26 -21.69 34.11
CA ALA H 203 2.06 -22.87 33.81
C ALA H 203 2.52 -22.90 32.33
N GLY H 204 2.03 -21.96 31.53
CA GLY H 204 2.48 -21.86 30.15
C GLY H 204 1.44 -22.13 29.08
N LEU H 205 0.21 -22.40 29.46
CA LEU H 205 -0.83 -22.63 28.47
C LEU H 205 -1.07 -21.40 27.61
N PRO H 206 -1.06 -21.56 26.28
CA PRO H 206 -1.54 -20.46 25.43
C PRO H 206 -2.97 -20.09 25.83
N PRO H 207 -3.18 -18.83 26.22
CA PRO H 207 -4.44 -18.41 26.85
C PRO H 207 -5.63 -18.67 25.95
N GLU H 208 -5.44 -18.62 24.62
CA GLU H 208 -6.57 -18.92 23.74
C GLU H 208 -7.16 -20.32 23.95
N MET H 209 -6.38 -21.21 24.57
CA MET H 209 -6.83 -22.59 24.72
C MET H 209 -7.83 -22.77 25.89
N LEU H 210 -7.94 -21.74 26.73
CA LEU H 210 -8.81 -21.85 27.88
C LEU H 210 -9.57 -20.56 28.22
N SER H 211 -10.90 -20.63 28.27
CA SER H 211 -11.72 -19.57 28.89
C SER H 211 -12.63 -20.16 29.97
N VAL H 212 -12.80 -19.41 31.06
CA VAL H 212 -13.79 -19.75 32.10
C VAL H 212 -14.81 -18.59 32.18
N VAL H 213 -16.03 -18.85 31.72
CA VAL H 213 -17.10 -17.84 31.81
C VAL H 213 -18.08 -18.22 32.94
N THR H 214 -18.74 -17.22 33.52
CA THR H 214 -19.70 -17.44 34.63
C THR H 214 -21.02 -16.71 34.37
N GLY H 215 -22.08 -17.16 35.03
CA GLY H 215 -23.36 -16.50 34.95
C GLY H 215 -24.51 -17.43 35.25
N TRP H 216 -25.71 -16.91 35.10
CA TRP H 216 -26.91 -17.66 35.36
C TRP H 216 -27.16 -18.51 34.15
N PRO H 217 -27.65 -19.73 34.37
CA PRO H 217 -27.94 -20.64 33.27
C PRO H 217 -28.91 -19.98 32.31
N ALA H 218 -29.80 -19.13 32.83
CA ALA H 218 -30.80 -18.52 31.95
C ALA H 218 -30.14 -17.65 30.92
N ASP H 219 -29.03 -16.97 31.27
CA ASP H 219 -28.36 -16.04 30.33
C ASP H 219 -27.31 -16.65 29.40
N ILE H 220 -26.45 -17.49 29.95
CA ILE H 220 -25.23 -17.89 29.25
C ILE H 220 -25.23 -19.39 28.96
N GLY H 221 -26.04 -20.14 29.73
CA GLY H 221 -26.12 -21.58 29.55
C GLY H 221 -26.47 -21.94 28.12
N MET H 222 -27.44 -21.26 27.51
CA MET H 222 -27.88 -21.74 26.18
C MET H 222 -26.76 -21.56 25.13
N GLU H 223 -25.97 -20.49 25.28
CA GLU H 223 -24.87 -20.22 24.34
C GLU H 223 -23.80 -21.33 24.41
N MET H 224 -23.53 -21.82 25.62
CA MET H 224 -22.65 -22.97 25.82
C MET H 224 -23.08 -24.22 25.06
N ILE H 225 -24.39 -24.33 24.79
CA ILE H 225 -24.98 -25.52 24.19
C ILE H 225 -25.13 -25.39 22.66
N THR H 226 -25.31 -24.17 22.18
CA THR H 226 -25.76 -23.97 20.80
C THR H 226 -24.80 -23.14 19.95
N ASN H 227 -23.76 -22.62 20.56
CA ASN H 227 -22.77 -21.89 19.78
C ASN H 227 -22.30 -22.72 18.60
N PRO H 228 -22.27 -22.11 17.41
CA PRO H 228 -21.96 -22.85 16.16
C PRO H 228 -20.51 -23.39 16.06
N HIS H 229 -19.59 -22.87 16.88
CA HIS H 229 -18.23 -23.33 16.80
C HIS H 229 -18.01 -24.60 17.63
N VAL H 230 -18.97 -24.92 18.49
CA VAL H 230 -18.79 -26.02 19.42
C VAL H 230 -18.96 -27.35 18.73
N ASP H 231 -17.88 -28.14 18.68
CA ASP H 231 -17.96 -29.49 18.10
C ASP H 231 -18.45 -30.49 19.12
N LEU H 232 -18.19 -30.20 20.39
CA LEU H 232 -18.47 -31.18 21.45
C LEU H 232 -18.85 -30.48 22.74
N VAL H 233 -19.95 -30.93 23.35
CA VAL H 233 -20.33 -30.50 24.68
C VAL H 233 -20.04 -31.61 25.70
N THR H 234 -19.28 -31.29 26.73
CA THR H 234 -19.05 -32.27 27.80
C THR H 234 -19.65 -31.76 29.10
N PHE H 235 -20.66 -32.47 29.59
CA PHE H 235 -21.43 -32.01 30.72
C PHE H 235 -21.49 -33.07 31.78
N THR H 236 -21.37 -32.63 33.03
CA THR H 236 -21.60 -33.48 34.21
C THR H 236 -22.55 -32.71 35.14
N GLY H 237 -23.67 -33.35 35.53
CA GLY H 237 -24.66 -32.74 36.39
C GLY H 237 -25.88 -33.63 36.56
N SER H 238 -27.06 -33.04 36.59
CA SER H 238 -28.27 -33.78 36.93
C SER H 238 -29.02 -34.28 35.69
N VAL H 239 -29.87 -35.30 35.88
CA VAL H 239 -30.64 -35.85 34.78
C VAL H 239 -31.48 -34.79 34.04
N PRO H 240 -32.31 -34.00 34.77
CA PRO H 240 -33.16 -33.02 34.07
C PRO H 240 -32.36 -32.01 33.22
N VAL H 241 -31.29 -31.48 33.80
CA VAL H 241 -30.45 -30.59 33.00
C VAL H 241 -29.76 -31.34 31.85
N GLY H 242 -29.28 -32.56 32.13
CA GLY H 242 -28.75 -33.46 31.11
C GLY H 242 -29.67 -33.65 29.92
N LYS H 243 -30.94 -34.00 30.18
CA LYS H 243 -31.85 -34.32 29.09
C LYS H 243 -32.15 -33.06 28.27
N LEU H 244 -32.15 -31.93 28.96
CA LEU H 244 -32.37 -30.65 28.32
C LEU H 244 -31.23 -30.31 27.37
N ILE H 245 -29.99 -30.48 27.85
CA ILE H 245 -28.85 -30.30 26.96
C ILE H 245 -28.95 -31.21 25.73
N ALA H 246 -29.25 -32.49 25.94
CA ALA H 246 -29.32 -33.48 24.86
C ALA H 246 -30.29 -33.01 23.76
N ALA H 247 -31.35 -32.33 24.17
CA ALA H 247 -32.43 -31.96 23.26
C ALA H 247 -32.07 -30.69 22.49
N ASN H 248 -31.25 -29.86 23.12
CA ASN H 248 -30.87 -28.56 22.53
C ASN H 248 -29.53 -28.50 21.78
N ALA H 249 -28.65 -29.47 22.04
CA ALA H 249 -27.36 -29.47 21.35
C ALA H 249 -27.35 -30.36 20.10
N HIS H 250 -28.34 -30.24 19.20
CA HIS H 250 -28.39 -31.21 18.07
C HIS H 250 -27.24 -31.08 17.09
N TYR H 251 -26.84 -32.26 16.62
CA TYR H 251 -25.70 -32.40 15.72
C TYR H 251 -24.41 -31.81 16.33
N LYS H 252 -24.26 -31.97 17.64
CA LYS H 252 -22.99 -31.79 18.33
C LYS H 252 -22.74 -33.09 19.08
N ARG H 253 -21.47 -33.49 19.21
CA ARG H 253 -21.19 -34.66 20.00
C ARG H 253 -21.51 -34.18 21.40
N GLN H 254 -21.93 -35.12 22.24
CA GLN H 254 -22.25 -34.81 23.62
C GLN H 254 -21.74 -35.93 24.48
N VAL H 255 -21.08 -35.56 25.58
CA VAL H 255 -20.67 -36.56 26.55
C VAL H 255 -21.33 -36.14 27.83
N LEU H 256 -22.43 -36.82 28.18
CA LEU H 256 -23.23 -36.44 29.34
C LEU H 256 -23.11 -37.46 30.47
N GLU H 257 -22.57 -37.01 31.60
CA GLU H 257 -22.53 -37.85 32.81
C GLU H 257 -23.53 -37.28 33.81
N LEU H 258 -24.53 -38.08 34.11
CA LEU H 258 -25.64 -37.65 34.92
C LEU H 258 -25.45 -38.37 36.25
N GLY H 259 -26.47 -38.44 37.09
CA GLY H 259 -26.22 -39.03 38.40
C GLY H 259 -25.95 -40.54 38.47
N GLY H 260 -25.81 -41.02 39.70
CA GLY H 260 -25.84 -42.46 39.95
C GLY H 260 -26.77 -42.73 41.11
N ASN H 261 -26.91 -44.00 41.46
CA ASN H 261 -27.66 -44.35 42.68
C ASN H 261 -27.12 -45.70 43.09
N ASP H 262 -25.86 -45.67 43.50
CA ASP H 262 -25.04 -46.86 43.43
C ASP H 262 -25.02 -47.70 44.71
N PRO H 263 -25.05 -49.03 44.53
CA PRO H 263 -25.13 -49.95 45.66
C PRO H 263 -23.77 -50.41 46.14
N LEU H 264 -23.64 -50.57 47.45
CA LEU H 264 -22.67 -51.45 48.03
C LEU H 264 -23.42 -52.70 48.52
N ILE H 265 -23.05 -53.86 47.98
CA ILE H 265 -23.80 -55.08 48.22
C ILE H 265 -23.00 -56.01 49.14
N ILE H 266 -23.61 -56.46 50.24
CA ILE H 266 -22.95 -57.29 51.26
C ILE H 266 -23.54 -58.72 51.15
N LEU H 267 -22.73 -59.69 50.76
CA LEU H 267 -23.27 -61.05 50.52
C LEU H 267 -23.15 -61.91 51.78
N ASN H 268 -24.00 -62.93 51.88
CA ASN H 268 -24.10 -63.66 53.16
C ASN H 268 -22.97 -64.66 53.45
N ASP H 269 -21.91 -64.65 52.64
CA ASP H 269 -20.83 -65.61 52.90
C ASP H 269 -19.77 -65.02 53.80
N LEU H 270 -19.90 -63.74 54.11
CA LEU H 270 -18.82 -63.05 54.83
C LEU H 270 -18.72 -63.41 56.31
N SER H 271 -17.48 -63.52 56.79
CA SER H 271 -17.22 -63.70 58.21
C SER H 271 -17.47 -62.37 58.93
N ASP H 272 -17.43 -62.41 60.26
CA ASP H 272 -17.66 -61.20 61.04
C ASP H 272 -16.52 -60.19 60.85
N ASP H 273 -15.30 -60.69 60.73
CA ASP H 273 -14.15 -59.83 60.40
C ASP H 273 -14.37 -59.12 59.05
N ASP H 274 -14.91 -59.84 58.08
CA ASP H 274 -15.17 -59.25 56.78
C ASP H 274 -16.32 -58.26 56.84
N LEU H 275 -17.37 -58.62 57.58
CA LEU H 275 -18.48 -57.68 57.74
C LEU H 275 -17.98 -56.34 58.27
N ALA H 276 -16.97 -56.38 59.13
CA ALA H 276 -16.39 -55.17 59.68
C ALA H 276 -15.71 -54.36 58.58
N ARG H 277 -15.00 -55.05 57.68
CA ARG H 277 -14.28 -54.34 56.61
C ARG H 277 -15.31 -53.77 55.66
N ALA H 278 -16.37 -54.54 55.43
CA ALA H 278 -17.44 -54.05 54.58
C ALA H 278 -18.10 -52.82 55.21
N ALA H 279 -18.17 -52.81 56.54
CA ALA H 279 -18.84 -51.71 57.26
C ALA H 279 -18.00 -50.45 57.07
N ASP H 280 -16.68 -50.58 57.16
CA ASP H 280 -15.78 -49.49 56.82
C ASP H 280 -16.06 -48.89 55.43
N LEU H 281 -16.21 -49.77 54.46
CA LEU H 281 -16.45 -49.33 53.10
C LEU H 281 -17.78 -48.67 53.02
N ALA H 282 -18.79 -49.28 53.65
CA ALA H 282 -20.15 -48.68 53.57
C ALA H 282 -20.12 -47.22 54.11
N VAL H 283 -19.46 -46.99 55.24
CA VAL H 283 -19.50 -45.67 55.86
C VAL H 283 -18.69 -44.66 55.05
N ALA H 284 -17.45 -45.02 54.72
CA ALA H 284 -16.65 -44.17 53.80
C ALA H 284 -17.38 -43.83 52.53
N GLY H 285 -17.96 -44.84 51.88
CA GLY H 285 -18.56 -44.62 50.58
C GLY H 285 -19.81 -43.82 50.65
N ALA H 286 -20.52 -43.89 51.78
CA ALA H 286 -21.78 -43.13 51.90
C ALA H 286 -21.56 -41.68 52.29
N THR H 287 -20.41 -41.39 52.91
CA THR H 287 -20.19 -40.05 53.50
C THR H 287 -19.10 -39.16 52.87
N LYS H 288 -18.09 -39.77 52.23
CA LYS H 288 -16.97 -38.99 51.67
C LYS H 288 -17.54 -37.91 50.79
N ASN H 289 -16.90 -36.74 50.80
CA ASN H 289 -17.44 -35.61 50.05
C ASN H 289 -18.90 -35.32 50.41
N SER H 290 -19.20 -35.51 51.70
CA SER H 290 -20.58 -35.33 52.19
C SER H 290 -21.55 -36.11 51.34
N GLY H 291 -21.08 -37.23 50.77
CA GLY H 291 -21.94 -38.09 49.96
C GLY H 291 -22.29 -37.48 48.61
N GLN H 292 -21.62 -36.37 48.28
CA GLN H 292 -21.92 -35.72 47.00
C GLN H 292 -21.02 -36.26 45.86
N ARG H 293 -21.26 -37.52 45.49
CA ARG H 293 -20.59 -38.19 44.38
C ARG H 293 -21.60 -38.94 43.57
N CYS H 294 -21.50 -38.84 42.26
CA CYS H 294 -22.38 -39.63 41.41
C CYS H 294 -22.27 -41.12 41.80
N THR H 295 -21.11 -41.52 42.31
CA THR H 295 -20.85 -42.89 42.65
C THR H 295 -20.77 -43.08 44.15
N ALA H 296 -21.38 -42.16 44.91
CA ALA H 296 -21.45 -42.36 46.36
C ALA H 296 -22.22 -43.68 46.61
N VAL H 297 -21.93 -44.36 47.71
CA VAL H 297 -22.85 -45.40 48.18
C VAL H 297 -24.21 -44.78 48.63
N LYS H 298 -25.28 -45.01 47.86
CA LYS H 298 -26.58 -44.45 48.20
C LYS H 298 -27.59 -45.53 48.60
N ARG H 299 -27.16 -46.80 48.53
CA ARG H 299 -27.99 -47.96 48.87
C ARG H 299 -27.03 -49.02 49.34
N ILE H 300 -27.08 -49.36 50.62
CA ILE H 300 -26.31 -50.49 51.09
C ILE H 300 -27.24 -51.71 51.08
N LEU H 301 -27.03 -52.64 50.14
CA LEU H 301 -27.91 -53.80 50.04
C LEU H 301 -27.26 -54.93 50.83
N CYS H 302 -27.83 -55.23 51.99
CA CYS H 302 -27.26 -56.24 52.87
C CYS H 302 -28.16 -57.46 52.89
N GLN H 303 -27.59 -58.64 52.61
CA GLN H 303 -28.42 -59.84 52.61
C GLN H 303 -28.89 -60.16 54.03
N GLU H 304 -30.18 -60.51 54.13
CA GLU H 304 -30.86 -60.60 55.42
C GLU H 304 -30.07 -61.35 56.49
N SER H 305 -29.49 -62.50 56.14
CA SER H 305 -28.91 -63.35 57.18
C SER H 305 -27.65 -62.80 57.80
N VAL H 306 -27.10 -61.71 57.26
CA VAL H 306 -25.93 -61.14 57.95
C VAL H 306 -26.24 -59.74 58.46
N ALA H 307 -27.44 -59.25 58.15
CA ALA H 307 -27.80 -57.88 58.49
C ALA H 307 -27.70 -57.60 59.98
N ASP H 308 -28.08 -58.58 60.82
CA ASP H 308 -28.07 -58.37 62.28
C ASP H 308 -26.68 -58.19 62.83
N ARG H 309 -25.68 -58.80 62.19
CA ARG H 309 -24.28 -58.59 62.63
C ARG H 309 -23.65 -57.38 61.90
N PHE H 310 -24.12 -57.11 60.68
CA PHE H 310 -23.54 -56.03 59.86
C PHE H 310 -23.92 -54.64 60.39
N VAL H 311 -25.22 -54.41 60.54
CA VAL H 311 -25.75 -53.08 60.87
C VAL H 311 -25.07 -52.45 62.08
N PRO H 312 -24.95 -53.20 63.19
CA PRO H 312 -24.28 -52.64 64.37
C PRO H 312 -22.89 -52.14 64.01
N LEU H 313 -22.18 -52.90 63.18
CA LEU H 313 -20.81 -52.51 62.78
C LEU H 313 -20.81 -51.18 62.01
N VAL H 314 -21.81 -51.01 61.13
CA VAL H 314 -22.03 -49.73 60.47
C VAL H 314 -22.32 -48.57 61.44
N LEU H 315 -23.29 -48.79 62.34
CA LEU H 315 -23.69 -47.80 63.34
C LEU H 315 -22.49 -47.30 64.14
N GLU H 316 -21.72 -48.23 64.68
CA GLU H 316 -20.53 -47.90 65.45
C GLU H 316 -19.54 -47.01 64.68
N ARG H 317 -19.36 -47.29 63.38
CA ARG H 317 -18.41 -46.53 62.58
C ARG H 317 -18.96 -45.16 62.25
N ALA H 318 -20.26 -45.07 61.98
CA ALA H 318 -20.85 -43.78 61.66
C ALA H 318 -20.70 -42.80 62.84
N LYS H 319 -20.86 -43.34 64.05
CA LYS H 319 -20.81 -42.55 65.26
C LYS H 319 -19.45 -41.92 65.45
N ARG H 320 -18.40 -42.57 64.92
CA ARG H 320 -17.04 -42.03 65.08
C ARG H 320 -16.78 -40.78 64.19
N LEU H 321 -17.66 -40.53 63.23
CA LEU H 321 -17.42 -39.41 62.30
C LEU H 321 -17.65 -38.04 62.95
N ARG H 322 -16.64 -37.17 62.85
CA ARG H 322 -16.78 -35.79 63.31
C ARG H 322 -17.38 -34.94 62.19
N PHE H 323 -18.59 -34.45 62.43
CA PHE H 323 -19.21 -33.58 61.43
C PHE H 323 -19.38 -32.17 62.01
N GLY H 324 -19.20 -31.15 61.18
CA GLY H 324 -19.20 -29.78 61.66
C GLY H 324 -18.44 -28.81 60.79
N ASP H 325 -17.78 -27.84 61.44
CA ASP H 325 -17.01 -26.80 60.77
C ASP H 325 -16.02 -27.34 59.74
N PRO H 326 -16.33 -27.12 58.47
CA PRO H 326 -15.54 -27.63 57.35
C PRO H 326 -14.10 -27.18 57.43
N MET H 327 -13.85 -25.94 57.87
CA MET H 327 -12.47 -25.44 57.97
C MET H 327 -11.67 -26.06 59.10
N ASP H 328 -12.35 -26.75 60.00
CA ASP H 328 -11.63 -27.41 61.11
C ASP H 328 -10.92 -28.66 60.58
N ARG H 329 -9.60 -28.70 60.72
CA ARG H 329 -8.84 -29.79 60.14
C ARG H 329 -9.18 -31.17 60.67
N SER H 330 -10.02 -31.23 61.69
CA SER H 330 -10.29 -32.52 62.32
C SER H 330 -11.71 -32.92 61.99
N THR H 331 -12.40 -32.06 61.25
CA THR H 331 -13.75 -32.40 60.78
C THR H 331 -13.64 -33.43 59.65
N ASP H 332 -14.47 -34.48 59.72
CA ASP H 332 -14.48 -35.51 58.70
C ASP H 332 -15.49 -35.10 57.67
N LEU H 333 -16.68 -34.78 58.13
CA LEU H 333 -17.81 -34.51 57.25
C LEU H 333 -18.30 -33.04 57.40
N GLY H 334 -18.26 -32.29 56.31
CA GLY H 334 -18.69 -30.90 56.29
C GLY H 334 -20.14 -30.87 55.90
N THR H 335 -20.58 -29.77 55.30
CA THR H 335 -21.98 -29.64 54.94
C THR H 335 -22.28 -30.24 53.58
N VAL H 336 -23.53 -30.15 53.17
CA VAL H 336 -23.87 -30.35 51.79
C VAL H 336 -23.99 -28.96 51.11
N ILE H 337 -24.43 -28.95 49.85
CA ILE H 337 -24.26 -27.77 49.03
C ILE H 337 -25.10 -26.58 49.52
N HIS H 338 -26.27 -26.88 50.10
CA HIS H 338 -27.05 -25.86 50.78
C HIS H 338 -28.18 -26.44 51.66
N GLU H 339 -28.83 -25.57 52.43
CA GLU H 339 -29.81 -25.92 53.46
C GLU H 339 -31.00 -26.62 52.82
N LYS H 340 -31.42 -26.11 51.67
CA LYS H 340 -32.55 -26.69 50.98
C LYS H 340 -32.31 -28.17 50.64
N ALA H 341 -31.10 -28.49 50.19
CA ALA H 341 -30.73 -29.88 49.88
C ALA H 341 -30.72 -30.74 51.15
N ALA H 342 -30.07 -30.24 52.20
CA ALA H 342 -29.99 -30.95 53.46
C ALA H 342 -31.41 -31.23 54.00
N ALA H 343 -32.29 -30.23 53.90
CA ALA H 343 -33.66 -30.38 54.39
C ALA H 343 -34.37 -31.46 53.58
N LEU H 344 -34.21 -31.42 52.25
CA LEU H 344 -34.86 -32.41 51.38
C LEU H 344 -34.43 -33.83 51.74
N PHE H 345 -33.14 -34.00 52.05
CA PHE H 345 -32.61 -35.32 52.38
C PHE H 345 -33.22 -35.81 53.68
N GLU H 346 -33.30 -34.92 54.66
CA GLU H 346 -33.83 -35.28 55.99
C GLU H 346 -35.29 -35.69 55.85
N GLU H 347 -36.00 -34.93 55.04
CA GLU H 347 -37.39 -35.26 54.72
C GLU H 347 -37.52 -36.70 54.23
N ARG H 348 -36.69 -37.06 53.25
CA ARG H 348 -36.72 -38.42 52.68
C ARG H 348 -36.43 -39.48 53.74
N VAL H 349 -35.56 -39.15 54.69
CA VAL H 349 -35.32 -40.07 55.80
C VAL H 349 -36.60 -40.24 56.62
N MET H 350 -37.21 -39.12 57.02
CA MET H 350 -38.39 -39.19 57.88
C MET H 350 -39.50 -39.97 57.18
N ARG H 351 -39.74 -39.63 55.92
CA ARG H 351 -40.73 -40.30 55.10
C ARG H 351 -40.50 -41.81 55.05
N ALA H 352 -39.23 -42.21 55.01
CA ALA H 352 -38.87 -43.63 54.96
C ALA H 352 -39.18 -44.31 56.30
N ALA H 353 -38.88 -43.62 57.41
CA ALA H 353 -39.20 -44.13 58.74
C ALA H 353 -40.73 -44.34 58.90
N GLU H 354 -41.52 -43.44 58.31
CA GLU H 354 -42.99 -43.59 58.35
C GLU H 354 -43.43 -44.80 57.55
N GLU H 355 -42.55 -45.29 56.69
CA GLU H 355 -42.92 -46.40 55.83
C GLU H 355 -42.29 -47.69 56.39
N GLY H 356 -41.65 -47.60 57.56
CA GLY H 356 -41.15 -48.79 58.23
C GLY H 356 -39.68 -48.77 58.57
N ALA H 357 -38.97 -47.76 58.08
CA ALA H 357 -37.53 -47.69 58.28
C ALA H 357 -37.20 -47.47 59.75
N ASP H 358 -35.98 -47.81 60.14
CA ASP H 358 -35.58 -47.69 61.52
C ASP H 358 -34.35 -46.78 61.67
N ILE H 359 -34.59 -45.53 62.05
CA ILE H 359 -33.51 -44.58 62.25
C ILE H 359 -32.70 -44.95 63.50
N LEU H 360 -31.42 -45.26 63.33
CA LEU H 360 -30.57 -45.70 64.43
C LEU H 360 -29.63 -44.63 64.93
N TYR H 361 -29.48 -43.58 64.12
CA TYR H 361 -28.53 -42.50 64.44
C TYR H 361 -28.89 -41.25 63.67
N HIS H 362 -29.16 -40.18 64.42
CA HIS H 362 -29.59 -38.92 63.80
C HIS H 362 -29.47 -37.83 64.84
N PRO H 363 -28.23 -37.33 65.05
CA PRO H 363 -27.95 -36.28 66.05
C PRO H 363 -28.53 -34.92 65.64
N GLY H 364 -29.30 -34.90 64.55
CA GLY H 364 -30.02 -33.69 64.20
C GLY H 364 -29.28 -32.77 63.25
N ARG H 365 -30.05 -32.25 62.30
CA ARG H 365 -29.55 -31.38 61.26
C ARG H 365 -29.44 -29.92 61.71
N SER H 366 -28.45 -29.22 61.16
CA SER H 366 -28.20 -27.83 61.49
C SER H 366 -27.92 -27.01 60.22
N GLY H 367 -28.99 -26.53 59.58
CA GLY H 367 -28.84 -25.75 58.37
C GLY H 367 -28.43 -26.65 57.22
N ALA H 368 -27.27 -26.37 56.61
CA ALA H 368 -26.76 -27.26 55.55
C ALA H 368 -25.92 -28.42 56.10
N LEU H 369 -25.62 -28.41 57.42
CA LEU H 369 -24.85 -29.49 58.04
C LEU H 369 -25.72 -30.72 58.37
N LEU H 370 -25.52 -31.80 57.61
CA LEU H 370 -26.25 -33.05 57.85
C LEU H 370 -25.30 -34.04 58.50
N PRO H 371 -25.74 -34.69 59.59
CA PRO H 371 -24.88 -35.67 60.25
C PRO H 371 -25.00 -36.96 59.42
N PRO H 372 -24.08 -37.93 59.62
CA PRO H 372 -24.13 -39.22 58.91
C PRO H 372 -25.26 -40.13 59.41
N ILE H 373 -26.50 -39.73 59.14
CA ILE H 373 -27.67 -40.45 59.62
C ILE H 373 -27.68 -41.94 59.20
N VAL H 374 -27.77 -42.85 60.18
CA VAL H 374 -27.89 -44.29 59.87
C VAL H 374 -29.34 -44.77 59.92
N VAL H 375 -29.86 -45.24 58.79
CA VAL H 375 -31.22 -45.75 58.71
C VAL H 375 -31.24 -47.21 58.25
N ASP H 376 -31.86 -48.10 59.05
CA ASP H 376 -31.97 -49.53 58.72
C ASP H 376 -33.34 -49.88 58.15
N ARG H 377 -33.48 -51.08 57.61
CA ARG H 377 -34.78 -51.52 57.09
C ARG H 377 -35.44 -50.52 56.15
N VAL H 378 -34.64 -49.91 55.29
CA VAL H 378 -35.20 -48.98 54.34
C VAL H 378 -35.97 -49.72 53.26
N PRO H 379 -37.22 -49.32 53.00
CA PRO H 379 -37.97 -49.89 51.86
C PRO H 379 -37.33 -49.46 50.52
N HIS H 380 -37.11 -50.42 49.63
CA HIS H 380 -36.37 -50.14 48.40
C HIS H 380 -37.12 -49.18 47.47
N GLN H 381 -38.43 -49.04 47.67
CA GLN H 381 -39.20 -48.15 46.81
C GLN H 381 -39.46 -46.80 47.47
N SER H 382 -38.96 -46.63 48.68
CA SER H 382 -39.05 -45.33 49.33
C SER H 382 -38.16 -44.32 48.59
N ASP H 383 -38.57 -43.05 48.59
CA ASP H 383 -37.83 -41.99 47.90
C ASP H 383 -36.36 -41.88 48.28
N LEU H 384 -36.06 -42.04 49.57
CA LEU H 384 -34.67 -41.99 50.06
C LEU H 384 -33.66 -42.83 49.22
N VAL H 385 -34.08 -43.99 48.69
CA VAL H 385 -33.15 -44.86 47.95
C VAL H 385 -33.57 -45.07 46.50
N LEU H 386 -34.81 -44.72 46.17
CA LEU H 386 -35.29 -44.97 44.83
C LEU H 386 -34.90 -43.79 43.96
N GLU H 387 -34.98 -42.59 44.52
CA GLU H 387 -34.44 -41.41 43.87
C GLU H 387 -32.97 -41.33 44.28
N GLU H 388 -32.19 -40.47 43.61
CA GLU H 388 -30.82 -40.21 44.03
C GLU H 388 -30.80 -39.21 45.20
N THR H 389 -30.24 -39.61 46.34
CA THR H 389 -30.12 -38.74 47.51
C THR H 389 -28.69 -38.32 47.76
N PHE H 390 -28.40 -37.08 47.38
CA PHE H 390 -27.04 -36.61 47.21
C PHE H 390 -26.45 -36.10 48.49
N GLY H 391 -26.55 -36.88 49.57
CA GLY H 391 -26.00 -36.44 50.87
C GLY H 391 -25.49 -37.62 51.65
N PRO H 392 -24.89 -37.38 52.81
CA PRO H 392 -24.21 -38.41 53.61
C PRO H 392 -25.12 -39.37 54.41
N ILE H 393 -26.28 -39.71 53.86
CA ILE H 393 -27.15 -40.69 54.51
C ILE H 393 -26.55 -42.09 54.34
N ILE H 394 -26.69 -42.92 55.37
CA ILE H 394 -26.19 -44.30 55.36
C ILE H 394 -27.38 -45.24 55.50
N PRO H 395 -27.99 -45.58 54.36
CA PRO H 395 -29.24 -46.33 54.35
C PRO H 395 -29.10 -47.80 54.00
N ILE H 396 -29.36 -48.68 54.96
CA ILE H 396 -29.26 -50.13 54.73
C ILE H 396 -30.61 -50.69 54.27
N VAL H 397 -30.66 -51.23 53.05
CA VAL H 397 -31.82 -51.95 52.54
C VAL H 397 -31.60 -53.45 52.74
N ARG H 398 -32.48 -54.10 53.50
CA ARG H 398 -32.32 -55.56 53.73
C ARG H 398 -32.86 -56.30 52.53
N VAL H 399 -32.04 -57.20 51.99
CA VAL H 399 -32.44 -57.90 50.76
C VAL H 399 -32.37 -59.40 50.99
N PRO H 400 -33.08 -60.17 50.16
CA PRO H 400 -33.12 -61.63 50.34
C PRO H 400 -31.72 -62.26 50.27
N ASP H 401 -31.60 -63.42 50.91
CA ASP H 401 -30.44 -64.27 50.77
C ASP H 401 -30.60 -65.03 49.43
N ASP H 402 -30.73 -64.28 48.34
CA ASP H 402 -30.88 -64.85 47.01
C ASP H 402 -30.27 -63.87 46.02
N ASP H 403 -29.28 -64.35 45.28
CA ASP H 403 -28.54 -63.46 44.41
C ASP H 403 -29.38 -62.90 43.29
N ASP H 404 -30.16 -63.75 42.68
CA ASP H 404 -31.03 -63.29 41.60
C ASP H 404 -31.94 -62.14 42.05
N ALA H 405 -32.53 -62.31 43.23
CA ALA H 405 -33.45 -61.31 43.77
C ALA H 405 -32.67 -60.05 44.10
N THR H 406 -31.49 -60.24 44.70
CA THR H 406 -30.63 -59.12 45.01
C THR H 406 -30.20 -58.36 43.75
N ILE H 407 -29.85 -59.08 42.69
CA ILE H 407 -29.45 -58.41 41.46
C ILE H 407 -30.62 -57.64 40.82
N THR H 408 -31.80 -58.24 40.86
CA THR H 408 -32.98 -57.61 40.26
C THR H 408 -33.25 -56.30 41.01
N LEU H 409 -33.18 -56.40 42.32
CA LEU H 409 -33.37 -55.25 43.19
C LEU H 409 -32.36 -54.16 42.83
N SER H 410 -31.09 -54.54 42.80
CA SER H 410 -30.02 -53.59 42.52
C SER H 410 -30.22 -52.85 41.21
N ASN H 411 -30.73 -53.56 40.20
CA ASN H 411 -30.97 -52.99 38.88
C ASN H 411 -32.29 -52.28 38.70
N SER H 412 -33.07 -52.13 39.78
CA SER H 412 -34.48 -51.68 39.63
C SER H 412 -34.66 -50.16 39.58
N THR H 413 -33.58 -49.40 39.70
CA THR H 413 -33.71 -47.92 39.62
C THR H 413 -33.43 -47.43 38.19
N ALA H 414 -33.66 -46.14 37.96
CA ALA H 414 -33.43 -45.56 36.66
C ALA H 414 -31.93 -45.41 36.35
N PHE H 415 -31.09 -45.66 37.33
CA PHE H 415 -29.66 -45.41 37.20
C PHE H 415 -28.83 -46.65 36.96
N GLY H 416 -27.59 -46.43 36.50
CA GLY H 416 -26.66 -47.53 36.30
C GLY H 416 -25.27 -46.99 36.06
N LEU H 417 -24.54 -46.74 37.14
CA LEU H 417 -23.23 -46.12 36.99
C LEU H 417 -22.20 -47.09 37.57
N SER H 418 -22.08 -47.11 38.89
CA SER H 418 -21.08 -47.97 39.50
C SER H 418 -21.71 -48.86 40.58
N SER H 419 -20.87 -49.66 41.22
CA SER H 419 -21.36 -50.59 42.22
C SER H 419 -20.18 -51.19 42.92
N GLY H 420 -20.43 -51.72 44.11
CA GLY H 420 -19.40 -52.42 44.86
C GLY H 420 -20.06 -53.69 45.40
N VAL H 421 -19.29 -54.76 45.53
CA VAL H 421 -19.83 -56.03 46.02
C VAL H 421 -18.81 -56.64 46.96
N CYS H 422 -19.24 -56.98 48.17
CA CYS H 422 -18.30 -57.62 49.10
C CYS H 422 -18.66 -59.10 49.28
N THR H 423 -17.75 -59.96 48.89
CA THR H 423 -17.94 -61.40 48.98
C THR H 423 -16.59 -62.03 48.74
N ASN H 424 -16.46 -63.32 49.07
CA ASN H 424 -15.21 -64.02 48.80
C ASN H 424 -15.44 -65.24 47.93
N ASP H 425 -16.69 -65.45 47.56
CA ASP H 425 -17.08 -66.59 46.71
C ASP H 425 -16.89 -66.18 45.25
N TYR H 426 -15.90 -66.76 44.56
CA TYR H 426 -15.64 -66.31 43.17
C TYR H 426 -16.87 -66.42 42.30
N ARG H 427 -17.57 -67.54 42.43
CA ARG H 427 -18.72 -67.81 41.57
C ARG H 427 -19.75 -66.70 41.67
N ARG H 428 -19.94 -66.20 42.89
CA ARG H 428 -20.91 -65.11 43.10
C ARG H 428 -20.38 -63.75 42.59
N MET H 429 -19.10 -63.52 42.80
CA MET H 429 -18.44 -62.35 42.23
C MET H 429 -18.75 -62.23 40.76
N GLN H 430 -18.50 -63.32 40.02
CA GLN H 430 -18.61 -63.21 38.57
C GLN H 430 -20.04 -63.11 38.19
N LYS H 431 -20.91 -63.79 38.94
CA LYS H 431 -22.36 -63.58 38.70
C LYS H 431 -22.79 -62.10 38.85
N TYR H 432 -22.33 -61.41 39.89
CA TYR H 432 -22.63 -59.98 40.03
C TYR H 432 -21.99 -59.10 38.97
N ILE H 433 -20.72 -59.36 38.66
CA ILE H 433 -20.02 -58.63 37.59
C ILE H 433 -20.79 -58.74 36.30
N ALA H 434 -21.31 -59.93 36.00
CA ALA H 434 -22.03 -60.10 34.75
C ALA H 434 -23.44 -59.54 34.80
N GLY H 435 -24.05 -59.53 36.00
CA GLY H 435 -25.50 -59.25 36.12
C GLY H 435 -25.95 -57.83 36.46
N LEU H 436 -25.11 -57.09 37.16
CA LEU H 436 -25.42 -55.71 37.51
C LEU H 436 -25.37 -54.86 36.25
N LYS H 437 -26.46 -54.13 36.01
CA LYS H 437 -26.52 -53.26 34.85
C LYS H 437 -25.92 -51.89 35.20
N VAL H 438 -24.59 -51.83 35.13
CA VAL H 438 -23.81 -50.64 35.50
C VAL H 438 -22.59 -50.54 34.59
N GLY H 439 -21.87 -49.41 34.68
CA GLY H 439 -20.63 -49.28 33.91
C GLY H 439 -19.43 -49.88 34.62
N THR H 440 -19.54 -50.06 35.95
CA THR H 440 -18.41 -50.54 36.74
C THR H 440 -18.90 -51.38 37.90
N VAL H 441 -18.19 -52.49 38.17
CA VAL H 441 -18.44 -53.32 39.35
C VAL H 441 -17.14 -53.50 40.12
N ASN H 442 -17.02 -52.90 41.30
CA ASN H 442 -15.82 -53.05 42.09
C ASN H 442 -15.97 -54.16 43.15
N ILE H 443 -15.04 -55.14 43.16
CA ILE H 443 -15.15 -56.21 44.15
C ILE H 443 -14.38 -55.83 45.36
N TRP H 444 -15.07 -55.74 46.51
CA TRP H 444 -14.42 -55.30 47.76
C TRP H 444 -13.86 -53.86 47.70
N GLU H 445 -14.60 -52.97 47.05
CA GLU H 445 -14.29 -51.53 47.12
C GLU H 445 -15.58 -50.75 46.95
N VAL H 446 -15.54 -49.44 47.24
CA VAL H 446 -16.78 -48.67 47.07
C VAL H 446 -17.06 -48.48 45.59
N PRO H 447 -18.31 -48.21 45.24
CA PRO H 447 -18.62 -47.99 43.82
C PRO H 447 -17.80 -46.83 43.26
N GLY H 448 -17.38 -45.92 44.15
CA GLY H 448 -16.68 -44.69 43.75
C GLY H 448 -15.22 -44.93 43.39
N TYR H 449 -14.70 -46.11 43.72
CA TYR H 449 -13.32 -46.39 43.38
C TYR H 449 -13.01 -46.52 41.86
N ARG H 450 -12.05 -45.71 41.41
CA ARG H 450 -11.52 -45.78 40.04
C ARG H 450 -10.11 -45.13 40.05
N ILE H 451 -9.33 -45.32 38.99
CA ILE H 451 -8.17 -44.47 38.80
C ILE H 451 -8.56 -43.39 37.83
N GLU H 452 -7.84 -42.26 37.78
CA GLU H 452 -8.32 -41.12 36.97
C GLU H 452 -8.24 -41.38 35.46
N MET H 453 -7.64 -42.50 35.07
CA MET H 453 -7.51 -42.82 33.63
C MET H 453 -8.21 -44.10 33.15
N SER H 454 -8.98 -44.76 34.02
CA SER H 454 -9.74 -45.94 33.55
C SER H 454 -11.06 -45.48 32.95
N PRO H 455 -11.66 -46.29 32.05
CA PRO H 455 -12.90 -45.85 31.39
C PRO H 455 -14.01 -45.66 32.44
N PHE H 456 -14.68 -44.52 32.36
CA PHE H 456 -15.68 -44.22 33.35
C PHE H 456 -16.91 -43.71 32.68
N GLY H 457 -18.06 -44.27 33.08
CA GLY H 457 -19.34 -43.83 32.54
C GLY H 457 -20.43 -44.85 32.82
N GLY H 458 -21.68 -44.38 32.88
CA GLY H 458 -22.78 -45.28 33.15
C GLY H 458 -23.70 -45.51 31.97
N ILE H 459 -24.82 -46.18 32.25
CA ILE H 459 -25.81 -46.42 31.22
C ILE H 459 -27.15 -46.00 31.82
N LYS H 460 -28.26 -46.29 31.12
CA LYS H 460 -29.58 -45.88 31.58
C LYS H 460 -29.59 -44.38 31.81
N ASP H 461 -30.11 -43.91 32.95
CA ASP H 461 -30.19 -42.44 33.22
C ASP H 461 -28.87 -41.87 33.78
N SER H 462 -27.88 -42.73 33.99
CA SER H 462 -26.60 -42.26 34.51
C SER H 462 -25.69 -41.56 33.46
N GLY H 463 -25.92 -41.82 32.17
CA GLY H 463 -25.12 -41.17 31.15
C GLY H 463 -25.60 -41.57 29.78
N ASN H 464 -25.19 -40.80 28.76
CA ASN H 464 -25.67 -41.05 27.40
C ASN H 464 -24.85 -42.11 26.66
N GLY H 465 -23.92 -42.74 27.37
CA GLY H 465 -23.28 -43.94 26.84
C GLY H 465 -21.85 -43.80 26.35
N TYR H 466 -21.20 -42.68 26.63
CA TYR H 466 -19.81 -42.51 26.19
C TYR H 466 -18.92 -42.51 27.39
N LYS H 467 -17.74 -43.13 27.28
CA LYS H 467 -16.83 -43.18 28.43
C LYS H 467 -15.99 -41.92 28.58
N GLU H 468 -15.49 -41.72 29.80
CA GLU H 468 -14.78 -40.52 30.21
C GLU H 468 -13.60 -41.09 30.98
N GLY H 469 -12.91 -40.25 31.75
CA GLY H 469 -11.64 -40.65 32.31
C GLY H 469 -10.61 -40.11 31.33
N VAL H 470 -9.38 -39.89 31.78
CA VAL H 470 -8.39 -39.16 31.00
C VAL H 470 -8.14 -39.80 29.60
N ILE H 471 -7.96 -41.12 29.55
CA ILE H 471 -7.74 -41.80 28.25
C ILE H 471 -8.92 -41.67 27.30
N GLU H 472 -10.13 -42.04 27.72
CA GLU H 472 -11.27 -42.01 26.82
C GLU H 472 -11.70 -40.58 26.48
N ALA H 473 -11.48 -39.63 27.40
CA ALA H 473 -11.73 -38.23 27.08
C ALA H 473 -10.78 -37.74 25.99
N MET H 474 -9.48 -38.03 26.14
CA MET H 474 -8.54 -37.70 25.04
C MET H 474 -8.99 -38.21 23.67
N LYS H 475 -9.42 -39.47 23.61
CA LYS H 475 -9.91 -40.03 22.35
C LYS H 475 -11.12 -39.26 21.86
N SER H 476 -11.99 -38.96 22.80
CA SER H 476 -13.29 -38.42 22.43
C SER H 476 -13.23 -36.90 22.04
N PHE H 477 -12.19 -36.22 22.52
CA PHE H 477 -11.90 -34.85 22.10
C PHE H 477 -11.14 -34.71 20.75
N THR H 478 -11.06 -35.79 19.95
CA THR H 478 -10.36 -35.75 18.68
C THR H 478 -11.21 -36.37 17.60
N ASN H 479 -10.84 -36.08 16.36
CA ASN H 479 -11.35 -36.81 15.19
C ASN H 479 -10.25 -37.71 14.70
N VAL H 480 -10.59 -38.96 14.38
CA VAL H 480 -9.63 -39.85 13.75
C VAL H 480 -9.64 -39.56 12.25
N LYS H 481 -8.47 -39.25 11.69
CA LYS H 481 -8.30 -39.20 10.23
C LYS H 481 -7.53 -40.46 9.77
N THR H 482 -7.95 -41.07 8.67
CA THR H 482 -7.15 -42.13 8.06
C THR H 482 -6.50 -41.63 6.80
N PHE H 483 -5.36 -42.24 6.43
CA PHE H 483 -4.78 -42.01 5.11
C PHE H 483 -4.27 -43.33 4.63
N SER H 484 -4.28 -43.53 3.31
CA SER H 484 -3.69 -44.75 2.74
C SER H 484 -2.61 -44.42 1.72
N LEU H 485 -1.61 -45.30 1.62
CA LEU H 485 -0.46 -45.12 0.74
C LEU H 485 -0.32 -46.39 -0.10
N PRO H 486 0.00 -46.23 -1.38
CA PRO H 486 0.40 -47.43 -2.16
C PRO H 486 1.48 -48.18 -1.40
N TRP H 487 1.43 -49.52 -1.40
CA TRP H 487 2.50 -50.28 -0.77
C TRP H 487 2.85 -51.55 -1.59
#